data_7L9P
#
_entry.id   7L9P
#
_cell.length_a   1.00
_cell.length_b   1.00
_cell.length_c   1.00
_cell.angle_alpha   90.00
_cell.angle_beta   90.00
_cell.angle_gamma   90.00
#
_symmetry.space_group_name_H-M   'P 1'
#
loop_
_entity.id
_entity.type
_entity.pdbx_description
1 polymer 'Pachytene checkpoint protein 2 homolog'
2 polymer 'Mitotic spindle assembly checkpoint protein MAD2B'
3 polymer 'Shieldin complex subunit 2, Shieldin complex subunit 3 chimera'
4 non-polymer 'PHOSPHOTHIOPHOSPHORIC ACID-ADENYLATE ESTER'
#
loop_
_entity_poly.entity_id
_entity_poly.type
_entity_poly.pdbx_seq_one_letter_code
_entity_poly.pdbx_strand_id
1 'polypeptide(L)'
;SDEAVGDLKQALPCVAESPTVHVEVHQRGSSTAKKEDINLSVRKLLNRHNIVFGDYTWTEFDEPFLTRNVQSVSIIDTEL
KVKDSQPIDLSACTVALHIFQLNEDGPSSENLEEETENIIAANHWVLPAAEFHGLWDSLVYDVEVKSHLLDYVMTTLLFS
DKNVNSNLITWNRVVLLHGPPGTGKTSLCKALAQKLTIRLSSRYRYGQLIEINSHSLFSKWFSESGKLVTKMFQKIQDLI
DDKDALVFVLIDQVESLTAARNACRAGTEPSDAIRVVNAVLTQIDQIKRHSNVVILTTSNITEKIDVAFVDRADIKQYIG
PPSAAAIFKIYLSCLEELMKCQIIYPRQQLLTLRELEMIGFIENNVSKLSLLLNDISRKSEGLSGRVLRKLPFLAHALYV
QAPTVTIEGFLQALSLAVDKQFEERKKLAAYI
;
A,B,C,D,E,F
2 'polypeptide(L)'
;STTLTRQDLNFGQVVADVLCEFLEVAVHLILYVREVYPVGIFQKRKKYNVPVQMSCHPELNQYIQDTLHCVKPLLEKNDV
EKVVVVILDKEHRPVEKFVFEITQPPLLSISSDSLLSHVEQLLRAFILKISVCDAVLDHNPPGCTFTVLVHTREAATRNM
EKIQVIKDFPWILADEQDVHMHDPRLIPLKTMTSDILKMQLYVEERAHKGS
;
G,I,J,K
3 'polypeptide(L)'
;MSQVHIFWGAPIAPLKGSGSGSGSGSGSGSGSTTEVILHYRPCESDPTQLPKIAEKAIQDFPTRPLSRFIPWFPYDGSKL
PLRPKRSPPASREEIMATL
;
Y,X
#
# COMPACT_ATOMS: atom_id res chain seq x y z
N ALA A 122 28.20 8.17 -27.09
CA ALA A 122 29.37 7.36 -26.76
C ALA A 122 30.61 7.90 -27.46
N ASN A 123 31.76 7.74 -26.79
CA ASN A 123 33.04 8.15 -27.35
C ASN A 123 33.56 7.04 -28.25
N HIS A 124 34.74 7.27 -28.85
CA HIS A 124 35.27 6.33 -29.82
C HIS A 124 36.75 6.63 -30.03
N TRP A 125 37.56 5.58 -30.06
CA TRP A 125 38.98 5.67 -30.33
C TRP A 125 39.36 4.58 -31.33
N VAL A 126 39.94 4.98 -32.45
CA VAL A 126 40.31 4.03 -33.50
C VAL A 126 41.49 3.17 -33.06
N LEU A 127 42.43 3.76 -32.34
CA LEU A 127 43.69 3.11 -32.01
C LEU A 127 44.42 4.05 -31.05
N PRO A 128 45.27 3.54 -30.14
CA PRO A 128 46.02 4.45 -29.26
C PRO A 128 46.70 5.59 -29.99
N ALA A 129 46.25 6.81 -29.69
CA ALA A 129 46.63 8.01 -30.42
C ALA A 129 47.68 8.78 -29.61
N ALA A 130 47.92 10.03 -29.98
CA ALA A 130 48.95 10.85 -29.35
C ALA A 130 48.65 11.07 -27.87
N GLU A 131 47.43 10.79 -27.46
CA GLU A 131 47.06 10.86 -26.06
C GLU A 131 47.22 9.53 -25.33
N PHE A 132 47.75 8.49 -25.98
CA PHE A 132 47.72 7.14 -25.45
C PHE A 132 49.09 6.45 -25.42
N HIS A 133 50.14 7.15 -25.01
CA HIS A 133 51.41 6.47 -24.74
C HIS A 133 51.87 6.74 -23.31
N GLY A 134 51.90 8.01 -22.93
CA GLY A 134 52.44 8.40 -21.63
C GLY A 134 51.72 7.79 -20.46
N LEU A 135 50.46 7.39 -20.61
CA LEU A 135 49.78 6.74 -19.50
C LEU A 135 50.47 5.43 -19.14
N TRP A 136 50.43 4.45 -20.04
CA TRP A 136 51.00 3.16 -19.71
C TRP A 136 52.50 3.27 -19.49
N ASP A 137 53.16 4.18 -20.19
CA ASP A 137 54.56 4.43 -19.85
C ASP A 137 54.71 5.17 -18.53
N SER A 138 53.61 5.61 -17.91
CA SER A 138 53.65 6.41 -16.70
C SER A 138 52.89 5.82 -15.53
N LEU A 139 51.81 5.07 -15.79
CA LEU A 139 51.08 4.44 -14.69
C LEU A 139 51.97 3.39 -14.03
N VAL A 140 52.13 3.48 -12.72
CA VAL A 140 53.16 2.72 -12.00
C VAL A 140 52.52 2.14 -10.73
N TYR A 141 52.36 0.81 -10.71
CA TYR A 141 51.95 0.09 -9.51
C TYR A 141 53.03 -0.96 -9.21
N ASP A 142 53.25 -1.23 -7.93
CA ASP A 142 54.37 -2.08 -7.53
C ASP A 142 53.97 -3.54 -7.38
N VAL A 143 52.67 -3.84 -7.41
CA VAL A 143 52.20 -5.21 -7.31
C VAL A 143 52.30 -5.84 -8.70
N GLU A 144 52.72 -5.03 -9.67
CA GLU A 144 52.79 -5.44 -11.07
C GLU A 144 51.44 -5.97 -11.56
N VAL A 145 50.37 -5.29 -11.16
CA VAL A 145 49.02 -5.65 -11.57
C VAL A 145 48.90 -5.49 -13.08
N LYS A 146 49.67 -4.56 -13.65
CA LYS A 146 49.68 -4.37 -15.09
C LYS A 146 50.04 -5.64 -15.86
N SER A 147 51.11 -6.33 -15.47
CA SER A 147 51.46 -7.63 -16.06
C SER A 147 50.34 -8.62 -15.78
N HIS A 148 49.70 -8.51 -14.61
CA HIS A 148 48.58 -9.39 -14.27
C HIS A 148 47.43 -9.18 -15.25
N LEU A 149 47.05 -7.93 -15.52
CA LEU A 149 46.00 -7.70 -16.50
C LEU A 149 46.44 -8.24 -17.86
N LEU A 150 47.72 -8.02 -18.21
CA LEU A 150 48.24 -8.51 -19.47
C LEU A 150 48.00 -10.01 -19.64
N ASP A 151 48.53 -10.81 -18.71
CA ASP A 151 48.48 -12.25 -18.92
C ASP A 151 47.08 -12.82 -18.64
N TYR A 152 46.29 -12.16 -17.79
CA TYR A 152 44.89 -12.55 -17.68
C TYR A 152 44.18 -12.44 -19.03
N VAL A 153 44.31 -11.28 -19.69
CA VAL A 153 43.64 -11.13 -20.98
C VAL A 153 44.22 -12.09 -22.01
N MET A 154 45.53 -12.35 -21.94
CA MET A 154 46.13 -13.37 -22.79
C MET A 154 45.46 -14.72 -22.60
N THR A 155 45.27 -15.13 -21.35
CA THR A 155 44.64 -16.41 -21.08
C THR A 155 43.21 -16.44 -21.60
N THR A 156 42.49 -15.34 -21.41
CA THR A 156 41.11 -15.24 -21.86
C THR A 156 41.00 -15.41 -23.38
N LEU A 157 41.81 -14.67 -24.13
CA LEU A 157 41.77 -14.76 -25.58
C LEU A 157 42.27 -16.11 -26.08
N LEU A 158 43.30 -16.67 -25.45
CA LEU A 158 43.83 -17.95 -25.88
C LEU A 158 42.81 -19.06 -25.65
N PHE A 159 42.16 -19.07 -24.49
CA PHE A 159 41.10 -20.04 -24.24
C PHE A 159 39.94 -19.86 -25.22
N SER A 160 39.58 -18.61 -25.53
CA SER A 160 38.47 -18.38 -26.43
C SER A 160 38.73 -18.94 -27.82
N ASP A 161 39.89 -18.61 -28.40
CA ASP A 161 40.21 -19.21 -29.69
C ASP A 161 40.46 -20.70 -29.58
N LYS A 162 40.70 -21.21 -28.37
CA LYS A 162 40.91 -22.63 -28.14
C LYS A 162 39.59 -23.40 -28.02
N ASN A 163 38.47 -22.70 -27.94
CA ASN A 163 37.13 -23.30 -27.89
C ASN A 163 36.97 -24.22 -26.68
N VAL A 164 37.47 -23.77 -25.54
CA VAL A 164 37.22 -24.45 -24.27
C VAL A 164 35.79 -24.16 -23.84
N ASN A 165 35.17 -25.11 -23.13
CA ASN A 165 33.77 -24.97 -22.77
C ASN A 165 33.67 -24.31 -21.40
N SER A 166 32.67 -23.43 -21.23
CA SER A 166 32.55 -22.64 -20.01
C SER A 166 31.98 -23.41 -18.84
N ASN A 167 31.19 -24.46 -19.08
CA ASN A 167 30.50 -25.13 -17.98
C ASN A 167 31.45 -25.79 -16.98
N LEU A 168 32.47 -26.50 -17.46
CA LEU A 168 33.42 -27.15 -16.56
C LEU A 168 34.45 -26.18 -15.99
N ILE A 169 35.09 -25.39 -16.85
CA ILE A 169 35.98 -24.31 -16.44
C ILE A 169 35.35 -22.99 -16.88
N THR A 170 35.23 -22.06 -15.94
CA THR A 170 34.50 -20.82 -16.19
C THR A 170 35.44 -19.77 -16.77
N TRP A 171 35.03 -19.14 -17.86
CA TRP A 171 35.79 -18.06 -18.47
C TRP A 171 34.82 -17.13 -19.19
N ASN A 172 34.94 -15.84 -18.89
CA ASN A 172 34.11 -14.82 -19.54
C ASN A 172 35.01 -13.68 -19.99
N ARG A 173 34.57 -13.01 -21.06
CA ARG A 173 35.32 -11.90 -21.64
C ARG A 173 35.14 -10.60 -20.87
N VAL A 174 34.65 -10.66 -19.64
CA VAL A 174 34.37 -9.49 -18.82
C VAL A 174 35.50 -9.30 -17.82
N VAL A 175 36.00 -8.07 -17.75
CA VAL A 175 36.95 -7.69 -16.71
C VAL A 175 36.42 -6.45 -16.01
N LEU A 176 36.42 -6.50 -14.68
CA LEU A 176 35.94 -5.39 -13.86
C LEU A 176 37.12 -4.82 -13.09
N LEU A 177 37.20 -3.50 -13.03
CA LEU A 177 38.23 -2.82 -12.26
C LEU A 177 37.55 -2.00 -11.17
N HIS A 178 38.12 -2.00 -9.98
CA HIS A 178 37.47 -1.33 -8.86
C HIS A 178 38.51 -0.91 -7.83
N GLY A 179 38.09 -0.03 -6.94
CA GLY A 179 38.94 0.57 -5.95
C GLY A 179 38.51 1.98 -5.63
N PRO A 180 39.30 2.71 -4.85
CA PRO A 180 38.96 4.09 -4.53
C PRO A 180 38.87 4.94 -5.78
N PRO A 181 38.24 6.12 -5.71
CA PRO A 181 38.10 6.94 -6.91
C PRO A 181 39.36 7.76 -7.18
N GLY A 182 39.63 7.94 -8.47
CA GLY A 182 40.83 8.62 -8.89
C GLY A 182 42.09 7.84 -8.58
N THR A 183 42.20 6.65 -9.16
CA THR A 183 43.40 5.83 -8.98
C THR A 183 43.88 5.25 -10.29
N GLY A 184 43.29 5.64 -11.41
CA GLY A 184 43.75 5.20 -12.71
C GLY A 184 42.81 4.33 -13.50
N LYS A 185 41.65 3.96 -12.93
CA LYS A 185 40.83 2.91 -13.53
C LYS A 185 40.49 3.21 -14.98
N THR A 186 40.07 4.43 -15.29
CA THR A 186 39.78 4.72 -16.70
C THR A 186 41.10 4.80 -17.47
N SER A 187 42.10 5.49 -16.93
CA SER A 187 43.37 5.54 -17.63
C SER A 187 43.97 4.15 -17.77
N LEU A 188 43.84 3.32 -16.73
CA LEU A 188 44.30 1.94 -16.84
C LEU A 188 43.55 1.19 -17.93
N CYS A 189 42.23 1.37 -18.03
CA CYS A 189 41.47 0.69 -19.08
C CYS A 189 41.93 1.15 -20.46
N LYS A 190 42.12 2.45 -20.64
CA LYS A 190 42.51 2.97 -21.94
C LYS A 190 43.91 2.46 -22.34
N ALA A 191 44.86 2.58 -21.42
CA ALA A 191 46.22 2.13 -21.69
C ALA A 191 46.29 0.62 -21.86
N LEU A 192 45.47 -0.13 -21.11
CA LEU A 192 45.39 -1.58 -21.28
C LEU A 192 44.88 -1.93 -22.68
N ALA A 193 43.86 -1.20 -23.14
CA ALA A 193 43.38 -1.42 -24.50
C ALA A 193 44.50 -1.19 -25.51
N GLN A 194 45.25 -0.10 -25.32
CA GLN A 194 46.40 0.16 -26.20
C GLN A 194 47.40 -0.98 -26.17
N LYS A 195 47.80 -1.40 -24.97
CA LYS A 195 48.83 -2.42 -24.83
C LYS A 195 48.39 -3.75 -25.43
N LEU A 196 47.14 -4.15 -25.18
CA LEU A 196 46.67 -5.40 -25.75
C LEU A 196 46.55 -5.32 -27.27
N THR A 197 46.09 -4.19 -27.81
CA THR A 197 45.96 -4.14 -29.26
C THR A 197 47.30 -4.05 -29.97
N ILE A 198 48.36 -3.56 -29.31
CA ILE A 198 49.66 -3.60 -29.97
C ILE A 198 50.33 -4.94 -29.76
N ARG A 199 50.18 -5.53 -28.55
CA ARG A 199 50.82 -6.79 -28.24
C ARG A 199 50.30 -7.91 -29.13
N LEU A 200 48.98 -7.96 -29.34
CA LEU A 200 48.36 -8.97 -30.19
C LEU A 200 48.61 -8.59 -31.65
N SER A 201 49.85 -8.81 -32.08
CA SER A 201 50.27 -8.49 -33.44
C SER A 201 50.19 -9.68 -34.38
N SER A 202 49.30 -10.64 -34.11
CA SER A 202 49.14 -11.81 -34.96
C SER A 202 47.70 -12.06 -35.39
N ARG A 203 46.72 -11.66 -34.57
CA ARG A 203 45.33 -11.93 -34.91
C ARG A 203 44.63 -10.66 -35.40
N TYR A 204 44.68 -9.59 -34.61
CA TYR A 204 44.02 -8.35 -34.93
C TYR A 204 45.04 -7.32 -35.41
N ARG A 205 44.76 -6.70 -36.56
CA ARG A 205 45.64 -5.65 -37.06
C ARG A 205 45.45 -4.36 -36.27
N TYR A 206 44.25 -4.16 -35.73
CA TYR A 206 43.97 -2.96 -34.95
C TYR A 206 42.83 -3.23 -33.98
N GLY A 207 42.54 -2.23 -33.16
CA GLY A 207 41.47 -2.35 -32.21
C GLY A 207 40.47 -1.22 -32.34
N GLN A 208 39.49 -1.19 -31.47
CA GLN A 208 38.46 -0.16 -31.38
C GLN A 208 38.04 -0.04 -29.92
N LEU A 209 38.10 1.19 -29.40
CA LEU A 209 37.73 1.43 -28.01
C LEU A 209 36.46 2.27 -28.01
N ILE A 210 35.42 1.78 -27.35
CA ILE A 210 34.13 2.46 -27.28
C ILE A 210 33.84 2.78 -25.83
N GLU A 211 33.52 4.04 -25.57
CA GLU A 211 33.18 4.52 -24.24
C GLU A 211 31.71 4.87 -24.29
N ILE A 212 30.88 3.95 -23.81
CA ILE A 212 29.43 4.12 -23.85
C ILE A 212 28.99 4.88 -22.60
N ASN A 213 28.52 6.10 -22.78
CA ASN A 213 27.98 6.90 -21.69
C ASN A 213 26.51 6.56 -21.48
N SER A 214 26.16 6.16 -20.27
CA SER A 214 24.79 5.79 -19.94
C SER A 214 23.83 6.97 -19.91
N HIS A 215 24.35 8.20 -19.76
CA HIS A 215 23.49 9.37 -19.60
C HIS A 215 22.59 9.62 -20.79
N SER A 216 23.16 9.67 -21.99
CA SER A 216 22.49 10.17 -23.18
C SER A 216 21.48 9.21 -23.79
N LEU A 217 21.15 8.11 -23.11
CA LEU A 217 20.25 7.11 -23.68
C LEU A 217 18.80 7.29 -23.26
N PHE A 218 18.54 8.03 -22.18
CA PHE A 218 17.18 8.16 -21.67
C PHE A 218 16.45 9.31 -22.36
N SER A 219 15.53 8.96 -23.25
CA SER A 219 14.62 9.93 -23.84
C SER A 219 13.47 10.16 -22.87
N LYS A 220 12.38 10.77 -23.35
CA LYS A 220 11.24 11.03 -22.49
C LYS A 220 10.55 9.74 -22.07
N TRP A 221 10.32 8.84 -23.03
CA TRP A 221 9.66 7.58 -22.76
C TRP A 221 10.27 6.51 -23.67
N PHE A 222 9.88 5.25 -23.44
CA PHE A 222 10.47 4.12 -24.16
C PHE A 222 10.56 4.30 -25.67
N SER A 223 9.42 4.52 -26.34
CA SER A 223 9.39 4.37 -27.80
C SER A 223 10.39 5.26 -28.54
N GLU A 224 11.10 6.13 -27.84
CA GLU A 224 12.24 6.85 -28.41
C GLU A 224 13.57 6.23 -28.00
N SER A 225 13.75 5.98 -26.70
CA SER A 225 15.00 5.43 -26.20
C SER A 225 15.28 4.05 -26.77
N GLY A 226 14.25 3.25 -26.99
CA GLY A 226 14.45 1.95 -27.59
C GLY A 226 15.03 2.04 -28.99
N LYS A 227 14.45 2.92 -29.82
CA LYS A 227 15.00 3.13 -31.15
C LYS A 227 16.41 3.72 -31.09
N LEU A 228 16.67 4.59 -30.11
CA LEU A 228 18.00 5.19 -29.99
C LEU A 228 19.06 4.14 -29.67
N VAL A 229 18.80 3.32 -28.64
CA VAL A 229 19.75 2.27 -28.27
C VAL A 229 19.85 1.23 -29.39
N THR A 230 18.73 0.98 -30.08
CA THR A 230 18.77 0.05 -31.20
C THR A 230 19.67 0.57 -32.31
N LYS A 231 19.59 1.87 -32.62
CA LYS A 231 20.48 2.45 -33.62
C LYS A 231 21.93 2.40 -33.18
N MET A 232 22.18 2.71 -31.91
CA MET A 232 23.55 2.65 -31.39
C MET A 232 24.12 1.24 -31.55
N PHE A 233 23.32 0.22 -31.30
CA PHE A 233 23.87 -1.13 -31.39
C PHE A 233 23.78 -1.71 -32.80
N GLN A 234 23.00 -1.13 -33.71
CA GLN A 234 23.23 -1.42 -35.12
C GLN A 234 24.59 -0.88 -35.56
N LYS A 235 24.95 0.31 -35.08
CA LYS A 235 26.30 0.82 -35.35
C LYS A 235 27.35 -0.11 -34.75
N ILE A 236 27.12 -0.58 -33.52
CA ILE A 236 28.05 -1.51 -32.88
C ILE A 236 28.16 -2.82 -33.66
N GLN A 237 27.03 -3.36 -34.12
CA GLN A 237 27.06 -4.59 -34.92
C GLN A 237 27.76 -4.38 -36.25
N ASP A 238 27.56 -3.22 -36.88
CA ASP A 238 28.31 -2.89 -38.09
C ASP A 238 29.81 -2.89 -37.79
N LEU A 239 30.20 -2.33 -36.65
CA LEU A 239 31.61 -2.32 -36.26
C LEU A 239 32.15 -3.74 -36.08
N ILE A 240 31.41 -4.60 -35.37
CA ILE A 240 31.95 -5.90 -35.00
C ILE A 240 31.81 -6.90 -36.14
N ASP A 241 31.00 -6.59 -37.15
CA ASP A 241 30.74 -7.52 -38.25
C ASP A 241 32.04 -8.03 -38.87
N ASP A 242 33.02 -7.16 -39.00
CA ASP A 242 34.36 -7.59 -39.38
C ASP A 242 35.14 -7.96 -38.12
N LYS A 243 35.47 -9.25 -37.97
CA LYS A 243 36.19 -9.72 -36.77
C LYS A 243 37.69 -9.58 -36.91
N ASP A 244 38.13 -8.79 -37.89
CA ASP A 244 39.54 -8.48 -38.09
C ASP A 244 40.15 -7.79 -36.88
N ALA A 245 39.40 -6.93 -36.19
CA ALA A 245 39.93 -6.09 -35.14
C ALA A 245 39.58 -6.64 -33.77
N LEU A 246 40.09 -5.97 -32.74
CA LEU A 246 39.74 -6.26 -31.36
C LEU A 246 38.99 -5.06 -30.79
N VAL A 247 37.75 -5.28 -30.34
CA VAL A 247 36.88 -4.20 -29.92
C VAL A 247 36.69 -4.26 -28.42
N PHE A 248 36.74 -3.09 -27.77
CA PHE A 248 36.48 -2.94 -26.35
C PHE A 248 35.19 -2.15 -26.15
N VAL A 249 34.66 -2.23 -24.94
CA VAL A 249 33.63 -1.31 -24.46
C VAL A 249 33.98 -0.93 -23.03
N LEU A 250 33.95 0.37 -22.74
CA LEU A 250 34.22 0.87 -21.40
C LEU A 250 32.90 1.44 -20.86
N ILE A 251 32.12 0.58 -20.20
CA ILE A 251 30.97 1.05 -19.45
C ILE A 251 31.54 1.77 -18.23
N ASP A 252 31.52 3.11 -18.26
CA ASP A 252 32.29 3.89 -17.30
C ASP A 252 31.89 3.56 -15.86
N GLN A 253 30.64 3.84 -15.52
CA GLN A 253 30.11 3.53 -14.20
C GLN A 253 28.91 2.60 -14.38
N VAL A 254 28.93 1.47 -13.68
CA VAL A 254 27.84 0.52 -13.80
C VAL A 254 26.74 0.80 -12.78
N GLU A 255 27.06 1.49 -11.70
CA GLU A 255 26.08 1.81 -10.68
C GLU A 255 25.03 2.81 -11.16
N SER A 256 25.26 3.47 -12.29
CA SER A 256 24.27 4.34 -12.90
C SER A 256 23.22 3.56 -13.68
N LEU A 257 23.36 2.24 -13.76
CA LEU A 257 22.35 1.39 -14.36
C LEU A 257 21.53 0.60 -13.33
N THR A 258 22.00 0.53 -12.09
CA THR A 258 21.26 -0.16 -11.04
C THR A 258 20.48 0.79 -10.15
N ALA A 259 20.91 2.05 -10.03
CA ALA A 259 20.13 3.03 -9.29
C ALA A 259 18.79 3.29 -9.98
N ALA A 260 18.80 3.38 -11.31
CA ALA A 260 17.56 3.56 -12.05
C ALA A 260 16.68 2.33 -11.96
N ARG A 261 17.26 1.17 -11.66
CA ARG A 261 16.47 -0.05 -11.48
C ARG A 261 15.95 -0.21 -10.07
N ASN A 262 16.60 0.41 -9.09
CA ASN A 262 16.11 0.35 -7.72
C ASN A 262 14.82 1.12 -7.52
N ALA A 263 14.49 2.03 -8.44
CA ALA A 263 13.26 2.82 -8.35
C ALA A 263 12.19 2.16 -9.23
N CYS A 264 11.66 1.05 -8.74
CA CYS A 264 10.47 0.43 -9.32
C CYS A 264 9.20 0.99 -8.73
N ARG A 265 9.23 1.33 -7.45
CA ARG A 265 8.23 2.16 -6.80
C ARG A 265 8.95 3.33 -6.17
N ALA A 266 8.21 4.40 -5.87
CA ALA A 266 8.72 5.53 -5.09
C ALA A 266 9.66 6.42 -5.91
N GLY A 267 9.50 6.40 -7.23
CA GLY A 267 10.34 7.20 -8.09
C GLY A 267 9.71 7.45 -9.44
N THR A 268 10.53 7.73 -10.45
CA THR A 268 10.03 8.03 -11.78
C THR A 268 9.23 6.87 -12.34
N GLU A 269 8.54 7.13 -13.45
CA GLU A 269 7.76 6.11 -14.13
C GLU A 269 8.68 4.97 -14.55
N PRO A 270 8.56 3.79 -13.93
CA PRO A 270 9.52 2.72 -14.22
C PRO A 270 9.49 2.26 -15.67
N SER A 271 8.36 2.40 -16.35
CA SER A 271 8.22 1.98 -17.73
C SER A 271 9.21 2.72 -18.62
N ASP A 272 9.64 3.91 -18.20
CA ASP A 272 10.58 4.71 -18.97
C ASP A 272 11.98 4.70 -18.41
N ALA A 273 12.21 4.13 -17.24
CA ALA A 273 13.55 4.11 -16.66
C ALA A 273 14.10 2.69 -16.54
N ILE A 274 13.38 1.81 -15.83
CA ILE A 274 13.83 0.44 -15.63
C ILE A 274 13.83 -0.34 -16.94
N ARG A 275 12.79 -0.16 -17.74
CA ARG A 275 12.69 -0.92 -18.98
C ARG A 275 13.85 -0.62 -19.92
N VAL A 276 14.22 0.66 -20.05
CA VAL A 276 15.31 1.03 -20.95
C VAL A 276 16.64 0.46 -20.46
N VAL A 277 16.93 0.58 -19.17
CA VAL A 277 18.21 0.08 -18.66
C VAL A 277 18.27 -1.43 -18.77
N ASN A 278 17.13 -2.11 -18.58
CA ASN A 278 17.12 -3.56 -18.76
C ASN A 278 17.31 -3.94 -20.21
N ALA A 279 16.70 -3.18 -21.13
CA ALA A 279 16.89 -3.44 -22.56
C ALA A 279 18.31 -3.12 -23.01
N VAL A 280 19.06 -2.37 -22.22
CA VAL A 280 20.49 -2.20 -22.47
C VAL A 280 21.29 -3.34 -21.86
N LEU A 281 20.90 -3.78 -20.67
CA LEU A 281 21.59 -4.88 -19.99
C LEU A 281 21.50 -6.18 -20.77
N THR A 282 20.37 -6.45 -21.43
CA THR A 282 20.29 -7.65 -22.26
C THR A 282 21.06 -7.50 -23.57
N GLN A 283 21.11 -6.29 -24.12
CA GLN A 283 21.94 -6.07 -25.30
C GLN A 283 23.43 -6.20 -24.98
N ILE A 284 23.82 -5.99 -23.72
CA ILE A 284 25.20 -6.25 -23.33
C ILE A 284 25.53 -7.74 -23.50
N ASP A 285 24.64 -8.62 -23.03
CA ASP A 285 24.85 -10.04 -23.27
C ASP A 285 24.72 -10.39 -24.75
N GLN A 286 23.91 -9.63 -25.49
CA GLN A 286 23.85 -9.85 -26.93
C GLN A 286 25.19 -9.58 -27.61
N ILE A 287 25.84 -8.47 -27.26
CA ILE A 287 27.13 -8.15 -27.88
C ILE A 287 28.23 -9.10 -27.39
N LYS A 288 28.23 -9.45 -26.10
CA LYS A 288 29.31 -10.22 -25.51
C LYS A 288 29.44 -11.63 -26.09
N ARG A 289 28.53 -12.04 -26.99
CA ARG A 289 28.48 -13.41 -27.45
C ARG A 289 29.57 -13.77 -28.46
N HIS A 290 30.22 -12.80 -29.10
CA HIS A 290 31.20 -13.12 -30.11
C HIS A 290 32.58 -13.33 -29.47
N SER A 291 33.58 -13.56 -30.31
CA SER A 291 34.85 -14.15 -29.87
C SER A 291 36.02 -13.18 -29.90
N ASN A 292 35.76 -11.88 -30.08
CA ASN A 292 36.85 -10.91 -30.07
C ASN A 292 36.46 -9.66 -29.30
N VAL A 293 35.58 -9.81 -28.32
CA VAL A 293 35.08 -8.70 -27.53
C VAL A 293 35.65 -8.80 -26.11
N VAL A 294 35.87 -7.65 -25.50
CA VAL A 294 36.28 -7.56 -24.10
C VAL A 294 35.40 -6.51 -23.44
N ILE A 295 35.05 -6.74 -22.17
CA ILE A 295 34.15 -5.85 -21.44
C ILE A 295 34.94 -5.27 -20.27
N LEU A 296 35.00 -3.94 -20.19
CA LEU A 296 35.76 -3.25 -19.15
C LEU A 296 34.86 -2.27 -18.44
N THR A 297 34.95 -2.24 -17.11
CA THR A 297 34.08 -1.41 -16.28
C THR A 297 34.84 -0.93 -15.05
N THR A 298 34.35 0.17 -14.48
CA THR A 298 34.82 0.67 -13.19
C THR A 298 33.62 0.81 -12.27
N SER A 299 33.78 0.37 -11.02
CA SER A 299 32.67 0.36 -10.05
C SER A 299 32.91 1.28 -8.86
N ASN A 300 34.04 1.08 -8.16
CA ASN A 300 34.45 1.87 -7.00
C ASN A 300 33.67 1.51 -5.73
N ILE A 301 33.09 0.32 -5.66
CA ILE A 301 32.61 -0.24 -4.40
C ILE A 301 33.11 -1.67 -4.29
N THR A 302 33.49 -2.08 -3.09
CA THR A 302 34.18 -3.35 -2.90
C THR A 302 33.30 -4.45 -2.31
N GLU A 303 31.98 -4.25 -2.21
CA GLU A 303 31.16 -5.28 -1.59
C GLU A 303 30.46 -6.14 -2.64
N LYS A 304 29.72 -5.51 -3.56
CA LYS A 304 28.94 -6.23 -4.57
C LYS A 304 28.26 -5.22 -5.48
N ILE A 305 27.79 -5.70 -6.63
CA ILE A 305 27.02 -4.90 -7.58
C ILE A 305 25.76 -5.66 -7.92
N ASP A 306 24.63 -4.95 -7.95
CA ASP A 306 23.35 -5.57 -8.23
C ASP A 306 23.17 -5.94 -9.70
N VAL A 307 23.96 -5.35 -10.60
CA VAL A 307 23.92 -5.76 -12.00
C VAL A 307 24.59 -7.12 -12.15
N ALA A 308 24.37 -7.74 -13.30
CA ALA A 308 24.98 -9.05 -13.56
C ALA A 308 26.39 -8.91 -14.11
N PHE A 309 27.19 -8.05 -13.47
CA PHE A 309 28.61 -7.87 -13.75
C PHE A 309 29.44 -8.06 -12.50
N VAL A 310 28.87 -8.65 -11.44
CA VAL A 310 29.57 -8.79 -10.17
C VAL A 310 29.84 -10.26 -9.91
N ASP A 311 28.77 -11.06 -9.77
CA ASP A 311 28.92 -12.50 -9.61
C ASP A 311 29.42 -13.15 -10.89
N ARG A 312 28.87 -12.75 -12.03
CA ARG A 312 29.21 -13.37 -13.31
C ARG A 312 30.57 -12.92 -13.82
N ALA A 313 31.11 -11.82 -13.29
CA ALA A 313 32.45 -11.39 -13.69
C ALA A 313 33.49 -12.27 -13.03
N ASP A 314 34.56 -12.56 -13.78
CA ASP A 314 35.63 -13.44 -13.31
C ASP A 314 36.97 -12.77 -13.15
N ILE A 315 37.26 -11.71 -13.90
CA ILE A 315 38.48 -10.94 -13.75
C ILE A 315 38.10 -9.69 -12.98
N LYS A 316 38.20 -9.76 -11.66
CA LYS A 316 37.83 -8.66 -10.78
C LYS A 316 39.09 -8.24 -10.02
N GLN A 317 39.87 -7.36 -10.65
CA GLN A 317 41.13 -6.90 -10.09
C GLN A 317 40.90 -5.64 -9.27
N TYR A 318 41.50 -5.60 -8.08
CA TYR A 318 41.40 -4.46 -7.20
C TYR A 318 42.56 -3.51 -7.45
N ILE A 319 42.26 -2.21 -7.52
CA ILE A 319 43.27 -1.17 -7.67
C ILE A 319 43.20 -0.31 -6.43
N GLY A 320 44.37 0.05 -5.89
CA GLY A 320 44.42 0.94 -4.76
C GLY A 320 45.43 2.05 -4.99
N PRO A 321 45.79 2.75 -3.91
CA PRO A 321 46.87 3.73 -4.03
C PRO A 321 48.17 3.04 -4.35
N PRO A 322 49.04 3.68 -5.12
CA PRO A 322 50.36 3.10 -5.38
C PRO A 322 51.16 2.98 -4.10
N SER A 323 52.04 1.98 -4.06
CA SER A 323 52.78 1.68 -2.85
C SER A 323 54.05 2.53 -2.81
N ALA A 324 54.87 2.32 -1.77
CA ALA A 324 56.04 3.18 -1.57
C ALA A 324 57.05 3.06 -2.69
N ALA A 325 57.08 1.92 -3.38
CA ALA A 325 58.03 1.77 -4.49
C ALA A 325 57.55 2.45 -5.76
N ALA A 326 56.28 2.83 -5.83
CA ALA A 326 55.77 3.53 -7.02
C ALA A 326 55.91 5.03 -6.91
N ILE A 327 55.96 5.58 -5.69
CA ILE A 327 56.13 7.01 -5.52
C ILE A 327 57.47 7.47 -6.11
N PHE A 328 58.52 6.66 -5.94
CA PHE A 328 59.81 6.99 -6.53
C PHE A 328 59.72 7.09 -8.05
N LYS A 329 59.10 6.10 -8.69
CA LYS A 329 59.05 6.09 -10.16
C LYS A 329 58.14 7.18 -10.69
N ILE A 330 57.07 7.51 -9.96
CA ILE A 330 56.23 8.64 -10.34
C ILE A 330 57.02 9.94 -10.23
N TYR A 331 57.72 10.12 -9.12
CA TYR A 331 58.38 11.39 -8.83
C TYR A 331 59.54 11.63 -9.77
N LEU A 332 60.28 10.57 -10.14
CA LEU A 332 61.39 10.76 -11.07
C LEU A 332 60.89 11.19 -12.45
N SER A 333 59.79 10.60 -12.92
CA SER A 333 59.21 11.02 -14.19
C SER A 333 58.74 12.47 -14.12
N CYS A 334 58.10 12.84 -13.01
CA CYS A 334 57.66 14.22 -12.84
C CYS A 334 58.84 15.18 -12.88
N LEU A 335 59.91 14.86 -12.16
CA LEU A 335 61.07 15.74 -12.13
C LEU A 335 61.75 15.81 -13.49
N GLU A 336 61.76 14.70 -14.22
CA GLU A 336 62.32 14.72 -15.58
C GLU A 336 61.51 15.63 -16.48
N GLU A 337 60.18 15.54 -16.41
CA GLU A 337 59.34 16.42 -17.22
C GLU A 337 59.57 17.89 -16.86
N LEU A 338 59.74 18.16 -15.56
CA LEU A 338 60.10 19.51 -15.14
C LEU A 338 61.47 19.93 -15.62
N MET A 339 62.40 19.00 -15.79
CA MET A 339 63.69 19.26 -16.43
C MET A 339 63.57 19.62 -17.90
N LYS A 340 62.63 18.99 -18.62
CA LYS A 340 62.64 19.05 -20.08
C LYS A 340 62.67 20.48 -20.61
N CYS A 341 61.99 21.40 -19.96
CA CYS A 341 61.86 22.78 -20.45
C CYS A 341 62.57 23.79 -19.54
N GLN A 342 63.53 23.35 -18.73
CA GLN A 342 64.35 24.20 -17.89
C GLN A 342 63.55 24.99 -16.86
N ILE A 343 62.49 24.40 -16.30
CA ILE A 343 61.84 25.02 -15.15
C ILE A 343 62.75 24.92 -13.92
N ILE A 344 63.41 23.78 -13.77
CA ILE A 344 64.49 23.61 -12.79
C ILE A 344 65.79 23.84 -13.54
N TYR A 345 66.60 24.78 -13.07
CA TYR A 345 67.79 25.16 -13.83
C TYR A 345 68.88 24.09 -13.70
N PRO A 346 69.33 23.73 -12.47
CA PRO A 346 70.47 22.81 -12.38
C PRO A 346 70.10 21.40 -12.78
N ARG A 347 70.54 20.99 -13.96
CA ARG A 347 70.22 19.65 -14.49
C ARG A 347 71.12 18.63 -13.81
N GLN A 348 70.71 18.17 -12.63
CA GLN A 348 71.44 17.14 -11.91
C GLN A 348 70.86 15.76 -12.22
N GLN A 349 71.72 14.75 -12.14
CA GLN A 349 71.37 13.41 -12.56
C GLN A 349 70.84 12.61 -11.38
N LEU A 350 69.66 12.03 -11.53
CA LEU A 350 69.08 11.14 -10.53
C LEU A 350 69.20 9.70 -11.01
N LEU A 351 69.07 8.77 -10.06
CA LEU A 351 69.38 7.37 -10.28
C LEU A 351 68.18 6.50 -9.99
N THR A 352 67.94 5.53 -10.87
CA THR A 352 66.81 4.62 -10.73
C THR A 352 66.99 3.76 -9.48
N LEU A 353 65.86 3.25 -8.96
CA LEU A 353 65.86 2.52 -7.69
C LEU A 353 66.84 1.35 -7.71
N ARG A 354 67.08 0.76 -8.89
CA ARG A 354 68.07 -0.30 -8.99
C ARG A 354 69.44 0.18 -8.52
N GLU A 355 69.77 1.44 -8.78
CA GLU A 355 71.03 2.00 -8.30
C GLU A 355 71.07 2.11 -6.78
N LEU A 356 70.02 2.67 -6.15
CA LEU A 356 70.02 2.76 -4.70
C LEU A 356 70.03 1.38 -4.04
N GLU A 357 69.54 0.35 -4.73
CA GLU A 357 69.62 -0.96 -4.08
C GLU A 357 70.95 -1.66 -4.31
N MET A 358 71.64 -1.42 -5.43
CA MET A 358 72.95 -2.06 -5.57
C MET A 358 74.02 -1.31 -4.77
N ILE A 359 73.88 0.01 -4.63
CA ILE A 359 74.90 0.76 -3.92
C ILE A 359 74.94 0.39 -2.44
N GLY A 360 73.81 0.00 -1.87
CA GLY A 360 73.73 -0.30 -0.46
C GLY A 360 73.08 0.77 0.39
N PHE A 361 72.44 1.77 -0.22
CA PHE A 361 71.80 2.88 0.50
C PHE A 361 72.80 3.61 1.39
N ILE A 362 73.99 3.88 0.87
CA ILE A 362 75.04 4.59 1.60
C ILE A 362 75.15 5.99 1.03
N GLU A 363 75.22 6.98 1.91
CA GLU A 363 75.29 8.37 1.48
C GLU A 363 76.63 8.69 0.83
N ASN A 364 76.60 9.61 -0.12
CA ASN A 364 77.81 10.12 -0.77
C ASN A 364 77.50 11.48 -1.38
N ASN A 365 78.42 11.97 -2.20
CA ASN A 365 78.26 13.28 -2.81
C ASN A 365 77.47 13.24 -4.12
N VAL A 366 77.14 12.05 -4.63
CA VAL A 366 76.51 11.94 -5.93
C VAL A 366 75.10 11.34 -5.86
N SER A 367 74.79 10.53 -4.84
CA SER A 367 73.50 9.86 -4.75
C SER A 367 72.75 10.25 -3.47
N LYS A 368 72.72 11.54 -3.15
CA LYS A 368 72.03 12.03 -1.97
C LYS A 368 70.60 12.48 -2.30
N LEU A 369 70.45 13.21 -3.41
CA LEU A 369 69.11 13.59 -3.88
C LEU A 369 68.21 12.37 -3.94
N SER A 370 68.74 11.24 -4.40
CA SER A 370 67.97 10.01 -4.46
C SER A 370 67.49 9.57 -3.08
N LEU A 371 68.36 9.74 -2.10
CA LEU A 371 68.04 9.38 -0.72
C LEU A 371 66.87 10.21 -0.22
N LEU A 372 66.99 11.53 -0.34
CA LEU A 372 65.94 12.44 0.09
C LEU A 372 64.63 12.14 -0.61
N LEU A 373 64.69 11.88 -1.92
CA LEU A 373 63.49 11.58 -2.68
C LEU A 373 62.89 10.24 -2.26
N ASN A 374 63.74 9.30 -1.82
CA ASN A 374 63.25 8.02 -1.33
C ASN A 374 62.51 8.17 -0.01
N ASP A 375 63.07 8.98 0.90
CA ASP A 375 62.35 9.29 2.13
C ASP A 375 61.00 9.92 1.81
N ILE A 376 60.98 10.80 0.81
CA ILE A 376 59.72 11.44 0.40
C ILE A 376 58.73 10.39 -0.10
N SER A 377 59.21 9.48 -0.95
CA SER A 377 58.37 8.43 -1.50
C SER A 377 57.79 7.57 -0.39
N ARG A 378 58.59 7.25 0.62
CA ARG A 378 58.09 6.52 1.78
C ARG A 378 57.03 7.32 2.53
N LYS A 379 57.22 8.64 2.65
CA LYS A 379 56.27 9.45 3.39
C LYS A 379 54.95 9.60 2.63
N SER A 380 54.97 9.45 1.30
CA SER A 380 53.81 9.70 0.45
C SER A 380 53.08 8.42 0.04
N GLU A 381 52.96 7.44 0.95
CA GLU A 381 52.58 6.08 0.57
C GLU A 381 51.21 6.01 -0.13
N GLY A 382 50.14 6.38 0.55
CA GLY A 382 48.83 5.98 0.08
C GLY A 382 47.87 7.06 -0.33
N LEU A 383 48.35 8.21 -0.79
CA LEU A 383 47.44 9.29 -1.12
C LEU A 383 46.51 8.93 -2.27
N SER A 384 47.06 8.80 -3.47
CA SER A 384 46.31 8.50 -4.68
C SER A 384 47.24 8.44 -5.87
N GLY A 385 46.68 8.23 -7.04
CA GLY A 385 47.44 8.15 -8.28
C GLY A 385 47.48 9.50 -8.89
N ARG A 386 46.30 10.06 -9.09
CA ARG A 386 46.13 11.42 -9.62
C ARG A 386 46.72 12.50 -8.70
N VAL A 387 46.58 12.37 -7.40
CA VAL A 387 47.20 13.33 -6.52
C VAL A 387 48.72 13.30 -6.50
N LEU A 388 49.34 12.14 -6.60
CA LEU A 388 50.79 12.11 -6.51
C LEU A 388 51.43 12.60 -7.77
N ARG A 389 50.59 12.89 -8.74
CA ARG A 389 50.96 13.50 -10.01
C ARG A 389 50.77 15.01 -10.03
N LYS A 390 49.94 15.55 -9.15
CA LYS A 390 49.73 16.99 -9.04
C LYS A 390 50.60 17.64 -8.00
N LEU A 391 51.32 16.85 -7.20
CA LEU A 391 52.06 17.41 -6.06
C LEU A 391 53.24 18.31 -6.45
N PRO A 392 54.04 18.02 -7.48
CA PRO A 392 55.10 18.99 -7.83
C PRO A 392 54.56 20.35 -8.22
N PHE A 393 53.50 20.38 -9.04
CA PHE A 393 52.86 21.65 -9.40
C PHE A 393 52.37 22.37 -8.16
N LEU A 394 51.74 21.64 -7.25
CA LEU A 394 51.24 22.24 -6.01
C LEU A 394 52.36 22.84 -5.18
N ALA A 395 53.45 22.08 -4.99
CA ALA A 395 54.58 22.58 -4.22
C ALA A 395 55.17 23.81 -4.86
N HIS A 396 55.32 23.79 -6.19
CA HIS A 396 55.86 24.96 -6.88
C HIS A 396 54.92 26.15 -6.75
N ALA A 397 53.62 25.92 -6.80
CA ALA A 397 52.66 27.00 -6.74
C ALA A 397 52.74 27.74 -5.41
N LEU A 398 52.64 26.99 -4.30
CA LEU A 398 52.67 27.68 -3.01
C LEU A 398 54.09 27.93 -2.49
N TYR A 399 54.88 26.87 -2.28
CA TYR A 399 56.03 26.97 -1.40
C TYR A 399 57.35 27.29 -2.11
N VAL A 400 57.35 27.56 -3.41
CA VAL A 400 58.59 27.89 -4.09
C VAL A 400 58.70 29.38 -4.39
N GLN A 401 57.60 29.98 -4.85
CA GLN A 401 57.48 31.41 -5.17
C GLN A 401 58.71 31.92 -5.94
N ALA A 402 58.98 31.27 -7.07
CA ALA A 402 60.11 31.69 -7.90
C ALA A 402 59.92 31.19 -9.34
N PRO A 403 60.41 31.94 -10.33
CA PRO A 403 60.23 31.51 -11.73
C PRO A 403 61.15 30.36 -12.14
N THR A 404 62.19 30.07 -11.37
CA THR A 404 63.09 28.97 -11.66
C THR A 404 63.66 28.48 -10.34
N VAL A 405 63.86 27.16 -10.22
CA VAL A 405 64.13 26.52 -8.94
C VAL A 405 65.34 25.62 -9.09
N THR A 406 66.04 25.41 -7.96
CA THR A 406 67.07 24.39 -7.86
C THR A 406 66.49 23.17 -7.17
N ILE A 407 66.89 21.98 -7.64
CA ILE A 407 66.26 20.74 -7.20
C ILE A 407 66.44 20.53 -5.71
N GLU A 408 67.55 21.02 -5.15
CA GLU A 408 67.82 20.79 -3.74
C GLU A 408 66.75 21.39 -2.84
N GLY A 409 66.37 22.64 -3.07
CA GLY A 409 65.25 23.20 -2.34
C GLY A 409 63.91 22.73 -2.84
N PHE A 410 63.85 22.29 -4.09
CA PHE A 410 62.60 21.79 -4.66
C PHE A 410 62.14 20.55 -3.90
N LEU A 411 63.06 19.66 -3.53
CA LEU A 411 62.67 18.47 -2.79
C LEU A 411 62.15 18.81 -1.39
N GLN A 412 62.76 19.81 -0.74
CA GLN A 412 62.24 20.28 0.54
C GLN A 412 60.84 20.86 0.39
N ALA A 413 60.62 21.61 -0.69
CA ALA A 413 59.28 22.13 -0.97
C ALA A 413 58.30 20.99 -1.17
N LEU A 414 58.71 19.94 -1.86
CA LEU A 414 57.84 18.78 -2.07
C LEU A 414 57.54 18.09 -0.74
N SER A 415 58.51 18.09 0.17
CA SER A 415 58.27 17.59 1.52
C SER A 415 57.18 18.40 2.22
N LEU A 416 57.29 19.72 2.14
CA LEU A 416 56.28 20.57 2.75
C LEU A 416 54.92 20.33 2.09
N ALA A 417 54.92 20.02 0.78
CA ALA A 417 53.66 19.81 0.08
C ALA A 417 53.00 18.49 0.45
N VAL A 418 53.78 17.42 0.63
CA VAL A 418 53.18 16.16 1.06
C VAL A 418 52.67 16.30 2.49
N ASP A 419 53.42 17.01 3.33
CA ASP A 419 52.92 17.28 4.68
C ASP A 419 51.61 18.05 4.62
N LYS A 420 51.53 19.04 3.72
CA LYS A 420 50.31 19.82 3.57
C LYS A 420 49.13 18.97 3.12
N GLN A 421 49.36 18.09 2.14
CA GLN A 421 48.27 17.25 1.63
C GLN A 421 47.77 16.31 2.73
N PHE A 422 48.69 15.71 3.50
CA PHE A 422 48.26 14.90 4.62
C PHE A 422 47.49 15.73 5.65
N GLU A 423 47.97 16.93 5.94
CA GLU A 423 47.29 17.78 6.92
C GLU A 423 45.89 18.14 6.46
N GLU A 424 45.71 18.41 5.17
CA GLU A 424 44.39 18.69 4.65
C GLU A 424 43.48 17.49 4.79
N ARG A 425 43.94 16.32 4.30
CA ARG A 425 43.09 15.14 4.39
C ARG A 425 42.77 14.77 5.83
N LYS A 426 43.58 15.23 6.79
CA LYS A 426 43.21 15.11 8.19
C LYS A 426 42.36 16.28 8.69
N LYS A 427 42.27 17.36 7.93
CA LYS A 427 41.56 18.55 8.36
C LYS A 427 40.10 18.60 7.92
N LEU A 428 39.69 17.74 7.00
CA LEU A 428 38.31 17.70 6.53
C LEU A 428 37.39 16.95 7.47
N ALA A 429 37.83 16.66 8.69
CA ALA A 429 37.05 15.94 9.69
C ALA A 429 36.58 14.59 9.17
N PRO B 19 61.97 41.82 -6.25
CA PRO B 19 61.24 42.66 -5.30
C PRO B 19 60.08 43.39 -5.97
N THR B 20 59.30 42.67 -6.77
CA THR B 20 58.20 43.28 -7.50
C THR B 20 57.17 43.83 -6.53
N VAL B 21 56.75 45.07 -6.78
CA VAL B 21 55.73 45.74 -6.00
C VAL B 21 54.64 46.22 -6.94
N HIS B 22 53.41 45.80 -6.67
CA HIS B 22 52.27 46.16 -7.52
C HIS B 22 51.63 47.45 -7.04
N VAL B 23 51.24 48.29 -7.99
CA VAL B 23 50.52 49.53 -7.72
C VAL B 23 49.37 49.60 -8.71
N GLU B 24 48.15 49.82 -8.21
CA GLU B 24 46.99 49.90 -9.09
C GLU B 24 46.28 51.24 -8.88
N VAL B 25 45.82 51.83 -9.97
CA VAL B 25 45.22 53.16 -9.97
C VAL B 25 43.81 53.01 -10.51
N HIS B 26 42.85 53.52 -9.74
CA HIS B 26 41.46 53.62 -10.19
C HIS B 26 41.27 55.00 -10.82
N GLN B 27 40.95 55.03 -12.11
CA GLN B 27 40.74 56.28 -12.81
C GLN B 27 39.26 56.45 -13.14
N ARG B 28 38.77 57.68 -12.94
CA ARG B 28 37.35 57.98 -12.97
C ARG B 28 36.75 57.67 -14.35
N GLY B 29 35.56 57.09 -14.32
CA GLY B 29 34.90 56.64 -15.54
C GLY B 29 34.51 57.76 -16.48
N SER B 30 34.50 59.01 -16.01
CA SER B 30 34.16 60.13 -16.88
C SER B 30 35.21 60.37 -17.94
N SER B 31 36.49 60.24 -17.60
CA SER B 31 37.56 60.59 -18.51
C SER B 31 37.72 59.54 -19.61
N THR B 32 38.43 59.94 -20.67
CA THR B 32 38.68 59.05 -21.81
C THR B 32 40.10 59.16 -22.34
N ALA B 33 41.04 59.64 -21.52
CA ALA B 33 42.42 59.80 -21.97
C ALA B 33 43.03 58.46 -22.35
N LYS B 34 44.00 58.52 -23.25
CA LYS B 34 44.59 57.30 -23.79
C LYS B 34 45.36 56.58 -22.69
N LYS B 35 45.39 55.25 -22.78
CA LYS B 35 45.88 54.45 -21.66
C LYS B 35 47.34 54.75 -21.33
N GLU B 36 48.18 54.87 -22.35
CA GLU B 36 49.62 55.03 -22.11
C GLU B 36 49.97 56.44 -21.67
N ASP B 37 49.18 57.44 -22.09
CA ASP B 37 49.44 58.80 -21.62
C ASP B 37 49.21 58.91 -20.11
N ILE B 38 48.08 58.40 -19.63
CA ILE B 38 47.87 58.40 -18.18
C ILE B 38 48.86 57.46 -17.50
N ASN B 39 49.28 56.40 -18.20
CA ASN B 39 50.32 55.53 -17.65
C ASN B 39 51.59 56.32 -17.34
N LEU B 40 52.10 57.06 -18.32
CA LEU B 40 53.32 57.83 -18.11
C LEU B 40 53.07 58.98 -17.13
N SER B 41 51.83 59.47 -17.07
CA SER B 41 51.52 60.53 -16.11
C SER B 41 51.62 60.05 -14.68
N VAL B 42 50.97 58.92 -14.37
CA VAL B 42 51.13 58.37 -13.02
C VAL B 42 52.56 57.87 -12.84
N ARG B 43 53.27 57.57 -13.92
CA ARG B 43 54.67 57.20 -13.78
C ARG B 43 55.50 58.36 -13.25
N LYS B 44 55.36 59.56 -13.82
CA LYS B 44 56.11 60.67 -13.21
C LYS B 44 55.46 61.12 -11.90
N LEU B 45 54.22 60.72 -11.65
CA LEU B 45 53.68 60.88 -10.30
C LEU B 45 54.51 60.10 -9.29
N LEU B 46 54.75 58.81 -9.56
CA LEU B 46 55.64 58.03 -8.70
C LEU B 46 57.04 58.61 -8.67
N ASN B 47 57.53 59.07 -9.83
CA ASN B 47 58.85 59.70 -9.87
C ASN B 47 58.89 60.97 -9.03
N ARG B 48 57.73 61.58 -8.79
CA ARG B 48 57.64 62.67 -7.82
C ARG B 48 57.63 62.13 -6.40
N HIS B 49 56.99 60.98 -6.19
CA HIS B 49 56.88 60.42 -4.85
C HIS B 49 58.13 59.62 -4.48
N ASN B 50 58.53 58.69 -5.35
CA ASN B 50 59.71 57.85 -5.19
C ASN B 50 59.62 56.92 -3.99
N ILE B 51 58.52 56.94 -3.25
CA ILE B 51 58.34 56.05 -2.11
C ILE B 51 57.20 55.09 -2.36
N GLY B 54 55.15 50.62 3.03
CA GLY B 54 53.82 50.32 3.52
C GLY B 54 52.73 50.55 2.50
N ASP B 55 51.72 49.70 2.51
CA ASP B 55 50.59 49.83 1.58
C ASP B 55 49.88 51.16 1.84
N TYR B 56 49.91 52.04 0.86
CA TYR B 56 49.37 53.38 1.00
C TYR B 56 48.56 53.75 -0.24
N THR B 57 47.55 54.58 -0.04
CA THR B 57 46.71 55.04 -1.14
C THR B 57 46.45 56.53 -0.99
N TRP B 58 46.18 57.18 -2.12
CA TRP B 58 45.93 58.62 -2.14
C TRP B 58 44.62 58.91 -2.84
N THR B 59 43.99 60.02 -2.43
CA THR B 59 42.91 60.64 -3.19
C THR B 59 43.09 62.15 -3.27
N GLU B 60 44.00 62.72 -2.49
CA GLU B 60 44.24 64.16 -2.48
C GLU B 60 45.36 64.52 -3.45
N PHE B 61 45.02 64.43 -4.74
CA PHE B 61 45.99 64.67 -5.79
C PHE B 61 46.21 66.17 -6.01
N ASP B 62 47.24 66.49 -6.79
CA ASP B 62 47.65 67.87 -6.99
C ASP B 62 47.54 68.33 -8.44
N GLU B 63 48.19 67.59 -9.34
CA GLU B 63 48.17 67.91 -10.77
C GLU B 63 46.75 67.98 -11.31
N PRO B 64 46.47 68.96 -12.18
CA PRO B 64 45.08 69.02 -12.66
C PRO B 64 44.63 67.83 -13.49
N PHE B 65 45.33 67.51 -14.58
CA PHE B 65 44.97 66.37 -15.42
C PHE B 65 44.87 65.09 -14.57
N LEU B 66 45.83 64.92 -13.67
CA LEU B 66 45.80 63.80 -12.73
C LEU B 66 44.48 63.76 -11.97
N THR B 67 44.02 64.91 -11.48
CA THR B 67 42.72 64.95 -10.81
C THR B 67 41.58 64.60 -11.77
N ARG B 68 41.62 65.09 -13.01
CA ARG B 68 40.47 64.89 -13.88
C ARG B 68 40.27 63.42 -14.24
N ASN B 69 41.36 62.66 -14.41
CA ASN B 69 41.21 61.29 -14.87
C ASN B 69 41.18 60.24 -13.76
N VAL B 70 42.12 60.25 -12.83
CA VAL B 70 42.23 59.18 -11.85
C VAL B 70 41.52 59.58 -10.57
N GLN B 71 40.88 58.60 -9.92
CA GLN B 71 40.18 58.84 -8.66
C GLN B 71 41.07 58.50 -7.47
N SER B 72 41.80 57.40 -7.54
CA SER B 72 42.67 57.01 -6.44
C SER B 72 43.83 56.20 -7.00
N VAL B 73 44.93 56.18 -6.27
CA VAL B 73 46.08 55.34 -6.59
C VAL B 73 46.43 54.58 -5.30
N SER B 74 46.81 53.32 -5.43
CA SER B 74 47.02 52.48 -4.27
C SER B 74 48.25 51.60 -4.44
N ILE B 75 49.03 51.52 -3.36
CA ILE B 75 50.18 50.66 -3.24
C ILE B 75 49.74 49.46 -2.42
N ILE B 76 49.91 48.27 -2.96
CA ILE B 76 49.44 47.04 -2.33
C ILE B 76 50.62 46.13 -2.05
N ASP B 77 50.69 45.61 -0.82
CA ASP B 77 51.76 44.70 -0.43
C ASP B 77 51.32 43.26 -0.63
N ASP B 89 60.33 49.56 3.57
CA ASP B 89 61.09 50.72 3.12
C ASP B 89 61.74 50.47 1.76
N LEU B 90 60.90 50.25 0.74
CA LEU B 90 61.35 50.02 -0.63
C LEU B 90 60.91 51.21 -1.46
N SER B 91 61.87 52.07 -1.82
CA SER B 91 61.52 53.33 -2.47
C SER B 91 60.90 53.15 -3.86
N ALA B 92 61.72 52.77 -4.84
CA ALA B 92 61.24 52.59 -6.22
C ALA B 92 61.99 51.45 -6.92
N CYS B 93 62.20 50.33 -6.21
CA CYS B 93 63.00 49.26 -6.78
C CYS B 93 62.42 48.77 -8.10
N THR B 94 61.15 48.37 -8.10
CA THR B 94 60.45 48.05 -9.33
C THR B 94 58.95 48.07 -9.06
N VAL B 95 58.19 48.61 -10.01
CA VAL B 95 56.75 48.74 -9.90
C VAL B 95 56.10 48.35 -11.22
N ALA B 96 54.94 47.71 -11.14
CA ALA B 96 54.10 47.43 -12.30
C ALA B 96 52.77 48.15 -12.11
N LEU B 97 52.24 48.69 -13.21
CA LEU B 97 51.10 49.60 -13.15
C LEU B 97 49.90 48.98 -13.84
N HIS B 98 48.77 48.95 -13.13
CA HIS B 98 47.52 48.39 -13.63
C HIS B 98 46.46 49.49 -13.63
N ILE B 99 45.70 49.58 -14.70
CA ILE B 99 44.63 50.57 -14.83
C ILE B 99 43.34 49.83 -15.11
N PHE B 100 42.27 50.19 -14.39
CA PHE B 100 41.01 49.46 -14.51
C PHE B 100 39.84 50.43 -14.49
N GLN B 101 38.73 49.99 -15.08
CA GLN B 101 37.54 50.82 -15.27
C GLN B 101 36.38 50.09 -14.60
N LEU B 102 36.01 50.54 -13.40
CA LEU B 102 34.90 49.92 -12.70
C LEU B 102 33.60 50.10 -13.48
N ASN B 103 32.86 49.02 -13.64
CA ASN B 103 31.54 49.09 -14.27
C ASN B 103 30.48 49.40 -13.22
N GLU B 104 29.38 50.00 -13.66
CA GLU B 104 28.31 50.42 -12.75
C GLU B 104 27.00 49.69 -13.00
N ASP B 105 26.87 48.94 -14.08
CA ASP B 105 25.67 48.19 -14.37
C ASP B 105 25.74 46.79 -13.75
N GLY B 106 24.59 46.28 -13.36
CA GLY B 106 24.52 45.03 -12.64
C GLY B 106 24.76 43.82 -13.52
N PRO B 107 24.68 42.63 -12.92
CA PRO B 107 24.87 41.40 -13.70
C PRO B 107 23.79 41.25 -14.76
N SER B 108 24.18 40.72 -15.92
CA SER B 108 23.24 40.45 -17.00
C SER B 108 22.75 39.02 -16.87
N SER B 109 21.52 38.85 -16.41
CA SER B 109 20.97 37.51 -16.21
C SER B 109 20.84 36.77 -17.54
N GLU B 110 20.64 35.46 -17.45
CA GLU B 110 20.55 34.62 -18.64
C GLU B 110 19.65 33.44 -18.30
N ASN B 111 18.86 32.99 -19.28
CA ASN B 111 17.97 31.86 -19.10
C ASN B 111 18.45 30.65 -19.91
N LEU B 112 19.08 29.70 -19.24
CA LEU B 112 19.60 28.51 -19.91
C LEU B 112 18.44 27.57 -20.19
N GLU B 113 17.55 28.04 -21.06
CA GLU B 113 16.34 27.32 -21.41
C GLU B 113 15.87 27.84 -22.76
N GLU B 114 14.93 27.13 -23.36
CA GLU B 114 14.37 27.50 -24.64
C GLU B 114 13.22 28.50 -24.51
N GLU B 115 13.17 29.24 -23.39
CA GLU B 115 12.14 30.24 -23.10
C GLU B 115 10.78 29.63 -22.87
N THR B 116 10.70 28.30 -22.78
CA THR B 116 9.43 27.65 -22.45
C THR B 116 9.07 27.90 -20.99
N GLU B 117 10.04 27.77 -20.09
CA GLU B 117 9.86 28.04 -18.67
C GLU B 117 10.84 29.13 -18.26
N ASN B 118 10.31 30.19 -17.64
CA ASN B 118 11.14 31.33 -17.26
C ASN B 118 11.83 31.03 -15.93
N ILE B 119 13.10 30.67 -16.00
CA ILE B 119 13.91 30.41 -14.81
C ILE B 119 15.28 31.04 -15.01
N ILE B 120 15.75 31.79 -14.01
CA ILE B 120 17.08 32.39 -14.08
C ILE B 120 18.12 31.29 -14.04
N ALA B 121 19.19 31.45 -14.82
CA ALA B 121 20.23 30.43 -14.88
C ALA B 121 21.56 30.88 -14.29
N ALA B 122 22.11 32.01 -14.70
CA ALA B 122 23.39 32.45 -14.18
C ALA B 122 23.48 33.97 -14.30
N ASN B 123 24.00 34.59 -13.26
CA ASN B 123 24.17 36.03 -13.24
C ASN B 123 25.50 36.43 -13.86
N HIS B 124 25.66 36.20 -15.15
CA HIS B 124 26.90 36.52 -15.81
C HIS B 124 27.33 37.97 -15.58
N TRP B 125 28.46 38.18 -14.88
CA TRP B 125 28.98 39.53 -14.69
C TRP B 125 29.83 39.96 -15.89
N VAL B 126 30.56 41.07 -15.71
CA VAL B 126 31.50 41.61 -16.67
C VAL B 126 32.73 41.98 -15.83
N LEU B 127 33.74 42.59 -16.44
CA LEU B 127 34.87 43.15 -15.69
C LEU B 127 34.33 43.87 -14.47
N PRO B 128 34.99 43.77 -13.31
CA PRO B 128 34.29 43.90 -12.02
C PRO B 128 33.48 45.20 -11.90
N ALA B 129 32.27 45.05 -11.39
CA ALA B 129 31.39 46.19 -11.16
C ALA B 129 31.76 46.91 -9.87
N ALA B 130 31.25 48.13 -9.71
CA ALA B 130 31.58 48.97 -8.56
C ALA B 130 31.10 48.36 -7.25
N GLU B 131 30.18 47.38 -7.33
CA GLU B 131 29.74 46.68 -6.14
C GLU B 131 30.86 45.86 -5.50
N PHE B 132 31.79 45.33 -6.29
CA PHE B 132 32.89 44.55 -5.77
C PHE B 132 34.06 45.41 -5.31
N HIS B 133 33.98 46.73 -5.49
CA HIS B 133 35.07 47.59 -5.07
C HIS B 133 35.20 47.55 -3.54
N GLY B 134 36.45 47.58 -3.08
CA GLY B 134 36.73 47.50 -1.66
C GLY B 134 36.50 46.14 -1.04
N LEU B 135 36.07 45.15 -1.82
CA LEU B 135 35.75 43.85 -1.25
C LEU B 135 36.98 43.15 -0.68
N TRP B 136 38.07 43.11 -1.46
CA TRP B 136 39.33 42.57 -0.95
C TRP B 136 39.79 43.27 0.32
N ASP B 137 39.71 44.60 0.36
CA ASP B 137 40.15 45.30 1.55
C ASP B 137 39.28 44.94 2.75
N SER B 138 37.98 44.73 2.53
CA SER B 138 37.09 44.36 3.63
C SER B 138 37.46 43.01 4.21
N LEU B 139 37.72 42.01 3.37
CA LEU B 139 38.03 40.68 3.85
C LEU B 139 39.44 40.63 4.42
N VAL B 140 39.56 40.10 5.63
CA VAL B 140 40.82 40.06 6.37
C VAL B 140 41.00 38.64 6.90
N TYR B 141 42.08 37.99 6.52
CA TYR B 141 42.31 36.60 6.88
C TYR B 141 43.57 36.43 7.71
N ASP B 142 43.59 35.36 8.52
CA ASP B 142 44.61 35.16 9.53
C ASP B 142 46.02 35.07 8.98
N VAL B 143 46.32 34.02 8.21
CA VAL B 143 47.68 33.74 7.76
C VAL B 143 47.67 33.53 6.25
N GLU B 144 47.83 34.62 5.49
CA GLU B 144 48.20 34.64 4.07
C GLU B 144 47.69 33.44 3.28
N VAL B 145 46.39 33.21 3.35
CA VAL B 145 45.72 32.32 2.41
C VAL B 145 45.42 33.03 1.09
N LYS B 146 45.06 34.30 1.21
CA LYS B 146 44.79 35.15 0.05
C LYS B 146 45.94 35.09 -0.94
N SER B 147 47.16 35.30 -0.44
CA SER B 147 48.35 35.18 -1.27
C SER B 147 48.50 33.77 -1.82
N HIS B 148 48.10 32.75 -1.05
CA HIS B 148 48.19 31.37 -1.55
C HIS B 148 47.37 31.18 -2.82
N LEU B 149 46.10 31.63 -2.81
CA LEU B 149 45.34 31.50 -4.05
C LEU B 149 45.92 32.38 -5.15
N LEU B 150 46.44 33.56 -4.78
CA LEU B 150 47.07 34.43 -5.77
C LEU B 150 48.18 33.72 -6.52
N ASP B 151 49.20 33.24 -5.81
CA ASP B 151 50.30 32.63 -6.54
C ASP B 151 49.91 31.27 -7.09
N TYR B 152 48.85 30.64 -6.59
CA TYR B 152 48.38 29.42 -7.25
C TYR B 152 47.91 29.70 -8.66
N VAL B 153 47.06 30.72 -8.84
CA VAL B 153 46.62 31.00 -10.20
C VAL B 153 47.76 31.55 -11.04
N MET B 154 48.63 32.36 -10.43
CA MET B 154 49.83 32.82 -11.16
C MET B 154 50.65 31.65 -11.65
N THR B 155 50.87 30.64 -10.80
CA THR B 155 51.60 29.44 -11.18
C THR B 155 50.87 28.68 -12.27
N THR B 156 49.54 28.64 -12.21
CA THR B 156 48.77 28.00 -13.27
C THR B 156 49.14 28.59 -14.63
N LEU B 157 49.04 29.91 -14.75
CA LEU B 157 49.40 30.53 -16.03
C LEU B 157 50.89 30.36 -16.34
N LEU B 158 51.73 30.44 -15.31
CA LEU B 158 53.18 30.33 -15.52
C LEU B 158 53.56 28.98 -16.12
N PHE B 159 53.02 27.90 -15.57
CA PHE B 159 53.29 26.58 -16.09
C PHE B 159 52.66 26.40 -17.47
N SER B 160 51.47 26.97 -17.68
CA SER B 160 50.88 26.89 -19.02
C SER B 160 51.73 27.66 -20.03
N ASP B 161 52.56 28.58 -19.54
CA ASP B 161 53.40 29.37 -20.45
C ASP B 161 54.57 28.55 -20.99
N LYS B 162 55.23 27.75 -20.15
CA LYS B 162 56.39 26.96 -20.58
C LYS B 162 56.02 25.76 -21.43
N ASN B 163 54.76 25.63 -21.84
CA ASN B 163 54.29 24.50 -22.65
C ASN B 163 54.62 23.17 -22.00
N VAL B 164 54.41 23.08 -20.68
CA VAL B 164 54.65 21.83 -19.96
C VAL B 164 53.68 20.77 -20.45
N ASN B 165 54.22 19.57 -20.70
CA ASN B 165 53.43 18.47 -21.26
C ASN B 165 52.29 18.13 -20.30
N SER B 166 51.09 17.96 -20.86
CA SER B 166 49.89 17.73 -20.06
C SER B 166 49.89 16.38 -19.35
N ASN B 167 50.35 15.31 -19.97
CA ASN B 167 50.14 13.98 -19.40
C ASN B 167 51.12 13.64 -18.29
N LEU B 168 52.40 13.97 -18.45
CA LEU B 168 53.39 13.61 -17.43
C LEU B 168 53.12 14.33 -16.12
N ILE B 169 52.68 15.57 -16.18
CA ILE B 169 52.15 16.29 -15.03
C ILE B 169 50.96 17.12 -15.49
N THR B 170 49.89 17.13 -14.70
CA THR B 170 48.66 17.80 -15.06
C THR B 170 48.01 18.35 -13.80
N TRP B 171 46.93 19.10 -14.00
CA TRP B 171 46.14 19.62 -12.90
C TRP B 171 44.81 20.15 -13.45
N ASN B 172 43.72 19.74 -12.83
CA ASN B 172 42.41 20.34 -13.05
C ASN B 172 42.22 21.49 -12.07
N ARG B 173 41.62 22.52 -12.57
CA ARG B 173 41.63 23.75 -11.88
C ARG B 173 40.89 23.94 -10.63
N VAL B 174 39.99 23.03 -10.29
CA VAL B 174 38.97 23.19 -9.27
C VAL B 174 39.59 23.66 -7.96
N VAL B 175 39.02 24.72 -7.39
CA VAL B 175 39.32 25.17 -6.04
C VAL B 175 38.09 24.93 -5.19
N LEU B 176 38.29 24.64 -3.91
CA LEU B 176 37.17 24.36 -3.02
C LEU B 176 37.47 24.99 -1.67
N LEU B 177 36.58 25.88 -1.23
CA LEU B 177 36.70 26.54 0.06
C LEU B 177 35.62 25.99 0.97
N HIS B 178 35.99 25.66 2.21
CA HIS B 178 35.05 25.08 3.15
C HIS B 178 35.36 25.54 4.56
N GLY B 179 34.36 25.46 5.43
CA GLY B 179 34.48 25.88 6.80
C GLY B 179 33.15 26.31 7.38
N PRO B 180 33.19 26.93 8.56
CA PRO B 180 31.96 27.39 9.21
C PRO B 180 31.29 28.48 8.39
N PRO B 181 30.04 28.83 8.72
CA PRO B 181 29.36 29.90 7.98
C PRO B 181 29.86 31.28 8.36
N GLY B 182 29.93 32.15 7.36
CA GLY B 182 30.27 33.54 7.59
C GLY B 182 31.74 33.86 7.57
N THR B 183 32.57 32.98 7.02
CA THR B 183 34.01 33.17 7.02
C THR B 183 34.51 33.82 5.73
N GLY B 184 33.61 34.20 4.85
CA GLY B 184 34.00 34.89 3.62
C GLY B 184 33.99 34.04 2.38
N LYS B 185 33.78 32.73 2.50
CA LYS B 185 33.87 31.85 1.34
C LYS B 185 32.88 32.19 0.24
N THR B 186 31.71 32.80 0.48
CA THR B 186 30.93 33.24 -0.71
C THR B 186 31.10 34.75 -0.91
N SER B 187 32.25 35.22 -0.47
CA SER B 187 32.63 36.62 -0.57
C SER B 187 34.08 36.65 -1.06
N LEU B 188 34.69 35.48 -1.14
CA LEU B 188 36.07 35.39 -1.60
C LEU B 188 36.18 35.09 -3.09
N CYS B 189 35.26 34.28 -3.63
CA CYS B 189 35.34 33.98 -5.05
C CYS B 189 35.16 35.23 -5.91
N LYS B 190 34.21 36.09 -5.55
CA LYS B 190 33.99 37.33 -6.27
C LYS B 190 35.19 38.27 -6.15
N ALA B 191 35.77 38.41 -4.96
CA ALA B 191 36.94 39.26 -4.80
C ALA B 191 38.13 38.70 -5.58
N LEU B 192 38.26 37.38 -5.64
CA LEU B 192 39.28 36.78 -6.49
C LEU B 192 39.06 37.16 -7.95
N ALA B 193 37.81 37.04 -8.42
CA ALA B 193 37.51 37.51 -9.77
C ALA B 193 37.97 38.94 -9.97
N GLN B 194 37.64 39.80 -9.00
CA GLN B 194 38.04 41.20 -9.08
C GLN B 194 39.55 41.34 -9.25
N LYS B 195 40.32 40.92 -8.24
CA LYS B 195 41.74 41.24 -8.28
C LYS B 195 42.47 40.49 -9.39
N LEU B 196 42.03 39.30 -9.76
CA LEU B 196 42.64 38.64 -10.91
C LEU B 196 42.36 39.39 -12.20
N THR B 197 41.14 39.90 -12.39
CA THR B 197 40.88 40.69 -13.58
C THR B 197 41.65 42.00 -13.56
N ILE B 198 41.90 42.55 -12.37
CA ILE B 198 42.71 43.76 -12.26
C ILE B 198 44.16 43.46 -12.60
N ARG B 199 44.72 42.38 -12.05
CA ARG B 199 46.14 42.12 -12.17
C ARG B 199 46.51 41.61 -13.56
N LEU B 200 45.69 40.73 -14.13
CA LEU B 200 45.93 40.19 -15.46
C LEU B 200 45.43 41.12 -16.56
N SER B 201 45.17 42.39 -16.22
CA SER B 201 44.72 43.35 -17.22
C SER B 201 45.78 43.57 -18.29
N SER B 202 47.06 43.60 -17.90
CA SER B 202 48.13 43.72 -18.87
C SER B 202 48.19 42.53 -19.82
N ARG B 203 47.71 41.37 -19.40
CA ARG B 203 47.76 40.18 -20.23
C ARG B 203 46.41 39.87 -20.85
N TYR B 204 45.33 40.16 -20.13
CA TYR B 204 43.97 39.90 -20.60
C TYR B 204 43.15 41.18 -20.51
N ARG B 205 42.45 41.52 -21.60
CA ARG B 205 41.74 42.81 -21.61
C ARG B 205 40.55 42.80 -20.64
N TYR B 206 39.71 41.76 -20.67
CA TYR B 206 38.58 41.74 -19.76
C TYR B 206 38.46 40.36 -19.11
N GLY B 207 37.95 40.36 -17.87
CA GLY B 207 37.56 39.13 -17.21
C GLY B 207 36.07 38.91 -17.30
N GLN B 208 35.62 37.84 -16.63
CA GLN B 208 34.21 37.49 -16.56
C GLN B 208 33.92 36.89 -15.20
N LEU B 209 32.69 36.42 -15.03
CA LEU B 209 32.30 35.66 -13.84
C LEU B 209 30.93 35.08 -14.12
N ILE B 210 30.73 33.80 -13.79
CA ILE B 210 29.46 33.13 -14.01
C ILE B 210 29.06 32.42 -12.72
N GLU B 211 28.20 33.07 -11.94
CA GLU B 211 27.65 32.46 -10.72
C GLU B 211 26.49 31.57 -11.14
N ILE B 212 26.79 30.27 -11.33
CA ILE B 212 25.78 29.33 -11.77
C ILE B 212 24.76 29.12 -10.67
N ASN B 213 23.48 29.14 -11.04
CA ASN B 213 22.39 28.93 -10.10
C ASN B 213 22.05 27.43 -10.09
N SER B 214 22.45 26.74 -9.03
CA SER B 214 22.35 25.29 -8.97
C SER B 214 20.90 24.78 -8.99
N HIS B 215 19.99 25.45 -8.29
CA HIS B 215 18.61 24.97 -8.17
C HIS B 215 17.83 25.06 -9.47
N SER B 216 18.28 25.87 -10.43
CA SER B 216 17.58 26.04 -11.70
C SER B 216 18.13 25.14 -12.79
N LEU B 217 18.66 23.97 -12.43
CA LEU B 217 19.23 23.05 -13.40
C LEU B 217 18.43 21.76 -13.56
N PHE B 218 17.73 21.31 -12.54
CA PHE B 218 16.94 20.10 -12.56
C PHE B 218 15.57 20.40 -13.17
N SER B 219 14.69 19.39 -13.15
CA SER B 219 13.41 19.50 -13.84
C SER B 219 12.43 18.51 -13.22
N LYS B 220 11.14 18.81 -13.37
CA LYS B 220 10.13 17.88 -12.90
C LYS B 220 10.10 16.63 -13.77
N TRP B 221 10.10 16.79 -15.09
CA TRP B 221 10.30 15.65 -15.98
C TRP B 221 11.67 15.05 -15.71
N PHE B 222 11.77 13.73 -15.82
CA PHE B 222 13.07 13.11 -15.65
C PHE B 222 13.82 13.15 -16.97
N SER B 223 15.13 12.94 -16.92
CA SER B 223 16.05 12.90 -18.06
C SER B 223 16.22 14.28 -18.69
N GLU B 224 15.68 15.34 -18.08
CA GLU B 224 15.91 16.68 -18.59
C GLU B 224 17.01 17.40 -17.82
N SER B 225 17.33 16.96 -16.61
CA SER B 225 18.47 17.53 -15.89
C SER B 225 19.78 17.29 -16.64
N GLY B 226 19.96 16.08 -17.18
CA GLY B 226 21.13 15.82 -18.00
C GLY B 226 21.17 16.68 -19.25
N LYS B 227 20.02 16.87 -19.90
CA LYS B 227 19.95 17.74 -21.07
C LYS B 227 20.27 19.19 -20.72
N LEU B 228 19.87 19.66 -19.54
CA LEU B 228 20.12 21.04 -19.16
C LEU B 228 21.56 21.29 -18.72
N VAL B 229 22.18 20.33 -18.02
CA VAL B 229 23.54 20.55 -17.53
C VAL B 229 24.52 20.66 -18.69
N THR B 230 24.33 19.84 -19.73
CA THR B 230 25.25 19.89 -20.85
C THR B 230 25.07 21.18 -21.65
N LYS B 231 23.83 21.67 -21.76
CA LYS B 231 23.61 22.96 -22.41
C LYS B 231 24.23 24.08 -21.60
N MET B 232 24.11 24.04 -20.28
CA MET B 232 24.69 25.08 -19.44
C MET B 232 26.20 25.13 -19.59
N PHE B 233 26.86 23.97 -19.47
CA PHE B 233 28.31 24.00 -19.56
C PHE B 233 28.78 24.21 -21.00
N GLN B 234 27.93 23.90 -21.99
CA GLN B 234 28.26 24.21 -23.37
C GLN B 234 28.23 25.73 -23.58
N LYS B 235 27.26 26.40 -22.98
CA LYS B 235 27.24 27.87 -22.97
C LYS B 235 28.49 28.42 -22.28
N ILE B 236 28.91 27.78 -21.19
CA ILE B 236 30.14 28.21 -20.52
C ILE B 236 31.33 28.08 -21.48
N GLN B 237 31.40 26.98 -22.22
CA GLN B 237 32.49 26.80 -23.18
C GLN B 237 32.44 27.87 -24.27
N ASP B 238 31.24 28.16 -24.78
CA ASP B 238 31.10 29.25 -25.75
C ASP B 238 31.65 30.56 -25.19
N LEU B 239 31.28 30.89 -23.96
CA LEU B 239 31.79 32.10 -23.33
C LEU B 239 33.30 32.05 -23.14
N ILE B 240 33.87 30.85 -23.03
CA ILE B 240 35.29 30.70 -22.75
C ILE B 240 36.13 30.74 -24.02
N ASP B 241 35.49 30.55 -25.19
CA ASP B 241 36.22 30.30 -26.44
C ASP B 241 37.25 31.37 -26.75
N ASP B 242 36.99 32.62 -26.38
CA ASP B 242 37.97 33.68 -26.58
C ASP B 242 39.15 33.38 -25.65
N LYS B 243 40.27 32.94 -26.24
CA LYS B 243 41.39 32.46 -25.44
C LYS B 243 41.98 33.52 -24.56
N ASP B 244 41.71 34.79 -24.83
CA ASP B 244 42.13 35.88 -23.96
C ASP B 244 41.11 36.12 -22.84
N ALA B 245 39.84 35.89 -23.10
CA ALA B 245 38.77 36.19 -22.14
C ALA B 245 38.88 35.29 -20.93
N LEU B 246 39.14 35.90 -19.79
CA LEU B 246 39.28 35.21 -18.52
C LEU B 246 37.90 34.90 -17.97
N VAL B 247 37.72 33.66 -17.48
CA VAL B 247 36.44 33.19 -17.00
C VAL B 247 36.66 32.44 -15.70
N PHE B 248 35.96 32.87 -14.64
CA PHE B 248 35.90 32.12 -13.39
C PHE B 248 34.47 31.66 -13.15
N VAL B 249 34.20 30.39 -13.37
CA VAL B 249 32.93 29.80 -12.98
C VAL B 249 32.86 29.74 -11.47
N LEU B 250 31.70 30.05 -10.91
CA LEU B 250 31.49 30.10 -9.47
C LEU B 250 30.28 29.25 -9.15
N ILE B 251 30.50 28.16 -8.42
CA ILE B 251 29.43 27.27 -8.00
C ILE B 251 29.35 27.37 -6.48
N ASP B 252 28.46 28.22 -5.99
CA ASP B 252 28.51 28.61 -4.59
C ASP B 252 27.97 27.55 -3.65
N GLN B 253 27.15 26.63 -4.17
CA GLN B 253 26.44 25.68 -3.32
C GLN B 253 26.54 24.28 -3.91
N VAL B 254 27.76 23.83 -4.20
CA VAL B 254 28.01 22.54 -4.82
C VAL B 254 27.33 21.40 -4.08
N GLU B 255 27.24 21.49 -2.74
CA GLU B 255 26.55 20.43 -2.02
C GLU B 255 25.07 20.37 -2.36
N SER B 256 24.52 21.41 -2.97
CA SER B 256 23.18 21.36 -3.55
C SER B 256 23.23 20.91 -5.00
N LEU B 257 24.41 20.67 -5.55
CA LEU B 257 24.59 20.24 -6.93
C LEU B 257 25.26 18.88 -7.03
N THR B 258 26.14 18.55 -6.11
CA THR B 258 26.78 17.25 -6.03
C THR B 258 26.28 16.56 -4.77
N ALA B 259 25.16 15.85 -4.88
CA ALA B 259 24.67 15.04 -3.78
C ALA B 259 25.54 13.80 -3.64
N ALA B 260 25.72 13.36 -2.39
CA ALA B 260 26.49 12.16 -2.12
C ALA B 260 25.99 11.02 -2.98
N ARG B 261 26.86 10.53 -3.87
CA ARG B 261 26.41 9.64 -4.93
C ARG B 261 25.89 8.31 -4.42
N ASN B 262 26.49 7.77 -3.36
CA ASN B 262 26.00 6.52 -2.79
C ASN B 262 24.90 6.77 -1.76
N ALA B 263 25.08 7.77 -0.90
CA ALA B 263 24.07 8.08 0.11
C ALA B 263 22.74 8.49 -0.51
N CYS B 264 22.76 9.30 -1.57
CA CYS B 264 21.52 9.69 -2.24
C CYS B 264 20.98 8.61 -3.15
N ARG B 265 21.45 7.38 -3.01
CA ARG B 265 20.86 6.23 -3.68
C ARG B 265 20.12 5.30 -2.74
N ALA B 266 20.42 5.30 -1.45
CA ALA B 266 19.65 4.57 -0.45
C ALA B 266 18.42 5.38 -0.09
N GLY B 267 17.25 4.76 -0.17
CA GLY B 267 16.02 5.51 -0.05
C GLY B 267 15.77 6.30 -1.31
N THR B 268 15.50 5.57 -2.39
CA THR B 268 15.63 6.07 -3.76
C THR B 268 15.13 7.50 -3.94
N GLU B 269 15.97 8.31 -4.58
CA GLU B 269 15.60 9.56 -5.22
C GLU B 269 15.13 9.20 -6.63
N PRO B 270 14.69 10.15 -7.45
CA PRO B 270 14.40 9.82 -8.85
C PRO B 270 15.66 9.42 -9.60
N SER B 271 15.51 9.11 -10.89
CA SER B 271 16.65 8.65 -11.68
C SER B 271 17.75 9.70 -11.73
N ASP B 272 17.38 10.97 -11.94
CA ASP B 272 18.36 12.02 -12.16
C ASP B 272 18.78 12.73 -10.89
N ALA B 273 19.26 11.97 -9.89
CA ALA B 273 19.83 12.54 -8.68
C ALA B 273 21.32 12.28 -8.61
N ILE B 274 21.75 11.05 -8.90
CA ILE B 274 23.17 10.74 -9.03
C ILE B 274 23.47 10.54 -10.51
N ARG B 275 22.60 11.09 -11.36
CA ARG B 275 22.81 11.14 -12.79
C ARG B 275 23.19 12.53 -13.26
N VAL B 276 23.22 13.51 -12.36
CA VAL B 276 23.75 14.84 -12.65
C VAL B 276 25.16 15.00 -12.10
N VAL B 277 25.48 14.30 -11.01
CA VAL B 277 26.83 14.35 -10.46
C VAL B 277 27.83 13.82 -11.48
N ASN B 278 27.51 12.71 -12.14
CA ASN B 278 28.41 12.14 -13.12
C ASN B 278 28.64 13.08 -14.29
N ALA B 279 27.57 13.70 -14.81
CA ALA B 279 27.73 14.63 -15.92
C ALA B 279 28.54 15.85 -15.51
N VAL B 280 28.29 16.36 -14.30
CA VAL B 280 29.08 17.48 -13.81
C VAL B 280 30.55 17.10 -13.75
N LEU B 281 30.85 15.93 -13.19
CA LEU B 281 32.24 15.49 -13.09
C LEU B 281 32.88 15.34 -14.46
N THR B 282 32.14 14.77 -15.41
CA THR B 282 32.68 14.58 -16.75
C THR B 282 33.01 15.92 -17.41
N GLN B 283 32.12 16.90 -17.28
CA GLN B 283 32.39 18.20 -17.88
C GLN B 283 33.53 18.94 -17.20
N ILE B 284 33.64 18.82 -15.87
CA ILE B 284 34.80 19.45 -15.21
C ILE B 284 36.09 18.79 -15.65
N ASP B 285 36.13 17.45 -15.71
CA ASP B 285 37.32 16.79 -16.21
C ASP B 285 37.60 17.14 -17.66
N GLN B 286 36.57 17.48 -18.43
CA GLN B 286 36.78 17.96 -19.80
C GLN B 286 37.35 19.38 -19.84
N ILE B 287 36.96 20.23 -18.90
CA ILE B 287 37.31 21.65 -18.98
C ILE B 287 38.79 21.87 -18.74
N LYS B 288 39.49 20.88 -18.18
CA LYS B 288 40.89 21.04 -17.79
C LYS B 288 41.80 21.40 -18.95
N ARG B 289 41.43 21.03 -20.18
CA ARG B 289 42.29 21.27 -21.34
C ARG B 289 42.09 22.65 -21.95
N HIS B 290 41.59 23.61 -21.18
CA HIS B 290 41.46 24.98 -21.63
C HIS B 290 42.26 25.90 -20.71
N SER B 291 42.97 26.84 -21.32
CA SER B 291 44.03 27.56 -20.62
C SER B 291 43.49 28.56 -19.61
N ASN B 292 42.30 29.11 -19.83
CA ASN B 292 41.79 30.22 -19.02
C ASN B 292 40.49 29.84 -18.31
N VAL B 293 40.64 29.09 -17.23
CA VAL B 293 39.49 28.65 -16.44
C VAL B 293 39.92 28.53 -14.99
N VAL B 294 39.07 28.99 -14.08
CA VAL B 294 39.13 28.61 -12.68
C VAL B 294 37.71 28.22 -12.30
N ILE B 295 37.58 27.36 -11.29
CA ILE B 295 36.28 26.89 -10.83
C ILE B 295 36.27 27.03 -9.33
N LEU B 296 35.75 28.14 -8.83
CA LEU B 296 35.68 28.40 -7.41
C LEU B 296 34.39 27.83 -6.84
N THR B 297 34.51 27.02 -5.80
CA THR B 297 33.36 26.39 -5.18
C THR B 297 33.48 26.52 -3.68
N THR B 298 32.32 26.60 -3.02
CA THR B 298 32.25 26.76 -1.58
C THR B 298 31.32 25.72 -1.00
N SER B 299 31.50 25.43 0.28
CA SER B 299 30.67 24.44 0.94
C SER B 299 30.72 24.66 2.44
N ASN B 300 29.55 24.84 3.04
CA ASN B 300 29.42 24.80 4.49
C ASN B 300 29.43 23.38 5.03
N ILE B 301 28.83 22.44 4.30
CA ILE B 301 28.79 21.05 4.73
C ILE B 301 29.76 20.26 3.87
N THR B 302 30.73 19.62 4.53
CA THR B 302 31.71 18.80 3.82
C THR B 302 31.32 17.32 3.83
N GLU B 303 30.68 16.87 4.91
CA GLU B 303 30.34 15.46 5.05
C GLU B 303 29.32 14.99 4.03
N LYS B 304 28.82 15.88 3.17
CA LYS B 304 27.74 15.55 2.26
C LYS B 304 28.07 15.84 0.81
N ILE B 305 29.27 16.34 0.50
CA ILE B 305 29.52 16.76 -0.87
C ILE B 305 29.69 15.56 -1.78
N ASP B 306 30.79 14.82 -1.60
CA ASP B 306 31.08 13.66 -2.44
C ASP B 306 32.36 12.99 -1.99
N VAL B 307 32.76 11.93 -2.68
CA VAL B 307 34.07 11.34 -2.50
C VAL B 307 34.86 11.52 -3.78
N ALA B 308 34.15 11.65 -4.90
CA ALA B 308 34.79 11.91 -6.18
C ALA B 308 35.09 13.38 -6.42
N PHE B 309 34.50 14.27 -5.64
CA PHE B 309 34.76 15.71 -5.72
C PHE B 309 35.74 16.21 -4.68
N VAL B 310 35.53 15.86 -3.41
CA VAL B 310 36.33 16.38 -2.31
C VAL B 310 37.79 15.98 -2.47
N ASP B 311 38.09 15.18 -3.50
CA ASP B 311 39.47 14.86 -3.84
C ASP B 311 39.88 15.37 -5.21
N ARG B 312 38.95 15.98 -5.94
CA ARG B 312 39.24 16.52 -7.26
C ARG B 312 39.64 18.00 -7.21
N ALA B 313 39.59 18.60 -6.03
CA ALA B 313 39.95 20.00 -5.86
C ALA B 313 41.42 20.13 -5.48
N ASP B 314 42.11 21.11 -6.07
CA ASP B 314 43.53 21.31 -5.76
C ASP B 314 43.71 21.78 -4.33
N ILE B 315 43.20 22.97 -4.02
CA ILE B 315 43.39 23.60 -2.72
C ILE B 315 42.08 23.46 -1.96
N LYS B 316 41.97 22.41 -1.15
CA LYS B 316 40.79 22.21 -0.31
C LYS B 316 40.97 23.10 0.92
N GLN B 317 40.99 24.40 0.66
CA GLN B 317 41.42 25.39 1.64
C GLN B 317 40.36 25.52 2.73
N TYR B 318 40.80 25.55 3.98
CA TYR B 318 39.90 25.64 5.12
C TYR B 318 40.01 27.02 5.75
N ILE B 319 38.89 27.75 5.80
CA ILE B 319 38.84 29.10 6.34
C ILE B 319 37.98 29.07 7.58
N GLY B 320 38.54 29.47 8.72
CA GLY B 320 37.82 29.48 9.96
C GLY B 320 37.59 30.89 10.48
N PRO B 321 37.12 30.99 11.73
CA PRO B 321 36.96 32.30 12.33
C PRO B 321 38.30 33.02 12.41
N PRO B 322 38.32 34.32 12.16
CA PRO B 322 39.58 35.07 12.21
C PRO B 322 40.15 35.14 13.62
N SER B 323 41.47 35.35 13.67
CA SER B 323 42.20 35.39 14.93
C SER B 323 42.22 36.83 15.48
N ALA B 324 43.02 37.06 16.51
CA ALA B 324 42.99 38.35 17.21
C ALA B 324 43.50 39.48 16.32
N ALA B 325 44.52 39.23 15.50
CA ALA B 325 45.04 40.29 14.65
C ALA B 325 44.06 40.62 13.51
N ALA B 326 43.50 39.59 12.89
CA ALA B 326 42.50 39.83 11.85
C ALA B 326 41.28 40.55 12.42
N ILE B 327 40.85 40.17 13.62
CA ILE B 327 39.72 40.83 14.26
C ILE B 327 40.05 42.28 14.56
N PHE B 328 41.29 42.54 15.01
CA PHE B 328 41.73 43.92 15.23
C PHE B 328 41.65 44.73 13.95
N LYS B 329 42.11 44.17 12.83
CA LYS B 329 42.04 44.92 11.57
C LYS B 329 40.59 45.14 11.15
N ILE B 330 39.72 44.16 11.40
CA ILE B 330 38.30 44.29 11.09
C ILE B 330 37.71 45.47 11.85
N TYR B 331 37.94 45.51 13.16
CA TYR B 331 37.38 46.59 13.98
C TYR B 331 38.01 47.92 13.64
N LEU B 332 39.29 47.93 13.24
CA LEU B 332 39.91 49.17 12.79
C LEU B 332 39.18 49.71 11.56
N SER B 333 38.91 48.84 10.59
CA SER B 333 38.16 49.29 9.42
C SER B 333 36.78 49.80 9.79
N CYS B 334 36.09 49.10 10.68
CA CYS B 334 34.75 49.53 11.08
C CYS B 334 34.77 50.89 11.76
N LEU B 335 35.66 51.07 12.74
CA LEU B 335 35.72 52.33 13.47
C LEU B 335 36.15 53.47 12.56
N GLU B 336 37.07 53.21 11.64
CA GLU B 336 37.45 54.24 10.67
C GLU B 336 36.25 54.64 9.83
N GLU B 337 35.45 53.66 9.39
CA GLU B 337 34.31 54.00 8.54
C GLU B 337 33.30 54.84 9.32
N LEU B 338 33.05 54.46 10.58
CA LEU B 338 32.11 55.23 11.39
C LEU B 338 32.63 56.63 11.69
N MET B 339 33.95 56.79 11.81
CA MET B 339 34.52 58.12 11.89
C MET B 339 34.30 58.91 10.60
N LYS B 340 34.34 58.22 9.46
CA LYS B 340 34.14 58.90 8.18
C LYS B 340 32.72 59.40 8.02
N CYS B 341 31.73 58.55 8.30
CA CYS B 341 30.33 58.91 8.07
C CYS B 341 29.74 59.77 9.18
N GLN B 342 30.52 60.12 10.19
CA GLN B 342 30.13 61.02 11.28
C GLN B 342 29.07 60.43 12.20
N ILE B 343 28.87 59.11 12.17
CA ILE B 343 28.10 58.47 13.24
C ILE B 343 28.75 58.75 14.58
N ILE B 344 30.07 58.91 14.59
CA ILE B 344 30.83 59.24 15.78
C ILE B 344 31.42 60.63 15.56
N TYR B 345 31.25 61.53 16.53
CA TYR B 345 31.57 62.93 16.29
C TYR B 345 33.07 63.19 16.17
N PRO B 346 33.88 62.99 17.22
CA PRO B 346 35.27 63.47 17.13
C PRO B 346 36.19 62.45 16.48
N ARG B 347 36.84 62.85 15.39
CA ARG B 347 37.84 61.98 14.77
C ARG B 347 39.02 61.80 15.70
N GLN B 348 39.51 60.57 15.81
CA GLN B 348 40.70 60.24 16.58
C GLN B 348 41.64 59.43 15.70
N GLN B 349 42.72 58.96 16.31
CA GLN B 349 43.71 58.12 15.62
C GLN B 349 43.86 56.83 16.41
N LEU B 350 43.78 55.71 15.71
CA LEU B 350 43.98 54.40 16.32
C LEU B 350 45.23 53.76 15.72
N LEU B 351 46.17 53.40 16.59
CA LEU B 351 47.41 52.79 16.14
C LEU B 351 47.18 51.31 15.89
N THR B 352 47.60 50.82 14.72
CA THR B 352 47.44 49.41 14.41
C THR B 352 48.37 48.59 15.29
N LEU B 353 48.29 47.27 15.14
CA LEU B 353 49.02 46.37 16.01
C LEU B 353 50.53 46.55 15.86
N ARG B 354 51.01 46.70 14.63
CA ARG B 354 52.45 46.74 14.42
C ARG B 354 53.07 48.01 14.95
N GLU B 355 52.29 49.10 15.06
CA GLU B 355 52.75 50.25 15.81
C GLU B 355 52.64 50.03 17.30
N LEU B 356 51.61 49.31 17.74
CA LEU B 356 51.45 49.01 19.16
C LEU B 356 52.59 48.15 19.70
N GLU B 357 53.25 47.37 18.83
CA GLU B 357 54.43 46.64 19.26
C GLU B 357 55.55 47.58 19.67
N MET B 358 55.86 48.55 18.81
CA MET B 358 57.00 49.43 19.05
C MET B 358 56.77 50.42 20.18
N ILE B 359 55.52 50.78 20.48
CA ILE B 359 55.27 51.81 21.48
C ILE B 359 55.65 51.30 22.88
N GLY B 360 55.81 50.00 23.04
CA GLY B 360 56.09 49.42 24.34
C GLY B 360 54.89 49.15 25.20
N PHE B 361 53.67 49.32 24.65
CA PHE B 361 52.43 49.01 25.36
C PHE B 361 52.33 49.79 26.66
N ILE B 362 52.87 51.02 26.65
CA ILE B 362 52.85 51.87 27.83
C ILE B 362 51.47 52.51 27.97
N GLU B 363 51.19 53.06 29.15
CA GLU B 363 49.90 53.67 29.46
C GLU B 363 50.00 55.19 29.45
N ASN B 364 50.78 55.75 28.52
CA ASN B 364 51.07 57.18 28.53
C ASN B 364 50.04 57.92 27.67
N ASN B 365 48.77 57.56 27.87
CA ASN B 365 47.63 58.32 27.37
C ASN B 365 47.66 58.60 25.87
N VAL B 366 48.26 57.70 25.08
CA VAL B 366 48.27 57.89 23.63
C VAL B 366 47.66 56.68 22.93
N SER B 367 47.77 55.50 23.56
CA SER B 367 47.30 54.27 22.93
C SER B 367 46.54 53.35 23.85
N LYS B 368 45.87 53.87 24.88
CA LYS B 368 45.03 53.00 25.71
C LYS B 368 43.75 52.62 24.99
N LEU B 369 43.30 53.46 24.05
CA LEU B 369 42.11 53.14 23.26
C LEU B 369 42.36 51.92 22.39
N SER B 370 43.49 51.89 21.69
CA SER B 370 43.85 50.72 20.90
C SER B 370 44.05 49.51 21.80
N LEU B 371 44.49 49.71 23.04
CA LEU B 371 44.64 48.59 23.97
C LEU B 371 43.28 48.01 24.34
N LEU B 372 42.29 48.87 24.61
CA LEU B 372 40.95 48.38 24.89
C LEU B 372 40.38 47.67 23.67
N LEU B 373 40.62 48.21 22.48
CA LEU B 373 40.17 47.55 21.26
C LEU B 373 40.85 46.18 21.11
N ASN B 374 42.11 46.09 21.50
CA ASN B 374 42.81 44.80 21.48
C ASN B 374 42.21 43.83 22.48
N ASP B 375 41.81 44.32 23.65
CA ASP B 375 41.14 43.46 24.63
C ASP B 375 39.84 42.91 24.05
N ILE B 376 39.07 43.77 23.38
CA ILE B 376 37.84 43.31 22.73
C ILE B 376 38.17 42.29 21.66
N SER B 377 39.22 42.53 20.87
CA SER B 377 39.67 41.57 19.87
C SER B 377 40.03 40.24 20.51
N ARG B 378 40.60 40.29 21.73
CA ARG B 378 40.97 39.08 22.44
C ARG B 378 39.73 38.29 22.85
N LYS B 379 38.77 38.96 23.46
CA LYS B 379 37.58 38.29 23.98
C LYS B 379 36.58 37.93 22.89
N SER B 380 36.75 38.46 21.68
CA SER B 380 35.82 38.21 20.58
C SER B 380 36.28 37.05 19.71
N GLU B 381 37.00 36.09 20.29
CA GLU B 381 37.51 34.97 19.54
C GLU B 381 36.42 33.96 19.24
N GLY B 382 36.48 33.37 18.04
CA GLY B 382 35.56 32.32 17.65
C GLY B 382 34.35 32.78 16.88
N LEU B 383 34.03 34.06 16.88
CA LEU B 383 32.89 34.56 16.15
C LEU B 383 33.09 34.37 14.66
N SER B 384 31.97 34.23 13.93
CA SER B 384 32.02 33.75 12.56
C SER B 384 32.73 34.73 11.62
N GLY B 385 32.96 35.96 12.05
CA GLY B 385 33.55 36.97 11.18
C GLY B 385 32.56 37.70 10.31
N ARG B 386 31.34 37.18 10.17
CA ARG B 386 30.22 37.96 9.68
C ARG B 386 29.55 38.72 10.81
N VAL B 387 29.39 38.07 11.97
CA VAL B 387 28.94 38.77 13.16
C VAL B 387 29.92 39.87 13.52
N LEU B 388 31.18 39.75 13.09
CA LEU B 388 32.20 40.69 13.51
C LEU B 388 32.03 42.04 12.85
N ARG B 389 31.54 42.07 11.61
CA ARG B 389 31.15 43.31 10.96
C ARG B 389 29.80 43.83 11.46
N LYS B 390 28.88 42.93 11.78
CA LYS B 390 27.57 43.30 12.30
C LYS B 390 27.68 44.02 13.64
N LEU B 391 28.63 43.60 14.47
CA LEU B 391 28.65 43.98 15.87
C LEU B 391 28.66 45.48 16.16
N PRO B 392 29.39 46.33 15.43
CA PRO B 392 29.29 47.78 15.73
C PRO B 392 27.87 48.31 15.60
N PHE B 393 27.16 47.89 14.54
CA PHE B 393 25.79 48.35 14.33
C PHE B 393 24.87 47.87 15.45
N LEU B 394 24.97 46.59 15.82
CA LEU B 394 24.17 46.07 16.92
C LEU B 394 24.47 46.79 18.22
N ALA B 395 25.76 47.00 18.51
CA ALA B 395 26.13 47.68 19.74
C ALA B 395 25.53 49.07 19.78
N HIS B 396 25.69 49.82 18.68
CA HIS B 396 25.17 51.18 18.65
C HIS B 396 23.66 51.17 18.88
N ALA B 397 22.95 50.37 18.07
CA ALA B 397 21.50 50.27 18.17
C ALA B 397 21.05 49.98 19.60
N LEU B 398 21.50 48.86 20.14
CA LEU B 398 20.94 48.40 21.41
C LEU B 398 21.36 49.29 22.58
N TYR B 399 22.67 49.58 22.71
CA TYR B 399 23.14 50.19 23.94
C TYR B 399 23.57 51.64 23.83
N VAL B 400 23.30 52.34 22.72
CA VAL B 400 23.70 53.74 22.63
C VAL B 400 22.52 54.69 22.71
N GLN B 401 21.44 54.38 22.01
CA GLN B 401 20.19 55.17 21.99
C GLN B 401 20.44 56.67 21.86
N ALA B 402 21.46 57.00 21.06
CA ALA B 402 21.81 58.39 20.78
C ALA B 402 22.26 58.46 19.33
N PRO B 403 22.21 59.62 18.69
CA PRO B 403 22.65 59.72 17.29
C PRO B 403 24.09 60.14 17.09
N THR B 404 24.86 60.33 18.16
CA THR B 404 26.22 60.86 18.05
C THR B 404 26.95 60.58 19.35
N VAL B 405 28.19 60.07 19.26
CA VAL B 405 28.91 59.60 20.43
C VAL B 405 30.40 59.90 20.34
N THR B 406 31.06 59.75 21.47
CA THR B 406 32.51 59.74 21.57
C THR B 406 33.03 58.32 21.29
N ILE B 407 34.32 58.09 21.52
CA ILE B 407 34.96 56.83 21.14
C ILE B 407 34.89 55.80 22.25
N GLU B 408 35.17 56.19 23.51
CA GLU B 408 35.21 55.21 24.58
C GLU B 408 33.82 54.64 24.88
N GLY B 409 32.79 55.46 24.74
CA GLY B 409 31.43 54.94 24.87
C GLY B 409 31.14 53.87 23.85
N PHE B 410 31.51 54.11 22.59
CA PHE B 410 31.26 53.12 21.56
C PHE B 410 32.08 51.85 21.80
N LEU B 411 33.31 51.98 22.31
CA LEU B 411 34.09 50.79 22.63
C LEU B 411 33.44 49.96 23.72
N GLN B 412 33.01 50.60 24.82
CA GLN B 412 32.40 49.82 25.90
C GLN B 412 31.06 49.24 25.45
N ALA B 413 30.36 49.94 24.56
CA ALA B 413 29.14 49.39 23.99
C ALA B 413 29.44 48.15 23.15
N LEU B 414 30.54 48.19 22.40
CA LEU B 414 30.93 47.01 21.61
C LEU B 414 31.29 45.85 22.54
N SER B 415 31.92 46.15 23.67
CA SER B 415 32.19 45.10 24.66
C SER B 415 30.89 44.48 25.18
N LEU B 416 29.91 45.33 25.49
CA LEU B 416 28.60 44.82 25.91
C LEU B 416 27.99 43.97 24.81
N ALA B 417 28.15 44.39 23.54
CA ALA B 417 27.57 43.65 22.43
C ALA B 417 28.20 42.28 22.27
N VAL B 418 29.53 42.17 22.40
CA VAL B 418 30.16 40.85 22.25
C VAL B 418 29.76 39.95 23.41
N ASP B 419 29.67 40.53 24.62
CA ASP B 419 29.19 39.73 25.75
C ASP B 419 27.77 39.23 25.50
N LYS B 420 26.89 40.09 24.98
CA LYS B 420 25.51 39.68 24.76
C LYS B 420 25.42 38.67 23.62
N GLN B 421 26.32 38.76 22.64
CA GLN B 421 26.37 37.73 21.61
C GLN B 421 26.77 36.39 22.19
N PHE B 422 27.71 36.39 23.14
CA PHE B 422 28.03 35.16 23.87
C PHE B 422 26.82 34.62 24.62
N GLU B 423 26.08 35.51 25.30
CA GLU B 423 24.90 35.06 26.03
C GLU B 423 23.85 34.48 25.07
N GLU B 424 23.65 35.12 23.92
CA GLU B 424 22.70 34.60 22.94
C GLU B 424 23.14 33.25 22.40
N ARG B 425 24.44 33.05 22.23
CA ARG B 425 24.91 31.73 21.80
C ARG B 425 24.67 30.69 22.89
N LYS B 426 24.87 31.07 24.15
CA LYS B 426 24.65 30.14 25.26
C LYS B 426 23.19 29.75 25.39
N LYS B 427 22.27 30.72 25.39
CA LYS B 427 20.87 30.44 25.63
C LYS B 427 20.20 29.66 24.52
N LEU B 428 20.77 29.66 23.31
CA LEU B 428 20.22 28.91 22.20
C LEU B 428 20.67 27.46 22.17
N ALA B 429 21.64 27.11 23.01
CA ALA B 429 22.17 25.74 23.09
C ALA B 429 22.65 25.25 21.72
N PRO C 19 13.67 64.24 27.21
CA PRO C 19 12.66 63.22 27.51
C PRO C 19 11.42 63.34 26.62
N THR C 20 11.47 62.71 25.45
CA THR C 20 10.36 62.76 24.51
C THR C 20 9.34 61.66 24.84
N VAL C 21 8.06 62.01 24.76
CA VAL C 21 6.97 61.09 25.05
C VAL C 21 5.98 61.11 23.88
N HIS C 22 5.60 59.92 23.42
CA HIS C 22 4.84 59.76 22.20
C HIS C 22 3.34 59.78 22.45
N VAL C 23 2.58 60.13 21.42
CA VAL C 23 1.12 60.16 21.48
C VAL C 23 0.54 59.58 20.19
N GLU C 24 -0.36 58.61 20.34
CA GLU C 24 -1.09 58.05 19.21
C GLU C 24 -2.55 58.48 19.29
N VAL C 25 -3.11 58.89 18.15
CA VAL C 25 -4.47 59.36 18.05
C VAL C 25 -5.19 58.52 17.00
N HIS C 26 -6.25 57.85 17.43
CA HIS C 26 -7.07 57.05 16.54
C HIS C 26 -8.16 57.92 15.91
N GLN C 27 -8.13 58.00 14.59
CA GLN C 27 -9.06 58.79 13.80
C GLN C 27 -9.98 57.83 13.06
N ARG C 28 -11.29 58.00 13.22
CA ARG C 28 -12.21 56.97 12.73
C ARG C 28 -12.20 56.91 11.21
N GLY C 29 -12.71 55.79 10.68
CA GLY C 29 -12.90 55.69 9.25
C GLY C 29 -14.04 56.55 8.76
N SER C 30 -15.00 56.84 9.65
CA SER C 30 -16.11 57.74 9.30
C SER C 30 -15.62 59.16 9.03
N SER C 31 -14.73 59.67 9.88
CA SER C 31 -14.24 61.03 9.71
C SER C 31 -13.50 61.19 8.39
N THR C 32 -13.50 62.41 7.89
CA THR C 32 -12.91 62.70 6.59
C THR C 32 -12.03 63.95 6.62
N ALA C 33 -12.01 64.68 7.74
CA ALA C 33 -11.16 65.86 7.87
C ALA C 33 -9.71 65.51 7.54
N LYS C 34 -9.08 66.38 6.75
CA LYS C 34 -7.75 66.10 6.24
C LYS C 34 -6.74 65.94 7.37
N LYS C 35 -5.56 65.44 7.01
CA LYS C 35 -4.55 65.10 8.00
C LYS C 35 -4.18 66.31 8.86
N GLU C 36 -3.56 67.32 8.24
CA GLU C 36 -2.97 68.44 8.98
C GLU C 36 -4.03 69.21 9.78
N ASP C 37 -5.27 69.21 9.29
CA ASP C 37 -6.35 69.84 10.06
C ASP C 37 -6.49 69.17 11.42
N ILE C 38 -6.44 67.83 11.45
CA ILE C 38 -6.56 67.14 12.72
C ILE C 38 -5.25 67.19 13.50
N ASN C 39 -4.11 67.31 12.81
CA ASN C 39 -2.88 67.63 13.55
C ASN C 39 -3.05 68.91 14.36
N LEU C 40 -3.49 70.00 13.72
CA LEU C 40 -3.64 71.26 14.44
C LEU C 40 -4.74 71.17 15.49
N SER C 41 -5.80 70.41 15.19
CA SER C 41 -6.87 70.20 16.17
C SER C 41 -6.33 69.52 17.43
N VAL C 42 -5.48 68.50 17.25
CA VAL C 42 -4.95 67.78 18.40
C VAL C 42 -3.88 68.60 19.12
N ARG C 43 -3.19 69.50 18.41
CA ARG C 43 -2.38 70.48 19.14
C ARG C 43 -3.26 71.35 20.03
N LYS C 44 -4.36 71.88 19.49
CA LYS C 44 -5.28 72.64 20.34
C LYS C 44 -5.72 71.81 21.55
N LEU C 45 -6.08 70.55 21.31
CA LEU C 45 -6.50 69.65 22.38
C LEU C 45 -5.42 69.45 23.43
N LEU C 46 -4.29 68.88 23.03
CA LEU C 46 -3.28 68.48 24.00
C LEU C 46 -2.69 69.70 24.71
N ASN C 47 -2.53 70.82 23.98
CA ASN C 47 -1.99 72.02 24.58
C ASN C 47 -3.06 72.94 25.15
N ARG C 48 -4.32 72.50 25.21
CA ARG C 48 -5.20 73.11 26.20
C ARG C 48 -5.23 72.29 27.48
N HIS C 49 -5.12 70.95 27.40
CA HIS C 49 -4.85 70.19 28.61
C HIS C 49 -3.41 70.35 29.10
N ASN C 50 -2.46 70.55 28.17
CA ASN C 50 -1.05 70.74 28.51
C ASN C 50 -0.47 69.50 29.20
N ILE C 51 -0.79 68.33 28.66
CA ILE C 51 -0.22 67.08 29.16
C ILE C 51 0.67 66.46 28.09
N GLY C 54 2.44 56.43 34.08
CA GLY C 54 3.01 57.25 33.03
C GLY C 54 2.14 57.35 31.79
N ASP C 55 1.53 56.22 31.41
CA ASP C 55 0.66 56.15 30.25
C ASP C 55 -0.77 56.43 30.69
N TYR C 56 -1.34 57.54 30.22
CA TYR C 56 -2.71 57.93 30.51
C TYR C 56 -3.39 58.27 29.21
N THR C 57 -4.51 57.61 28.92
CA THR C 57 -5.23 57.79 27.67
C THR C 57 -6.55 58.50 27.91
N TRP C 58 -6.97 59.29 26.93
CA TRP C 58 -8.26 59.96 26.93
C TRP C 58 -9.05 59.56 25.70
N THR C 59 -10.37 59.66 25.82
CA THR C 59 -11.27 59.37 24.71
C THR C 59 -11.51 60.68 23.94
N GLU C 60 -12.46 60.70 23.02
CA GLU C 60 -12.64 61.81 22.08
C GLU C 60 -13.64 62.84 22.57
N PHE C 61 -13.87 62.94 23.88
CA PHE C 61 -14.81 63.91 24.41
C PHE C 61 -14.14 65.28 24.54
N ASP C 62 -14.82 66.18 25.26
CA ASP C 62 -14.39 67.52 25.66
C ASP C 62 -14.50 68.55 24.55
N GLU C 63 -14.89 68.17 23.33
CA GLU C 63 -15.12 69.15 22.27
C GLU C 63 -15.93 68.51 21.16
N PRO C 64 -16.89 69.25 20.58
CA PRO C 64 -17.77 68.64 19.57
C PRO C 64 -17.05 68.13 18.33
N PHE C 65 -16.33 69.00 17.63
CA PHE C 65 -15.84 68.66 16.30
C PHE C 65 -14.84 67.51 16.34
N LEU C 66 -13.93 67.54 17.32
CA LEU C 66 -12.98 66.42 17.43
C LEU C 66 -13.68 65.15 17.85
N THR C 67 -14.78 65.27 18.60
CA THR C 67 -15.63 64.10 18.87
C THR C 67 -16.17 63.53 17.57
N ARG C 68 -16.45 64.38 16.58
CA ARG C 68 -16.82 63.91 15.25
C ARG C 68 -15.63 63.41 14.44
N ASN C 69 -14.40 63.74 14.83
CA ASN C 69 -13.23 63.32 14.06
C ASN C 69 -12.47 62.16 14.70
N VAL C 70 -12.04 62.31 15.95
CA VAL C 70 -11.10 61.37 16.55
C VAL C 70 -11.84 60.40 17.46
N GLN C 71 -11.13 59.36 17.89
CA GLN C 71 -11.65 58.38 18.82
C GLN C 71 -10.92 58.35 20.15
N SER C 72 -9.59 58.30 20.12
CA SER C 72 -8.83 58.15 21.36
C SER C 72 -7.47 58.82 21.18
N VAL C 73 -6.96 59.36 22.28
CA VAL C 73 -5.64 59.95 22.35
C VAL C 73 -4.90 59.26 23.50
N SER C 74 -3.73 58.69 23.21
CA SER C 74 -2.99 57.90 24.17
C SER C 74 -1.53 58.31 24.22
N ILE C 75 -0.96 58.32 25.41
CA ILE C 75 0.43 58.67 25.65
C ILE C 75 1.16 57.43 26.13
N ILE C 76 2.46 57.34 25.83
CA ILE C 76 3.24 56.13 26.02
C ILE C 76 4.54 56.51 26.73
N ASP C 77 4.94 55.71 27.72
CA ASP C 77 6.23 55.88 28.35
C ASP C 77 7.16 54.72 28.01
N ASP C 89 7.18 64.70 33.01
CA ASP C 89 5.76 64.79 33.29
C ASP C 89 5.18 66.10 32.75
N LEU C 90 5.97 67.17 32.82
CA LEU C 90 5.56 68.46 32.30
C LEU C 90 5.41 68.45 30.79
N SER C 91 6.06 67.51 30.10
CA SER C 91 6.00 67.37 28.65
C SER C 91 6.41 68.67 27.96
N ALA C 92 7.66 69.07 28.20
CA ALA C 92 8.23 70.23 27.53
C ALA C 92 8.52 69.96 26.06
N CYS C 93 9.05 68.78 25.73
CA CYS C 93 9.30 68.40 24.34
C CYS C 93 8.35 67.26 23.99
N THR C 94 7.43 67.51 23.07
CA THR C 94 6.48 66.50 22.64
C THR C 94 6.89 65.92 21.28
N VAL C 95 6.13 64.93 20.84
CA VAL C 95 6.37 64.28 19.56
C VAL C 95 5.41 64.82 18.52
N ALA C 96 5.68 64.52 17.26
CA ALA C 96 4.67 64.66 16.22
C ALA C 96 3.59 63.62 16.47
N LEU C 97 2.34 64.07 16.53
CA LEU C 97 1.21 63.20 16.79
C LEU C 97 1.16 62.07 15.77
N HIS C 98 1.02 60.84 16.24
CA HIS C 98 0.90 59.70 15.33
C HIS C 98 -0.58 59.41 15.18
N ILE C 99 -1.14 59.84 14.05
CA ILE C 99 -2.59 59.87 13.86
C ILE C 99 -2.93 58.88 12.74
N PHE C 100 -3.90 58.00 12.99
CA PHE C 100 -4.06 56.85 12.11
C PHE C 100 -5.50 56.34 12.05
N GLN C 101 -5.86 55.81 10.87
CA GLN C 101 -7.10 55.06 10.65
C GLN C 101 -6.77 53.59 10.51
N LEU C 102 -7.44 52.75 11.28
CA LEU C 102 -7.35 51.31 11.05
C LEU C 102 -8.09 50.92 9.77
N ASN C 103 -7.48 50.02 9.01
CA ASN C 103 -8.10 49.43 7.84
C ASN C 103 -8.97 48.27 8.31
N GLU C 104 -10.18 48.17 7.75
CA GLU C 104 -11.14 47.16 8.17
C GLU C 104 -11.27 46.01 7.18
N ASP C 105 -10.25 45.77 6.39
CA ASP C 105 -10.22 44.63 5.48
C ASP C 105 -9.07 43.71 5.86
N GLY C 106 -9.39 42.43 6.06
CA GLY C 106 -8.44 41.48 6.58
C GLY C 106 -7.46 40.98 5.54
N PRO C 107 -7.14 39.69 5.61
CA PRO C 107 -6.11 39.13 4.72
C PRO C 107 -6.55 39.20 3.26
N SER C 108 -5.55 39.10 2.39
CA SER C 108 -5.76 39.10 0.94
C SER C 108 -4.95 37.94 0.36
N SER C 109 -5.58 36.78 0.24
CA SER C 109 -4.88 35.58 -0.19
C SER C 109 -4.29 35.77 -1.58
N GLU C 110 -3.02 35.37 -1.74
CA GLU C 110 -2.28 35.55 -2.99
C GLU C 110 -1.61 34.22 -3.33
N ASN C 111 -2.21 33.49 -4.28
CA ASN C 111 -1.60 32.25 -4.75
C ASN C 111 -0.35 32.55 -5.56
N LEU C 112 0.42 31.50 -5.85
CA LEU C 112 1.70 31.63 -6.53
C LEU C 112 1.82 30.76 -7.78
N GLU C 113 1.23 29.57 -7.79
CA GLU C 113 1.40 28.65 -8.90
C GLU C 113 0.76 29.22 -10.17
N GLU C 114 1.36 28.85 -11.31
CA GLU C 114 0.86 29.31 -12.60
C GLU C 114 -0.53 28.75 -12.89
N GLU C 115 -0.75 27.50 -12.55
CA GLU C 115 -2.04 26.89 -12.78
C GLU C 115 -2.41 25.96 -11.64
N THR C 116 -3.66 26.09 -11.20
CA THR C 116 -4.23 25.24 -10.15
C THR C 116 -3.40 25.26 -8.87
N GLU C 117 -3.25 26.46 -8.31
CA GLU C 117 -2.58 26.59 -7.03
C GLU C 117 -3.42 25.96 -5.92
N ASN C 118 -4.63 26.47 -5.71
CA ASN C 118 -5.62 25.88 -4.80
C ASN C 118 -5.14 25.84 -3.36
N ILE C 119 -4.00 26.47 -3.07
CA ILE C 119 -3.45 26.53 -1.73
C ILE C 119 -2.92 27.93 -1.50
N ILE C 120 -3.54 28.67 -0.58
CA ILE C 120 -3.09 30.03 -0.30
C ILE C 120 -1.65 30.00 0.16
N ALA C 121 -0.77 30.60 -0.64
CA ALA C 121 0.65 30.57 -0.35
C ALA C 121 1.10 31.70 0.56
N ALA C 122 0.37 32.81 0.60
CA ALA C 122 0.78 33.93 1.42
C ALA C 122 -0.37 34.86 1.74
N ASN C 123 -0.73 34.95 3.01
CA ASN C 123 -1.69 35.96 3.45
C ASN C 123 -1.01 37.31 3.45
N HIS C 124 -1.78 38.38 3.33
CA HIS C 124 -1.21 39.70 3.06
C HIS C 124 -2.08 40.78 3.69
N TRP C 125 -1.69 41.23 4.88
CA TRP C 125 -2.34 42.37 5.49
C TRP C 125 -1.72 43.68 5.00
N VAL C 126 -2.51 44.74 5.09
CA VAL C 126 -2.04 46.10 4.84
C VAL C 126 -2.22 46.84 6.16
N LEU C 127 -1.12 47.02 6.89
CA LEU C 127 -1.18 47.60 8.22
C LEU C 127 -1.50 49.10 8.12
N PRO C 128 -2.04 49.69 9.19
CA PRO C 128 -2.50 49.03 10.42
C PRO C 128 -3.89 48.41 10.25
N ALA C 129 -3.97 47.09 10.29
CA ALA C 129 -5.25 46.42 10.11
C ALA C 129 -6.08 46.48 11.39
N ALA C 130 -7.33 46.05 11.26
CA ALA C 130 -8.26 46.15 12.40
C ALA C 130 -7.94 45.13 13.48
N GLU C 131 -7.67 43.88 13.08
CA GLU C 131 -7.56 42.80 14.06
C GLU C 131 -6.39 43.01 15.01
N PHE C 132 -5.26 43.49 14.52
CA PHE C 132 -4.07 43.67 15.33
C PHE C 132 -4.18 44.87 16.28
N HIS C 133 -5.32 45.55 16.32
CA HIS C 133 -5.46 46.68 17.23
C HIS C 133 -5.43 46.21 18.67
N GLY C 134 -4.84 47.03 19.54
CA GLY C 134 -4.71 46.70 20.94
C GLY C 134 -3.86 45.48 21.24
N LEU C 135 -3.36 44.79 20.21
CA LEU C 135 -2.53 43.62 20.43
C LEU C 135 -1.22 43.96 21.11
N TRP C 136 -0.53 45.01 20.65
CA TRP C 136 0.76 45.36 21.20
C TRP C 136 0.69 45.82 22.65
N ASP C 137 -0.48 46.19 23.15
CA ASP C 137 -0.61 46.65 24.51
C ASP C 137 -1.03 45.54 25.47
N SER C 138 -1.76 44.54 24.98
CA SER C 138 -2.09 43.41 25.83
C SER C 138 -0.85 42.65 26.27
N LEU C 139 0.05 42.36 25.33
CA LEU C 139 1.28 41.63 25.62
C LEU C 139 2.09 42.37 26.67
N VAL C 140 2.50 41.67 27.71
CA VAL C 140 3.31 42.27 28.76
C VAL C 140 4.60 41.46 28.88
N TYR C 141 5.73 42.13 28.64
CA TYR C 141 7.04 41.59 28.96
C TYR C 141 7.72 42.55 29.92
N ASP C 142 8.30 42.02 31.00
CA ASP C 142 8.95 42.81 32.01
C ASP C 142 10.47 42.68 31.90
N VAL C 143 10.95 42.47 30.68
CA VAL C 143 12.37 42.26 30.39
C VAL C 143 12.84 43.18 29.26
N GLU C 144 11.94 44.01 28.72
CA GLU C 144 12.26 44.95 27.66
C GLU C 144 12.80 44.23 26.42
N VAL C 145 11.94 43.38 25.85
CA VAL C 145 12.19 42.85 24.51
C VAL C 145 11.69 43.83 23.47
N LYS C 146 10.60 44.52 23.78
CA LYS C 146 10.06 45.51 22.86
C LYS C 146 11.04 46.64 22.62
N SER C 147 11.76 47.08 23.65
CA SER C 147 12.69 48.21 23.48
C SER C 147 13.79 47.87 22.47
N HIS C 148 14.46 46.73 22.66
CA HIS C 148 15.50 46.34 21.71
C HIS C 148 14.93 46.09 20.33
N LEU C 149 13.87 45.29 20.25
CA LEU C 149 13.29 44.95 18.97
C LEU C 149 12.73 46.15 18.25
N LEU C 150 12.46 47.24 18.98
CA LEU C 150 12.00 48.51 18.45
C LEU C 150 13.16 49.35 17.94
N ASP C 151 14.13 49.66 18.80
CA ASP C 151 15.28 50.47 18.40
C ASP C 151 16.10 49.82 17.29
N TYR C 152 15.99 48.50 17.08
CA TYR C 152 16.68 47.90 15.96
C TYR C 152 16.31 48.60 14.66
N VAL C 153 15.02 48.83 14.43
CA VAL C 153 14.59 49.43 13.17
C VAL C 153 14.96 50.91 13.12
N MET C 154 14.87 51.60 14.25
CA MET C 154 15.26 53.02 14.28
C MET C 154 16.72 53.18 13.89
N THR C 155 17.60 52.35 14.44
CA THR C 155 19.00 52.43 14.06
C THR C 155 19.22 51.97 12.63
N THR C 156 18.45 50.99 12.15
CA THR C 156 18.49 50.65 10.73
C THR C 156 18.25 51.88 9.87
N LEU C 157 17.23 52.66 10.22
CA LEU C 157 16.96 53.90 9.48
C LEU C 157 18.12 54.89 9.61
N LEU C 158 18.66 55.03 10.82
CA LEU C 158 19.73 55.98 11.05
C LEU C 158 20.95 55.67 10.17
N PHE C 159 21.31 54.39 10.07
CA PHE C 159 22.45 54.02 9.22
C PHE C 159 22.08 54.03 7.75
N SER C 160 20.81 53.85 7.42
CA SER C 160 20.43 53.86 6.01
C SER C 160 20.44 55.27 5.43
N ASP C 161 19.90 56.24 6.16
CA ASP C 161 19.76 57.59 5.61
C ASP C 161 21.08 58.34 5.50
N LYS C 162 22.00 58.16 6.44
CA LYS C 162 23.28 58.85 6.42
C LYS C 162 24.31 58.11 5.58
N ASN C 163 23.92 56.99 4.97
CA ASN C 163 24.72 56.32 3.95
C ASN C 163 26.07 55.84 4.49
N VAL C 164 26.01 54.86 5.39
CA VAL C 164 27.18 54.13 5.81
C VAL C 164 27.45 53.00 4.82
N ASN C 165 28.73 52.83 4.46
CA ASN C 165 29.11 51.83 3.46
C ASN C 165 28.65 50.44 3.87
N SER C 166 28.09 49.70 2.92
CA SER C 166 27.70 48.33 3.19
C SER C 166 28.90 47.44 3.50
N ASN C 167 29.98 47.56 2.73
CA ASN C 167 31.10 46.63 2.88
C ASN C 167 31.74 46.73 4.25
N LEU C 168 31.93 47.95 4.75
CA LEU C 168 32.63 48.15 6.02
C LEU C 168 31.77 47.79 7.22
N ILE C 169 30.49 48.15 7.22
CA ILE C 169 29.54 47.69 8.23
C ILE C 169 28.28 47.25 7.50
N THR C 170 27.85 46.01 7.75
CA THR C 170 26.68 45.47 7.08
C THR C 170 25.88 44.66 8.07
N TRP C 171 24.64 44.39 7.69
CA TRP C 171 23.76 43.53 8.46
C TRP C 171 22.69 43.01 7.52
N ASN C 172 22.34 41.74 7.67
CA ASN C 172 21.18 41.18 7.00
C ASN C 172 19.98 41.34 7.91
N ARG C 173 18.84 41.65 7.32
CA ARG C 173 17.67 42.07 8.09
C ARG C 173 16.81 40.85 8.40
N VAL C 174 17.14 40.22 9.53
CA VAL C 174 16.44 39.02 10.00
C VAL C 174 16.32 39.11 11.51
N VAL C 175 15.12 38.78 11.99
CA VAL C 175 14.81 38.71 13.41
C VAL C 175 14.28 37.32 13.70
N LEU C 176 14.84 36.67 14.71
CA LEU C 176 14.44 35.31 15.08
C LEU C 176 14.06 35.31 16.54
N LEU C 177 12.91 34.72 16.85
CA LEU C 177 12.36 34.71 18.20
C LEU C 177 12.13 33.26 18.61
N HIS C 178 12.58 32.90 19.81
CA HIS C 178 12.43 31.53 20.28
C HIS C 178 12.21 31.50 21.78
N GLY C 179 11.58 30.42 22.22
CA GLY C 179 11.26 30.19 23.62
C GLY C 179 10.38 28.97 23.78
N PRO C 180 9.88 28.74 24.99
CA PRO C 180 8.90 27.67 25.19
C PRO C 180 7.60 28.00 24.50
N PRO C 181 6.77 27.01 24.18
CA PRO C 181 5.61 27.27 23.32
C PRO C 181 4.60 28.18 24.00
N GLY C 182 3.96 29.01 23.18
CA GLY C 182 2.91 29.89 23.66
C GLY C 182 3.33 30.93 24.66
N THR C 183 4.22 31.83 24.29
CA THR C 183 4.68 32.88 25.20
C THR C 183 4.58 34.26 24.56
N GLY C 184 3.91 34.37 23.41
CA GLY C 184 3.82 35.63 22.71
C GLY C 184 4.97 35.81 21.75
N LYS C 185 5.19 34.83 20.87
CA LYS C 185 6.19 34.95 19.83
C LYS C 185 5.58 35.25 18.46
N THR C 186 4.46 34.63 18.13
CA THR C 186 3.72 35.06 16.93
C THR C 186 2.91 36.32 17.19
N SER C 187 2.57 36.60 18.44
CA SER C 187 1.83 37.79 18.77
C SER C 187 2.71 39.01 18.97
N LEU C 188 4.04 38.84 19.00
CA LEU C 188 4.96 39.96 18.95
C LEU C 188 5.53 40.20 17.57
N CYS C 189 5.44 39.21 16.68
CA CYS C 189 5.84 39.38 15.30
C CYS C 189 4.75 40.00 14.45
N LYS C 190 3.59 40.26 15.04
CA LYS C 190 2.49 40.93 14.35
C LYS C 190 2.05 42.21 15.03
N ALA C 191 2.07 42.25 16.36
CA ALA C 191 1.85 43.51 17.07
C ALA C 191 2.96 44.51 16.81
N LEU C 192 4.11 44.07 16.32
CA LEU C 192 5.18 44.98 15.95
C LEU C 192 5.03 45.52 14.55
N ALA C 193 4.66 44.66 13.59
CA ALA C 193 4.46 45.11 12.21
C ALA C 193 3.30 46.07 12.06
N GLN C 194 2.58 46.37 13.14
CA GLN C 194 1.65 47.48 13.19
C GLN C 194 2.23 48.67 13.92
N LYS C 195 2.76 48.45 15.13
CA LYS C 195 3.32 49.54 15.92
C LYS C 195 4.36 50.34 15.14
N LEU C 196 5.18 49.68 14.33
CA LEU C 196 6.15 50.40 13.53
C LEU C 196 5.49 51.30 12.50
N THR C 197 4.51 50.79 11.74
CA THR C 197 3.84 51.62 10.76
C THR C 197 3.20 52.84 11.40
N ILE C 198 2.79 52.74 12.66
CA ILE C 198 2.32 53.90 13.40
C ILE C 198 3.46 54.84 13.75
N ARG C 199 4.59 54.29 14.22
CA ARG C 199 5.76 55.10 14.55
C ARG C 199 6.42 55.71 13.32
N LEU C 200 6.51 54.97 12.23
CA LEU C 200 7.25 55.37 11.04
C LEU C 200 6.32 55.89 9.97
N SER C 201 5.20 56.50 10.40
CA SER C 201 4.24 57.04 9.45
C SER C 201 4.80 58.19 8.64
N SER C 202 5.56 59.09 9.24
CA SER C 202 6.08 60.24 8.51
C SER C 202 7.02 59.80 7.40
N ARG C 203 7.85 58.80 7.67
CA ARG C 203 8.79 58.30 6.68
C ARG C 203 8.15 57.31 5.70
N TYR C 204 7.60 56.23 6.23
CA TYR C 204 6.99 55.21 5.38
C TYR C 204 5.46 55.28 5.51
N ARG C 205 4.78 55.40 4.37
CA ARG C 205 3.41 55.92 4.38
C ARG C 205 2.37 54.80 4.39
N TYR C 206 2.72 53.59 3.91
CA TYR C 206 1.87 52.47 4.34
C TYR C 206 2.75 51.26 4.59
N GLY C 207 2.53 50.62 5.74
CA GLY C 207 3.16 49.34 5.97
C GLY C 207 2.46 48.22 5.22
N GLN C 208 3.03 47.02 5.33
CA GLN C 208 2.46 45.81 4.78
C GLN C 208 2.76 44.67 5.74
N LEU C 209 2.26 43.47 5.41
CA LEU C 209 2.64 42.28 6.18
C LEU C 209 2.32 41.06 5.31
N ILE C 210 3.32 40.25 5.05
CA ILE C 210 3.13 39.02 4.31
C ILE C 210 3.38 37.84 5.23
N GLU C 211 2.32 37.09 5.52
CA GLU C 211 2.40 35.87 6.32
C GLU C 211 2.62 34.73 5.34
N ILE C 212 3.71 33.98 5.54
CA ILE C 212 4.13 32.99 4.55
C ILE C 212 3.57 31.63 4.93
N ASN C 213 2.96 30.96 3.95
CA ASN C 213 2.42 29.62 4.14
C ASN C 213 3.50 28.65 3.68
N SER C 214 4.37 28.26 4.63
CA SER C 214 5.51 27.41 4.32
C SER C 214 5.12 26.15 3.57
N HIS C 215 4.04 25.50 3.97
CA HIS C 215 3.71 24.18 3.46
C HIS C 215 3.24 24.21 2.01
N SER C 216 2.98 25.39 1.46
CA SER C 216 2.72 25.52 0.03
C SER C 216 4.00 25.55 -0.79
N LEU C 217 5.10 26.01 -0.19
CA LEU C 217 6.38 26.09 -0.88
C LEU C 217 6.91 24.72 -1.29
N PHE C 218 6.79 23.72 -0.41
CA PHE C 218 7.27 22.40 -0.75
C PHE C 218 6.40 21.79 -1.85
N SER C 219 6.88 20.71 -2.45
CA SER C 219 6.14 20.09 -3.54
C SER C 219 6.65 18.68 -3.76
N LYS C 220 5.72 17.79 -4.10
CA LYS C 220 6.04 16.41 -4.41
C LYS C 220 6.92 16.27 -5.64
N TRP C 221 6.89 17.23 -6.56
CA TRP C 221 7.54 17.05 -7.83
C TRP C 221 9.07 17.09 -7.63
N PHE C 222 9.80 16.79 -8.70
CA PHE C 222 11.22 16.50 -8.56
C PHE C 222 11.98 17.73 -8.07
N SER C 223 12.01 18.81 -8.84
CA SER C 223 12.82 19.96 -8.47
C SER C 223 11.98 21.20 -8.21
N GLU C 224 10.66 21.10 -8.19
CA GLU C 224 9.81 22.26 -7.99
C GLU C 224 9.72 22.71 -6.55
N SER C 225 10.45 22.05 -5.63
CA SER C 225 10.33 22.39 -4.22
C SER C 225 11.04 23.71 -3.90
N GLY C 226 12.15 23.99 -4.57
CA GLY C 226 12.82 25.26 -4.38
C GLY C 226 12.57 26.23 -5.52
N LYS C 227 12.30 25.69 -6.71
CA LYS C 227 12.05 26.48 -7.91
C LYS C 227 10.82 27.35 -7.80
N LEU C 228 10.05 27.24 -6.72
CA LEU C 228 8.99 28.17 -6.43
C LEU C 228 9.12 28.88 -5.09
N VAL C 229 10.00 28.41 -4.20
CA VAL C 229 10.46 29.27 -3.11
C VAL C 229 11.12 30.51 -3.69
N THR C 230 11.95 30.32 -4.72
CA THR C 230 12.51 31.48 -5.40
C THR C 230 11.41 32.33 -6.01
N LYS C 231 10.33 31.72 -6.49
CA LYS C 231 9.23 32.48 -7.06
C LYS C 231 8.51 33.31 -6.00
N MET C 232 8.31 32.73 -4.81
CA MET C 232 7.64 33.46 -3.74
C MET C 232 8.49 34.64 -3.28
N PHE C 233 9.79 34.42 -3.10
CA PHE C 233 10.62 35.54 -2.71
C PHE C 233 10.76 36.56 -3.84
N GLN C 234 10.61 36.11 -5.09
CA GLN C 234 10.53 37.05 -6.20
C GLN C 234 9.29 37.93 -6.10
N LYS C 235 8.15 37.34 -5.73
CA LYS C 235 6.95 38.13 -5.55
C LYS C 235 7.11 39.12 -4.40
N ILE C 236 7.72 38.68 -3.30
CA ILE C 236 7.98 39.60 -2.19
C ILE C 236 8.87 40.75 -2.66
N GLN C 237 9.90 40.43 -3.44
CA GLN C 237 10.76 41.48 -3.99
C GLN C 237 9.96 42.44 -4.86
N ASP C 238 9.10 41.90 -5.73
CA ASP C 238 8.28 42.76 -6.58
C ASP C 238 7.40 43.69 -5.75
N LEU C 239 6.88 43.20 -4.64
CA LEU C 239 6.23 44.10 -3.68
C LEU C 239 7.20 45.11 -3.09
N ILE C 240 8.49 44.77 -3.01
CA ILE C 240 9.42 45.59 -2.25
C ILE C 240 9.88 46.83 -3.02
N ASP C 241 9.92 46.76 -4.36
CA ASP C 241 10.54 47.83 -5.15
C ASP C 241 9.97 49.22 -4.86
N ASP C 242 8.69 49.32 -4.52
CA ASP C 242 8.09 50.62 -4.23
C ASP C 242 8.75 51.17 -2.97
N LYS C 243 9.58 52.19 -3.14
CA LYS C 243 10.48 52.66 -2.10
C LYS C 243 9.76 53.40 -0.97
N ASP C 244 8.43 53.41 -0.91
CA ASP C 244 7.72 53.99 0.21
C ASP C 244 7.14 52.90 1.11
N ALA C 245 6.83 51.74 0.57
CA ALA C 245 6.35 50.61 1.35
C ALA C 245 7.35 50.24 2.43
N LEU C 246 6.88 49.52 3.44
CA LEU C 246 7.68 49.11 4.59
C LEU C 246 7.45 47.63 4.89
N VAL C 247 7.62 46.80 3.85
CA VAL C 247 7.31 45.37 3.88
C VAL C 247 7.84 44.71 5.14
N PHE C 248 7.05 43.82 5.73
CA PHE C 248 7.41 43.09 6.94
C PHE C 248 7.18 41.61 6.67
N VAL C 249 8.16 40.92 6.12
CA VAL C 249 7.98 39.50 5.84
C VAL C 249 7.96 38.77 7.17
N LEU C 250 7.03 37.82 7.32
CA LEU C 250 6.88 37.06 8.56
C LEU C 250 6.86 35.58 8.24
N ILE C 251 7.73 34.82 8.90
CA ILE C 251 7.76 33.37 8.77
C ILE C 251 7.51 32.78 10.16
N ASP C 252 6.36 32.15 10.30
CA ASP C 252 6.00 31.50 11.55
C ASP C 252 6.46 30.05 11.53
N GLN C 253 7.06 29.61 12.64
CA GLN C 253 7.52 28.23 12.80
C GLN C 253 8.50 27.87 11.69
N VAL C 254 9.66 28.54 11.76
CA VAL C 254 10.67 28.46 10.70
C VAL C 254 11.10 27.03 10.43
N GLU C 255 11.16 26.18 11.46
CA GLU C 255 11.63 24.81 11.29
C GLU C 255 10.91 24.09 10.16
N SER C 256 9.70 24.50 9.82
CA SER C 256 9.05 23.97 8.63
C SER C 256 9.78 24.34 7.36
N LEU C 257 10.53 25.44 7.35
CA LEU C 257 11.18 25.96 6.16
C LEU C 257 12.68 25.77 6.13
N THR C 258 13.35 25.78 7.27
CA THR C 258 14.80 25.65 7.31
C THR C 258 15.23 24.50 8.21
N ALA C 259 14.61 23.34 8.05
CA ALA C 259 15.00 22.18 8.82
C ALA C 259 16.48 21.86 8.58
N ALA C 260 17.17 21.49 9.67
CA ALA C 260 18.61 21.24 9.62
C ALA C 260 18.97 20.37 8.42
N ARG C 261 20.11 20.67 7.82
CA ARG C 261 20.48 20.02 6.57
C ARG C 261 20.92 18.58 6.76
N ASN C 262 21.50 18.24 7.91
CA ASN C 262 22.06 16.92 8.16
C ASN C 262 21.10 16.12 9.03
N ALA C 263 20.19 15.38 8.37
CA ALA C 263 19.31 14.44 9.05
C ALA C 263 19.89 13.02 9.02
N CYS C 264 20.10 12.47 7.83
CA CYS C 264 20.74 11.18 7.65
C CYS C 264 20.95 10.96 6.16
N ARG C 265 21.71 9.92 5.84
CA ARG C 265 22.09 9.65 4.46
C ARG C 265 21.01 8.94 3.66
N ALA C 266 19.96 8.44 4.31
CA ALA C 266 19.00 7.59 3.63
C ALA C 266 18.04 8.44 2.80
N GLY C 267 16.97 7.82 2.31
CA GLY C 267 15.93 8.58 1.65
C GLY C 267 15.18 9.52 2.55
N THR C 268 15.26 9.30 3.86
CA THR C 268 14.72 10.23 4.84
C THR C 268 15.18 11.65 4.53
N GLU C 269 14.22 12.55 4.35
CA GLU C 269 14.51 13.90 3.92
C GLU C 269 15.24 13.85 2.57
N PRO C 270 14.51 13.54 1.49
CA PRO C 270 15.15 13.39 0.16
C PRO C 270 16.01 14.56 -0.26
N SER C 271 16.78 14.36 -1.34
CA SER C 271 17.68 15.36 -1.88
C SER C 271 17.04 16.74 -2.02
N ASP C 272 15.73 16.83 -2.12
CA ASP C 272 15.07 18.12 -2.19
C ASP C 272 15.20 18.93 -0.91
N ALA C 273 15.25 18.27 0.25
CA ALA C 273 15.34 18.98 1.53
C ALA C 273 16.77 19.34 1.89
N ILE C 274 17.70 19.30 0.93
CA ILE C 274 19.06 19.75 1.14
C ILE C 274 19.23 21.04 0.35
N ARG C 275 18.37 21.23 -0.64
CA ARG C 275 18.51 22.28 -1.64
C ARG C 275 17.49 23.39 -1.49
N VAL C 276 16.50 23.23 -0.63
CA VAL C 276 15.63 24.32 -0.24
C VAL C 276 16.24 25.15 0.88
N VAL C 277 16.77 24.48 1.91
CA VAL C 277 17.34 25.19 3.04
C VAL C 277 18.50 26.08 2.60
N ASN C 278 19.15 25.75 1.49
CA ASN C 278 20.14 26.63 0.88
C ASN C 278 19.61 27.32 -0.36
N ALA C 279 18.28 27.31 -0.53
CA ALA C 279 17.61 28.22 -1.45
C ALA C 279 16.97 29.37 -0.73
N VAL C 280 16.49 29.15 0.50
CA VAL C 280 16.10 30.25 1.36
C VAL C 280 17.30 31.14 1.67
N LEU C 281 18.43 30.53 2.00
CA LEU C 281 19.61 31.27 2.41
C LEU C 281 20.21 32.09 1.27
N THR C 282 20.02 31.68 0.03
CA THR C 282 20.48 32.48 -1.10
C THR C 282 19.46 33.54 -1.52
N GLN C 283 18.32 33.59 -0.84
CA GLN C 283 17.36 34.68 -1.02
C GLN C 283 17.27 35.60 0.18
N ILE C 284 17.57 35.10 1.38
CA ILE C 284 17.64 35.96 2.56
C ILE C 284 18.76 36.98 2.43
N ASP C 285 19.72 36.76 1.53
CA ASP C 285 20.84 37.68 1.37
C ASP C 285 20.81 38.42 0.05
N GLN C 286 19.89 38.09 -0.86
CA GLN C 286 19.69 38.90 -2.06
C GLN C 286 18.72 40.05 -1.82
N ILE C 287 18.16 40.09 -0.62
CA ILE C 287 17.29 41.16 -0.12
C ILE C 287 17.94 41.63 1.16
N LYS C 288 19.23 41.62 1.09
CA LYS C 288 20.03 42.19 2.16
C LYS C 288 20.32 43.67 1.94
N ARG C 289 20.14 44.16 0.72
CA ARG C 289 20.56 45.51 0.38
C ARG C 289 19.48 46.56 0.62
N HIS C 290 18.22 46.16 0.62
CA HIS C 290 17.13 47.12 0.80
C HIS C 290 17.02 47.53 2.26
N SER C 291 16.51 48.74 2.49
CA SER C 291 16.32 49.25 3.84
C SER C 291 14.86 49.44 4.23
N ASN C 292 13.93 48.89 3.45
CA ASN C 292 12.51 48.96 3.77
C ASN C 292 11.95 47.58 4.05
N VAL C 293 12.79 46.67 4.55
CA VAL C 293 12.42 45.28 4.74
C VAL C 293 12.86 44.83 6.12
N VAL C 294 12.01 44.05 6.78
CA VAL C 294 12.38 43.29 7.97
C VAL C 294 11.81 41.90 7.78
N ILE C 295 12.45 40.91 8.40
CA ILE C 295 12.03 39.51 8.29
C ILE C 295 11.87 38.95 9.69
N LEU C 296 10.66 39.00 10.22
CA LEU C 296 10.36 38.49 11.54
C LEU C 296 10.03 37.02 11.46
N THR C 297 10.68 36.20 12.30
CA THR C 297 10.56 34.76 12.21
C THR C 297 10.44 34.17 13.61
N THR C 298 9.65 33.10 13.72
CA THR C 298 9.40 32.46 15.00
C THR C 298 9.69 30.98 14.93
N SER C 299 10.08 30.42 16.08
CA SER C 299 10.35 29.00 16.24
C SER C 299 10.53 28.71 17.72
N ASN C 300 10.10 27.54 18.16
CA ASN C 300 10.25 27.15 19.56
C ASN C 300 11.14 25.94 19.77
N ILE C 301 11.34 25.11 18.75
CA ILE C 301 12.33 24.03 18.80
C ILE C 301 13.50 24.46 17.92
N THR C 302 14.48 25.11 18.54
CA THR C 302 15.62 25.67 17.82
C THR C 302 16.57 24.61 17.27
N GLU C 303 16.74 23.48 17.95
CA GLU C 303 17.77 22.53 17.61
C GLU C 303 17.56 21.86 16.25
N LYS C 304 16.53 22.22 15.51
CA LYS C 304 16.31 21.68 14.18
C LYS C 304 16.49 22.73 13.08
N ILE C 305 16.70 23.99 13.46
CA ILE C 305 17.00 25.03 12.48
C ILE C 305 18.44 24.87 12.02
N ASP C 306 18.64 24.93 10.70
CA ASP C 306 19.99 24.81 10.15
C ASP C 306 20.87 25.90 10.72
N VAL C 307 22.17 25.61 10.85
CA VAL C 307 23.06 26.52 11.55
C VAL C 307 23.54 27.66 10.67
N ALA C 308 23.33 27.57 9.36
CA ALA C 308 23.62 28.70 8.49
C ALA C 308 22.51 29.73 8.48
N PHE C 309 21.37 29.43 9.12
CA PHE C 309 20.31 30.38 9.36
C PHE C 309 20.36 30.94 10.78
N VAL C 310 20.69 30.12 11.76
CA VAL C 310 20.81 30.58 13.13
C VAL C 310 21.96 31.55 13.32
N ASP C 311 22.73 31.83 12.27
CA ASP C 311 23.76 32.85 12.33
C ASP C 311 23.45 34.08 11.51
N ARG C 312 22.70 33.94 10.41
CA ARG C 312 22.26 35.11 9.65
C ARG C 312 21.40 36.05 10.49
N ALA C 313 20.68 35.51 11.47
CA ALA C 313 19.77 36.32 12.26
C ALA C 313 20.51 37.43 12.99
N ASP C 314 19.87 38.57 13.14
CA ASP C 314 20.54 39.76 13.63
C ASP C 314 20.29 40.06 15.09
N ILE C 315 19.23 39.52 15.71
CA ILE C 315 18.93 39.77 17.11
C ILE C 315 18.87 38.47 17.93
N LYS C 316 18.22 37.44 17.38
CA LYS C 316 18.14 36.11 18.02
C LYS C 316 17.65 36.23 19.46
N GLN C 317 16.41 36.70 19.61
CA GLN C 317 15.88 37.06 20.91
C GLN C 317 15.13 35.90 21.55
N TYR C 318 15.29 35.76 22.86
CA TYR C 318 14.67 34.69 23.64
C TYR C 318 13.68 35.32 24.62
N ILE C 319 12.43 34.91 24.53
CA ILE C 319 11.36 35.40 25.40
C ILE C 319 10.76 34.21 26.15
N GLY C 320 10.90 34.22 27.47
CA GLY C 320 10.46 33.12 28.29
C GLY C 320 9.15 33.42 29.00
N PRO C 321 8.64 32.44 29.73
CA PRO C 321 7.39 32.63 30.44
C PRO C 321 7.49 33.78 31.42
N PRO C 322 6.41 34.52 31.63
CA PRO C 322 6.50 35.79 32.35
C PRO C 322 6.80 35.59 33.83
N SER C 323 7.29 36.67 34.44
CA SER C 323 7.63 36.70 35.85
C SER C 323 6.45 37.20 36.68
N ALA C 324 6.69 37.52 37.94
CA ALA C 324 5.60 37.87 38.86
C ALA C 324 4.90 39.16 38.46
N ALA C 325 5.67 40.21 38.18
CA ALA C 325 5.05 41.50 37.87
C ALA C 325 4.23 41.43 36.58
N ALA C 326 4.76 40.74 35.57
CA ALA C 326 4.00 40.55 34.34
C ALA C 326 2.72 39.78 34.60
N ILE C 327 2.77 38.78 35.47
CA ILE C 327 1.57 38.03 35.82
C ILE C 327 0.54 38.94 36.46
N PHE C 328 0.98 39.77 37.41
CA PHE C 328 0.06 40.65 38.10
C PHE C 328 -0.57 41.64 37.11
N LYS C 329 0.21 42.17 36.19
CA LYS C 329 -0.35 43.06 35.18
C LYS C 329 -1.35 42.33 34.29
N ILE C 330 -1.07 41.09 33.94
CA ILE C 330 -1.99 40.32 33.11
C ILE C 330 -3.33 40.14 33.83
N TYR C 331 -3.27 39.77 35.11
CA TYR C 331 -4.50 39.59 35.88
C TYR C 331 -5.23 40.92 36.03
N LEU C 332 -4.49 42.02 36.20
CA LEU C 332 -5.13 43.33 36.25
C LEU C 332 -5.90 43.60 34.97
N SER C 333 -5.28 43.35 33.82
CA SER C 333 -5.95 43.58 32.54
C SER C 333 -7.22 42.72 32.43
N CYS C 334 -7.12 41.46 32.81
CA CYS C 334 -8.27 40.56 32.70
C CYS C 334 -9.41 41.02 33.60
N LEU C 335 -9.10 41.37 34.85
CA LEU C 335 -10.13 41.83 35.77
C LEU C 335 -10.77 43.11 35.29
N GLU C 336 -9.97 44.08 34.83
CA GLU C 336 -10.55 45.32 34.32
C GLU C 336 -11.47 45.05 33.15
N GLU C 337 -11.07 44.15 32.23
CA GLU C 337 -11.92 43.84 31.09
C GLU C 337 -13.24 43.23 31.55
N LEU C 338 -13.20 42.29 32.50
CA LEU C 338 -14.45 41.68 32.94
C LEU C 338 -15.36 42.67 33.65
N MET C 339 -14.85 43.40 34.64
CA MET C 339 -15.73 44.34 35.34
C MET C 339 -16.19 45.46 34.41
N LYS C 340 -15.51 45.67 33.28
CA LYS C 340 -16.06 46.54 32.26
C LYS C 340 -17.21 45.84 31.53
N CYS C 341 -17.05 44.54 31.26
CA CYS C 341 -18.03 43.77 30.52
C CYS C 341 -19.16 43.24 31.41
N GLN C 342 -19.09 43.48 32.72
CA GLN C 342 -20.15 43.13 33.66
C GLN C 342 -20.42 41.63 33.73
N ILE C 343 -19.35 40.82 33.70
CA ILE C 343 -19.43 39.41 34.04
C ILE C 343 -19.09 39.33 35.53
N ILE C 344 -19.13 40.49 36.16
CA ILE C 344 -18.70 40.63 37.55
C ILE C 344 -19.63 41.60 38.25
N TYR C 345 -19.82 41.41 39.55
CA TYR C 345 -20.71 42.22 40.38
C TYR C 345 -20.22 43.67 40.38
N PRO C 346 -20.98 44.62 40.97
CA PRO C 346 -20.51 46.01 41.03
C PRO C 346 -19.03 46.15 41.32
N ARG C 347 -18.32 46.82 40.42
CA ARG C 347 -16.87 46.75 40.38
C ARG C 347 -16.23 47.49 41.55
N GLN C 348 -15.01 47.06 41.89
CA GLN C 348 -14.20 47.72 42.89
C GLN C 348 -12.82 48.00 42.31
N GLN C 349 -12.15 49.00 42.86
CA GLN C 349 -10.86 49.44 42.35
C GLN C 349 -9.76 48.51 42.84
N LEU C 350 -8.71 48.36 42.05
CA LEU C 350 -7.57 47.53 42.39
C LEU C 350 -6.29 48.37 42.37
N LEU C 351 -5.33 48.00 43.21
CA LEU C 351 -4.09 48.75 43.32
C LEU C 351 -2.98 48.07 42.54
N THR C 352 -2.03 48.89 42.09
CA THR C 352 -0.91 48.46 41.26
C THR C 352 0.35 48.39 42.14
N LEU C 353 1.33 47.60 41.68
CA LEU C 353 2.52 47.32 42.48
C LEU C 353 3.18 48.59 42.99
N ARG C 354 3.20 49.65 42.17
CA ARG C 354 3.77 50.91 42.62
C ARG C 354 3.01 51.48 43.81
N GLU C 355 1.68 51.61 43.68
CA GLU C 355 0.88 52.12 44.77
C GLU C 355 0.93 51.18 45.97
N LEU C 356 0.92 49.87 45.70
CA LEU C 356 0.99 48.89 46.79
C LEU C 356 2.28 49.03 47.59
N GLU C 357 3.41 49.21 46.92
CA GLU C 357 4.66 49.46 47.64
C GLU C 357 4.66 50.82 48.32
N MET C 358 3.95 51.80 47.75
CA MET C 358 3.94 53.13 48.35
C MET C 358 3.14 53.14 49.65
N ILE C 359 2.03 52.40 49.71
CA ILE C 359 1.20 52.41 50.91
C ILE C 359 1.82 51.59 52.03
N GLY C 360 2.73 50.68 51.73
CA GLY C 360 3.39 49.91 52.76
C GLY C 360 2.77 48.58 53.10
N PHE C 361 1.92 48.05 52.22
CA PHE C 361 1.31 46.73 52.40
C PHE C 361 0.41 46.66 53.63
N ILE C 362 -0.09 47.81 54.08
CA ILE C 362 -0.95 47.83 55.26
C ILE C 362 -2.33 47.29 54.91
N GLU C 363 -2.90 46.51 55.82
CA GLU C 363 -4.25 45.96 55.66
C GLU C 363 -5.23 47.08 55.95
N ASN C 364 -5.97 47.50 54.94
CA ASN C 364 -6.90 48.61 55.07
C ASN C 364 -8.23 48.32 54.38
N ASN C 365 -9.06 49.35 54.21
CA ASN C 365 -10.39 49.15 53.65
C ASN C 365 -10.37 48.75 52.18
N VAL C 366 -9.22 48.85 51.51
CA VAL C 366 -9.13 48.52 50.09
C VAL C 366 -8.02 47.53 49.77
N SER C 367 -6.97 47.45 50.58
CA SER C 367 -5.77 46.73 50.21
C SER C 367 -5.90 45.21 50.23
N LYS C 368 -6.96 44.66 50.82
CA LYS C 368 -7.07 43.22 50.94
C LYS C 368 -7.06 42.55 49.57
N LEU C 369 -7.83 43.11 48.63
CA LEU C 369 -7.89 42.57 47.29
C LEU C 369 -6.52 42.64 46.62
N SER C 370 -5.82 43.76 46.80
CA SER C 370 -4.49 43.92 46.23
C SER C 370 -3.53 42.85 46.75
N LEU C 371 -3.45 42.68 48.08
CA LEU C 371 -2.55 41.69 48.64
C LEU C 371 -2.91 40.28 48.17
N LEU C 372 -4.20 39.94 48.18
CA LEU C 372 -4.59 38.57 47.84
C LEU C 372 -4.32 38.28 46.37
N LEU C 373 -4.61 39.24 45.48
CA LEU C 373 -4.25 39.06 44.08
C LEU C 373 -2.74 38.98 43.91
N ASN C 374 -2.01 39.67 44.79
CA ASN C 374 -0.55 39.55 44.77
C ASN C 374 -0.13 38.12 45.09
N ASP C 375 -0.79 37.48 46.07
CA ASP C 375 -0.46 36.09 46.36
C ASP C 375 -0.80 35.18 45.17
N ILE C 376 -1.97 35.41 44.54
CA ILE C 376 -2.32 34.59 43.38
C ILE C 376 -1.27 34.74 42.29
N SER C 377 -0.77 35.96 42.06
CA SER C 377 0.29 36.16 41.08
C SER C 377 1.57 35.45 41.53
N ARG C 378 1.90 35.55 42.81
CA ARG C 378 3.14 34.98 43.33
C ARG C 378 3.06 33.45 43.37
N LYS C 379 1.89 32.89 43.11
CA LYS C 379 1.75 31.44 43.07
C LYS C 379 1.83 30.87 41.66
N SER C 380 1.48 31.64 40.63
CA SER C 380 1.22 31.11 39.31
C SER C 380 2.39 31.27 38.33
N GLU C 381 3.61 31.38 38.82
CA GLU C 381 4.76 31.47 37.92
C GLU C 381 4.96 30.14 37.20
N GLY C 382 5.77 30.18 36.15
CA GLY C 382 6.12 28.99 35.40
C GLY C 382 5.14 28.64 34.31
N LEU C 383 3.94 29.19 34.31
CA LEU C 383 2.98 28.97 33.25
C LEU C 383 3.20 29.99 32.15
N SER C 384 2.85 29.59 30.93
CA SER C 384 3.00 30.47 29.78
C SER C 384 1.90 31.54 29.78
N GLY C 385 1.84 32.31 28.70
CA GLY C 385 0.83 33.36 28.60
C GLY C 385 -0.55 32.81 28.30
N ARG C 386 -0.62 31.77 27.47
CA ARG C 386 -1.91 31.20 27.10
C ARG C 386 -2.71 30.80 28.31
N VAL C 387 -2.09 30.05 29.23
CA VAL C 387 -2.80 29.59 30.41
C VAL C 387 -3.10 30.76 31.33
N LEU C 388 -2.17 31.71 31.42
CA LEU C 388 -2.36 32.90 32.25
C LEU C 388 -3.55 33.73 31.79
N ARG C 389 -3.92 33.65 30.51
CA ARG C 389 -5.09 34.37 30.02
C ARG C 389 -6.34 33.50 29.97
N LYS C 390 -6.20 32.19 29.80
CA LYS C 390 -7.34 31.30 29.95
C LYS C 390 -7.90 31.36 31.37
N LEU C 391 -7.01 31.45 32.35
CA LEU C 391 -7.38 31.17 33.74
C LEU C 391 -8.64 31.87 34.23
N PRO C 392 -8.90 33.16 33.95
CA PRO C 392 -10.21 33.70 34.35
C PRO C 392 -11.38 32.96 33.72
N PHE C 393 -11.26 32.55 32.46
CA PHE C 393 -12.36 31.91 31.77
C PHE C 393 -12.65 30.54 32.36
N LEU C 394 -11.62 29.75 32.63
CA LEU C 394 -11.84 28.47 33.30
C LEU C 394 -12.34 28.69 34.72
N ALA C 395 -11.72 29.62 35.45
CA ALA C 395 -12.12 29.85 36.84
C ALA C 395 -13.56 30.31 36.95
N HIS C 396 -14.13 30.83 35.87
CA HIS C 396 -15.56 31.13 35.87
C HIS C 396 -16.36 30.08 35.10
N ALA C 397 -15.69 29.14 34.45
CA ALA C 397 -16.39 28.14 33.64
C ALA C 397 -16.57 26.83 34.38
N LEU C 398 -15.57 26.44 35.17
CA LEU C 398 -15.64 25.22 35.97
C LEU C 398 -16.06 25.47 37.39
N TYR C 399 -15.34 26.34 38.09
CA TYR C 399 -15.59 26.62 39.50
C TYR C 399 -16.73 27.61 39.61
N VAL C 400 -16.87 28.25 40.77
CA VAL C 400 -18.11 28.89 41.21
C VAL C 400 -18.72 29.65 40.03
N GLN C 401 -19.95 29.31 39.68
CA GLN C 401 -20.63 29.84 38.51
C GLN C 401 -22.01 30.35 38.91
N ALA C 402 -22.21 31.65 38.73
CA ALA C 402 -23.44 32.39 38.94
C ALA C 402 -23.31 33.65 38.11
N PRO C 403 -24.03 33.77 36.98
CA PRO C 403 -23.61 34.68 35.90
C PRO C 403 -23.05 36.04 36.32
N THR C 404 -23.42 36.53 37.50
CA THR C 404 -22.73 37.68 38.08
C THR C 404 -22.11 37.27 39.41
N VAL C 405 -20.79 37.39 39.54
CA VAL C 405 -20.07 36.94 40.72
C VAL C 405 -19.25 38.10 41.28
N THR C 406 -19.21 38.18 42.60
CA THR C 406 -18.48 39.26 43.26
C THR C 406 -16.97 38.98 43.27
N ILE C 407 -16.20 40.07 43.26
CA ILE C 407 -14.75 39.94 43.35
C ILE C 407 -14.31 39.43 44.72
N GLU C 408 -15.11 39.70 45.77
CA GLU C 408 -14.78 39.16 47.09
C GLU C 408 -14.62 37.65 47.04
N GLY C 409 -15.38 36.99 46.15
CA GLY C 409 -15.24 35.55 46.02
C GLY C 409 -14.47 35.15 44.77
N PHE C 410 -14.70 35.85 43.66
CA PHE C 410 -14.17 35.42 42.37
C PHE C 410 -12.65 35.25 42.39
N LEU C 411 -11.93 36.09 43.13
CA LEU C 411 -10.48 35.93 43.20
C LEU C 411 -10.12 34.55 43.75
N GLN C 412 -10.75 34.13 44.84
CA GLN C 412 -10.57 32.77 45.31
C GLN C 412 -10.96 31.77 44.24
N ALA C 413 -12.05 32.04 43.52
CA ALA C 413 -12.50 31.14 42.45
C ALA C 413 -11.46 31.06 41.34
N LEU C 414 -10.52 32.00 41.29
CA LEU C 414 -9.41 31.90 40.36
C LEU C 414 -8.28 31.07 40.96
N SER C 415 -7.98 31.29 42.23
CA SER C 415 -6.85 30.66 42.89
C SER C 415 -6.91 29.15 42.74
N LEU C 416 -8.08 28.59 43.05
CA LEU C 416 -8.28 27.16 42.91
C LEU C 416 -7.89 26.69 41.51
N ALA C 417 -8.40 27.39 40.49
CA ALA C 417 -8.07 27.03 39.11
C ALA C 417 -6.57 26.95 38.91
N VAL C 418 -5.83 27.91 39.46
CA VAL C 418 -4.37 27.88 39.37
C VAL C 418 -3.85 26.54 39.81
N ASP C 419 -4.21 26.13 41.03
CA ASP C 419 -3.72 24.86 41.56
C ASP C 419 -4.10 23.71 40.64
N LYS C 420 -5.33 23.76 40.10
CA LYS C 420 -5.77 22.72 39.19
C LYS C 420 -4.76 22.51 38.09
N GLN C 421 -4.30 23.60 37.46
CA GLN C 421 -3.34 23.47 36.38
C GLN C 421 -2.10 22.71 36.83
N PHE C 422 -1.57 23.08 37.99
CA PHE C 422 -0.40 22.36 38.50
C PHE C 422 -0.73 20.90 38.74
N GLU C 423 -1.89 20.62 39.35
CA GLU C 423 -2.32 19.23 39.47
C GLU C 423 -2.46 18.60 38.10
N GLU C 424 -3.04 19.35 37.16
CA GLU C 424 -3.24 18.86 35.81
C GLU C 424 -1.92 18.60 35.10
N ARG C 425 -0.81 19.11 35.66
CA ARG C 425 0.51 18.75 35.15
C ARG C 425 1.00 17.46 35.79
N LYS C 426 0.82 17.32 37.10
CA LYS C 426 1.36 16.15 37.80
C LYS C 426 0.75 14.86 37.28
N LYS C 427 -0.58 14.84 37.12
CA LYS C 427 -1.23 13.66 36.54
C LYS C 427 -0.80 13.41 35.10
N LEU C 428 -0.28 14.43 34.42
CA LEU C 428 0.29 14.25 33.09
C LEU C 428 1.76 13.88 33.15
N ALA C 429 2.39 14.01 34.32
CA ALA C 429 3.80 13.65 34.51
C ALA C 429 4.71 14.33 33.49
N PRO D 19 -32.80 27.13 41.08
CA PRO D 19 -32.26 25.97 40.38
C PRO D 19 -33.16 25.55 39.22
N THR D 20 -32.66 24.65 38.37
CA THR D 20 -33.44 24.17 37.23
C THR D 20 -33.29 22.66 37.11
N VAL D 21 -34.39 22.01 36.74
CA VAL D 21 -34.41 20.60 36.42
C VAL D 21 -34.68 20.48 34.93
N HIS D 22 -34.15 19.43 34.31
CA HIS D 22 -34.16 19.34 32.86
C HIS D 22 -34.95 18.11 32.42
N VAL D 23 -35.76 18.30 31.38
CA VAL D 23 -36.60 17.24 30.85
C VAL D 23 -36.30 17.08 29.37
N GLU D 24 -36.10 15.85 28.93
CA GLU D 24 -35.94 15.53 27.53
C GLU D 24 -37.11 14.68 27.07
N VAL D 25 -37.77 15.10 25.99
CA VAL D 25 -38.93 14.40 25.45
C VAL D 25 -38.60 13.97 24.02
N HIS D 26 -38.80 12.69 23.74
CA HIS D 26 -38.28 12.08 22.51
C HIS D 26 -39.44 11.93 21.52
N GLN D 27 -39.30 12.59 20.36
CA GLN D 27 -40.23 12.40 19.26
C GLN D 27 -40.00 11.09 18.54
N ARG D 28 -41.07 10.33 18.34
CA ARG D 28 -40.97 9.10 17.58
C ARG D 28 -40.77 9.40 16.10
N GLY D 29 -40.73 8.34 15.29
CA GLY D 29 -40.43 8.50 13.88
C GLY D 29 -41.44 9.35 13.15
N SER D 30 -42.73 9.11 13.40
CA SER D 30 -43.81 9.82 12.73
C SER D 30 -44.61 10.70 13.67
N SER D 31 -43.95 11.45 14.56
CA SER D 31 -44.60 12.29 15.53
C SER D 31 -44.64 13.74 15.05
N THR D 32 -44.78 13.91 13.73
CA THR D 32 -44.51 15.14 13.00
C THR D 32 -45.25 16.37 13.51
N ALA D 33 -46.30 16.17 14.31
CA ALA D 33 -47.35 17.17 14.49
C ALA D 33 -46.84 18.59 14.69
N LYS D 34 -46.13 18.85 15.79
CA LYS D 34 -45.71 20.21 16.12
C LYS D 34 -44.73 20.13 17.29
N LYS D 35 -44.41 21.30 17.84
CA LYS D 35 -43.54 21.36 19.02
C LYS D 35 -44.23 22.01 20.22
N GLU D 36 -44.87 23.18 20.01
CA GLU D 36 -45.49 23.90 21.12
C GLU D 36 -46.58 23.10 21.79
N ASP D 37 -47.35 22.33 21.01
CA ASP D 37 -48.37 21.48 21.61
C ASP D 37 -47.76 20.48 22.56
N ILE D 38 -46.65 19.85 22.17
CA ILE D 38 -45.97 18.92 23.07
C ILE D 38 -45.45 19.65 24.29
N ASN D 39 -44.91 20.85 24.09
CA ASN D 39 -44.43 21.62 25.23
C ASN D 39 -45.53 21.80 26.27
N LEU D 40 -46.67 22.36 25.86
CA LEU D 40 -47.75 22.60 26.80
C LEU D 40 -48.35 21.29 27.33
N SER D 41 -48.33 20.23 26.52
CA SER D 41 -48.87 18.96 26.96
C SER D 41 -48.03 18.37 28.08
N VAL D 42 -46.72 18.36 27.91
CA VAL D 42 -45.85 17.93 28.99
C VAL D 42 -45.96 18.87 30.18
N ARG D 43 -46.27 20.14 29.93
CA ARG D 43 -46.51 21.04 31.05
C ARG D 43 -47.68 20.59 31.89
N LYS D 44 -48.83 20.27 31.28
CA LYS D 44 -49.95 19.86 32.13
C LYS D 44 -49.71 18.47 32.72
N LEU D 45 -48.91 17.65 32.04
CA LEU D 45 -48.50 16.39 32.65
C LEU D 45 -47.71 16.64 33.93
N LEU D 46 -46.76 17.58 33.90
CA LEU D 46 -45.95 17.85 35.07
C LEU D 46 -46.79 18.54 36.14
N ASN D 47 -47.79 19.33 35.74
CA ASN D 47 -48.68 19.94 36.73
C ASN D 47 -49.66 18.95 37.32
N ARG D 48 -49.92 17.83 36.65
CA ARG D 48 -50.74 16.80 37.26
C ARG D 48 -49.89 15.86 38.12
N HIS D 49 -48.58 15.81 37.87
CA HIS D 49 -47.71 14.99 38.71
C HIS D 49 -47.05 15.80 39.83
N ASN D 50 -46.27 16.82 39.46
CA ASN D 50 -45.54 17.72 40.36
C ASN D 50 -44.38 17.04 41.09
N ILE D 51 -44.21 15.73 40.96
CA ILE D 51 -43.18 15.03 41.73
C ILE D 51 -42.60 13.89 40.90
N GLY D 54 -35.33 11.58 43.05
CA GLY D 54 -34.39 11.08 42.07
C GLY D 54 -34.89 11.20 40.64
N ASP D 55 -33.99 10.92 39.69
CA ASP D 55 -34.35 11.00 38.28
C ASP D 55 -35.37 9.92 37.92
N TYR D 56 -36.28 10.26 37.02
CA TYR D 56 -37.34 9.36 36.61
C TYR D 56 -37.47 9.38 35.10
N THR D 57 -38.16 8.38 34.57
CA THR D 57 -38.34 8.22 33.13
C THR D 57 -39.76 7.72 32.86
N TRP D 58 -40.57 8.55 32.23
CA TRP D 58 -41.93 8.18 31.85
C TRP D 58 -41.91 7.57 30.46
N THR D 59 -42.66 6.48 30.29
CA THR D 59 -42.85 5.89 28.97
C THR D 59 -44.30 5.54 28.68
N GLU D 60 -45.15 5.44 29.71
CA GLU D 60 -46.56 5.13 29.52
C GLU D 60 -47.40 6.32 29.97
N PHE D 61 -48.27 6.78 29.07
CA PHE D 61 -49.04 8.01 29.29
C PHE D 61 -50.52 7.65 29.18
N ASP D 62 -51.37 8.68 29.23
CA ASP D 62 -52.82 8.49 29.12
C ASP D 62 -53.46 9.30 28.00
N GLU D 63 -53.07 10.54 27.80
CA GLU D 63 -53.75 11.40 26.83
C GLU D 63 -53.31 11.00 25.43
N PRO D 64 -54.24 10.85 24.47
CA PRO D 64 -53.90 10.17 23.21
C PRO D 64 -52.79 10.82 22.41
N PHE D 65 -52.72 12.15 22.37
CA PHE D 65 -51.64 12.81 21.63
C PHE D 65 -50.29 12.56 22.29
N LEU D 66 -50.27 12.50 23.62
CA LEU D 66 -49.04 12.13 24.32
C LEU D 66 -48.62 10.71 23.97
N THR D 67 -49.54 9.75 24.11
CA THR D 67 -49.22 8.35 23.89
C THR D 67 -48.82 8.06 22.44
N ARG D 68 -49.09 8.98 21.52
CA ARG D 68 -48.84 8.73 20.11
C ARG D 68 -47.62 9.49 19.60
N ASN D 69 -47.42 10.73 20.04
CA ASN D 69 -46.33 11.56 19.52
C ASN D 69 -45.16 11.69 20.49
N VAL D 70 -45.11 10.90 21.56
CA VAL D 70 -43.99 10.90 22.49
C VAL D 70 -43.60 9.46 22.79
N GLN D 71 -42.30 9.18 22.75
CA GLN D 71 -41.80 7.86 23.10
C GLN D 71 -41.23 7.78 24.51
N SER D 72 -40.79 8.90 25.07
CA SER D 72 -40.18 8.88 26.40
C SER D 72 -40.04 10.31 26.89
N VAL D 73 -40.14 10.47 28.22
CA VAL D 73 -40.00 11.76 28.87
C VAL D 73 -39.12 11.55 30.10
N SER D 74 -37.87 12.01 30.03
CA SER D 74 -36.90 11.75 31.08
C SER D 74 -36.60 13.03 31.85
N ILE D 75 -36.69 12.96 33.18
CA ILE D 75 -36.29 14.06 34.06
C ILE D 75 -34.90 13.73 34.59
N ILE D 76 -33.90 14.43 34.07
CA ILE D 76 -32.51 14.12 34.34
C ILE D 76 -31.85 15.29 35.05
N ASP D 77 -31.00 14.98 36.03
CA ASP D 77 -30.24 16.00 36.73
C ASP D 77 -29.00 16.38 35.93
N ASP D 89 -39.03 16.01 46.37
CA ASP D 89 -38.72 17.03 45.37
C ASP D 89 -40.02 17.75 45.03
N LEU D 90 -39.92 19.04 44.73
CA LEU D 90 -41.06 19.84 44.30
C LEU D 90 -40.72 20.47 42.96
N SER D 91 -41.50 20.12 41.93
CA SER D 91 -41.25 20.59 40.57
C SER D 91 -42.09 21.81 40.20
N ALA D 92 -42.79 22.40 41.18
CA ALA D 92 -43.51 23.65 40.94
C ALA D 92 -42.53 24.82 41.03
N CYS D 93 -41.53 24.75 40.16
CA CYS D 93 -40.42 25.69 40.11
C CYS D 93 -39.96 25.80 38.66
N THR D 94 -38.76 26.34 38.47
CA THR D 94 -38.22 26.46 37.13
C THR D 94 -38.00 25.07 36.52
N VAL D 95 -38.48 24.89 35.29
CA VAL D 95 -38.36 23.63 34.57
C VAL D 95 -38.04 23.94 33.12
N ALA D 96 -37.17 23.11 32.52
CA ALA D 96 -36.73 23.32 31.15
C ALA D 96 -37.04 22.09 30.33
N LEU D 97 -37.53 22.30 29.11
CA LEU D 97 -37.89 21.22 28.20
C LEU D 97 -36.94 21.20 27.01
N HIS D 98 -36.68 20.00 26.50
CA HIS D 98 -35.87 19.84 25.29
C HIS D 98 -36.49 18.77 24.42
N ILE D 99 -37.36 19.19 23.50
CA ILE D 99 -37.93 18.27 22.52
C ILE D 99 -36.85 17.87 21.53
N PHE D 100 -36.68 16.57 21.31
CA PHE D 100 -35.64 16.13 20.41
C PHE D 100 -36.12 14.93 19.62
N GLN D 101 -35.70 14.85 18.36
CA GLN D 101 -36.12 13.79 17.45
C GLN D 101 -34.89 13.20 16.80
N LEU D 102 -34.78 11.88 16.85
CA LEU D 102 -33.59 11.19 16.37
C LEU D 102 -33.64 10.99 14.86
N ASN D 103 -32.48 11.22 14.21
CA ASN D 103 -32.27 11.10 12.74
C ASN D 103 -31.51 9.82 12.33
N GLU D 104 -32.12 9.04 11.41
CA GLU D 104 -31.60 7.73 11.05
C GLU D 104 -30.59 7.75 9.91
N ASP D 105 -29.90 8.86 9.69
CA ASP D 105 -28.92 8.95 8.62
C ASP D 105 -27.69 8.10 8.95
N GLY D 106 -26.72 8.11 8.04
CA GLY D 106 -25.55 7.27 8.16
C GLY D 106 -24.24 8.02 8.08
N PRO D 107 -23.20 7.34 7.56
CA PRO D 107 -21.86 7.94 7.56
C PRO D 107 -21.72 9.22 6.77
N SER D 108 -22.09 9.20 5.48
CA SER D 108 -21.89 10.34 4.58
C SER D 108 -20.41 10.75 4.57
N SER D 109 -19.58 9.84 4.08
CA SER D 109 -18.14 10.02 4.10
C SER D 109 -17.71 11.17 3.19
N GLU D 110 -16.67 11.89 3.62
CA GLU D 110 -16.03 12.90 2.80
C GLU D 110 -14.84 12.31 2.07
N ASN D 111 -14.92 12.27 0.75
CA ASN D 111 -13.92 11.57 -0.06
C ASN D 111 -12.54 12.21 0.04
N LEU D 112 -12.48 13.53 -0.05
CA LEU D 112 -11.22 14.28 -0.12
C LEU D 112 -10.32 13.76 -1.25
N GLU D 113 -10.96 13.40 -2.35
CA GLU D 113 -10.29 12.78 -3.48
C GLU D 113 -9.68 13.84 -4.39
N GLU D 114 -8.42 13.67 -4.75
CA GLU D 114 -7.79 14.56 -5.71
C GLU D 114 -7.99 14.07 -7.13
N GLU D 115 -7.95 12.76 -7.33
CA GLU D 115 -8.20 12.12 -8.62
C GLU D 115 -8.99 10.84 -8.43
N THR D 116 -9.89 10.84 -7.45
CA THR D 116 -10.70 9.70 -7.03
C THR D 116 -9.87 8.55 -6.47
N GLU D 117 -8.57 8.74 -6.28
CA GLU D 117 -7.72 7.71 -5.71
C GLU D 117 -7.62 7.78 -4.19
N ASN D 118 -8.14 8.84 -3.58
CA ASN D 118 -8.04 8.99 -2.14
C ASN D 118 -9.03 8.07 -1.43
N ILE D 119 -8.91 8.04 -0.10
CA ILE D 119 -9.65 7.08 0.73
C ILE D 119 -10.51 7.85 1.72
N ILE D 120 -11.52 7.19 2.28
CA ILE D 120 -12.48 7.82 3.17
C ILE D 120 -11.78 8.53 4.31
N ALA D 121 -12.17 9.78 4.55
CA ALA D 121 -11.70 10.56 5.68
C ALA D 121 -12.84 11.40 6.21
N ALA D 122 -12.81 11.69 7.52
CA ALA D 122 -13.75 12.59 8.16
C ALA D 122 -15.19 12.10 7.99
N ASN D 123 -15.47 10.95 8.62
CA ASN D 123 -16.84 10.47 8.68
C ASN D 123 -17.69 11.45 9.46
N HIS D 124 -18.93 11.63 9.01
CA HIS D 124 -19.74 12.81 9.34
C HIS D 124 -21.00 12.38 10.08
N TRP D 125 -21.08 12.69 11.37
CA TRP D 125 -22.28 12.42 12.15
C TRP D 125 -23.11 13.69 12.35
N VAL D 126 -24.40 13.49 12.60
CA VAL D 126 -25.38 14.55 12.42
C VAL D 126 -26.12 14.72 13.75
N LEU D 127 -27.18 15.52 13.75
CA LEU D 127 -28.19 15.65 14.81
C LEU D 127 -28.52 14.22 15.22
N PRO D 128 -28.79 13.93 16.51
CA PRO D 128 -28.66 12.54 17.02
C PRO D 128 -29.08 11.43 16.07
N ALA D 129 -28.13 10.54 15.78
CA ALA D 129 -28.28 9.54 14.74
C ALA D 129 -28.86 8.24 15.26
N ALA D 130 -29.34 8.21 16.51
CA ALA D 130 -30.01 7.08 17.11
C ALA D 130 -29.03 5.96 17.41
N GLU D 131 -27.79 6.12 16.95
CA GLU D 131 -26.74 5.17 17.27
C GLU D 131 -26.07 5.52 18.59
N PHE D 132 -25.99 6.82 18.90
CA PHE D 132 -25.40 7.29 20.14
C PHE D 132 -26.44 7.53 21.22
N HIS D 133 -27.68 7.09 21.01
CA HIS D 133 -28.75 7.39 21.96
C HIS D 133 -28.57 6.59 23.23
N GLY D 134 -28.90 7.20 24.37
CA GLY D 134 -28.74 6.54 25.66
C GLY D 134 -27.31 6.41 26.12
N LEU D 135 -26.38 7.12 25.49
CA LEU D 135 -24.97 6.96 25.83
C LEU D 135 -24.61 7.70 27.11
N TRP D 136 -25.16 8.90 27.32
CA TRP D 136 -24.71 9.76 28.42
C TRP D 136 -24.94 9.14 29.79
N ASP D 137 -25.89 8.20 29.91
CA ASP D 137 -26.19 7.62 31.21
C ASP D 137 -25.67 6.21 31.37
N SER D 138 -25.37 5.50 30.28
CA SER D 138 -24.70 4.21 30.42
C SER D 138 -23.29 4.36 30.95
N LEU D 139 -22.51 5.28 30.40
CA LEU D 139 -21.21 5.63 30.93
C LEU D 139 -21.34 6.10 32.37
N VAL D 140 -20.47 5.60 33.24
CA VAL D 140 -20.46 5.97 34.64
C VAL D 140 -19.05 6.36 35.03
N TYR D 141 -18.86 7.61 35.42
CA TYR D 141 -17.61 8.12 35.95
C TYR D 141 -17.85 8.70 37.33
N ASP D 142 -16.84 9.39 37.85
CA ASP D 142 -17.04 10.21 39.02
C ASP D 142 -17.98 11.37 38.68
N VAL D 143 -18.37 12.13 39.70
CA VAL D 143 -19.30 13.22 39.47
C VAL D 143 -18.63 14.37 38.73
N GLU D 144 -17.35 14.61 39.00
CA GLU D 144 -16.65 15.78 38.51
C GLU D 144 -16.37 15.75 37.01
N VAL D 145 -16.52 14.62 36.34
CA VAL D 145 -16.08 14.52 34.96
C VAL D 145 -17.14 14.97 33.98
N LYS D 146 -18.41 14.98 34.38
CA LYS D 146 -19.47 15.34 33.44
C LYS D 146 -19.91 16.79 33.63
N SER D 147 -20.13 17.22 34.87
CA SER D 147 -20.55 18.58 35.13
C SER D 147 -19.51 19.58 34.64
N HIS D 148 -18.24 19.29 34.87
CA HIS D 148 -17.17 20.16 34.40
C HIS D 148 -17.21 20.29 32.89
N LEU D 149 -17.25 19.16 32.20
CA LEU D 149 -17.18 19.15 30.75
C LEU D 149 -18.45 19.71 30.12
N LEU D 150 -19.51 19.87 30.90
CA LEU D 150 -20.71 20.51 30.38
C LEU D 150 -20.72 22.02 30.64
N ASP D 151 -20.49 22.44 31.88
CA ASP D 151 -20.49 23.88 32.11
C ASP D 151 -19.31 24.57 31.45
N TYR D 152 -18.30 23.83 31.00
CA TYR D 152 -17.29 24.42 30.13
C TYR D 152 -17.93 25.02 28.87
N VAL D 153 -18.58 24.19 28.07
CA VAL D 153 -19.25 24.70 26.87
C VAL D 153 -20.38 25.65 27.19
N MET D 154 -21.00 25.53 28.36
CA MET D 154 -22.03 26.52 28.72
C MET D 154 -21.42 27.91 28.94
N THR D 155 -20.35 27.99 29.72
CA THR D 155 -19.70 29.28 29.94
C THR D 155 -19.07 29.81 28.67
N THR D 156 -18.66 28.93 27.77
CA THR D 156 -18.17 29.39 26.46
C THR D 156 -19.20 30.29 25.80
N LEU D 157 -20.44 29.83 25.70
CA LEU D 157 -21.49 30.64 25.08
C LEU D 157 -21.86 31.85 25.93
N LEU D 158 -21.88 31.67 27.26
CA LEU D 158 -22.15 32.80 28.14
C LEU D 158 -21.20 33.96 27.87
N PHE D 159 -19.90 33.65 27.78
CA PHE D 159 -18.91 34.68 27.46
C PHE D 159 -19.05 35.16 26.02
N SER D 160 -19.41 34.27 25.10
CA SER D 160 -19.49 34.64 23.69
C SER D 160 -20.55 35.71 23.46
N ASP D 161 -21.72 35.58 24.07
CA ASP D 161 -22.81 36.49 23.79
C ASP D 161 -22.94 37.63 24.79
N LYS D 162 -21.98 37.77 25.69
CA LYS D 162 -21.85 38.99 26.46
C LYS D 162 -20.80 39.93 25.85
N ASN D 163 -20.18 39.52 24.75
CA ASN D 163 -19.20 40.33 24.03
C ASN D 163 -18.00 40.68 24.91
N VAL D 164 -17.27 39.65 25.32
CA VAL D 164 -15.99 39.87 25.98
C VAL D 164 -14.94 40.20 24.94
N ASN D 165 -13.89 40.91 25.35
CA ASN D 165 -12.84 41.29 24.42
C ASN D 165 -12.13 40.03 23.90
N SER D 166 -11.94 39.98 22.58
CA SER D 166 -11.44 38.75 21.97
C SER D 166 -10.04 38.41 22.45
N ASN D 167 -9.15 39.38 22.55
CA ASN D 167 -7.74 39.11 22.85
C ASN D 167 -7.31 39.62 24.23
N LEU D 168 -8.21 39.62 25.21
CA LEU D 168 -7.81 39.82 26.60
C LEU D 168 -8.16 38.63 27.48
N ILE D 169 -9.21 37.89 27.13
CA ILE D 169 -9.54 36.61 27.75
C ILE D 169 -10.07 35.72 26.64
N THR D 170 -9.34 34.65 26.34
CA THR D 170 -9.64 33.83 25.19
C THR D 170 -9.29 32.38 25.48
N TRP D 171 -9.75 31.49 24.60
CA TRP D 171 -9.50 30.07 24.75
C TRP D 171 -9.32 29.48 23.35
N ASN D 172 -8.66 28.34 23.29
CA ASN D 172 -8.43 27.68 22.01
C ASN D 172 -9.53 26.70 21.63
N ARG D 173 -10.49 26.46 22.53
CA ARG D 173 -11.63 25.59 22.25
C ARG D 173 -11.16 24.18 21.88
N VAL D 174 -10.41 23.55 22.79
CA VAL D 174 -9.87 22.22 22.61
C VAL D 174 -9.83 21.53 23.97
N VAL D 175 -10.36 20.31 24.01
CA VAL D 175 -10.37 19.49 25.22
C VAL D 175 -9.56 18.21 24.95
N LEU D 176 -8.82 17.75 25.95
CA LEU D 176 -7.98 16.56 25.82
C LEU D 176 -8.30 15.60 26.96
N LEU D 177 -8.57 14.34 26.61
CA LEU D 177 -8.90 13.30 27.58
C LEU D 177 -7.86 12.20 27.50
N HIS D 178 -7.21 11.92 28.63
CA HIS D 178 -6.20 10.88 28.71
C HIS D 178 -6.48 9.99 29.90
N GLY D 179 -6.10 8.72 29.78
CA GLY D 179 -6.24 7.76 30.85
C GLY D 179 -5.75 6.39 30.43
N PRO D 180 -5.62 5.48 31.39
CA PRO D 180 -5.24 4.11 31.05
C PRO D 180 -6.21 3.51 30.06
N PRO D 181 -5.74 2.68 29.14
CA PRO D 181 -6.59 2.26 28.02
C PRO D 181 -7.77 1.44 28.52
N GLY D 182 -8.84 1.46 27.74
CA GLY D 182 -10.02 0.71 28.06
C GLY D 182 -11.06 1.43 28.89
N THR D 183 -10.79 2.66 29.31
CA THR D 183 -11.69 3.34 30.23
C THR D 183 -12.73 4.20 29.53
N GLY D 184 -12.91 4.03 28.22
CA GLY D 184 -14.00 4.68 27.53
C GLY D 184 -13.92 6.17 27.39
N LYS D 185 -13.02 6.69 26.57
CA LYS D 185 -12.92 8.13 26.35
C LYS D 185 -13.23 8.54 24.92
N THR D 186 -13.74 7.64 24.10
CA THR D 186 -14.40 8.01 22.85
C THR D 186 -15.91 8.12 23.05
N SER D 187 -16.47 7.21 23.83
CA SER D 187 -17.86 7.30 24.25
C SER D 187 -18.15 8.58 25.01
N LEU D 188 -17.23 9.07 25.83
CA LEU D 188 -17.49 10.33 26.52
C LEU D 188 -17.67 11.47 25.54
N CYS D 189 -16.81 11.57 24.54
CA CYS D 189 -16.93 12.64 23.57
C CYS D 189 -18.20 12.51 22.73
N LYS D 190 -18.50 11.30 22.27
CA LYS D 190 -19.71 11.14 21.46
C LYS D 190 -20.98 11.41 22.29
N ALA D 191 -20.97 11.00 23.56
CA ALA D 191 -22.10 11.27 24.43
C ALA D 191 -22.20 12.76 24.76
N LEU D 192 -21.06 13.44 24.86
CA LEU D 192 -21.08 14.89 25.02
C LEU D 192 -21.71 15.56 23.82
N ALA D 193 -21.36 15.10 22.61
CA ALA D 193 -21.97 15.64 21.41
C ALA D 193 -23.48 15.46 21.46
N GLN D 194 -23.92 14.26 21.81
CA GLN D 194 -25.35 13.97 21.92
C GLN D 194 -26.02 14.91 22.92
N LYS D 195 -25.47 14.95 24.13
CA LYS D 195 -26.09 15.67 25.23
C LYS D 195 -26.14 17.16 24.94
N LEU D 196 -25.13 17.69 24.27
CA LEU D 196 -25.07 19.13 24.05
C LEU D 196 -25.89 19.53 22.83
N THR D 197 -25.96 18.68 21.81
CA THR D 197 -26.92 18.92 20.73
C THR D 197 -28.32 19.02 21.28
N ILE D 198 -28.68 18.11 22.20
CA ILE D 198 -30.03 18.19 22.78
C ILE D 198 -30.17 19.38 23.70
N ARG D 199 -29.19 19.64 24.56
CA ARG D 199 -29.30 20.69 25.57
C ARG D 199 -29.30 22.09 24.98
N LEU D 200 -28.83 22.25 23.74
CA LEU D 200 -28.76 23.56 23.11
C LEU D 200 -29.54 23.59 21.81
N SER D 201 -30.77 23.08 21.83
CA SER D 201 -31.61 23.08 20.64
C SER D 201 -32.35 24.39 20.42
N SER D 202 -32.21 25.36 21.33
CA SER D 202 -32.83 26.66 21.16
C SER D 202 -31.88 27.69 20.58
N ARG D 203 -30.65 27.77 21.10
CA ARG D 203 -29.68 28.72 20.58
C ARG D 203 -29.26 28.37 19.16
N TYR D 204 -29.11 27.08 18.85
CA TYR D 204 -28.68 26.63 17.54
C TYR D 204 -29.75 25.72 16.96
N ARG D 205 -29.90 25.78 15.63
CA ARG D 205 -30.91 24.95 14.97
C ARG D 205 -30.65 23.47 15.19
N TYR D 206 -29.41 23.02 15.05
CA TYR D 206 -29.09 21.61 15.20
C TYR D 206 -27.59 21.46 15.37
N GLY D 207 -27.19 20.25 15.77
CA GLY D 207 -25.80 19.93 16.04
C GLY D 207 -25.08 19.37 14.83
N GLN D 208 -23.83 18.97 15.08
CA GLN D 208 -22.94 18.49 14.03
C GLN D 208 -21.81 17.71 14.69
N LEU D 209 -21.15 16.84 13.94
CA LEU D 209 -19.93 16.21 14.44
C LEU D 209 -19.13 15.67 13.27
N ILE D 210 -17.84 15.95 13.27
CA ILE D 210 -16.91 15.39 12.29
C ILE D 210 -15.87 14.59 13.05
N GLU D 211 -15.81 13.29 12.79
CA GLU D 211 -14.76 12.44 13.35
C GLU D 211 -13.64 12.36 12.32
N ILE D 212 -12.45 12.80 12.70
CA ILE D 212 -11.36 12.94 11.74
C ILE D 212 -10.61 11.63 11.64
N ASN D 213 -10.37 11.17 10.41
CA ASN D 213 -9.61 9.95 10.19
C ASN D 213 -8.13 10.33 10.15
N SER D 214 -7.49 10.34 11.31
CA SER D 214 -6.14 10.87 11.48
C SER D 214 -5.07 10.04 10.79
N HIS D 215 -5.44 9.00 10.05
CA HIS D 215 -4.47 8.18 9.33
C HIS D 215 -4.70 8.19 7.84
N SER D 216 -5.63 9.01 7.35
CA SER D 216 -5.81 9.21 5.92
C SER D 216 -5.28 10.56 5.47
N LEU D 217 -4.81 11.38 6.40
CA LEU D 217 -4.12 12.63 6.08
C LEU D 217 -2.70 12.42 5.59
N PHE D 218 -1.97 11.47 6.16
CA PHE D 218 -0.58 11.24 5.77
C PHE D 218 -0.53 10.70 4.34
N SER D 219 0.65 10.84 3.74
CA SER D 219 0.91 10.31 2.40
C SER D 219 2.42 10.19 2.24
N LYS D 220 2.84 9.15 1.52
CA LYS D 220 4.26 8.85 1.39
C LYS D 220 5.01 9.97 0.67
N TRP D 221 4.42 10.57 -0.34
CA TRP D 221 5.12 11.51 -1.20
C TRP D 221 5.49 12.78 -0.44
N PHE D 222 6.27 13.64 -1.09
CA PHE D 222 6.88 14.76 -0.38
C PHE D 222 5.91 15.92 -0.31
N SER D 223 5.65 16.38 0.91
CA SER D 223 4.68 17.44 1.18
C SER D 223 3.34 17.14 0.50
N GLU D 224 2.90 15.90 0.67
CA GLU D 224 1.51 15.55 0.49
C GLU D 224 0.79 15.38 1.80
N SER D 225 1.46 15.62 2.92
CA SER D 225 0.82 15.49 4.22
C SER D 225 0.22 16.81 4.69
N GLY D 226 1.05 17.86 4.78
CA GLY D 226 0.56 19.14 5.28
C GLY D 226 -0.56 19.70 4.42
N LYS D 227 -0.49 19.49 3.11
CA LYS D 227 -1.57 19.93 2.24
C LYS D 227 -2.86 19.20 2.56
N LEU D 228 -2.79 17.89 2.84
CA LEU D 228 -4.00 17.17 3.22
C LEU D 228 -4.54 17.65 4.56
N VAL D 229 -3.66 17.96 5.51
CA VAL D 229 -4.13 18.46 6.80
C VAL D 229 -4.85 19.79 6.61
N THR D 230 -4.27 20.70 5.84
CA THR D 230 -4.93 21.99 5.64
C THR D 230 -6.18 21.83 4.80
N LYS D 231 -6.24 20.81 3.95
CA LYS D 231 -7.46 20.55 3.20
C LYS D 231 -8.59 20.07 4.11
N MET D 232 -8.28 19.14 5.02
CA MET D 232 -9.24 18.77 6.05
C MET D 232 -9.74 19.98 6.82
N PHE D 233 -8.82 20.81 7.30
CA PHE D 233 -9.30 21.88 8.16
C PHE D 233 -10.00 22.98 7.39
N GLN D 234 -9.69 23.18 6.11
CA GLN D 234 -10.46 24.15 5.34
C GLN D 234 -11.84 23.61 5.01
N LYS D 235 -11.97 22.30 4.80
CA LYS D 235 -13.29 21.71 4.64
C LYS D 235 -14.12 21.87 5.91
N ILE D 236 -13.50 21.64 7.07
CA ILE D 236 -14.20 21.87 8.33
C ILE D 236 -14.59 23.34 8.44
N GLN D 237 -13.68 24.25 8.08
CA GLN D 237 -14.00 25.67 8.10
C GLN D 237 -15.20 26.00 7.22
N ASP D 238 -15.27 25.42 6.02
CA ASP D 238 -16.47 25.55 5.21
C ASP D 238 -17.70 25.08 5.97
N LEU D 239 -17.59 23.94 6.66
CA LEU D 239 -18.72 23.45 7.46
C LEU D 239 -19.03 24.33 8.66
N ILE D 240 -18.14 25.26 9.02
CA ILE D 240 -18.45 26.18 10.11
C ILE D 240 -19.03 27.49 9.59
N ASP D 241 -19.05 27.68 8.26
CA ASP D 241 -19.46 28.96 7.69
C ASP D 241 -20.82 29.41 8.23
N ASP D 242 -21.80 28.51 8.18
CA ASP D 242 -23.11 28.78 8.77
C ASP D 242 -22.98 28.90 10.29
N LYS D 243 -23.67 29.87 10.88
CA LYS D 243 -23.64 30.09 12.32
C LYS D 243 -24.85 29.52 13.05
N ASP D 244 -25.59 28.60 12.44
CA ASP D 244 -26.72 27.98 13.13
C ASP D 244 -26.43 26.55 13.58
N ALA D 245 -25.41 25.91 13.02
CA ALA D 245 -24.99 24.60 13.50
C ALA D 245 -24.05 24.74 14.69
N LEU D 246 -23.75 23.59 15.31
CA LEU D 246 -22.78 23.50 16.40
C LEU D 246 -21.87 22.33 16.06
N VAL D 247 -20.59 22.61 15.83
CA VAL D 247 -19.68 21.61 15.30
C VAL D 247 -18.76 21.10 16.40
N PHE D 248 -18.81 19.80 16.63
CA PHE D 248 -17.83 19.09 17.44
C PHE D 248 -16.91 18.32 16.51
N VAL D 249 -15.61 18.52 16.68
CA VAL D 249 -14.60 17.86 15.86
C VAL D 249 -13.86 16.88 16.75
N LEU D 250 -14.02 15.59 16.50
CA LEU D 250 -13.43 14.54 17.33
C LEU D 250 -12.20 13.98 16.61
N ILE D 251 -11.03 14.20 17.21
CA ILE D 251 -9.82 13.52 16.78
C ILE D 251 -9.57 12.40 17.79
N ASP D 252 -9.74 11.15 17.34
CA ASP D 252 -9.87 10.04 18.27
C ASP D 252 -8.58 9.81 19.05
N GLN D 253 -7.46 9.65 18.33
CA GLN D 253 -6.15 9.42 18.93
C GLN D 253 -5.18 10.44 18.34
N VAL D 254 -4.85 11.46 19.12
CA VAL D 254 -4.03 12.55 18.62
C VAL D 254 -2.64 12.09 18.20
N GLU D 255 -1.98 11.24 18.99
CA GLU D 255 -0.61 10.84 18.69
C GLU D 255 -0.45 10.23 17.32
N SER D 256 -1.54 9.87 16.65
CA SER D 256 -1.46 9.62 15.23
C SER D 256 -1.08 10.86 14.44
N LEU D 257 -1.58 12.02 14.86
CA LEU D 257 -1.35 13.28 14.15
C LEU D 257 -0.27 14.14 14.79
N THR D 258 -0.44 14.51 16.05
CA THR D 258 0.49 15.41 16.72
C THR D 258 1.59 14.62 17.41
N ALA D 259 2.38 13.93 16.58
CA ALA D 259 3.53 13.19 17.06
C ALA D 259 4.55 14.13 17.68
N ALA D 260 5.22 13.66 18.73
CA ALA D 260 6.25 14.46 19.38
C ALA D 260 7.27 14.94 18.35
N ARG D 261 7.74 16.17 18.54
CA ARG D 261 8.53 16.81 17.49
C ARG D 261 10.03 16.58 17.66
N ASN D 262 10.54 16.67 18.89
CA ASN D 262 11.97 16.48 19.14
C ASN D 262 12.34 15.02 19.29
N ALA D 263 11.44 14.21 19.86
CA ALA D 263 11.79 12.83 20.20
C ALA D 263 12.13 11.99 18.98
N CYS D 264 11.78 12.46 17.79
CA CYS D 264 12.09 11.73 16.56
C CYS D 264 13.60 11.77 16.35
N ARG D 265 14.28 10.69 16.71
CA ARG D 265 15.73 10.72 16.89
C ARG D 265 16.40 10.58 15.51
N ALA D 266 17.71 10.38 15.52
CA ALA D 266 18.54 10.55 14.33
C ALA D 266 18.09 9.71 13.16
N GLY D 267 17.74 10.37 12.08
CA GLY D 267 17.67 9.76 10.76
C GLY D 267 16.44 8.93 10.46
N THR D 268 15.88 8.27 11.47
CA THR D 268 14.74 7.40 11.22
C THR D 268 13.49 8.17 10.80
N GLU D 269 13.22 9.32 11.42
CA GLU D 269 12.02 10.08 11.17
C GLU D 269 12.32 11.29 10.30
N PRO D 270 11.73 11.39 9.12
CA PRO D 270 12.03 12.51 8.24
C PRO D 270 11.48 13.83 8.76
N SER D 271 11.66 14.87 7.96
CA SER D 271 11.16 16.19 8.32
C SER D 271 9.64 16.26 8.27
N ASP D 272 9.01 15.56 7.32
CA ASP D 272 7.57 15.65 7.15
C ASP D 272 6.82 15.30 8.42
N ALA D 273 7.50 14.72 9.40
CA ALA D 273 6.89 14.45 10.70
C ALA D 273 6.88 15.72 11.54
N ILE D 274 7.39 16.83 11.01
CA ILE D 274 7.33 18.11 11.71
C ILE D 274 6.34 19.04 11.04
N ARG D 275 6.33 19.03 9.69
CA ARG D 275 5.36 19.82 8.95
C ARG D 275 3.94 19.46 9.34
N VAL D 276 3.65 18.16 9.50
CA VAL D 276 2.31 17.76 9.92
C VAL D 276 1.93 18.39 11.24
N VAL D 277 2.81 18.27 12.25
CA VAL D 277 2.47 18.75 13.57
C VAL D 277 2.25 20.26 13.57
N ASN D 278 3.15 21.00 12.92
CA ASN D 278 2.98 22.45 12.96
C ASN D 278 1.85 22.93 12.06
N ALA D 279 1.55 22.24 10.97
CA ALA D 279 0.36 22.58 10.19
C ALA D 279 -0.90 22.37 11.01
N VAL D 280 -0.97 21.26 11.75
CA VAL D 280 -2.13 21.01 12.60
C VAL D 280 -2.25 22.10 13.66
N LEU D 281 -1.13 22.48 14.26
CA LEU D 281 -1.16 23.53 15.29
C LEU D 281 -1.61 24.86 14.70
N THR D 282 -1.11 25.22 13.52
CA THR D 282 -1.51 26.46 12.88
C THR D 282 -3.00 26.46 12.57
N GLN D 283 -3.51 25.35 12.04
CA GLN D 283 -4.93 25.28 11.73
C GLN D 283 -5.78 25.39 12.99
N ILE D 284 -5.38 24.70 14.06
CA ILE D 284 -6.13 24.77 15.31
C ILE D 284 -6.13 26.19 15.85
N ASP D 285 -5.06 26.93 15.61
CA ASP D 285 -5.07 28.35 15.98
C ASP D 285 -5.96 29.16 15.05
N GLN D 286 -6.05 28.77 13.78
CA GLN D 286 -6.82 29.54 12.80
C GLN D 286 -8.32 29.36 12.96
N ILE D 287 -8.79 28.24 13.51
CA ILE D 287 -10.21 28.05 13.77
C ILE D 287 -10.55 28.29 15.23
N LYS D 288 -9.70 29.03 15.93
CA LYS D 288 -9.92 29.42 17.32
C LYS D 288 -10.90 30.58 17.44
N ARG D 289 -11.10 31.35 16.37
CA ARG D 289 -11.87 32.58 16.46
C ARG D 289 -13.38 32.35 16.56
N HIS D 290 -13.90 31.29 15.98
CA HIS D 290 -15.33 31.02 16.01
C HIS D 290 -15.77 30.63 17.41
N SER D 291 -17.07 30.61 17.62
CA SER D 291 -17.66 30.31 18.92
C SER D 291 -18.55 29.07 18.90
N ASN D 292 -18.72 28.42 17.76
CA ASN D 292 -19.61 27.28 17.64
C ASN D 292 -18.83 26.02 17.29
N VAL D 293 -17.54 25.99 17.60
CA VAL D 293 -16.71 24.83 17.37
C VAL D 293 -16.08 24.40 18.67
N VAL D 294 -16.15 23.10 18.96
CA VAL D 294 -15.42 22.52 20.08
C VAL D 294 -14.67 21.31 19.54
N ILE D 295 -13.39 21.19 19.90
CA ILE D 295 -12.53 20.14 19.39
C ILE D 295 -12.24 19.18 20.54
N LEU D 296 -12.74 17.96 20.40
CA LEU D 296 -12.60 16.91 21.40
C LEU D 296 -11.50 15.96 20.93
N THR D 297 -10.49 15.76 21.78
CA THR D 297 -9.34 14.94 21.44
C THR D 297 -8.98 14.05 22.62
N THR D 298 -8.66 12.79 22.32
CA THR D 298 -8.36 11.81 23.35
C THR D 298 -7.11 11.01 22.98
N SER D 299 -6.47 10.47 24.01
CA SER D 299 -5.39 9.51 23.81
C SER D 299 -5.10 8.86 25.14
N ASN D 300 -4.70 7.59 25.10
CA ASN D 300 -4.50 6.81 26.31
C ASN D 300 -3.21 7.24 26.99
N ILE D 301 -2.72 6.41 27.92
CA ILE D 301 -1.57 6.74 28.77
C ILE D 301 -0.36 7.12 27.92
N THR D 302 -0.45 6.93 26.61
CA THR D 302 0.56 7.43 25.67
C THR D 302 0.38 8.94 25.54
N GLU D 303 0.51 9.61 26.68
CA GLU D 303 0.38 11.06 26.76
C GLU D 303 1.70 11.75 26.52
N LYS D 304 2.59 11.13 25.74
CA LYS D 304 3.82 11.75 25.28
C LYS D 304 3.51 12.67 24.10
N ILE D 305 2.51 13.52 24.30
CA ILE D 305 2.01 14.41 23.27
C ILE D 305 2.98 15.57 23.12
N ASP D 306 3.11 16.07 21.88
CA ASP D 306 3.91 17.26 21.63
C ASP D 306 3.51 18.38 22.61
N VAL D 307 4.51 18.93 23.28
CA VAL D 307 4.23 19.94 24.30
C VAL D 307 3.55 21.15 23.69
N ALA D 308 3.92 21.53 22.47
CA ALA D 308 3.27 22.65 21.81
C ALA D 308 1.81 22.39 21.50
N PHE D 309 1.37 21.14 21.59
CA PHE D 309 -0.06 20.83 21.52
C PHE D 309 -0.65 20.61 22.91
N VAL D 310 0.06 19.90 23.78
CA VAL D 310 -0.40 19.66 25.12
C VAL D 310 -0.48 20.94 25.95
N ASP D 311 -0.06 22.06 25.38
CA ASP D 311 -0.39 23.37 25.93
C ASP D 311 -1.61 23.98 25.25
N ARG D 312 -1.90 23.58 24.02
CA ARG D 312 -3.06 24.06 23.27
C ARG D 312 -4.34 23.35 23.71
N ALA D 313 -4.65 23.36 25.00
CA ALA D 313 -5.77 22.57 25.50
C ALA D 313 -6.34 23.23 26.73
N ASP D 314 -7.62 23.61 26.66
CA ASP D 314 -8.26 24.25 27.80
C ASP D 314 -8.42 23.27 28.97
N ILE D 315 -8.98 22.10 28.68
CA ILE D 315 -9.26 21.10 29.71
C ILE D 315 -8.53 19.81 29.33
N LYS D 316 -7.74 19.27 30.24
CA LYS D 316 -7.08 18.06 30.01
C LYS D 316 -7.61 17.35 31.19
N GLN D 317 -8.50 16.39 30.99
CA GLN D 317 -9.17 15.63 32.03
C GLN D 317 -8.62 14.21 32.07
N TYR D 318 -8.48 13.66 33.27
CA TYR D 318 -7.95 12.33 33.49
C TYR D 318 -9.11 11.35 33.69
N ILE D 319 -9.09 10.26 32.92
CA ILE D 319 -10.15 9.25 32.95
C ILE D 319 -9.51 7.94 33.39
N GLY D 320 -9.55 7.65 34.68
CA GLY D 320 -8.94 6.46 35.21
C GLY D 320 -9.79 5.22 35.03
N PRO D 321 -9.53 4.19 35.84
CA PRO D 321 -10.39 3.01 35.82
C PRO D 321 -11.50 3.17 36.84
N PRO D 322 -12.63 2.47 36.66
CA PRO D 322 -13.79 2.70 37.52
C PRO D 322 -13.49 2.34 38.97
N SER D 323 -14.11 3.11 39.88
CA SER D 323 -13.96 2.88 41.30
C SER D 323 -15.06 1.94 41.78
N ALA D 324 -15.07 1.65 43.09
CA ALA D 324 -15.96 0.63 43.63
C ALA D 324 -17.42 0.95 43.34
N ALA D 325 -17.84 2.18 43.63
CA ALA D 325 -19.21 2.58 43.36
C ALA D 325 -19.54 2.49 41.88
N ALA D 326 -18.60 2.91 41.03
CA ALA D 326 -18.82 2.82 39.60
C ALA D 326 -19.00 1.37 39.16
N ILE D 327 -18.18 0.46 39.69
CA ILE D 327 -18.35 -0.95 39.38
C ILE D 327 -19.73 -1.43 39.80
N PHE D 328 -20.15 -1.07 41.01
CA PHE D 328 -21.47 -1.48 41.47
C PHE D 328 -22.56 -1.01 40.54
N LYS D 329 -22.50 0.26 40.10
CA LYS D 329 -23.55 0.77 39.23
C LYS D 329 -23.53 0.11 37.85
N ILE D 330 -22.34 -0.15 37.30
CA ILE D 330 -22.29 -0.89 36.03
C ILE D 330 -22.92 -2.27 36.18
N TYR D 331 -22.59 -2.96 37.28
CA TYR D 331 -23.12 -4.31 37.45
C TYR D 331 -24.62 -4.27 37.68
N LEU D 332 -25.10 -3.29 38.43
CA LEU D 332 -26.53 -3.15 38.68
C LEU D 332 -27.28 -2.90 37.38
N SER D 333 -26.76 -2.01 36.54
CA SER D 333 -27.38 -1.76 35.25
C SER D 333 -27.38 -3.00 34.38
N CYS D 334 -26.25 -3.73 34.38
CA CYS D 334 -26.18 -4.95 33.59
C CYS D 334 -27.22 -5.96 34.03
N LEU D 335 -27.34 -6.19 35.34
CA LEU D 335 -28.32 -7.14 35.85
C LEU D 335 -29.74 -6.69 35.55
N GLU D 336 -30.03 -5.39 35.71
CA GLU D 336 -31.37 -4.90 35.43
C GLU D 336 -31.73 -5.10 33.96
N GLU D 337 -30.82 -4.76 33.05
CA GLU D 337 -31.07 -4.98 31.63
C GLU D 337 -31.28 -6.45 31.35
N LEU D 338 -30.45 -7.31 31.93
CA LEU D 338 -30.56 -8.73 31.67
C LEU D 338 -31.91 -9.27 32.13
N MET D 339 -32.35 -8.91 33.35
CA MET D 339 -33.67 -9.32 33.80
C MET D 339 -34.76 -8.84 32.86
N LYS D 340 -34.68 -7.56 32.45
CA LYS D 340 -35.70 -7.04 31.55
C LYS D 340 -35.72 -7.79 30.23
N CYS D 341 -34.56 -8.26 29.77
CA CYS D 341 -34.47 -8.91 28.47
C CYS D 341 -34.83 -10.40 28.53
N GLN D 342 -35.08 -10.94 29.72
CA GLN D 342 -35.48 -12.33 29.94
C GLN D 342 -34.38 -13.33 29.63
N ILE D 343 -33.14 -13.02 30.03
CA ILE D 343 -32.13 -14.05 30.21
C ILE D 343 -32.16 -14.59 31.63
N ILE D 344 -32.49 -13.73 32.60
CA ILE D 344 -32.76 -14.12 33.97
C ILE D 344 -34.25 -13.97 34.19
N TYR D 345 -34.96 -15.09 34.31
CA TYR D 345 -36.41 -15.02 34.35
C TYR D 345 -36.91 -14.50 35.70
N PRO D 346 -36.57 -15.15 36.84
CA PRO D 346 -37.15 -14.68 38.10
C PRO D 346 -36.55 -13.35 38.55
N ARG D 347 -37.31 -12.29 38.40
CA ARG D 347 -36.82 -10.96 38.73
C ARG D 347 -36.85 -10.74 40.24
N GLN D 348 -35.73 -10.23 40.76
CA GLN D 348 -35.65 -9.83 42.16
C GLN D 348 -35.30 -8.35 42.22
N GLN D 349 -35.81 -7.69 43.27
CA GLN D 349 -35.56 -6.26 43.47
C GLN D 349 -34.22 -6.09 44.16
N LEU D 350 -33.20 -5.74 43.38
CA LEU D 350 -31.86 -5.53 43.91
C LEU D 350 -31.77 -4.13 44.49
N LEU D 351 -31.27 -4.04 45.72
CA LEU D 351 -31.11 -2.74 46.35
C LEU D 351 -29.94 -1.99 45.72
N THR D 352 -29.70 -0.78 46.22
CA THR D 352 -28.57 0.04 45.78
C THR D 352 -27.81 0.52 47.01
N LEU D 353 -26.71 1.24 46.78
CA LEU D 353 -25.84 1.62 47.88
C LEU D 353 -26.56 2.53 48.87
N ARG D 354 -27.40 3.43 48.39
CA ARG D 354 -27.99 4.43 49.27
C ARG D 354 -28.81 3.76 50.37
N GLU D 355 -29.66 2.79 50.01
CA GLU D 355 -30.40 2.06 51.03
C GLU D 355 -29.50 1.14 51.85
N LEU D 356 -28.45 0.56 51.27
CA LEU D 356 -27.53 -0.26 52.06
C LEU D 356 -26.88 0.54 53.18
N GLU D 357 -26.41 1.75 52.90
CA GLU D 357 -25.95 2.63 53.97
C GLU D 357 -27.10 3.13 54.84
N MET D 358 -28.32 3.18 54.31
CA MET D 358 -29.46 3.53 55.14
C MET D 358 -29.76 2.47 56.20
N ILE D 359 -29.68 1.18 55.83
CA ILE D 359 -29.98 0.10 56.77
C ILE D 359 -28.80 -0.23 57.65
N GLY D 360 -27.67 0.45 57.46
CA GLY D 360 -26.48 0.14 58.25
C GLY D 360 -25.90 -1.23 57.96
N PHE D 361 -26.01 -1.70 56.73
CA PHE D 361 -25.45 -2.99 56.31
C PHE D 361 -25.96 -4.15 57.16
N ILE D 362 -27.25 -4.13 57.53
CA ILE D 362 -27.81 -5.24 58.27
C ILE D 362 -28.07 -6.40 57.32
N GLU D 363 -27.57 -7.57 57.69
CA GLU D 363 -27.73 -8.75 56.84
C GLU D 363 -29.16 -9.28 56.95
N ASN D 364 -29.80 -9.46 55.79
CA ASN D 364 -31.15 -9.98 55.74
C ASN D 364 -31.41 -10.47 54.31
N ASN D 365 -32.50 -11.22 54.14
CA ASN D 365 -32.78 -11.91 52.87
C ASN D 365 -32.82 -10.98 51.66
N VAL D 366 -33.40 -9.78 51.79
CA VAL D 366 -33.51 -8.89 50.64
C VAL D 366 -32.13 -8.36 50.19
N SER D 367 -31.25 -8.06 51.14
CA SER D 367 -29.95 -7.47 50.83
C SER D 367 -28.83 -8.49 50.77
N LYS D 368 -29.11 -9.77 51.09
CA LYS D 368 -28.06 -10.77 51.06
C LYS D 368 -27.42 -10.86 49.68
N LEU D 369 -28.25 -10.95 48.65
CA LEU D 369 -27.73 -10.98 47.28
C LEU D 369 -27.09 -9.65 46.91
N SER D 370 -27.66 -8.54 47.41
CA SER D 370 -27.06 -7.23 47.18
C SER D 370 -25.68 -7.14 47.83
N LEU D 371 -25.56 -7.53 49.10
CA LEU D 371 -24.26 -7.53 49.75
C LEU D 371 -23.28 -8.48 49.07
N LEU D 372 -23.75 -9.60 48.54
CA LEU D 372 -22.82 -10.50 47.88
C LEU D 372 -22.34 -9.94 46.55
N LEU D 373 -23.23 -9.23 45.83
CA LEU D 373 -22.78 -8.48 44.66
C LEU D 373 -21.77 -7.40 45.05
N ASN D 374 -22.02 -6.73 46.17
CA ASN D 374 -21.08 -5.71 46.65
C ASN D 374 -19.74 -6.33 46.99
N ASP D 375 -19.74 -7.55 47.54
CA ASP D 375 -18.48 -8.22 47.85
C ASP D 375 -17.76 -8.65 46.57
N ILE D 376 -18.51 -9.01 45.53
CA ILE D 376 -17.90 -9.21 44.22
C ILE D 376 -17.24 -7.92 43.76
N SER D 377 -17.96 -6.80 43.89
CA SER D 377 -17.43 -5.52 43.45
C SER D 377 -16.14 -5.16 44.18
N ARG D 378 -16.14 -5.28 45.51
CA ARG D 378 -14.96 -4.93 46.29
C ARG D 378 -13.75 -5.75 45.88
N LYS D 379 -13.97 -6.92 45.30
CA LYS D 379 -12.89 -7.76 44.82
C LYS D 379 -12.70 -7.68 43.31
N SER D 380 -13.54 -6.93 42.61
CA SER D 380 -13.37 -6.69 41.18
C SER D 380 -12.71 -5.35 40.88
N GLU D 381 -12.28 -4.63 41.91
CA GLU D 381 -11.58 -3.37 41.72
C GLU D 381 -10.30 -3.61 40.95
N GLY D 382 -10.05 -2.80 39.92
CA GLY D 382 -8.83 -2.86 39.15
C GLY D 382 -9.03 -2.96 37.65
N LEU D 383 -10.05 -3.66 37.19
CA LEU D 383 -10.25 -3.76 35.76
C LEU D 383 -10.80 -2.47 35.19
N SER D 384 -10.79 -2.38 33.87
CA SER D 384 -11.29 -1.22 33.15
C SER D 384 -12.74 -1.44 32.75
N GLY D 385 -13.40 -0.34 32.39
CA GLY D 385 -14.79 -0.44 31.96
C GLY D 385 -14.96 -1.30 30.73
N ARG D 386 -13.92 -1.38 29.91
CA ARG D 386 -13.96 -2.13 28.65
C ARG D 386 -14.30 -3.61 28.84
N VAL D 387 -14.00 -4.14 30.02
CA VAL D 387 -14.25 -5.55 30.31
C VAL D 387 -15.38 -5.68 31.31
N LEU D 388 -15.56 -4.67 32.18
CA LEU D 388 -16.68 -4.71 33.12
C LEU D 388 -18.02 -4.85 32.42
N ARG D 389 -18.12 -4.46 31.16
CA ARG D 389 -19.32 -4.69 30.37
C ARG D 389 -19.18 -5.87 29.44
N LYS D 390 -18.22 -6.77 29.70
CA LYS D 390 -18.18 -8.08 29.07
C LYS D 390 -18.64 -9.17 30.01
N LEU D 391 -18.27 -9.06 31.28
CA LEU D 391 -18.41 -10.10 32.29
C LEU D 391 -19.84 -10.63 32.38
N PRO D 392 -20.87 -9.76 32.36
CA PRO D 392 -22.23 -10.30 32.26
C PRO D 392 -22.46 -11.14 31.02
N PHE D 393 -21.56 -11.10 30.04
CA PHE D 393 -21.63 -11.98 28.88
C PHE D 393 -20.72 -13.19 29.00
N LEU D 394 -19.55 -13.05 29.61
CA LEU D 394 -18.69 -14.21 29.83
C LEU D 394 -19.26 -15.16 30.87
N ALA D 395 -19.68 -14.65 32.02
CA ALA D 395 -20.24 -15.50 33.08
C ALA D 395 -21.48 -16.25 32.62
N HIS D 396 -22.06 -15.89 31.48
CA HIS D 396 -23.12 -16.66 30.87
C HIS D 396 -22.64 -17.35 29.59
N ALA D 397 -21.38 -17.12 29.21
CA ALA D 397 -20.82 -17.79 28.05
C ALA D 397 -19.96 -18.99 28.42
N LEU D 398 -19.42 -19.05 29.63
CA LEU D 398 -18.44 -20.06 29.99
C LEU D 398 -18.81 -20.87 31.23
N TYR D 399 -19.78 -20.44 32.03
CA TYR D 399 -20.08 -21.12 33.28
C TYR D 399 -21.57 -21.43 33.46
N VAL D 400 -22.38 -21.20 32.43
CA VAL D 400 -23.81 -21.51 32.48
C VAL D 400 -24.21 -22.12 31.15
N GLN D 401 -25.00 -23.19 31.20
CA GLN D 401 -25.39 -23.92 29.99
C GLN D 401 -26.83 -23.62 29.60
N ALA D 402 -27.74 -23.61 30.58
CA ALA D 402 -29.15 -23.37 30.28
C ALA D 402 -29.37 -21.92 29.87
N PRO D 403 -30.18 -21.67 28.84
CA PRO D 403 -30.44 -20.27 28.44
C PRO D 403 -31.43 -19.59 29.37
N THR D 404 -31.25 -19.80 30.67
CA THR D 404 -31.98 -19.16 31.76
C THR D 404 -31.31 -19.60 33.04
N VAL D 405 -31.30 -18.72 34.04
CA VAL D 405 -30.64 -19.01 35.31
C VAL D 405 -31.08 -17.98 36.33
N THR D 406 -31.21 -18.41 37.58
CA THR D 406 -31.62 -17.51 38.64
C THR D 406 -30.44 -16.64 39.10
N ILE D 407 -30.78 -15.50 39.74
CA ILE D 407 -29.80 -14.63 40.43
C ILE D 407 -29.41 -15.49 41.66
N GLU D 408 -28.10 -15.42 42.05
CA GLU D 408 -27.33 -16.27 42.96
C GLU D 408 -26.98 -17.56 42.23
N GLY D 409 -27.53 -17.80 41.04
CA GLY D 409 -27.08 -18.88 40.19
C GLY D 409 -26.33 -18.33 38.98
N PHE D 410 -26.62 -17.07 38.66
CA PHE D 410 -25.86 -16.33 37.66
C PHE D 410 -24.78 -15.46 38.28
N LEU D 411 -25.07 -14.85 39.42
CA LEU D 411 -24.11 -13.95 40.05
C LEU D 411 -22.87 -14.68 40.56
N GLN D 412 -22.97 -15.99 40.83
CA GLN D 412 -21.78 -16.74 41.20
C GLN D 412 -20.85 -16.92 40.00
N ALA D 413 -21.42 -17.26 38.84
CA ALA D 413 -20.64 -17.31 37.62
C ALA D 413 -19.96 -15.98 37.34
N LEU D 414 -20.54 -14.87 37.81
CA LEU D 414 -19.86 -13.58 37.70
C LEU D 414 -18.56 -13.57 38.49
N SER D 415 -18.59 -14.07 39.73
CA SER D 415 -17.36 -14.16 40.51
C SER D 415 -16.35 -15.08 39.85
N LEU D 416 -16.82 -16.20 39.31
CA LEU D 416 -15.91 -17.12 38.64
C LEU D 416 -15.28 -16.47 37.42
N ALA D 417 -16.05 -15.71 36.65
CA ALA D 417 -15.51 -15.03 35.48
C ALA D 417 -14.53 -13.93 35.89
N VAL D 418 -14.81 -13.24 37.00
CA VAL D 418 -13.88 -12.24 37.52
C VAL D 418 -12.54 -12.89 37.85
N ASP D 419 -12.58 -14.00 38.58
CA ASP D 419 -11.33 -14.68 38.94
C ASP D 419 -10.61 -15.21 37.71
N LYS D 420 -11.36 -15.71 36.73
CA LYS D 420 -10.74 -16.17 35.50
C LYS D 420 -10.05 -15.04 34.77
N GLN D 421 -10.70 -13.87 34.69
CA GLN D 421 -10.07 -12.73 34.04
C GLN D 421 -8.81 -12.30 34.78
N PHE D 422 -8.85 -12.27 36.12
CA PHE D 422 -7.67 -11.88 36.87
C PHE D 422 -6.50 -12.84 36.64
N GLU D 423 -6.76 -14.15 36.75
CA GLU D 423 -5.69 -15.13 36.54
C GLU D 423 -5.17 -15.08 35.10
N GLU D 424 -6.08 -15.00 34.12
CA GLU D 424 -5.71 -14.92 32.72
C GLU D 424 -4.89 -13.67 32.43
N ARG D 425 -5.13 -12.58 33.17
CA ARG D 425 -4.23 -11.44 33.12
C ARG D 425 -2.88 -11.77 33.73
N LYS D 426 -2.88 -12.35 34.92
CA LYS D 426 -1.66 -12.53 35.69
C LYS D 426 -0.66 -13.42 34.97
N LYS D 427 -1.11 -14.56 34.46
CA LYS D 427 -0.16 -15.53 33.92
C LYS D 427 0.35 -15.10 32.55
N LEU D 428 -0.33 -14.16 31.91
CA LEU D 428 0.13 -13.60 30.64
C LEU D 428 1.14 -12.48 30.82
N ALA D 429 1.76 -12.38 31.99
CA ALA D 429 2.80 -11.38 32.27
C ALA D 429 2.32 -9.97 31.97
N PRO E 19 -31.13 -32.22 28.27
CA PRO E 19 -29.80 -32.39 27.66
C PRO E 19 -29.84 -32.20 26.15
N THR E 20 -28.71 -32.48 25.49
CA THR E 20 -28.63 -32.37 24.03
C THR E 20 -27.36 -33.07 23.55
N VAL E 21 -27.43 -33.71 22.39
CA VAL E 21 -26.28 -34.33 21.75
C VAL E 21 -26.27 -33.90 20.29
N HIS E 22 -25.07 -33.81 19.71
CA HIS E 22 -24.92 -33.34 18.35
C HIS E 22 -24.42 -34.42 17.42
N VAL E 23 -24.98 -34.44 16.21
CA VAL E 23 -24.74 -35.46 15.20
C VAL E 23 -24.36 -34.73 13.92
N GLU E 24 -23.26 -35.12 13.30
CA GLU E 24 -22.86 -34.55 12.01
C GLU E 24 -22.60 -35.64 10.99
N VAL E 25 -23.06 -35.40 9.77
CA VAL E 25 -23.10 -36.39 8.71
C VAL E 25 -22.50 -35.80 7.45
N HIS E 26 -21.52 -36.50 6.88
CA HIS E 26 -20.87 -36.05 5.66
C HIS E 26 -21.71 -36.42 4.45
N GLN E 27 -22.19 -35.39 3.76
CA GLN E 27 -22.87 -35.55 2.48
C GLN E 27 -21.84 -35.44 1.35
N ARG E 28 -21.96 -36.31 0.34
CA ARG E 28 -21.03 -36.26 -0.78
C ARG E 28 -21.35 -35.12 -1.73
N GLY E 29 -20.30 -34.53 -2.30
CA GLY E 29 -20.48 -33.50 -3.30
C GLY E 29 -21.20 -33.98 -4.53
N SER E 30 -20.87 -35.17 -5.02
CA SER E 30 -21.60 -35.75 -6.13
C SER E 30 -22.99 -36.20 -5.73
N SER E 31 -23.32 -36.17 -4.44
CA SER E 31 -24.69 -36.39 -4.01
C SER E 31 -25.45 -35.07 -3.97
N THR E 32 -26.67 -35.10 -4.48
CA THR E 32 -27.45 -33.88 -4.62
C THR E 32 -28.88 -34.00 -4.11
N ALA E 33 -29.19 -35.03 -3.32
CA ALA E 33 -30.53 -35.16 -2.76
C ALA E 33 -30.85 -33.97 -1.86
N LYS E 34 -32.14 -33.71 -1.67
CA LYS E 34 -32.57 -32.60 -0.86
C LYS E 34 -32.17 -32.80 0.60
N LYS E 35 -32.06 -31.68 1.31
CA LYS E 35 -31.59 -31.71 2.69
C LYS E 35 -32.55 -32.50 3.58
N GLU E 36 -33.86 -32.27 3.43
CA GLU E 36 -34.82 -32.88 4.34
C GLU E 36 -34.91 -34.39 4.14
N ASP E 37 -34.70 -34.88 2.92
CA ASP E 37 -34.61 -36.33 2.72
C ASP E 37 -33.40 -36.91 3.45
N ILE E 38 -32.27 -36.22 3.40
CA ILE E 38 -31.09 -36.67 4.14
C ILE E 38 -31.40 -36.70 5.64
N ASN E 39 -32.05 -35.65 6.14
CA ASN E 39 -32.37 -35.57 7.56
C ASN E 39 -33.30 -36.71 7.96
N LEU E 40 -34.33 -36.98 7.15
CA LEU E 40 -35.25 -38.06 7.46
C LEU E 40 -34.54 -39.42 7.44
N SER E 41 -33.68 -39.64 6.45
CA SER E 41 -32.97 -40.91 6.36
C SER E 41 -32.04 -41.13 7.55
N VAL E 42 -31.30 -40.09 7.96
CA VAL E 42 -30.39 -40.27 9.08
C VAL E 42 -31.17 -40.44 10.38
N ARG E 43 -32.30 -39.72 10.52
CA ARG E 43 -33.13 -39.93 11.70
C ARG E 43 -33.68 -41.35 11.73
N LYS E 44 -34.05 -41.89 10.57
CA LYS E 44 -34.49 -43.27 10.48
C LYS E 44 -33.39 -44.23 10.91
N LEU E 45 -32.17 -44.02 10.43
CA LEU E 45 -31.07 -44.89 10.83
C LEU E 45 -30.84 -44.81 12.34
N LEU E 46 -30.90 -43.61 12.89
CA LEU E 46 -30.67 -43.43 14.32
C LEU E 46 -31.76 -44.12 15.14
N ASN E 47 -33.02 -43.95 14.76
CA ASN E 47 -34.09 -44.53 15.56
C ASN E 47 -34.11 -46.05 15.43
N ARG E 48 -33.76 -46.58 14.26
CA ARG E 48 -33.64 -48.03 14.14
C ARG E 48 -32.50 -48.56 15.00
N HIS E 49 -31.34 -47.89 14.97
CA HIS E 49 -30.22 -48.36 15.76
C HIS E 49 -30.37 -47.97 17.23
N ASN E 50 -30.33 -46.67 17.51
CA ASN E 50 -30.58 -46.13 18.86
C ASN E 50 -29.83 -46.88 19.95
N ILE E 51 -28.53 -47.07 19.79
CA ILE E 51 -27.73 -47.68 20.84
C ILE E 51 -27.41 -46.63 21.89
N GLY E 54 -20.78 -45.39 22.31
CA GLY E 54 -20.59 -44.07 22.85
C GLY E 54 -20.50 -42.99 21.78
N ASP E 55 -19.31 -42.39 21.67
CA ASP E 55 -19.06 -41.33 20.70
C ASP E 55 -18.57 -41.87 19.36
N TYR E 56 -18.87 -43.13 19.04
CA TYR E 56 -18.37 -43.73 17.82
C TYR E 56 -19.07 -43.14 16.60
N THR E 57 -18.47 -43.37 15.44
CA THR E 57 -18.93 -42.79 14.17
C THR E 57 -19.35 -43.90 13.22
N TRP E 58 -20.52 -43.74 12.61
CA TRP E 58 -21.00 -44.69 11.62
C TRP E 58 -20.25 -44.54 10.31
N THR E 59 -20.00 -45.68 9.65
CA THR E 59 -19.40 -45.67 8.32
C THR E 59 -20.13 -46.66 7.43
N GLU E 60 -20.78 -47.66 8.03
CA GLU E 60 -21.46 -48.72 7.32
C GLU E 60 -22.96 -48.43 7.27
N PHE E 61 -23.53 -48.58 6.08
CA PHE E 61 -24.94 -48.26 5.84
C PHE E 61 -25.57 -49.39 5.03
N ASP E 62 -26.90 -49.39 4.96
CA ASP E 62 -27.67 -50.46 4.32
C ASP E 62 -28.83 -49.90 3.51
N GLU E 63 -28.56 -48.87 2.69
CA GLU E 63 -29.59 -48.30 1.83
C GLU E 63 -28.93 -47.64 0.63
N PRO E 64 -29.23 -48.11 -0.60
CA PRO E 64 -28.48 -47.65 -1.78
C PRO E 64 -28.49 -46.14 -1.94
N PHE E 65 -29.65 -45.53 -1.74
CA PHE E 65 -29.74 -44.08 -1.68
C PHE E 65 -28.78 -43.51 -0.64
N LEU E 66 -28.85 -44.01 0.58
CA LEU E 66 -28.09 -43.40 1.66
C LEU E 66 -26.59 -43.62 1.43
N THR E 67 -26.23 -44.76 0.85
CA THR E 67 -24.83 -44.97 0.48
C THR E 67 -24.37 -43.97 -0.58
N ARG E 68 -25.11 -43.83 -1.69
CA ARG E 68 -24.61 -42.96 -2.75
C ARG E 68 -24.76 -41.49 -2.39
N ASN E 69 -25.48 -41.18 -1.30
CA ASN E 69 -25.68 -39.79 -0.91
C ASN E 69 -25.19 -39.44 0.49
N VAL E 70 -24.44 -40.34 1.15
CA VAL E 70 -23.80 -40.06 2.43
C VAL E 70 -22.40 -40.66 2.38
N GLN E 71 -21.42 -40.07 3.11
CA GLN E 71 -20.08 -40.61 3.34
C GLN E 71 -19.89 -41.24 4.78
N SER E 72 -20.39 -40.60 5.86
CA SER E 72 -20.23 -41.06 7.23
C SER E 72 -21.18 -40.30 8.13
N VAL E 73 -21.44 -40.86 9.31
CA VAL E 73 -22.24 -40.22 10.35
C VAL E 73 -21.46 -40.32 11.65
N SER E 74 -21.50 -39.26 12.47
CA SER E 74 -20.69 -39.24 13.67
C SER E 74 -21.40 -38.50 14.79
N ILE E 75 -21.11 -38.94 16.02
CA ILE E 75 -21.66 -38.37 17.25
C ILE E 75 -20.54 -37.58 17.90
N ILE E 76 -20.80 -36.35 18.30
CA ILE E 76 -19.80 -35.54 18.99
C ILE E 76 -20.32 -35.14 20.36
N ASP E 77 -19.53 -35.43 21.39
CA ASP E 77 -19.81 -35.01 22.75
C ASP E 77 -19.94 -33.50 22.85
N ASP E 89 -24.01 -44.66 22.77
CA ASP E 89 -24.26 -45.82 23.63
C ASP E 89 -25.58 -45.64 24.37
N LEU E 90 -26.25 -44.52 24.13
CA LEU E 90 -27.51 -44.18 24.78
C LEU E 90 -28.62 -44.15 23.74
N SER E 91 -29.75 -44.77 24.07
CA SER E 91 -30.90 -44.85 23.18
C SER E 91 -31.74 -43.58 23.18
N ALA E 92 -31.23 -42.48 23.73
CA ALA E 92 -31.99 -41.26 23.81
C ALA E 92 -32.30 -40.72 22.40
N CYS E 93 -33.27 -39.80 22.34
CA CYS E 93 -33.71 -39.21 21.09
C CYS E 93 -33.68 -37.69 21.16
N THR E 94 -32.72 -37.14 21.90
CA THR E 94 -32.49 -35.70 21.97
C THR E 94 -31.43 -35.37 20.93
N VAL E 95 -31.80 -35.47 19.66
CA VAL E 95 -30.85 -35.52 18.55
C VAL E 95 -31.11 -34.30 17.67
N ALA E 96 -30.03 -33.62 17.28
CA ALA E 96 -30.07 -32.52 16.31
C ALA E 96 -29.08 -32.86 15.20
N LEU E 97 -29.47 -32.61 13.95
CA LEU E 97 -28.65 -32.96 12.80
C LEU E 97 -28.03 -31.70 12.21
N HIS E 98 -26.72 -31.71 12.04
CA HIS E 98 -25.99 -30.70 11.28
C HIS E 98 -25.42 -31.37 10.04
N ILE E 99 -25.77 -30.84 8.87
CA ILE E 99 -25.33 -31.39 7.59
C ILE E 99 -24.49 -30.32 6.91
N PHE E 100 -23.34 -30.74 6.37
CA PHE E 100 -22.35 -29.78 5.89
C PHE E 100 -21.74 -30.27 4.58
N GLN E 101 -21.15 -29.33 3.85
CA GLN E 101 -20.40 -29.64 2.65
C GLN E 101 -19.04 -28.96 2.66
N LEU E 102 -18.00 -29.74 2.91
CA LEU E 102 -16.64 -29.21 2.85
C LEU E 102 -16.31 -28.81 1.41
N ASN E 103 -16.08 -27.51 1.22
CA ASN E 103 -15.86 -26.97 -0.11
C ASN E 103 -14.56 -27.52 -0.69
N GLU E 104 -14.57 -27.82 -1.99
CA GLU E 104 -13.44 -28.51 -2.60
C GLU E 104 -12.24 -27.58 -2.76
N ASP E 105 -12.41 -26.46 -3.45
CA ASP E 105 -11.26 -25.64 -3.80
C ASP E 105 -10.67 -24.96 -2.56
N GLY E 106 -9.40 -24.62 -2.67
CA GLY E 106 -8.65 -24.09 -1.55
C GLY E 106 -8.85 -22.59 -1.36
N PRO E 107 -7.74 -21.87 -1.23
CA PRO E 107 -7.83 -20.44 -0.90
C PRO E 107 -7.91 -19.54 -2.12
N SER E 108 -8.73 -18.51 -2.01
CA SER E 108 -8.60 -17.37 -2.90
C SER E 108 -7.57 -16.41 -2.34
N SER E 109 -7.02 -15.58 -3.22
CA SER E 109 -5.96 -14.66 -2.86
C SER E 109 -6.49 -13.24 -2.92
N GLU E 110 -5.94 -12.39 -2.06
CA GLU E 110 -6.32 -10.98 -2.00
C GLU E 110 -5.11 -10.12 -2.24
N ASN E 111 -5.17 -9.29 -3.28
CA ASN E 111 -4.08 -8.40 -3.66
C ASN E 111 -4.60 -6.97 -3.68
N LEU E 112 -3.69 -6.04 -3.86
CA LEU E 112 -4.00 -4.61 -3.81
C LEU E 112 -4.95 -4.22 -4.93
N GLU E 113 -5.66 -3.10 -4.73
CA GLU E 113 -6.65 -2.67 -5.70
C GLU E 113 -5.97 -2.11 -6.95
N GLU E 114 -4.95 -1.26 -6.78
CA GLU E 114 -4.20 -0.69 -7.89
C GLU E 114 -2.72 -1.07 -7.87
N GLU E 115 -2.29 -1.69 -6.77
CA GLU E 115 -0.92 -2.17 -6.64
C GLU E 115 -1.02 -3.69 -6.51
N THR E 116 -1.81 -4.26 -7.42
CA THR E 116 -2.09 -5.70 -7.46
C THR E 116 -0.92 -6.68 -7.36
N GLU E 117 0.32 -6.21 -7.40
CA GLU E 117 1.45 -7.14 -7.31
C GLU E 117 1.50 -7.94 -6.01
N ASN E 118 1.77 -7.29 -4.87
CA ASN E 118 1.89 -8.05 -3.63
C ASN E 118 1.41 -7.36 -2.36
N ILE E 119 0.68 -6.25 -2.43
CA ILE E 119 0.53 -5.39 -1.25
C ILE E 119 -0.22 -6.07 -0.12
N ILE E 120 -1.33 -6.73 -0.42
CA ILE E 120 -2.13 -7.32 0.65
C ILE E 120 -1.89 -8.82 0.75
N ALA E 121 -2.24 -9.56 -0.31
CA ALA E 121 -2.02 -11.00 -0.39
C ALA E 121 -2.57 -11.73 0.85
N ALA E 122 -3.88 -11.58 1.04
CA ALA E 122 -4.56 -12.22 2.16
C ALA E 122 -5.20 -13.53 1.70
N ASN E 123 -5.29 -14.51 2.59
CA ASN E 123 -5.85 -15.81 2.23
C ASN E 123 -7.34 -15.84 2.53
N HIS E 124 -8.10 -16.53 1.67
CA HIS E 124 -9.55 -16.50 1.72
C HIS E 124 -10.09 -17.93 1.61
N TRP E 125 -10.51 -18.49 2.74
CA TRP E 125 -11.17 -19.78 2.79
C TRP E 125 -12.69 -19.60 2.79
N VAL E 126 -13.37 -20.34 1.92
CA VAL E 126 -14.83 -20.36 1.87
C VAL E 126 -15.32 -21.61 2.60
N LEU E 127 -15.56 -21.48 3.89
CA LEU E 127 -15.88 -22.61 4.75
C LEU E 127 -17.30 -23.08 4.50
N PRO E 128 -17.60 -24.36 4.81
CA PRO E 128 -16.65 -25.38 5.26
C PRO E 128 -15.73 -25.86 4.13
N ALA E 129 -14.46 -26.12 4.46
CA ALA E 129 -13.44 -26.37 3.46
C ALA E 129 -12.84 -27.77 3.65
N ALA E 130 -12.35 -28.33 2.53
CA ALA E 130 -11.86 -29.69 2.52
C ALA E 130 -10.62 -29.90 3.39
N GLU E 131 -9.65 -28.98 3.31
CA GLU E 131 -8.36 -29.21 3.97
C GLU E 131 -8.46 -29.07 5.48
N PHE E 132 -9.66 -28.92 6.03
CA PHE E 132 -9.84 -28.59 7.43
C PHE E 132 -10.50 -29.70 8.23
N HIS E 133 -10.96 -30.77 7.56
CA HIS E 133 -11.73 -31.79 8.26
C HIS E 133 -10.80 -32.74 9.00
N GLY E 134 -11.29 -33.26 10.13
CA GLY E 134 -10.52 -34.18 10.95
C GLY E 134 -9.58 -33.41 11.86
N LEU E 135 -9.45 -32.12 11.56
CA LEU E 135 -8.56 -31.26 12.34
C LEU E 135 -9.08 -31.05 13.75
N TRP E 136 -10.39 -30.86 13.91
CA TRP E 136 -10.93 -30.59 15.23
C TRP E 136 -10.83 -31.81 16.14
N ASP E 137 -10.94 -33.00 15.56
CA ASP E 137 -10.81 -34.24 16.32
C ASP E 137 -9.37 -34.53 16.75
N SER E 138 -8.40 -34.35 15.86
CA SER E 138 -7.03 -34.76 16.14
C SER E 138 -6.42 -33.99 17.31
N LEU E 139 -6.62 -32.68 17.35
CA LEU E 139 -6.03 -31.86 18.40
C LEU E 139 -6.46 -32.36 19.78
N VAL E 140 -5.51 -32.39 20.71
CA VAL E 140 -5.76 -32.87 22.06
C VAL E 140 -5.17 -31.88 23.05
N TYR E 141 -5.99 -31.39 23.96
CA TYR E 141 -5.56 -30.49 25.02
C TYR E 141 -6.03 -31.04 26.37
N ASP E 142 -5.71 -30.31 27.43
CA ASP E 142 -6.09 -30.71 28.78
C ASP E 142 -6.66 -29.57 29.60
N VAL E 143 -7.00 -28.44 28.99
CA VAL E 143 -7.57 -27.30 29.69
C VAL E 143 -8.98 -26.97 29.21
N GLU E 144 -9.59 -27.85 28.40
CA GLU E 144 -10.97 -27.68 27.93
C GLU E 144 -11.16 -26.38 27.15
N VAL E 145 -10.18 -26.08 26.30
CA VAL E 145 -10.30 -24.92 25.42
C VAL E 145 -11.46 -25.08 24.45
N LYS E 146 -11.69 -26.28 23.94
CA LYS E 146 -12.71 -26.50 22.92
C LYS E 146 -14.08 -26.05 23.41
N SER E 147 -14.50 -26.52 24.58
CA SER E 147 -15.86 -26.24 25.05
C SER E 147 -16.03 -24.76 25.38
N HIS E 148 -15.08 -24.17 26.12
CA HIS E 148 -15.17 -22.75 26.44
C HIS E 148 -15.25 -21.92 25.17
N LEU E 149 -14.36 -22.18 24.23
CA LEU E 149 -14.21 -21.32 23.07
C LEU E 149 -15.27 -21.62 22.02
N LEU E 150 -16.11 -22.65 22.23
CA LEU E 150 -17.26 -22.87 21.36
C LEU E 150 -18.55 -22.32 21.96
N ASP E 151 -18.79 -22.62 23.23
CA ASP E 151 -19.95 -22.04 23.89
C ASP E 151 -19.83 -20.53 24.07
N TYR E 152 -18.64 -19.95 23.93
CA TYR E 152 -18.53 -18.50 23.81
C TYR E 152 -19.34 -17.98 22.63
N VAL E 153 -19.13 -18.54 21.44
CA VAL E 153 -19.89 -18.09 20.29
C VAL E 153 -21.36 -18.47 20.43
N MET E 154 -21.65 -19.61 21.06
CA MET E 154 -23.07 -19.96 21.28
C MET E 154 -23.78 -18.90 22.11
N THR E 155 -23.16 -18.46 23.20
CA THR E 155 -23.78 -17.42 24.02
C THR E 155 -23.82 -16.09 23.29
N THR E 156 -22.84 -15.82 22.43
CA THR E 156 -22.92 -14.64 21.57
C THR E 156 -24.19 -14.65 20.74
N LEU E 157 -24.48 -15.76 20.08
CA LEU E 157 -25.70 -15.83 19.27
C LEU E 157 -26.94 -15.73 20.14
N LEU E 158 -26.93 -16.34 21.32
CA LEU E 158 -28.08 -16.22 22.20
C LEU E 158 -28.37 -14.77 22.55
N PHE E 159 -27.33 -14.03 22.95
CA PHE E 159 -27.51 -12.61 23.29
C PHE E 159 -27.87 -11.79 22.07
N SER E 160 -27.48 -12.24 20.87
CA SER E 160 -27.85 -11.51 19.66
C SER E 160 -29.33 -11.67 19.33
N ASP E 161 -29.85 -12.90 19.44
CA ASP E 161 -31.23 -13.13 19.05
C ASP E 161 -32.23 -12.57 20.06
N LYS E 162 -31.79 -12.38 21.29
CA LYS E 162 -32.69 -11.89 22.34
C LYS E 162 -32.80 -10.37 22.36
N ASN E 163 -32.06 -9.67 21.51
CA ASN E 163 -32.10 -8.21 21.40
C ASN E 163 -31.74 -7.55 22.73
N VAL E 164 -30.49 -7.76 23.14
CA VAL E 164 -29.97 -7.09 24.32
C VAL E 164 -29.38 -5.74 23.91
N ASN E 165 -29.37 -4.80 24.85
CA ASN E 165 -28.93 -3.44 24.56
C ASN E 165 -27.43 -3.42 24.30
N SER E 166 -27.04 -3.36 23.02
CA SER E 166 -25.62 -3.38 22.67
C SER E 166 -24.88 -2.18 23.24
N ASN E 167 -25.62 -1.15 23.66
CA ASN E 167 -25.00 -0.03 24.36
C ASN E 167 -24.75 -0.34 25.82
N LEU E 168 -25.23 -1.48 26.31
CA LEU E 168 -25.26 -1.74 27.75
C LEU E 168 -24.54 -3.03 28.13
N ILE E 169 -24.46 -4.01 27.23
CA ILE E 169 -23.67 -5.22 27.45
C ILE E 169 -23.06 -5.61 26.11
N THR E 170 -21.73 -5.60 26.04
CA THR E 170 -21.03 -5.62 24.77
C THR E 170 -19.81 -6.52 24.84
N TRP E 171 -19.33 -6.92 23.66
CA TRP E 171 -18.14 -7.73 23.51
C TRP E 171 -17.45 -7.34 22.20
N ASN E 172 -16.12 -7.22 22.32
CA ASN E 172 -15.18 -6.83 21.26
C ASN E 172 -14.95 -7.85 20.15
N ARG E 173 -15.47 -9.07 20.34
CA ARG E 173 -15.47 -10.14 19.34
C ARG E 173 -14.05 -10.49 18.91
N VAL E 174 -13.14 -10.50 19.88
CA VAL E 174 -11.72 -10.76 19.66
C VAL E 174 -11.24 -11.79 20.66
N VAL E 175 -10.65 -12.88 20.17
CA VAL E 175 -10.18 -13.98 21.01
C VAL E 175 -8.69 -14.17 20.75
N LEU E 176 -7.89 -14.12 21.81
CA LEU E 176 -6.44 -14.24 21.75
C LEU E 176 -6.03 -15.64 22.18
N LEU E 177 -5.06 -16.22 21.49
CA LEU E 177 -4.43 -17.47 21.91
C LEU E 177 -2.92 -17.31 21.84
N HIS E 178 -2.25 -17.47 22.98
CA HIS E 178 -0.80 -17.34 23.05
C HIS E 178 -0.18 -18.52 23.81
N GLY E 179 1.08 -18.81 23.51
CA GLY E 179 1.77 -19.90 24.17
C GLY E 179 3.03 -20.34 23.45
N PRO E 180 3.65 -21.44 23.91
CA PRO E 180 4.87 -22.02 23.34
C PRO E 180 4.77 -22.30 21.84
N PRO E 181 5.87 -22.11 21.11
CA PRO E 181 5.95 -22.30 19.66
C PRO E 181 5.84 -23.77 19.25
N GLY E 182 5.01 -24.04 18.25
CA GLY E 182 4.81 -25.38 17.72
C GLY E 182 3.80 -26.21 18.50
N THR E 183 3.17 -25.60 19.49
CA THR E 183 2.19 -26.27 20.34
C THR E 183 0.74 -26.19 19.85
N GLY E 184 0.56 -26.07 18.54
CA GLY E 184 -0.76 -26.01 17.94
C GLY E 184 -1.71 -24.88 18.32
N LYS E 185 -1.17 -23.70 18.56
CA LYS E 185 -1.99 -22.54 18.91
C LYS E 185 -2.92 -22.10 17.78
N THR E 186 -2.38 -22.07 16.57
CA THR E 186 -3.10 -21.62 15.38
C THR E 186 -3.98 -22.71 14.79
N SER E 187 -3.66 -23.96 15.11
CA SER E 187 -4.44 -25.10 14.63
C SER E 187 -5.87 -25.02 15.18
N LEU E 188 -5.99 -24.64 16.44
CA LEU E 188 -7.28 -24.51 17.10
C LEU E 188 -8.19 -23.46 16.46
N CYS E 189 -7.62 -22.48 15.77
CA CYS E 189 -8.50 -21.46 15.18
C CYS E 189 -9.16 -21.99 13.91
N LYS E 190 -8.40 -22.68 13.06
CA LYS E 190 -9.05 -23.27 11.89
C LYS E 190 -10.07 -24.33 12.29
N ALA E 191 -9.79 -25.08 13.35
CA ALA E 191 -10.75 -26.06 13.84
C ALA E 191 -12.02 -25.37 14.34
N LEU E 192 -11.86 -24.27 15.07
CA LEU E 192 -13.01 -23.48 15.50
C LEU E 192 -13.86 -23.07 14.32
N ALA E 193 -13.23 -22.46 13.31
CA ALA E 193 -14.01 -21.96 12.18
C ALA E 193 -14.73 -23.09 11.48
N GLN E 194 -14.05 -24.21 11.27
CA GLN E 194 -14.69 -25.35 10.61
C GLN E 194 -15.88 -25.85 11.44
N LYS E 195 -15.68 -26.02 12.75
CA LYS E 195 -16.73 -26.56 13.61
C LYS E 195 -17.90 -25.61 13.72
N LEU E 196 -17.65 -24.30 13.63
CA LEU E 196 -18.73 -23.33 13.73
C LEU E 196 -19.53 -23.21 12.44
N THR E 197 -18.88 -23.25 11.27
CA THR E 197 -19.65 -23.24 10.03
C THR E 197 -20.34 -24.58 9.80
N ILE E 198 -19.90 -25.63 10.50
CA ILE E 198 -20.63 -26.89 10.45
C ILE E 198 -21.81 -26.88 11.41
N ARG E 199 -21.55 -26.54 12.69
CA ARG E 199 -22.58 -26.56 13.72
C ARG E 199 -23.73 -25.61 13.40
N LEU E 200 -23.42 -24.42 12.90
CA LEU E 200 -24.40 -23.35 12.74
C LEU E 200 -24.95 -23.27 11.33
N SER E 201 -24.98 -24.39 10.61
CA SER E 201 -25.57 -24.39 9.29
C SER E 201 -27.07 -24.13 9.39
N SER E 202 -27.63 -23.63 8.28
CA SER E 202 -29.05 -23.25 8.18
C SER E 202 -29.34 -22.02 9.03
N ARG E 203 -28.33 -21.51 9.74
CA ARG E 203 -28.39 -20.22 10.39
C ARG E 203 -27.54 -19.18 9.69
N TYR E 204 -26.45 -19.62 9.07
CA TYR E 204 -25.73 -18.88 8.05
C TYR E 204 -25.37 -19.87 6.96
N ARG E 205 -25.78 -19.56 5.73
CA ARG E 205 -25.56 -20.43 4.57
C ARG E 205 -24.13 -20.91 4.50
N TYR E 206 -23.19 -20.04 4.84
CA TYR E 206 -21.78 -20.39 4.84
C TYR E 206 -20.98 -19.42 5.69
N GLY E 207 -19.68 -19.69 5.78
CA GLY E 207 -18.76 -18.84 6.49
C GLY E 207 -17.57 -18.50 5.62
N GLN E 208 -16.98 -17.35 5.90
CA GLN E 208 -15.74 -16.92 5.29
C GLN E 208 -14.66 -16.90 6.36
N LEU E 209 -13.43 -17.26 6.00
CA LEU E 209 -12.32 -17.19 6.92
C LEU E 209 -11.17 -16.51 6.22
N ILE E 210 -10.80 -15.33 6.71
CA ILE E 210 -9.78 -14.50 6.10
C ILE E 210 -8.53 -14.62 6.93
N GLU E 211 -7.51 -15.25 6.38
CA GLU E 211 -6.21 -15.41 7.03
C GLU E 211 -5.35 -14.21 6.65
N ILE E 212 -4.92 -13.45 7.66
CA ILE E 212 -4.23 -12.20 7.47
C ILE E 212 -2.74 -12.43 7.65
N ASN E 213 -1.96 -12.06 6.63
CA ASN E 213 -0.50 -12.17 6.73
C ASN E 213 0.03 -10.88 7.35
N SER E 214 0.47 -10.99 8.61
CA SER E 214 0.90 -9.80 9.33
C SER E 214 2.36 -9.47 9.04
N HIS E 215 2.90 -9.99 7.94
CA HIS E 215 4.25 -9.67 7.50
C HIS E 215 4.29 -9.03 6.13
N SER E 216 3.22 -9.13 5.36
CA SER E 216 3.14 -8.51 4.04
C SER E 216 2.44 -7.16 4.08
N LEU E 217 2.18 -6.62 5.26
CA LEU E 217 1.58 -5.31 5.42
C LEU E 217 2.51 -4.39 6.20
N PHE E 218 3.80 -4.43 5.87
CA PHE E 218 4.81 -3.58 6.48
C PHE E 218 5.69 -2.94 5.41
N SER E 219 5.06 -2.41 4.37
CA SER E 219 5.80 -1.59 3.42
C SER E 219 6.15 -0.27 4.07
N LYS E 220 7.36 -0.20 4.64
CA LYS E 220 7.70 0.82 5.63
C LYS E 220 8.54 1.94 4.99
N TRP E 221 7.83 2.98 4.52
CA TRP E 221 8.44 4.29 4.32
C TRP E 221 7.40 5.36 4.69
N PHE E 222 7.52 5.86 5.92
CA PHE E 222 6.70 6.97 6.41
C PHE E 222 5.20 6.64 6.34
N SER E 223 4.82 5.65 7.17
CA SER E 223 3.42 5.30 7.37
C SER E 223 2.71 5.03 6.04
N GLU E 224 3.16 3.99 5.33
CA GLU E 224 2.39 3.41 4.25
C GLU E 224 1.75 2.10 4.68
N SER E 225 2.38 1.36 5.58
CA SER E 225 1.74 0.21 6.19
C SER E 225 0.55 0.60 7.06
N GLY E 226 0.68 1.64 7.89
CA GLY E 226 -0.45 2.14 8.65
C GLY E 226 -1.58 2.65 7.80
N LYS E 227 -1.31 2.92 6.52
CA LYS E 227 -2.37 3.21 5.56
C LYS E 227 -2.81 1.96 4.83
N LEU E 228 -2.02 0.89 4.86
CA LEU E 228 -2.35 -0.35 4.16
C LEU E 228 -3.36 -1.18 4.94
N VAL E 229 -3.24 -1.22 6.26
CA VAL E 229 -4.22 -1.89 7.12
C VAL E 229 -5.64 -1.44 6.75
N THR E 230 -5.79 -0.17 6.37
CA THR E 230 -7.10 0.35 6.07
C THR E 230 -7.76 -0.38 4.89
N LYS E 231 -6.98 -0.68 3.84
CA LYS E 231 -7.57 -1.29 2.65
C LYS E 231 -8.05 -2.71 2.91
N MET E 232 -7.21 -3.52 3.55
CA MET E 232 -7.62 -4.89 3.90
C MET E 232 -8.79 -4.89 4.87
N PHE E 233 -8.86 -3.91 5.79
CA PHE E 233 -10.02 -3.84 6.65
C PHE E 233 -11.28 -3.37 5.91
N GLN E 234 -11.16 -2.51 4.90
CA GLN E 234 -12.33 -2.24 4.07
C GLN E 234 -12.79 -3.49 3.33
N LYS E 235 -11.85 -4.31 2.88
CA LYS E 235 -12.25 -5.57 2.26
C LYS E 235 -12.93 -6.49 3.27
N ILE E 236 -12.46 -6.47 4.51
CA ILE E 236 -13.15 -7.21 5.58
C ILE E 236 -14.57 -6.69 5.73
N GLN E 237 -14.74 -5.38 5.70
CA GLN E 237 -16.07 -4.79 5.73
C GLN E 237 -16.92 -5.28 4.56
N ASP E 238 -16.30 -5.40 3.39
CA ASP E 238 -17.00 -5.92 2.21
C ASP E 238 -17.51 -7.32 2.48
N LEU E 239 -16.66 -8.17 3.07
CA LEU E 239 -17.08 -9.54 3.36
C LEU E 239 -17.96 -9.64 4.60
N ILE E 240 -18.12 -8.55 5.35
CA ILE E 240 -18.99 -8.58 6.52
C ILE E 240 -20.42 -8.19 6.17
N ASP E 241 -20.60 -7.16 5.32
CA ASP E 241 -21.93 -6.65 5.04
C ASP E 241 -22.82 -7.69 4.37
N ASP E 242 -22.23 -8.76 3.86
CA ASP E 242 -23.02 -9.89 3.35
C ASP E 242 -23.60 -10.59 4.57
N LYS E 243 -24.68 -10.02 5.11
CA LYS E 243 -25.17 -10.34 6.44
C LYS E 243 -25.65 -11.77 6.59
N ASP E 244 -25.58 -12.60 5.54
CA ASP E 244 -25.93 -14.01 5.64
C ASP E 244 -24.68 -14.86 5.39
N ALA E 245 -23.60 -14.53 6.07
CA ALA E 245 -22.35 -15.29 6.02
C ALA E 245 -21.54 -14.98 7.26
N LEU E 246 -21.14 -16.02 7.99
CA LEU E 246 -20.41 -15.85 9.24
C LEU E 246 -18.93 -15.79 8.92
N VAL E 247 -18.26 -14.73 9.37
CA VAL E 247 -16.89 -14.44 8.94
C VAL E 247 -15.95 -14.47 10.14
N PHE E 248 -14.81 -15.12 9.93
CA PHE E 248 -13.77 -15.33 10.95
C PHE E 248 -12.48 -14.72 10.41
N VAL E 249 -11.94 -13.76 11.13
CA VAL E 249 -10.72 -13.08 10.70
C VAL E 249 -9.58 -13.60 11.57
N LEU E 250 -8.67 -14.35 10.96
CA LEU E 250 -7.60 -15.03 11.67
C LEU E 250 -6.28 -14.29 11.43
N ILE E 251 -5.75 -13.69 12.50
CA ILE E 251 -4.55 -12.87 12.44
C ILE E 251 -3.43 -13.68 13.08
N ASP E 252 -2.43 -14.03 12.26
CA ASP E 252 -1.23 -14.69 12.73
C ASP E 252 -0.20 -13.65 13.16
N GLN E 253 0.51 -13.93 14.24
CA GLN E 253 1.55 -13.05 14.76
C GLN E 253 0.97 -11.66 15.04
N VAL E 254 -0.03 -11.64 15.92
CA VAL E 254 -0.64 -10.38 16.34
C VAL E 254 0.31 -9.54 17.16
N GLU E 255 1.49 -10.06 17.49
CA GLU E 255 2.54 -9.26 18.09
C GLU E 255 3.25 -8.38 17.06
N SER E 256 3.30 -8.80 15.80
CA SER E 256 3.92 -8.00 14.75
C SER E 256 3.11 -6.76 14.39
N LEU E 257 1.79 -6.88 14.27
CA LEU E 257 0.97 -5.72 13.91
C LEU E 257 0.88 -4.72 15.06
N THR E 258 0.85 -5.20 16.29
CA THR E 258 0.68 -4.32 17.46
C THR E 258 1.92 -4.42 18.34
N ALA E 259 2.92 -3.63 18.04
CA ALA E 259 4.12 -3.55 18.85
C ALA E 259 3.91 -2.60 20.02
N ALA E 260 4.42 -3.01 21.19
CA ALA E 260 4.27 -2.21 22.40
C ALA E 260 4.92 -0.84 22.26
N ARG E 261 4.10 0.21 22.24
CA ARG E 261 4.61 1.55 21.99
C ARG E 261 5.07 2.24 23.26
N ASN E 262 4.41 1.99 24.38
CA ASN E 262 4.64 2.79 25.58
C ASN E 262 5.98 2.47 26.23
N ALA E 263 6.16 1.21 26.67
CA ALA E 263 7.35 0.86 27.42
C ALA E 263 8.61 0.92 26.56
N CYS E 264 8.48 0.81 25.24
CA CYS E 264 9.63 0.88 24.35
C CYS E 264 10.20 2.29 24.35
N ARG E 265 11.33 2.48 25.04
CA ARG E 265 11.97 3.79 25.10
C ARG E 265 12.79 4.07 23.86
N ALA E 266 12.15 3.92 22.69
CA ALA E 266 12.79 4.08 21.39
C ALA E 266 12.01 5.13 20.61
N GLY E 267 12.37 6.40 20.76
CA GLY E 267 11.86 7.42 19.87
C GLY E 267 12.36 7.27 18.44
N THR E 268 13.34 6.40 18.22
CA THR E 268 13.81 6.12 16.87
C THR E 268 12.76 5.42 16.02
N GLU E 269 11.71 4.89 16.63
CA GLU E 269 10.62 4.34 15.83
C GLU E 269 9.72 5.48 15.38
N PRO E 270 9.84 5.91 14.12
CA PRO E 270 9.17 7.16 13.70
C PRO E 270 7.66 7.11 13.75
N SER E 271 7.05 6.20 12.97
CA SER E 271 5.61 6.14 12.89
C SER E 271 5.09 4.71 12.74
N ASP E 272 5.94 3.71 12.92
CA ASP E 272 5.48 2.33 12.85
C ASP E 272 4.89 1.86 14.16
N ALA E 273 5.51 2.22 15.28
CA ALA E 273 5.02 1.81 16.59
C ALA E 273 3.86 2.67 17.09
N ILE E 274 3.50 3.73 16.37
CA ILE E 274 2.44 4.62 16.81
C ILE E 274 1.36 4.83 15.75
N ARG E 275 1.68 4.69 14.46
CA ARG E 275 0.67 4.87 13.44
C ARG E 275 0.38 3.60 12.66
N VAL E 276 0.70 2.43 13.20
CA VAL E 276 0.21 1.18 12.63
C VAL E 276 -0.54 0.36 13.67
N VAL E 277 -0.21 0.51 14.95
CA VAL E 277 -1.06 -0.04 16.00
C VAL E 277 -2.34 0.78 16.16
N ASN E 278 -2.22 2.11 16.06
CA ASN E 278 -3.41 2.95 16.12
C ASN E 278 -4.25 2.85 14.86
N ALA E 279 -3.69 2.31 13.79
CA ALA E 279 -4.45 2.09 12.55
C ALA E 279 -5.17 0.76 12.53
N VAL E 280 -4.97 -0.08 13.55
CA VAL E 280 -5.74 -1.30 13.70
C VAL E 280 -6.63 -1.29 14.93
N LEU E 281 -6.27 -0.55 15.98
CA LEU E 281 -7.13 -0.39 17.14
C LEU E 281 -8.42 0.35 16.83
N THR E 282 -8.56 0.92 15.64
CA THR E 282 -9.78 1.60 15.23
C THR E 282 -10.63 0.74 14.29
N GLN E 283 -10.01 0.14 13.28
CA GLN E 283 -10.77 -0.69 12.35
C GLN E 283 -11.40 -1.90 13.03
N ILE E 284 -10.86 -2.34 14.16
CA ILE E 284 -11.44 -3.46 14.88
C ILE E 284 -12.49 -3.00 15.88
N ASP E 285 -12.32 -1.81 16.46
CA ASP E 285 -13.41 -1.20 17.20
C ASP E 285 -14.55 -0.75 16.30
N GLN E 286 -14.36 -0.79 14.98
CA GLN E 286 -15.41 -0.45 14.05
C GLN E 286 -16.28 -1.64 13.66
N ILE E 287 -15.72 -2.85 13.63
CA ILE E 287 -16.50 -4.05 13.34
C ILE E 287 -17.17 -4.61 14.59
N LYS E 288 -16.87 -4.06 15.77
CA LYS E 288 -17.50 -4.50 17.00
C LYS E 288 -19.01 -4.33 16.97
N ARG E 289 -19.51 -3.31 16.28
CA ARG E 289 -20.95 -3.09 16.18
C ARG E 289 -21.67 -4.24 15.47
N HIS E 290 -21.08 -4.76 14.39
CA HIS E 290 -21.66 -5.90 13.69
C HIS E 290 -21.61 -7.13 14.58
N SER E 291 -22.29 -8.19 14.16
CA SER E 291 -22.44 -9.37 14.99
C SER E 291 -22.03 -10.67 14.31
N ASN E 292 -21.95 -10.71 12.98
CA ASN E 292 -21.61 -11.93 12.25
C ASN E 292 -20.11 -12.01 11.97
N VAL E 293 -19.29 -11.35 12.80
CA VAL E 293 -17.85 -11.36 12.66
C VAL E 293 -17.23 -11.84 13.97
N VAL E 294 -16.16 -12.63 13.85
CA VAL E 294 -15.36 -12.99 15.02
C VAL E 294 -13.88 -12.87 14.65
N ILE E 295 -13.11 -12.25 15.55
CA ILE E 295 -11.68 -12.03 15.37
C ILE E 295 -10.95 -13.10 16.18
N LEU E 296 -10.04 -13.80 15.53
CA LEU E 296 -9.25 -14.85 16.16
C LEU E 296 -7.78 -14.54 15.92
N THR E 297 -6.99 -14.50 16.99
CA THR E 297 -5.60 -14.05 16.91
C THR E 297 -4.66 -15.04 17.58
N THR E 298 -3.49 -15.22 16.96
CA THR E 298 -2.46 -16.14 17.45
C THR E 298 -1.19 -15.37 17.76
N SER E 299 -0.72 -15.48 19.00
CA SER E 299 0.45 -14.75 19.46
C SER E 299 1.49 -15.72 20.00
N ASN E 300 2.75 -15.26 20.00
CA ASN E 300 3.87 -16.03 20.54
C ASN E 300 4.49 -15.39 21.77
N ILE E 301 4.71 -14.08 21.75
CA ILE E 301 5.35 -13.37 22.84
C ILE E 301 4.26 -12.70 23.66
N THR E 302 4.19 -13.04 24.95
CA THR E 302 3.19 -12.43 25.82
C THR E 302 3.47 -10.96 26.04
N GLU E 303 4.74 -10.61 26.27
CA GLU E 303 5.11 -9.21 26.33
C GLU E 303 5.33 -8.67 24.92
N LYS E 304 5.80 -7.43 24.84
CA LYS E 304 6.02 -6.76 23.56
C LYS E 304 4.75 -6.71 22.73
N ILE E 305 3.61 -6.51 23.38
CA ILE E 305 2.33 -6.35 22.71
C ILE E 305 1.56 -5.26 23.45
N ASP E 306 0.80 -4.47 22.68
CA ASP E 306 0.27 -3.22 23.21
C ASP E 306 -0.75 -3.51 24.30
N VAL E 307 -0.57 -2.84 25.45
CA VAL E 307 -1.50 -3.02 26.56
C VAL E 307 -2.90 -2.58 26.17
N ALA E 308 -3.01 -1.72 25.16
CA ALA E 308 -4.33 -1.35 24.65
C ALA E 308 -4.85 -2.34 23.62
N PHE E 309 -4.33 -3.57 23.61
CA PHE E 309 -4.91 -4.66 22.85
C PHE E 309 -5.10 -5.90 23.71
N VAL E 310 -4.52 -5.91 24.91
CA VAL E 310 -4.83 -6.98 25.86
C VAL E 310 -6.01 -6.58 26.72
N ASP E 311 -6.74 -5.53 26.32
CA ASP E 311 -8.04 -5.25 26.90
C ASP E 311 -9.15 -5.42 25.88
N ARG E 312 -8.81 -5.42 24.60
CA ARG E 312 -9.78 -5.52 23.51
C ARG E 312 -9.91 -6.95 23.00
N ALA E 313 -9.69 -7.93 23.87
CA ALA E 313 -9.83 -9.34 23.52
C ALA E 313 -10.63 -10.02 24.60
N ASP E 314 -11.70 -10.72 24.20
CA ASP E 314 -12.59 -11.34 25.16
C ASP E 314 -11.91 -12.52 25.86
N ILE E 315 -11.30 -13.41 25.08
CA ILE E 315 -10.67 -14.62 25.59
C ILE E 315 -9.23 -14.66 25.10
N LYS E 316 -8.29 -14.60 26.04
CA LYS E 316 -6.87 -14.74 25.74
C LYS E 316 -6.44 -16.04 26.41
N GLN E 317 -6.63 -17.16 25.72
CA GLN E 317 -6.42 -18.46 26.32
C GLN E 317 -5.07 -19.03 25.93
N TYR E 318 -4.38 -19.60 26.90
CA TYR E 318 -2.99 -20.05 26.74
C TYR E 318 -2.98 -21.52 26.33
N ILE E 319 -2.30 -21.82 25.24
CA ILE E 319 -2.20 -23.17 24.70
C ILE E 319 -0.83 -23.70 25.12
N GLY E 320 -0.82 -24.67 26.04
CA GLY E 320 0.41 -25.14 26.63
C GLY E 320 0.92 -26.44 26.03
N PRO E 321 2.20 -26.74 26.28
CA PRO E 321 2.78 -27.94 25.69
C PRO E 321 2.14 -29.19 26.24
N PRO E 322 2.09 -30.27 25.46
CA PRO E 322 1.31 -31.45 25.87
C PRO E 322 1.81 -32.05 27.18
N SER E 323 0.86 -32.57 27.94
CA SER E 323 1.13 -33.21 29.22
C SER E 323 1.01 -34.73 29.07
N ALA E 324 1.45 -35.47 30.10
CA ALA E 324 1.69 -36.90 29.96
C ALA E 324 0.49 -37.63 29.38
N ALA E 325 -0.69 -37.43 29.96
CA ALA E 325 -1.89 -38.08 29.42
C ALA E 325 -2.16 -37.64 28.00
N ALA E 326 -1.97 -36.35 27.72
CA ALA E 326 -2.15 -35.86 26.35
C ALA E 326 -1.16 -36.52 25.41
N ILE E 327 0.12 -36.63 25.82
CA ILE E 327 1.11 -37.29 24.98
C ILE E 327 0.71 -38.72 24.69
N PHE E 328 0.21 -39.43 25.71
CA PHE E 328 -0.19 -40.81 25.51
C PHE E 328 -1.34 -40.88 24.50
N LYS E 329 -2.30 -39.97 24.62
CA LYS E 329 -3.44 -39.98 23.70
C LYS E 329 -3.01 -39.69 22.27
N ILE E 330 -2.11 -38.73 22.08
CA ILE E 330 -1.61 -38.44 20.73
C ILE E 330 -0.86 -39.63 20.16
N TYR E 331 0.00 -40.25 20.97
CA TYR E 331 0.71 -41.43 20.50
C TYR E 331 -0.25 -42.54 20.11
N LEU E 332 -1.29 -42.76 20.92
CA LEU E 332 -2.36 -43.65 20.50
C LEU E 332 -2.87 -43.27 19.12
N SER E 333 -3.44 -42.06 19.00
CA SER E 333 -3.96 -41.60 17.71
C SER E 333 -3.04 -42.00 16.57
N CYS E 334 -1.74 -41.74 16.72
CA CYS E 334 -0.77 -42.13 15.69
C CYS E 334 -0.76 -43.64 15.47
N LEU E 335 -0.74 -44.42 16.55
CA LEU E 335 -0.52 -45.86 16.40
C LEU E 335 -1.74 -46.57 15.82
N GLU E 336 -2.94 -46.27 16.31
CA GLU E 336 -4.11 -46.84 15.65
C GLU E 336 -4.37 -46.20 14.29
N GLU E 337 -3.79 -45.03 14.00
CA GLU E 337 -3.78 -44.58 12.62
C GLU E 337 -2.93 -45.50 11.74
N LEU E 338 -1.73 -45.84 12.21
CA LEU E 338 -0.86 -46.74 11.45
C LEU E 338 -1.52 -48.11 11.29
N MET E 339 -2.13 -48.62 12.35
CA MET E 339 -2.83 -49.90 12.26
C MET E 339 -4.00 -49.81 11.28
N LYS E 340 -4.70 -48.68 11.27
CA LYS E 340 -5.81 -48.51 10.34
C LYS E 340 -5.34 -48.63 8.90
N CYS E 341 -4.13 -48.15 8.61
CA CYS E 341 -3.56 -48.31 7.28
C CYS E 341 -2.67 -49.54 7.17
N GLN E 342 -2.70 -50.44 8.16
CA GLN E 342 -2.09 -51.76 8.11
C GLN E 342 -0.56 -51.70 8.19
N ILE E 343 0.01 -50.54 8.49
CA ILE E 343 1.46 -50.44 8.70
C ILE E 343 1.91 -51.43 9.77
N ILE E 344 1.33 -51.34 10.95
CA ILE E 344 1.56 -52.31 12.01
C ILE E 344 0.57 -53.45 11.78
N TYR E 345 1.00 -54.46 11.00
CA TYR E 345 0.06 -55.48 10.54
C TYR E 345 -0.58 -56.27 11.68
N PRO E 346 0.16 -56.83 12.64
CA PRO E 346 -0.51 -57.64 13.67
C PRO E 346 -1.25 -56.79 14.68
N ARG E 347 -2.57 -56.71 14.52
CA ARG E 347 -3.37 -55.79 15.31
C ARG E 347 -3.49 -56.27 16.75
N GLN E 348 -2.80 -55.59 17.66
CA GLN E 348 -2.94 -55.80 19.08
C GLN E 348 -3.74 -54.67 19.70
N GLN E 349 -4.68 -55.03 20.56
CA GLN E 349 -5.49 -54.04 21.25
C GLN E 349 -4.60 -53.14 22.09
N LEU E 350 -4.57 -51.85 21.76
CA LEU E 350 -3.87 -50.86 22.57
C LEU E 350 -4.81 -50.36 23.65
N LEU E 351 -4.43 -50.58 24.90
CA LEU E 351 -5.31 -50.29 26.03
C LEU E 351 -5.15 -48.83 26.44
N THR E 352 -6.28 -48.12 26.51
CA THR E 352 -6.25 -46.73 26.93
C THR E 352 -5.90 -46.61 28.41
N LEU E 353 -5.52 -45.40 28.81
CA LEU E 353 -5.03 -45.19 30.17
C LEU E 353 -6.12 -45.49 31.19
N ARG E 354 -7.39 -45.31 30.81
CA ARG E 354 -8.46 -45.61 31.74
C ARG E 354 -8.51 -47.10 32.06
N GLU E 355 -8.27 -47.96 31.07
CA GLU E 355 -8.25 -49.39 31.32
C GLU E 355 -7.06 -49.79 32.18
N LEU E 356 -5.90 -49.17 31.97
CA LEU E 356 -4.75 -49.41 32.83
C LEU E 356 -5.00 -48.96 34.27
N GLU E 357 -5.70 -47.85 34.47
CA GLU E 357 -6.08 -47.45 35.82
C GLU E 357 -7.06 -48.45 36.42
N MET E 358 -8.01 -48.94 35.62
CA MET E 358 -9.00 -49.89 36.11
C MET E 358 -8.32 -51.19 36.57
N ILE E 359 -7.42 -51.74 35.75
CA ILE E 359 -6.71 -52.95 36.16
C ILE E 359 -5.73 -52.63 37.27
N GLY E 360 -5.25 -51.40 37.33
CA GLY E 360 -4.32 -51.01 38.37
C GLY E 360 -2.88 -51.34 38.05
N PHE E 361 -2.49 -51.20 36.78
CA PHE E 361 -1.11 -51.41 36.33
C PHE E 361 -0.64 -52.82 36.67
N ILE E 362 -1.31 -53.81 36.05
CA ILE E 362 -0.97 -55.22 36.23
C ILE E 362 -0.34 -55.71 34.94
N GLU E 363 0.88 -56.24 35.04
CA GLU E 363 1.59 -56.73 33.87
C GLU E 363 0.92 -58.00 33.36
N ASN E 364 0.67 -58.05 32.06
CA ASN E 364 -0.01 -59.18 31.45
C ASN E 364 0.37 -59.21 29.97
N ASN E 365 0.17 -60.38 29.34
CA ASN E 365 0.73 -60.63 28.01
C ASN E 365 0.22 -59.67 26.94
N VAL E 366 -0.90 -58.98 27.17
CA VAL E 366 -1.33 -57.94 26.27
C VAL E 366 -1.13 -56.54 26.86
N SER E 367 -1.17 -56.39 28.18
CA SER E 367 -1.08 -55.11 28.84
C SER E 367 0.33 -54.52 28.84
N LYS E 368 1.33 -55.28 28.39
CA LYS E 368 2.71 -54.80 28.43
C LYS E 368 2.92 -53.63 27.47
N LEU E 369 2.32 -53.71 26.28
CA LEU E 369 2.58 -52.70 25.26
C LEU E 369 2.09 -51.33 25.68
N SER E 370 0.91 -51.26 26.29
CA SER E 370 0.41 -50.00 26.82
C SER E 370 1.33 -49.46 27.91
N LEU E 371 1.82 -50.34 28.78
CA LEU E 371 2.77 -49.91 29.80
C LEU E 371 4.01 -49.28 29.18
N LEU E 372 4.57 -49.93 28.14
CA LEU E 372 5.80 -49.41 27.54
C LEU E 372 5.53 -48.09 26.85
N LEU E 373 4.38 -47.97 26.17
CA LEU E 373 3.92 -46.67 25.68
C LEU E 373 3.90 -45.62 26.77
N ASN E 374 3.45 -45.99 27.96
CA ASN E 374 3.30 -45.02 29.03
C ASN E 374 4.69 -44.62 29.58
N ASP E 375 5.63 -45.56 29.56
CA ASP E 375 7.02 -45.19 29.89
C ASP E 375 7.61 -44.25 28.85
N ILE E 376 7.32 -44.47 27.57
CA ILE E 376 7.72 -43.49 26.56
C ILE E 376 7.09 -42.15 26.84
N SER E 377 5.83 -42.16 27.31
CA SER E 377 5.14 -40.90 27.58
C SER E 377 5.85 -40.10 28.65
N ARG E 378 6.29 -40.72 29.72
CA ARG E 378 7.01 -39.91 30.69
C ARG E 378 8.35 -39.56 30.10
N LYS E 379 8.98 -40.46 29.38
CA LYS E 379 10.31 -40.12 28.87
C LYS E 379 10.23 -39.04 27.79
N SER E 380 9.18 -39.05 26.97
CA SER E 380 8.97 -38.03 25.94
C SER E 380 8.09 -36.89 26.45
N GLU E 381 8.49 -36.28 27.56
CA GLU E 381 7.72 -35.21 28.18
C GLU E 381 8.41 -33.87 27.94
N GLY E 382 7.62 -32.86 27.59
CA GLY E 382 8.12 -31.51 27.38
C GLY E 382 8.32 -31.11 25.93
N LEU E 383 8.04 -31.99 24.98
CA LEU E 383 8.19 -31.67 23.57
C LEU E 383 6.95 -30.98 23.04
N SER E 384 7.14 -30.24 21.93
CA SER E 384 6.04 -29.53 21.30
C SER E 384 5.22 -30.51 20.46
N GLY E 385 3.92 -30.25 20.34
CA GLY E 385 3.04 -31.17 19.64
C GLY E 385 3.46 -31.48 18.21
N ARG E 386 4.19 -30.58 17.62
CA ARG E 386 4.56 -30.82 16.25
C ARG E 386 5.62 -31.86 16.11
N VAL E 387 6.57 -31.86 17.01
CA VAL E 387 7.57 -32.93 16.99
C VAL E 387 6.97 -34.23 17.50
N LEU E 388 5.95 -34.15 18.37
CA LEU E 388 5.23 -35.36 18.75
C LEU E 388 4.55 -36.01 17.56
N ARG E 389 3.94 -35.21 16.69
CA ARG E 389 3.25 -35.76 15.54
C ARG E 389 4.22 -36.08 14.40
N LYS E 390 5.46 -35.63 14.51
CA LYS E 390 6.56 -36.12 13.67
C LYS E 390 7.18 -37.43 14.13
N LEU E 391 7.32 -37.66 15.43
CA LEU E 391 8.18 -38.73 15.92
C LEU E 391 7.91 -40.09 15.28
N PRO E 392 6.66 -40.52 15.05
CA PRO E 392 6.48 -41.76 14.29
C PRO E 392 7.14 -41.76 12.93
N PHE E 393 7.17 -40.62 12.24
CA PHE E 393 7.83 -40.54 10.93
C PHE E 393 9.30 -40.94 11.04
N LEU E 394 10.02 -40.33 11.98
CA LEU E 394 11.44 -40.65 12.14
C LEU E 394 11.63 -42.06 12.65
N ALA E 395 10.85 -42.46 13.67
CA ALA E 395 11.00 -43.79 14.23
C ALA E 395 10.72 -44.89 13.22
N HIS E 396 9.90 -44.62 12.20
CA HIS E 396 9.74 -45.56 11.10
C HIS E 396 10.66 -45.24 9.95
N ALA E 397 11.43 -44.16 10.02
CA ALA E 397 12.36 -43.80 8.97
C ALA E 397 13.72 -44.44 9.13
N LEU E 398 14.43 -44.15 10.23
CA LEU E 398 15.80 -44.61 10.37
C LEU E 398 15.88 -46.00 10.97
N TYR E 399 15.15 -46.24 12.05
CA TYR E 399 15.39 -47.43 12.85
C TYR E 399 14.75 -48.67 12.27
N VAL E 400 13.65 -48.53 11.52
CA VAL E 400 12.98 -49.66 10.89
C VAL E 400 12.69 -49.32 9.45
N GLN E 401 13.28 -50.06 8.51
CA GLN E 401 13.00 -49.92 7.10
C GLN E 401 11.89 -50.85 6.61
N ALA E 402 11.33 -51.65 7.51
CA ALA E 402 10.39 -52.70 7.11
C ALA E 402 9.10 -52.09 6.56
N PRO E 403 8.68 -52.49 5.36
CA PRO E 403 7.38 -52.06 4.85
C PRO E 403 6.21 -52.54 5.70
N THR E 404 6.43 -53.53 6.57
CA THR E 404 5.38 -54.03 7.45
C THR E 404 6.04 -54.43 8.76
N VAL E 405 5.53 -53.90 9.88
CA VAL E 405 6.24 -53.90 11.14
C VAL E 405 5.40 -54.57 12.21
N THR E 406 6.04 -55.35 13.06
CA THR E 406 5.41 -55.91 14.24
C THR E 406 5.57 -54.96 15.42
N ILE E 407 4.56 -54.93 16.27
CA ILE E 407 4.56 -54.03 17.42
C ILE E 407 5.66 -54.46 18.38
N GLU E 408 6.06 -53.54 19.27
CA GLU E 408 7.11 -53.63 20.29
C GLU E 408 8.49 -53.48 19.66
N GLY E 409 8.62 -53.45 18.34
CA GLY E 409 9.86 -53.03 17.72
C GLY E 409 9.69 -51.62 17.23
N PHE E 410 8.51 -51.35 16.66
CA PHE E 410 8.13 -49.99 16.32
C PHE E 410 8.05 -49.13 17.58
N LEU E 411 7.45 -49.67 18.64
CA LEU E 411 7.44 -48.98 19.93
C LEU E 411 8.86 -48.72 20.41
N GLN E 412 9.74 -49.72 20.29
CA GLN E 412 11.15 -49.49 20.63
C GLN E 412 11.77 -48.44 19.72
N ALA E 413 11.38 -48.43 18.44
CA ALA E 413 11.87 -47.40 17.53
C ALA E 413 11.49 -46.01 18.02
N LEU E 414 10.26 -45.85 18.52
CA LEU E 414 9.87 -44.58 19.14
C LEU E 414 10.72 -44.27 20.36
N SER E 415 10.95 -45.28 21.22
CA SER E 415 11.67 -45.02 22.46
C SER E 415 13.11 -44.66 22.20
N LEU E 416 13.66 -45.04 21.04
CA LEU E 416 14.99 -44.57 20.67
C LEU E 416 14.96 -43.26 19.90
N ALA E 417 13.94 -43.03 19.07
CA ALA E 417 13.87 -41.81 18.27
C ALA E 417 13.62 -40.59 19.16
N VAL E 418 12.93 -40.76 20.29
CA VAL E 418 12.75 -39.64 21.19
C VAL E 418 14.08 -39.17 21.76
N ASP E 419 14.93 -40.12 22.18
CA ASP E 419 16.26 -39.75 22.65
C ASP E 419 17.11 -39.21 21.52
N LYS E 420 16.79 -39.62 20.30
CA LYS E 420 17.47 -39.13 19.11
C LYS E 420 17.10 -37.66 18.94
N GLN E 421 15.86 -37.30 19.26
CA GLN E 421 15.41 -35.91 19.15
C GLN E 421 16.02 -35.06 20.25
N PHE E 422 16.08 -35.58 21.48
CA PHE E 422 16.77 -34.85 22.55
C PHE E 422 18.21 -34.54 22.16
N GLU E 423 18.94 -35.56 21.69
CA GLU E 423 20.34 -35.34 21.36
C GLU E 423 20.51 -34.42 20.16
N GLU E 424 19.60 -34.49 19.18
CA GLU E 424 19.66 -33.62 18.02
C GLU E 424 19.41 -32.17 18.43
N ARG E 425 18.46 -31.93 19.32
CA ARG E 425 18.26 -30.59 19.85
C ARG E 425 19.49 -30.11 20.59
N LYS E 426 20.12 -31.00 21.36
CA LYS E 426 21.37 -30.64 22.03
C LYS E 426 22.49 -30.38 21.03
N LYS E 427 22.39 -30.94 19.83
CA LYS E 427 23.44 -30.78 18.83
C LYS E 427 23.48 -29.37 18.28
N LEU E 428 22.30 -28.79 18.00
CA LEU E 428 22.21 -27.43 17.48
C LEU E 428 22.38 -26.37 18.56
N ALA E 429 22.84 -26.76 19.75
CA ALA E 429 23.06 -25.84 20.87
C ALA E 429 21.79 -25.06 21.22
N ALA F 122 11.17 -29.09 -17.38
CA ALA F 122 11.80 -29.09 -18.69
C ALA F 122 12.51 -30.42 -18.94
N ASN F 123 13.50 -30.73 -18.11
CA ASN F 123 14.23 -31.98 -18.22
C ASN F 123 13.32 -33.15 -17.87
N HIS F 124 13.61 -34.32 -18.44
CA HIS F 124 12.84 -35.50 -18.12
C HIS F 124 13.74 -36.72 -18.24
N TRP F 125 13.49 -37.71 -17.38
CA TRP F 125 14.25 -38.95 -17.35
C TRP F 125 13.32 -40.08 -16.95
N VAL F 126 13.51 -41.24 -17.58
CA VAL F 126 12.89 -42.49 -17.14
C VAL F 126 13.83 -43.07 -16.09
N LEU F 127 13.44 -42.98 -14.83
CA LEU F 127 14.35 -43.22 -13.71
C LEU F 127 13.86 -44.38 -12.84
N PRO F 128 14.74 -45.31 -12.45
CA PRO F 128 16.16 -45.28 -12.78
C PRO F 128 16.47 -45.90 -14.15
N ALA F 129 17.64 -45.61 -14.69
CA ALA F 129 18.05 -46.10 -15.99
C ALA F 129 19.56 -46.27 -16.05
N ALA F 130 20.03 -46.87 -17.14
CA ALA F 130 21.46 -47.04 -17.36
C ALA F 130 22.07 -45.73 -17.86
N GLU F 131 21.20 -44.76 -18.16
CA GLU F 131 21.63 -43.45 -18.64
C GLU F 131 22.48 -42.73 -17.60
N PHE F 132 22.07 -42.77 -16.32
CA PHE F 132 22.88 -42.36 -15.18
C PHE F 132 23.01 -43.47 -14.14
N HIS F 133 23.21 -44.71 -14.59
CA HIS F 133 23.32 -45.82 -13.66
C HIS F 133 24.51 -45.63 -12.71
N GLY F 134 24.25 -45.82 -11.41
CA GLY F 134 25.28 -45.66 -10.42
C GLY F 134 25.77 -44.24 -10.23
N LEU F 135 25.00 -43.24 -10.67
CA LEU F 135 25.42 -41.86 -10.48
C LEU F 135 25.57 -41.52 -9.01
N TRP F 136 24.63 -42.00 -8.18
CA TRP F 136 24.68 -41.74 -6.75
C TRP F 136 25.94 -42.29 -6.10
N ASP F 137 26.47 -43.40 -6.60
CA ASP F 137 27.75 -43.90 -6.10
C ASP F 137 28.91 -43.03 -6.57
N SER F 138 28.75 -42.34 -7.70
CA SER F 138 29.77 -41.40 -8.16
C SER F 138 29.59 -40.01 -7.56
N LEU F 139 28.58 -39.80 -6.72
CA LEU F 139 28.43 -38.56 -5.97
C LEU F 139 28.58 -38.89 -4.49
N VAL F 140 29.78 -38.72 -3.97
CA VAL F 140 30.06 -38.97 -2.56
C VAL F 140 29.77 -37.70 -1.77
N TYR F 141 29.40 -37.86 -0.51
CA TYR F 141 28.96 -36.75 0.32
C TYR F 141 29.38 -37.01 1.75
N ASP F 142 28.76 -36.29 2.69
CA ASP F 142 29.18 -36.25 4.08
C ASP F 142 28.68 -37.48 4.84
N VAL F 143 28.73 -37.40 6.17
CA VAL F 143 28.69 -38.58 7.02
C VAL F 143 27.38 -39.35 6.88
N GLU F 144 26.24 -38.76 7.26
CA GLU F 144 24.96 -39.45 7.06
C GLU F 144 24.01 -38.73 6.12
N VAL F 145 24.48 -37.74 5.36
CA VAL F 145 23.57 -37.05 4.45
C VAL F 145 23.16 -37.96 3.30
N LYS F 146 23.79 -39.13 3.19
CA LYS F 146 23.45 -40.06 2.12
C LYS F 146 22.29 -40.98 2.51
N SER F 147 22.19 -41.34 3.79
CA SER F 147 21.23 -42.35 4.18
C SER F 147 19.87 -41.76 4.57
N HIS F 148 19.89 -40.67 5.35
CA HIS F 148 18.66 -40.05 5.80
C HIS F 148 17.79 -39.65 4.62
N LEU F 149 18.42 -39.09 3.58
CA LEU F 149 17.65 -38.51 2.49
C LEU F 149 17.10 -39.58 1.55
N LEU F 150 17.55 -40.83 1.70
CA LEU F 150 16.90 -41.93 1.00
C LEU F 150 15.79 -42.56 1.84
N ASP F 151 16.04 -42.82 3.12
CA ASP F 151 15.03 -43.53 3.89
C ASP F 151 13.81 -42.65 4.15
N TYR F 152 14.02 -41.33 4.30
CA TYR F 152 12.87 -40.44 4.50
C TYR F 152 11.90 -40.52 3.33
N VAL F 153 12.41 -40.40 2.10
CA VAL F 153 11.53 -40.43 0.95
C VAL F 153 10.97 -41.84 0.71
N MET F 154 11.73 -42.89 1.04
CA MET F 154 11.14 -44.23 1.02
C MET F 154 9.90 -44.29 1.92
N THR F 155 10.02 -43.83 3.16
CA THR F 155 8.90 -43.83 4.08
C THR F 155 7.76 -42.96 3.57
N THR F 156 8.09 -41.82 2.95
CA THR F 156 7.05 -40.93 2.44
C THR F 156 6.26 -41.58 1.31
N LEU F 157 6.94 -42.26 0.39
CA LEU F 157 6.22 -43.01 -0.64
C LEU F 157 5.38 -44.13 -0.04
N LEU F 158 5.91 -44.84 0.95
CA LEU F 158 5.10 -45.88 1.58
C LEU F 158 3.83 -45.29 2.17
N PHE F 159 3.95 -44.18 2.89
CA PHE F 159 2.80 -43.51 3.48
C PHE F 159 1.83 -43.06 2.40
N SER F 160 2.35 -42.52 1.30
CA SER F 160 1.50 -42.04 0.21
C SER F 160 0.70 -43.16 -0.42
N ASP F 161 1.33 -44.29 -0.75
CA ASP F 161 0.56 -45.39 -1.32
C ASP F 161 -0.33 -46.06 -0.28
N LYS F 162 -0.05 -45.84 1.01
CA LYS F 162 -0.88 -46.49 2.01
C LYS F 162 -1.89 -45.56 2.65
N ASN F 163 -2.07 -44.34 2.12
CA ASN F 163 -3.15 -43.43 2.50
C ASN F 163 -3.15 -43.17 4.02
N VAL F 164 -2.10 -42.50 4.48
CA VAL F 164 -2.00 -42.12 5.88
C VAL F 164 -2.48 -40.70 6.05
N ASN F 165 -3.39 -40.49 7.00
CA ASN F 165 -4.00 -39.18 7.17
C ASN F 165 -2.95 -38.17 7.63
N SER F 166 -2.82 -37.07 6.88
CA SER F 166 -1.75 -36.12 7.16
C SER F 166 -1.95 -35.40 8.47
N ASN F 167 -3.18 -35.39 9.00
CA ASN F 167 -3.41 -34.71 10.27
C ASN F 167 -3.13 -35.58 11.47
N LEU F 168 -2.77 -36.85 11.26
CA LEU F 168 -2.37 -37.73 12.35
C LEU F 168 -0.88 -38.05 12.34
N ILE F 169 -0.29 -38.23 11.16
CA ILE F 169 1.16 -38.35 11.01
C ILE F 169 1.62 -37.20 10.14
N THR F 170 2.58 -36.43 10.62
CA THR F 170 3.01 -35.24 9.92
C THR F 170 3.93 -35.61 8.77
N TRP F 171 3.38 -35.70 7.56
CA TRP F 171 4.19 -35.96 6.39
C TRP F 171 3.56 -35.25 5.20
N ASN F 172 4.36 -35.09 4.14
CA ASN F 172 3.87 -34.53 2.89
C ASN F 172 4.80 -34.95 1.77
N ARG F 173 4.48 -34.51 0.55
CA ARG F 173 5.18 -34.96 -0.66
C ARG F 173 6.16 -33.91 -1.16
N VAL F 174 6.75 -33.12 -0.27
CA VAL F 174 7.70 -32.07 -0.64
C VAL F 174 8.93 -32.23 0.24
N VAL F 175 10.11 -32.19 -0.37
CA VAL F 175 11.38 -32.38 0.31
C VAL F 175 12.29 -31.20 0.00
N LEU F 176 12.92 -30.64 1.03
CA LEU F 176 13.78 -29.48 0.86
C LEU F 176 15.22 -29.86 1.15
N LEU F 177 16.09 -29.61 0.18
CA LEU F 177 17.53 -29.75 0.35
C LEU F 177 18.15 -28.40 -0.03
N HIS F 178 18.93 -27.83 0.87
CA HIS F 178 19.39 -26.45 0.74
C HIS F 178 20.81 -26.30 1.24
N GLY F 179 21.61 -25.53 0.50
CA GLY F 179 23.00 -25.29 0.85
C GLY F 179 23.63 -24.27 -0.09
N PRO F 180 24.91 -23.98 0.12
CA PRO F 180 25.62 -23.08 -0.79
C PRO F 180 25.60 -23.63 -2.21
N PRO F 181 25.45 -22.77 -3.21
CA PRO F 181 25.33 -23.25 -4.59
C PRO F 181 26.67 -23.80 -5.10
N GLY F 182 26.58 -24.51 -6.23
CA GLY F 182 27.73 -25.15 -6.82
C GLY F 182 28.03 -26.53 -6.29
N THR F 183 27.38 -26.95 -5.21
CA THR F 183 27.61 -28.28 -4.64
C THR F 183 27.16 -29.41 -5.57
N GLY F 184 26.26 -29.13 -6.50
CA GLY F 184 25.72 -30.19 -7.33
C GLY F 184 24.43 -30.79 -6.79
N LYS F 185 23.65 -29.98 -6.06
CA LYS F 185 22.39 -30.46 -5.50
C LYS F 185 21.45 -30.99 -6.58
N THR F 186 21.42 -30.34 -7.75
CA THR F 186 20.48 -30.75 -8.79
C THR F 186 20.68 -32.20 -9.21
N SER F 187 21.92 -32.60 -9.52
CA SER F 187 22.20 -33.99 -9.85
C SER F 187 22.02 -34.92 -8.66
N LEU F 188 22.29 -34.41 -7.45
CA LEU F 188 21.95 -35.15 -6.25
C LEU F 188 20.50 -35.56 -6.27
N CYS F 189 19.61 -34.67 -6.70
CA CYS F 189 18.18 -35.00 -6.73
C CYS F 189 17.88 -36.13 -7.70
N LYS F 190 18.47 -36.09 -8.91
CA LYS F 190 18.22 -37.20 -9.83
C LYS F 190 18.73 -38.51 -9.26
N ALA F 191 19.93 -38.52 -8.67
CA ALA F 191 20.47 -39.77 -8.11
C ALA F 191 19.60 -40.29 -6.99
N LEU F 192 19.18 -39.40 -6.09
CA LEU F 192 18.12 -39.68 -5.13
C LEU F 192 16.98 -40.44 -5.78
N ALA F 193 16.41 -39.87 -6.84
CA ALA F 193 15.24 -40.46 -7.48
C ALA F 193 15.56 -41.84 -8.06
N GLN F 194 16.73 -42.00 -8.66
CA GLN F 194 17.07 -43.28 -9.27
C GLN F 194 17.15 -44.39 -8.25
N LYS F 195 17.89 -44.19 -7.16
CA LYS F 195 17.89 -45.26 -6.16
C LYS F 195 16.56 -45.37 -5.44
N LEU F 196 15.79 -44.28 -5.39
CA LEU F 196 14.44 -44.35 -4.86
C LEU F 196 13.61 -45.37 -5.62
N THR F 197 13.52 -45.22 -6.93
CA THR F 197 12.71 -46.13 -7.72
C THR F 197 13.34 -47.51 -7.87
N ILE F 198 14.67 -47.62 -7.87
CA ILE F 198 15.28 -48.94 -7.89
C ILE F 198 15.07 -49.67 -6.56
N ARG F 199 14.81 -48.94 -5.47
CA ARG F 199 14.39 -49.58 -4.24
C ARG F 199 12.91 -49.93 -4.25
N LEU F 200 12.16 -49.42 -5.22
CA LEU F 200 10.73 -49.67 -5.35
C LEU F 200 10.42 -50.48 -6.61
N SER F 201 11.28 -51.46 -6.90
CA SER F 201 11.08 -52.29 -8.09
C SER F 201 9.82 -53.14 -7.99
N SER F 202 9.32 -53.37 -6.78
CA SER F 202 8.10 -54.16 -6.61
C SER F 202 6.86 -53.34 -6.95
N ARG F 203 6.67 -52.21 -6.26
CA ARG F 203 5.43 -51.45 -6.38
C ARG F 203 5.30 -50.74 -7.72
N TYR F 204 6.36 -50.16 -8.26
CA TYR F 204 6.24 -49.31 -9.43
C TYR F 204 7.28 -49.73 -10.45
N ARG F 205 6.89 -49.77 -11.74
CA ARG F 205 7.81 -50.22 -12.77
C ARG F 205 8.87 -49.16 -13.11
N TYR F 206 8.49 -47.90 -13.21
CA TYR F 206 9.46 -46.86 -13.57
C TYR F 206 9.18 -45.61 -12.75
N GLY F 207 9.85 -44.53 -13.11
CA GLY F 207 9.57 -43.22 -12.56
C GLY F 207 9.75 -42.17 -13.63
N GLN F 208 9.52 -40.91 -13.24
CA GLN F 208 9.67 -39.79 -14.16
C GLN F 208 10.18 -38.56 -13.44
N LEU F 209 10.81 -37.66 -14.18
CA LEU F 209 11.33 -36.43 -13.58
C LEU F 209 10.95 -35.26 -14.46
N ILE F 210 10.76 -34.10 -13.84
CA ILE F 210 10.66 -32.83 -14.54
C ILE F 210 11.40 -31.79 -13.72
N GLU F 211 12.11 -30.89 -14.39
CA GLU F 211 12.86 -29.83 -13.73
C GLU F 211 12.50 -28.51 -14.40
N ILE F 212 11.62 -27.75 -13.77
CA ILE F 212 11.21 -26.45 -14.28
C ILE F 212 12.10 -25.40 -13.64
N ASN F 213 12.77 -24.61 -14.46
CA ASN F 213 13.76 -23.66 -13.97
C ASN F 213 13.06 -22.44 -13.35
N SER F 214 13.86 -21.60 -12.71
CA SER F 214 13.31 -20.38 -12.11
C SER F 214 12.81 -19.42 -13.18
N HIS F 215 13.22 -19.63 -14.43
CA HIS F 215 12.80 -18.79 -15.53
C HIS F 215 12.20 -19.65 -16.64
N SER F 216 10.97 -19.34 -17.02
CA SER F 216 10.27 -20.11 -18.04
C SER F 216 9.10 -19.31 -18.62
N VAL F 229 4.20 -23.72 -15.51
CA VAL F 229 3.59 -24.26 -14.31
C VAL F 229 2.11 -24.51 -14.57
N THR F 230 1.60 -23.94 -15.67
CA THR F 230 0.21 -24.15 -16.04
C THR F 230 0.06 -25.33 -16.99
N LYS F 231 0.80 -25.32 -18.09
CA LYS F 231 0.72 -26.42 -19.05
C LYS F 231 1.73 -27.52 -18.73
N MET F 232 2.89 -27.16 -18.18
CA MET F 232 3.83 -28.18 -17.75
C MET F 232 3.20 -29.11 -16.74
N PHE F 233 2.54 -28.56 -15.72
CA PHE F 233 1.83 -29.44 -14.79
C PHE F 233 0.54 -30.04 -15.34
N GLN F 234 -0.08 -29.50 -16.38
CA GLN F 234 -1.17 -30.28 -16.95
C GLN F 234 -0.63 -31.53 -17.62
N LYS F 235 0.52 -31.42 -18.29
CA LYS F 235 1.21 -32.60 -18.80
C LYS F 235 1.58 -33.55 -17.66
N ILE F 236 2.17 -33.01 -16.59
CA ILE F 236 2.56 -33.86 -15.47
C ILE F 236 1.34 -34.56 -14.87
N GLN F 237 0.26 -33.82 -14.62
CA GLN F 237 -0.97 -34.40 -14.10
C GLN F 237 -1.55 -35.46 -15.02
N ASP F 238 -1.40 -35.29 -16.34
CA ASP F 238 -1.69 -36.41 -17.23
C ASP F 238 -0.80 -37.60 -16.89
N LEU F 239 0.44 -37.33 -16.45
CA LEU F 239 1.34 -38.41 -16.04
C LEU F 239 1.15 -38.87 -14.60
N ILE F 240 0.24 -38.26 -13.83
CA ILE F 240 0.04 -38.65 -12.44
C ILE F 240 -1.16 -39.56 -12.20
N ASP F 241 -2.28 -39.30 -12.87
CA ASP F 241 -3.51 -40.02 -12.54
C ASP F 241 -3.39 -41.52 -12.77
N ASP F 242 -2.41 -41.95 -13.56
CA ASP F 242 -2.12 -43.37 -13.73
C ASP F 242 -1.40 -43.88 -12.49
N LYS F 243 -1.66 -45.13 -12.14
CA LYS F 243 -1.01 -45.78 -11.00
C LYS F 243 0.39 -46.27 -11.36
N ASP F 244 0.79 -46.17 -12.63
CA ASP F 244 2.01 -46.81 -13.09
C ASP F 244 3.25 -45.92 -12.98
N ALA F 245 3.08 -44.60 -12.96
CA ALA F 245 4.20 -43.67 -13.02
C ALA F 245 4.57 -43.15 -11.64
N LEU F 246 5.83 -43.33 -11.26
CA LEU F 246 6.38 -42.78 -10.02
C LEU F 246 6.97 -41.42 -10.36
N VAL F 247 6.11 -40.45 -10.65
CA VAL F 247 6.59 -39.16 -11.11
C VAL F 247 7.10 -38.35 -9.92
N PHE F 248 8.37 -37.96 -10.01
CA PHE F 248 8.95 -36.98 -9.13
C PHE F 248 9.27 -35.74 -9.96
N VAL F 249 9.09 -34.57 -9.35
CA VAL F 249 9.16 -33.31 -10.09
C VAL F 249 10.11 -32.37 -9.36
N LEU F 250 11.06 -31.82 -10.10
CA LEU F 250 12.09 -30.93 -9.55
C LEU F 250 11.71 -29.49 -9.79
N ILE F 251 11.82 -28.68 -8.76
CA ILE F 251 11.71 -27.23 -8.86
C ILE F 251 13.10 -26.65 -8.66
N ASP F 252 13.45 -25.63 -9.43
CA ASP F 252 14.81 -25.15 -9.53
C ASP F 252 14.96 -23.78 -8.88
N GLN F 253 15.89 -23.70 -7.93
CA GLN F 253 16.28 -22.44 -7.26
C GLN F 253 15.07 -21.67 -6.75
N VAL F 254 14.39 -22.27 -5.78
CA VAL F 254 13.22 -21.64 -5.18
C VAL F 254 13.64 -20.53 -4.24
N ALA F 273 -0.39 -15.28 -12.77
CA ALA F 273 0.20 -14.21 -13.54
C ALA F 273 1.66 -14.09 -13.22
N ILE F 274 2.20 -12.91 -13.47
CA ILE F 274 3.60 -12.68 -13.17
C ILE F 274 3.75 -11.45 -12.30
N ARG F 275 4.33 -11.64 -11.12
CA ARG F 275 4.65 -10.62 -10.12
C ARG F 275 3.50 -10.00 -9.34
N VAL F 276 2.31 -10.55 -9.54
CA VAL F 276 1.14 -10.20 -8.74
C VAL F 276 0.62 -11.60 -8.51
N VAL F 277 1.49 -12.40 -7.87
CA VAL F 277 1.52 -13.84 -7.59
C VAL F 277 2.27 -14.48 -8.76
N ASN F 278 2.71 -15.72 -8.61
CA ASN F 278 3.34 -16.35 -9.76
C ASN F 278 2.52 -17.45 -10.35
N ALA F 279 1.32 -17.62 -9.81
CA ALA F 279 0.38 -18.64 -10.21
C ALA F 279 1.07 -19.95 -10.28
N VAL F 280 2.17 -20.09 -9.52
CA VAL F 280 2.89 -21.34 -9.56
C VAL F 280 2.53 -22.05 -8.33
N LEU F 281 2.25 -21.28 -7.30
CA LEU F 281 1.86 -21.93 -6.05
C LEU F 281 0.57 -22.71 -6.22
N THR F 282 -0.54 -22.03 -6.55
CA THR F 282 -1.82 -22.73 -6.58
C THR F 282 -1.75 -24.04 -7.36
N GLN F 283 -1.06 -24.01 -8.51
CA GLN F 283 -0.90 -25.23 -9.32
C GLN F 283 -0.08 -26.30 -8.59
N ILE F 284 1.07 -25.92 -8.03
CA ILE F 284 1.92 -26.94 -7.42
C ILE F 284 1.27 -27.50 -6.14
N ASP F 285 0.55 -26.63 -5.45
CA ASP F 285 -0.16 -27.01 -4.24
C ASP F 285 -1.31 -27.95 -4.57
N GLN F 286 -1.97 -27.74 -5.70
CA GLN F 286 -3.09 -28.61 -6.09
C GLN F 286 -2.57 -29.95 -6.62
N ILE F 287 -1.42 -29.94 -7.30
CA ILE F 287 -0.85 -31.21 -7.77
C ILE F 287 -0.22 -31.99 -6.62
N LYS F 288 0.06 -31.32 -5.50
CA LYS F 288 0.54 -32.03 -4.31
C LYS F 288 -0.42 -33.12 -3.85
N ARG F 289 -1.69 -32.91 -4.15
CA ARG F 289 -2.78 -33.78 -3.78
C ARG F 289 -2.98 -35.04 -4.59
N HIS F 290 -2.48 -35.07 -5.82
CA HIS F 290 -2.80 -36.23 -6.65
C HIS F 290 -2.36 -37.58 -6.14
N SER F 291 -1.13 -37.61 -5.65
CA SER F 291 -0.37 -38.73 -5.08
C SER F 291 0.33 -39.50 -6.19
N ASN F 292 1.49 -40.06 -5.82
CA ASN F 292 2.47 -40.73 -6.67
C ASN F 292 3.27 -39.71 -7.53
N VAL F 293 3.23 -38.46 -7.08
CA VAL F 293 3.91 -37.33 -7.64
C VAL F 293 4.50 -36.75 -6.39
N VAL F 294 5.81 -36.88 -6.32
CA VAL F 294 6.65 -36.46 -5.21
C VAL F 294 7.46 -35.25 -5.66
N ILE F 295 7.47 -34.22 -4.83
CA ILE F 295 8.04 -32.93 -5.19
C ILE F 295 9.40 -32.79 -4.51
N LEU F 296 10.42 -32.46 -5.29
CA LEU F 296 11.74 -32.12 -4.76
C LEU F 296 12.03 -30.69 -5.25
N THR F 297 12.62 -29.89 -4.37
CA THR F 297 12.94 -28.51 -4.69
C THR F 297 14.41 -28.27 -4.36
N THR F 298 15.22 -27.98 -5.39
CA THR F 298 16.61 -27.59 -5.19
C THR F 298 16.62 -26.07 -4.93
N SER F 299 16.28 -25.71 -3.70
CA SER F 299 16.10 -24.31 -3.36
C SER F 299 17.39 -23.52 -3.50
N ASN F 300 18.49 -24.04 -2.98
CA ASN F 300 19.79 -23.38 -2.96
C ASN F 300 19.77 -22.05 -2.21
N ILE F 301 18.73 -21.80 -1.43
CA ILE F 301 18.61 -20.59 -0.62
C ILE F 301 18.55 -21.02 0.84
N THR F 302 19.31 -20.32 1.68
CA THR F 302 19.48 -20.70 3.08
C THR F 302 18.26 -20.32 3.91
N GLU F 303 18.43 -20.35 5.24
CA GLU F 303 17.34 -20.21 6.20
C GLU F 303 16.33 -19.14 5.81
N LYS F 304 16.81 -18.00 5.28
CA LYS F 304 15.92 -16.95 4.81
C LYS F 304 14.97 -17.53 3.76
N ILE F 305 13.69 -17.63 4.11
CA ILE F 305 12.71 -18.29 3.24
C ILE F 305 11.36 -17.62 3.38
N ASP F 306 10.52 -17.75 2.36
CA ASP F 306 9.17 -17.21 2.38
C ASP F 306 8.22 -18.21 3.03
N VAL F 307 7.01 -17.76 3.36
CA VAL F 307 5.97 -18.63 3.90
C VAL F 307 5.37 -19.51 2.81
N ALA F 308 5.56 -19.17 1.54
CA ALA F 308 4.86 -19.82 0.44
C ALA F 308 5.17 -21.30 0.34
N PHE F 309 6.45 -21.68 0.30
CA PHE F 309 6.82 -23.07 0.06
C PHE F 309 7.62 -23.71 1.19
N VAL F 310 8.28 -22.91 2.03
CA VAL F 310 9.21 -23.51 3.00
C VAL F 310 8.50 -24.03 4.24
N ASP F 311 7.23 -23.71 4.43
CA ASP F 311 6.48 -24.22 5.56
C ASP F 311 5.58 -25.40 5.20
N ARG F 312 5.28 -25.59 3.91
CA ARG F 312 4.64 -26.82 3.46
C ARG F 312 5.65 -27.93 3.20
N ALA F 313 6.94 -27.63 3.28
CA ALA F 313 7.99 -28.61 3.10
C ALA F 313 8.36 -29.19 4.45
N ASP F 314 8.50 -30.51 4.52
CA ASP F 314 8.51 -31.20 5.79
C ASP F 314 9.92 -31.59 6.24
N ILE F 315 10.66 -32.33 5.42
CA ILE F 315 12.03 -32.72 5.75
C ILE F 315 12.97 -31.80 4.99
N LYS F 316 13.94 -31.24 5.71
CA LYS F 316 14.82 -30.21 5.20
C LYS F 316 16.25 -30.52 5.62
N GLN F 317 17.09 -30.85 4.64
CA GLN F 317 18.48 -31.21 4.90
C GLN F 317 19.41 -30.19 4.24
N TYR F 318 20.60 -30.05 4.82
CA TYR F 318 21.57 -29.06 4.40
C TYR F 318 22.82 -29.77 3.90
N ILE F 319 23.34 -29.32 2.76
CA ILE F 319 24.59 -29.80 2.20
C ILE F 319 25.58 -28.64 2.18
N GLY F 320 26.77 -28.86 2.71
CA GLY F 320 27.78 -27.82 2.79
C GLY F 320 28.81 -27.91 1.69
N PRO F 321 30.08 -27.71 2.04
CA PRO F 321 31.14 -27.79 1.04
C PRO F 321 31.30 -29.20 0.52
N PRO F 322 31.64 -29.37 -0.76
CA PRO F 322 31.86 -30.72 -1.29
C PRO F 322 33.06 -31.39 -0.65
N SER F 323 33.16 -32.71 -0.85
CA SER F 323 34.17 -33.51 -0.19
C SER F 323 35.41 -33.66 -1.08
N ALA F 324 36.46 -34.23 -0.48
CA ALA F 324 37.76 -34.30 -1.16
C ALA F 324 37.70 -35.16 -2.42
N ALA F 325 36.99 -36.28 -2.38
CA ALA F 325 36.82 -37.08 -3.59
C ALA F 325 36.08 -36.30 -4.67
N ALA F 326 35.07 -35.53 -4.26
CA ALA F 326 34.41 -34.65 -5.21
C ALA F 326 35.39 -33.64 -5.78
N ILE F 327 36.29 -33.13 -4.93
CA ILE F 327 37.33 -32.21 -5.38
C ILE F 327 38.16 -32.85 -6.47
N PHE F 328 38.58 -34.10 -6.23
CA PHE F 328 39.36 -34.80 -7.24
C PHE F 328 38.60 -34.97 -8.54
N LYS F 329 37.35 -35.44 -8.49
CA LYS F 329 36.68 -35.68 -9.75
C LYS F 329 36.38 -34.39 -10.50
N ILE F 330 36.09 -33.29 -9.80
CA ILE F 330 35.84 -32.06 -10.56
C ILE F 330 37.14 -31.54 -11.17
N TYR F 331 38.24 -31.53 -10.41
CA TYR F 331 39.51 -31.11 -10.99
C TYR F 331 39.89 -31.99 -12.17
N LEU F 332 39.73 -33.30 -12.03
CA LEU F 332 40.03 -34.23 -13.11
C LEU F 332 39.17 -33.93 -14.33
N SER F 333 37.90 -33.60 -14.12
CA SER F 333 37.03 -33.22 -15.22
C SER F 333 37.57 -31.98 -15.92
N CYS F 334 38.08 -31.03 -15.15
CA CYS F 334 38.72 -29.86 -15.76
C CYS F 334 39.89 -30.27 -16.64
N LEU F 335 40.78 -31.14 -16.14
CA LEU F 335 41.93 -31.52 -16.97
C LEU F 335 41.50 -32.33 -18.20
N GLU F 336 40.44 -33.14 -18.07
CA GLU F 336 39.94 -33.85 -19.25
C GLU F 336 39.42 -32.86 -20.29
N GLU F 337 38.69 -31.85 -19.86
CA GLU F 337 38.21 -30.84 -20.82
C GLU F 337 39.39 -30.13 -21.47
N LEU F 338 40.42 -29.80 -20.68
CA LEU F 338 41.60 -29.17 -21.26
C LEU F 338 42.27 -30.09 -22.28
N MET F 339 42.37 -31.38 -21.97
CA MET F 339 42.96 -32.35 -22.90
C MET F 339 42.12 -32.47 -24.17
N LYS F 340 40.81 -32.29 -24.06
CA LYS F 340 39.93 -32.52 -25.20
C LYS F 340 40.24 -31.59 -26.38
N CYS F 341 40.92 -30.47 -26.13
CA CYS F 341 41.21 -29.50 -27.18
C CYS F 341 42.68 -29.11 -27.23
N GLN F 342 43.59 -30.06 -27.00
CA GLN F 342 45.04 -29.84 -27.11
C GLN F 342 45.54 -28.71 -26.21
N ILE F 343 44.79 -28.37 -25.17
CA ILE F 343 45.27 -27.38 -24.21
C ILE F 343 46.43 -27.93 -23.41
N ILE F 344 46.42 -29.23 -23.12
CA ILE F 344 47.38 -29.85 -22.23
C ILE F 344 48.07 -30.98 -22.98
N TYR F 345 49.40 -30.99 -22.92
CA TYR F 345 50.20 -32.05 -23.54
C TYR F 345 51.01 -32.80 -22.50
N ARG F 347 48.66 -36.23 -24.04
CA ARG F 347 47.54 -37.03 -23.58
C ARG F 347 48.01 -38.06 -22.56
N GLN F 348 48.34 -37.54 -21.37
CA GLN F 348 48.82 -38.34 -20.26
C GLN F 348 47.74 -39.06 -19.48
N GLN F 349 48.16 -39.89 -18.52
CA GLN F 349 47.23 -40.66 -17.75
C GLN F 349 47.03 -40.30 -16.29
N LEU F 350 45.76 -40.14 -15.95
CA LEU F 350 45.34 -39.93 -14.58
C LEU F 350 44.39 -41.06 -14.18
N LEU F 351 44.93 -42.07 -13.50
CA LEU F 351 44.14 -43.24 -13.14
C LEU F 351 42.93 -42.84 -12.31
N THR F 352 41.78 -43.41 -12.68
CA THR F 352 40.53 -43.14 -11.98
C THR F 352 40.56 -43.75 -10.58
N LEU F 353 39.56 -43.37 -9.78
CA LEU F 353 39.55 -43.78 -8.37
C LEU F 353 39.56 -45.29 -8.21
N ARG F 354 38.69 -45.99 -8.96
CA ARG F 354 38.65 -47.45 -8.87
C ARG F 354 40.04 -48.03 -9.05
N GLU F 355 40.83 -47.46 -9.95
CA GLU F 355 42.25 -47.78 -10.02
C GLU F 355 43.00 -47.37 -8.75
N LEU F 356 42.63 -46.26 -8.11
CA LEU F 356 43.36 -45.82 -6.92
C LEU F 356 43.27 -46.84 -5.80
N GLU F 357 42.09 -47.44 -5.61
CA GLU F 357 42.00 -48.56 -4.67
C GLU F 357 42.54 -49.86 -5.27
N MET F 358 42.54 -49.98 -6.61
CA MET F 358 42.97 -51.24 -7.21
C MET F 358 44.48 -51.43 -7.09
N ILE F 359 45.27 -50.58 -7.74
CA ILE F 359 46.73 -50.64 -7.65
C ILE F 359 47.21 -50.39 -6.23
N GLY F 360 46.49 -49.62 -5.44
CA GLY F 360 46.85 -49.40 -4.05
C GLY F 360 48.11 -48.60 -3.86
N PHE F 361 48.32 -47.58 -4.69
CA PHE F 361 49.37 -46.57 -4.49
C PHE F 361 50.76 -47.19 -4.52
N ILE F 362 51.06 -47.94 -5.58
CA ILE F 362 52.45 -48.32 -5.82
C ILE F 362 53.18 -47.20 -6.56
N GLU F 363 54.38 -46.90 -6.08
CA GLU F 363 55.12 -45.73 -6.52
C GLU F 363 55.47 -45.83 -8.00
N ASN F 364 54.85 -44.97 -8.80
CA ASN F 364 55.10 -44.90 -10.24
C ASN F 364 54.69 -43.50 -10.67
N ASN F 365 55.12 -43.10 -11.87
CA ASN F 365 54.83 -41.76 -12.37
C ASN F 365 53.33 -41.49 -12.38
N VAL F 366 52.52 -42.53 -12.57
CA VAL F 366 51.07 -42.33 -12.64
C VAL F 366 50.52 -41.92 -11.28
N SER F 367 50.96 -42.57 -10.20
CA SER F 367 50.41 -42.37 -8.88
C SER F 367 50.95 -41.14 -8.16
N LYS F 368 52.00 -40.51 -8.70
CA LYS F 368 52.64 -39.40 -8.00
C LYS F 368 51.68 -38.25 -7.76
N LEU F 369 50.70 -38.08 -8.65
CA LEU F 369 49.75 -36.97 -8.50
C LEU F 369 48.74 -37.22 -7.40
N SER F 370 48.66 -38.45 -6.87
CA SER F 370 47.63 -38.75 -5.89
C SER F 370 47.74 -37.86 -4.66
N LEU F 371 48.92 -37.81 -4.03
CA LEU F 371 49.08 -36.91 -2.89
C LEU F 371 48.72 -35.49 -3.29
N LEU F 372 49.05 -35.12 -4.53
CA LEU F 372 48.74 -33.77 -5.02
C LEU F 372 47.25 -33.46 -4.89
N LEU F 373 46.37 -34.40 -5.20
CA LEU F 373 44.95 -34.07 -5.08
C LEU F 373 44.61 -33.79 -3.63
N ASN F 374 45.17 -34.58 -2.70
CA ASN F 374 44.98 -34.28 -1.29
C ASN F 374 45.50 -32.90 -0.92
N ASP F 375 46.55 -32.44 -1.60
CA ASP F 375 47.09 -31.12 -1.30
C ASP F 375 46.24 -30.01 -1.92
N ILE F 376 45.48 -30.33 -2.97
CA ILE F 376 44.53 -29.35 -3.50
C ILE F 376 43.13 -29.57 -2.94
N SER F 377 42.99 -30.43 -1.93
CA SER F 377 41.75 -30.63 -1.20
C SER F 377 42.00 -30.77 0.31
N ARG F 378 43.16 -30.31 0.79
CA ARG F 378 43.52 -30.50 2.19
C ARG F 378 42.75 -29.56 3.11
N LYS F 379 42.58 -28.31 2.71
CA LYS F 379 41.97 -27.29 3.55
C LYS F 379 40.74 -26.68 2.87
N SER F 380 40.12 -27.45 1.97
CA SER F 380 39.01 -26.98 1.16
C SER F 380 37.67 -26.99 1.90
N GLU F 381 37.68 -27.07 3.23
CA GLU F 381 36.42 -27.14 3.97
C GLU F 381 35.73 -25.78 4.02
N GLY F 382 36.47 -24.70 3.83
CA GLY F 382 35.90 -23.38 3.81
C GLY F 382 35.82 -22.81 2.41
N LEU F 383 35.42 -23.65 1.46
CA LEU F 383 35.59 -23.39 0.04
C LEU F 383 34.32 -23.75 -0.73
N SER F 384 34.14 -23.09 -1.88
CA SER F 384 32.94 -23.19 -2.69
C SER F 384 33.23 -23.86 -4.03
N GLY F 385 32.18 -24.22 -4.75
CA GLY F 385 32.32 -24.94 -6.01
C GLY F 385 32.65 -24.06 -7.20
N ARG F 386 32.13 -22.84 -7.23
CA ARG F 386 32.40 -21.95 -8.37
C ARG F 386 33.88 -21.60 -8.47
N VAL F 387 34.54 -21.37 -7.32
CA VAL F 387 35.96 -21.09 -7.36
C VAL F 387 36.71 -22.29 -7.93
N LEU F 388 36.18 -23.50 -7.78
CA LEU F 388 36.82 -24.67 -8.39
C LEU F 388 36.51 -24.76 -9.87
N ARG F 389 35.31 -24.35 -10.28
CA ARG F 389 35.02 -24.26 -11.71
C ARG F 389 35.78 -23.12 -12.37
N LYS F 390 36.44 -22.28 -11.58
CA LYS F 390 37.27 -21.21 -12.13
C LYS F 390 38.77 -21.40 -11.93
N LEU F 391 39.19 -22.22 -10.96
CA LEU F 391 40.58 -22.21 -10.52
C LEU F 391 41.59 -22.64 -11.58
N PRO F 392 41.32 -23.61 -12.47
CA PRO F 392 42.29 -23.86 -13.55
C PRO F 392 42.58 -22.64 -14.40
N PHE F 393 41.58 -21.79 -14.67
CA PHE F 393 41.85 -20.51 -15.31
C PHE F 393 42.91 -19.71 -14.56
N LEU F 394 42.71 -19.53 -13.26
CA LEU F 394 43.60 -18.65 -12.50
C LEU F 394 44.99 -19.26 -12.38
N ALA F 395 45.07 -20.59 -12.21
CA ALA F 395 46.36 -21.25 -12.13
C ALA F 395 47.12 -21.15 -13.44
N HIS F 396 46.45 -21.38 -14.58
CA HIS F 396 47.15 -21.30 -15.85
C HIS F 396 47.55 -19.88 -16.20
N ALA F 397 46.73 -18.90 -15.87
CA ALA F 397 47.04 -17.50 -16.14
C ALA F 397 48.12 -16.94 -15.24
N LEU F 398 48.16 -17.37 -13.98
CA LEU F 398 48.97 -16.66 -12.98
C LEU F 398 50.32 -17.31 -12.73
N TYR F 399 50.47 -18.62 -12.99
CA TYR F 399 51.77 -19.27 -12.85
C TYR F 399 52.26 -19.95 -14.13
N VAL F 400 51.35 -20.46 -14.96
CA VAL F 400 51.78 -21.16 -16.17
C VAL F 400 52.21 -20.15 -17.21
N GLN F 401 51.29 -19.30 -17.64
CA GLN F 401 51.54 -18.23 -18.60
C GLN F 401 52.14 -18.77 -19.91
N ALA F 402 51.70 -19.94 -20.35
CA ALA F 402 52.24 -20.56 -21.56
C ALA F 402 51.08 -21.10 -22.37
N PRO F 403 51.22 -21.18 -23.70
CA PRO F 403 50.15 -21.72 -24.55
C PRO F 403 50.15 -23.23 -24.67
N THR F 404 51.06 -23.93 -24.01
CA THR F 404 51.12 -25.38 -24.01
C THR F 404 52.00 -25.82 -22.85
N VAL F 405 51.45 -26.65 -21.97
CA VAL F 405 52.15 -27.06 -20.76
C VAL F 405 51.93 -28.54 -20.53
N THR F 406 53.00 -29.22 -20.10
CA THR F 406 52.96 -30.65 -19.82
C THR F 406 52.12 -30.94 -18.58
N ILE F 407 51.80 -32.23 -18.40
CA ILE F 407 50.99 -32.66 -17.26
C ILE F 407 51.63 -32.25 -15.94
N GLU F 408 52.82 -32.80 -15.65
CA GLU F 408 53.38 -32.68 -14.31
C GLU F 408 53.71 -31.23 -13.95
N GLY F 409 54.23 -30.47 -14.91
CA GLY F 409 54.46 -29.05 -14.66
C GLY F 409 53.17 -28.32 -14.33
N PHE F 410 52.09 -28.66 -15.04
CA PHE F 410 50.83 -28.00 -14.81
C PHE F 410 50.23 -28.38 -13.46
N LEU F 411 50.40 -29.63 -13.03
CA LEU F 411 49.98 -30.00 -11.68
C LEU F 411 50.78 -29.26 -10.61
N GLN F 412 52.10 -29.13 -10.80
CA GLN F 412 52.90 -28.36 -9.86
C GLN F 412 52.43 -26.91 -9.83
N ALA F 413 52.10 -26.36 -10.99
CA ALA F 413 51.59 -25.00 -11.06
C ALA F 413 50.28 -24.87 -10.32
N LEU F 414 49.39 -25.87 -10.45
CA LEU F 414 48.14 -25.84 -9.69
C LEU F 414 48.40 -25.89 -8.20
N SER F 415 49.38 -26.67 -7.75
CA SER F 415 49.67 -26.72 -6.32
C SER F 415 50.11 -25.35 -5.83
N LEU F 416 51.11 -24.75 -6.49
CA LEU F 416 51.56 -23.43 -6.08
C LEU F 416 50.43 -22.41 -6.16
N ALA F 417 49.59 -22.51 -7.19
CA ALA F 417 48.45 -21.62 -7.30
C ALA F 417 47.52 -21.77 -6.10
N VAL F 418 47.06 -22.99 -5.81
CA VAL F 418 46.09 -23.14 -4.74
C VAL F 418 46.65 -22.61 -3.44
N ASP F 419 47.95 -22.81 -3.19
CA ASP F 419 48.56 -22.12 -2.05
C ASP F 419 48.37 -20.61 -2.16
N LYS F 420 48.59 -20.05 -3.34
CA LYS F 420 48.50 -18.60 -3.48
C LYS F 420 47.09 -18.07 -3.23
N GLN F 421 46.09 -18.60 -3.92
CA GLN F 421 44.74 -18.04 -3.79
C GLN F 421 44.02 -18.53 -2.53
N PHE F 422 44.55 -19.54 -1.85
CA PHE F 422 43.98 -19.89 -0.56
C PHE F 422 44.73 -19.24 0.60
N GLU F 423 45.89 -18.63 0.33
CA GLU F 423 46.60 -17.92 1.38
C GLU F 423 45.82 -16.70 1.86
N GLU F 424 45.07 -16.07 0.96
CA GLU F 424 44.29 -14.90 1.33
C GLU F 424 43.13 -15.28 2.25
N VAL G 15 -54.66 -60.53 4.73
CA VAL G 15 -55.33 -59.92 3.60
C VAL G 15 -56.77 -60.46 3.56
N ALA G 16 -57.06 -61.40 4.46
CA ALA G 16 -58.39 -62.02 4.47
C ALA G 16 -59.49 -60.96 4.56
N ASP G 17 -59.40 -60.08 5.56
CA ASP G 17 -60.32 -58.95 5.62
C ASP G 17 -60.12 -58.03 4.43
N VAL G 18 -58.85 -57.77 4.08
CA VAL G 18 -58.54 -56.86 2.99
C VAL G 18 -59.09 -57.38 1.67
N LEU G 19 -58.83 -58.66 1.37
CA LEU G 19 -59.38 -59.23 0.16
C LEU G 19 -60.90 -59.31 0.20
N CYS G 20 -61.50 -59.60 1.36
CA CYS G 20 -62.95 -59.67 1.44
C CYS G 20 -63.58 -58.33 1.07
N GLU G 21 -63.13 -57.25 1.71
CA GLU G 21 -63.66 -55.93 1.36
C GLU G 21 -63.34 -55.58 -0.08
N PHE G 22 -62.22 -56.07 -0.61
CA PHE G 22 -61.92 -55.78 -2.01
C PHE G 22 -62.92 -56.46 -2.92
N LEU G 23 -63.30 -57.71 -2.62
CA LEU G 23 -64.33 -58.35 -3.45
C LEU G 23 -65.69 -57.67 -3.30
N GLU G 24 -66.00 -57.14 -2.11
CA GLU G 24 -67.23 -56.35 -1.99
C GLU G 24 -67.20 -55.15 -2.93
N VAL G 25 -66.20 -54.27 -2.77
CA VAL G 25 -66.16 -53.08 -3.61
C VAL G 25 -66.09 -53.48 -5.07
N ALA G 26 -65.38 -54.58 -5.38
CA ALA G 26 -65.38 -55.11 -6.72
C ALA G 26 -66.80 -55.35 -7.21
N VAL G 27 -67.54 -56.25 -6.54
CA VAL G 27 -68.83 -56.68 -7.07
C VAL G 27 -69.77 -55.49 -7.26
N HIS G 28 -69.69 -54.47 -6.40
CA HIS G 28 -70.46 -53.26 -6.70
C HIS G 28 -69.96 -52.57 -7.98
N LEU G 29 -68.65 -52.40 -8.16
CA LEU G 29 -68.18 -51.82 -9.41
C LEU G 29 -68.59 -52.68 -10.61
N ILE G 30 -68.64 -54.00 -10.43
CA ILE G 30 -69.01 -54.93 -11.49
C ILE G 30 -70.45 -54.74 -11.90
N LEU G 31 -71.36 -54.63 -10.94
CA LEU G 31 -72.76 -54.35 -11.28
C LEU G 31 -72.98 -52.90 -11.68
N TYR G 32 -71.95 -52.05 -11.54
CA TYR G 32 -72.06 -50.65 -11.91
C TYR G 32 -71.63 -50.35 -13.35
N VAL G 33 -70.40 -50.74 -13.72
CA VAL G 33 -69.72 -50.14 -14.88
C VAL G 33 -70.38 -50.51 -16.21
N ARG G 34 -70.88 -51.73 -16.36
CA ARG G 34 -71.52 -52.12 -17.62
C ARG G 34 -73.03 -52.06 -17.59
N GLU G 35 -73.59 -51.36 -16.61
CA GLU G 35 -75.02 -51.11 -16.48
C GLU G 35 -76.02 -52.28 -16.50
N VAL G 36 -75.57 -53.48 -16.20
CA VAL G 36 -76.51 -54.60 -16.15
C VAL G 36 -77.62 -54.32 -15.14
N TYR G 37 -77.39 -53.40 -14.21
CA TYR G 37 -78.34 -52.87 -13.25
C TYR G 37 -78.35 -51.35 -13.32
N PRO G 38 -79.45 -50.69 -12.91
CA PRO G 38 -79.51 -49.23 -13.00
C PRO G 38 -78.48 -48.57 -12.09
N VAL G 39 -78.10 -47.34 -12.48
CA VAL G 39 -77.03 -46.63 -11.79
C VAL G 39 -77.47 -46.22 -10.39
N GLY G 40 -78.73 -45.81 -10.24
CA GLY G 40 -79.19 -45.22 -8.99
C GLY G 40 -79.14 -46.15 -7.79
N ILE G 41 -79.12 -47.46 -8.00
CA ILE G 41 -79.16 -48.40 -6.89
C ILE G 41 -77.96 -48.27 -5.97
N PHE G 42 -76.75 -48.21 -6.52
CA PHE G 42 -75.54 -48.13 -5.71
C PHE G 42 -75.19 -46.68 -5.37
N GLN G 43 -74.56 -46.52 -4.21
CA GLN G 43 -74.08 -45.24 -3.70
C GLN G 43 -72.56 -45.28 -3.60
N LYS G 44 -71.98 -44.28 -2.93
CA LYS G 44 -70.53 -44.22 -2.79
C LYS G 44 -70.10 -43.95 -1.36
N ARG G 45 -68.95 -44.50 -0.96
CA ARG G 45 -68.24 -43.98 0.20
C ARG G 45 -66.74 -44.01 -0.07
N LYS G 46 -65.96 -43.96 1.01
CA LYS G 46 -64.53 -43.68 0.95
C LYS G 46 -63.83 -44.90 1.53
N LYS G 47 -62.92 -45.52 0.76
CA LYS G 47 -62.19 -46.69 1.25
C LYS G 47 -60.89 -46.85 0.49
N TYR G 48 -59.83 -47.27 1.21
CA TYR G 48 -58.47 -47.37 0.67
C TYR G 48 -57.99 -46.06 0.04
N ASN G 49 -58.32 -44.92 0.68
CA ASN G 49 -58.00 -43.60 0.15
C ASN G 49 -58.54 -43.43 -1.27
N VAL G 50 -59.62 -44.14 -1.58
CA VAL G 50 -60.21 -44.16 -2.92
C VAL G 50 -61.73 -44.00 -2.79
N PRO G 51 -62.35 -43.12 -3.59
CA PRO G 51 -63.82 -43.12 -3.66
C PRO G 51 -64.32 -44.40 -4.32
N VAL G 52 -65.10 -45.17 -3.55
CA VAL G 52 -65.54 -46.49 -4.00
C VAL G 52 -67.06 -46.57 -4.01
N GLN G 53 -67.58 -47.53 -4.76
CA GLN G 53 -69.01 -47.70 -5.01
C GLN G 53 -69.49 -48.83 -4.12
N MET G 54 -70.59 -48.60 -3.43
CA MET G 54 -71.11 -49.51 -2.42
C MET G 54 -72.61 -49.66 -2.60
N SER G 55 -73.17 -50.60 -1.85
CA SER G 55 -74.60 -50.85 -1.87
C SER G 55 -75.08 -51.14 -0.45
N CYS G 56 -76.37 -50.91 -0.24
CA CYS G 56 -77.01 -51.15 1.05
C CYS G 56 -78.34 -51.88 0.93
N HIS G 57 -78.70 -52.34 -0.27
CA HIS G 57 -79.92 -53.10 -0.50
C HIS G 57 -79.86 -54.39 0.32
N PRO G 58 -80.92 -54.74 1.04
CA PRO G 58 -80.80 -55.81 2.06
C PRO G 58 -80.48 -57.18 1.50
N GLU G 59 -81.26 -57.68 0.54
CA GLU G 59 -81.08 -59.06 0.09
C GLU G 59 -79.70 -59.25 -0.52
N LEU G 60 -79.28 -58.31 -1.37
CA LEU G 60 -77.91 -58.36 -1.89
C LEU G 60 -76.88 -58.27 -0.78
N ASN G 61 -77.14 -57.43 0.22
CA ASN G 61 -76.18 -57.26 1.32
C ASN G 61 -75.95 -58.60 2.01
N GLN G 62 -77.02 -59.30 2.37
CA GLN G 62 -76.86 -60.56 3.09
C GLN G 62 -76.36 -61.67 2.17
N TYR G 63 -76.72 -61.63 0.89
CA TYR G 63 -76.22 -62.65 -0.04
C TYR G 63 -74.70 -62.54 -0.17
N ILE G 64 -74.20 -61.31 -0.37
CA ILE G 64 -72.76 -61.08 -0.43
C ILE G 64 -72.12 -61.38 0.93
N GLN G 65 -72.84 -61.11 2.02
CA GLN G 65 -72.33 -61.39 3.36
C GLN G 65 -72.04 -62.88 3.51
N ASP G 66 -73.03 -63.72 3.17
CA ASP G 66 -72.83 -65.16 3.17
C ASP G 66 -71.70 -65.55 2.23
N THR G 67 -71.64 -64.91 1.06
CA THR G 67 -70.57 -65.19 0.11
C THR G 67 -69.19 -65.00 0.74
N LEU G 68 -68.98 -63.89 1.44
CA LEU G 68 -67.64 -63.60 1.95
C LEU G 68 -67.28 -64.45 3.17
N HIS G 69 -68.19 -64.56 4.14
CA HIS G 69 -67.88 -65.47 5.23
C HIS G 69 -68.05 -66.93 4.85
N CYS G 70 -68.30 -67.24 3.59
CA CYS G 70 -68.09 -68.60 3.11
C CYS G 70 -66.85 -68.74 2.23
N VAL G 71 -66.33 -67.62 1.73
CA VAL G 71 -65.15 -67.64 0.86
C VAL G 71 -63.83 -67.46 1.60
N LYS G 72 -63.87 -66.99 2.84
CA LYS G 72 -62.62 -66.80 3.59
C LYS G 72 -61.78 -68.07 3.79
N PRO G 73 -62.35 -69.24 4.10
CA PRO G 73 -61.47 -70.40 4.37
C PRO G 73 -60.77 -70.96 3.15
N LEU G 74 -61.35 -70.84 1.95
CA LEU G 74 -60.57 -71.13 0.75
C LEU G 74 -59.40 -70.15 0.62
N LEU G 75 -59.61 -68.91 1.05
CA LEU G 75 -58.53 -67.93 1.05
C LEU G 75 -57.42 -68.32 2.01
N GLU G 76 -57.74 -68.86 3.20
CA GLU G 76 -56.67 -69.21 4.12
C GLU G 76 -55.98 -70.51 3.73
N LYS G 77 -56.76 -71.56 3.43
CA LYS G 77 -56.15 -72.88 3.23
C LYS G 77 -55.40 -72.99 1.90
N ASN G 78 -55.80 -72.21 0.90
CA ASN G 78 -55.14 -72.20 -0.41
C ASN G 78 -55.26 -73.55 -1.12
N ASP G 79 -56.50 -73.98 -1.35
CA ASP G 79 -56.80 -75.14 -2.18
C ASP G 79 -57.35 -74.72 -3.54
N VAL G 80 -57.19 -73.45 -3.91
CA VAL G 80 -57.87 -72.85 -5.04
C VAL G 80 -56.81 -72.42 -6.03
N GLU G 81 -56.86 -72.94 -7.25
CA GLU G 81 -55.98 -72.40 -8.28
C GLU G 81 -56.37 -70.97 -8.64
N LYS G 82 -57.67 -70.70 -8.73
CA LYS G 82 -58.08 -69.34 -9.09
C LYS G 82 -59.53 -69.13 -8.70
N VAL G 83 -59.77 -68.10 -7.89
CA VAL G 83 -61.15 -67.77 -7.54
C VAL G 83 -61.65 -66.66 -8.45
N VAL G 84 -62.82 -66.85 -9.04
CA VAL G 84 -63.31 -66.02 -10.13
C VAL G 84 -64.63 -65.40 -9.70
N VAL G 85 -64.89 -64.19 -10.18
CA VAL G 85 -66.21 -63.57 -10.06
C VAL G 85 -66.73 -63.37 -11.48
N VAL G 86 -67.93 -63.88 -11.75
CA VAL G 86 -68.43 -64.00 -13.11
C VAL G 86 -69.72 -63.21 -13.23
N ILE G 87 -69.80 -62.36 -14.25
CA ILE G 87 -71.06 -61.70 -14.59
C ILE G 87 -71.92 -62.73 -15.32
N LEU G 88 -73.14 -62.95 -14.83
CA LEU G 88 -74.05 -63.90 -15.44
C LEU G 88 -75.32 -63.20 -15.90
N ASP G 89 -75.98 -63.81 -16.86
CA ASP G 89 -77.27 -63.32 -17.35
C ASP G 89 -78.38 -63.89 -16.48
N LYS G 90 -79.63 -63.56 -16.80
CA LYS G 90 -80.76 -64.11 -16.06
C LYS G 90 -80.87 -65.61 -16.26
N GLU G 91 -80.29 -66.14 -17.33
CA GLU G 91 -80.25 -67.57 -17.60
C GLU G 91 -78.86 -68.16 -17.40
N HIS G 92 -78.01 -67.50 -16.61
CA HIS G 92 -76.65 -67.94 -16.34
C HIS G 92 -75.83 -68.05 -17.62
N ARG G 93 -75.66 -66.90 -18.29
CA ARG G 93 -74.86 -66.79 -19.49
C ARG G 93 -73.66 -65.89 -19.21
N PRO G 94 -72.47 -66.43 -19.02
CA PRO G 94 -71.33 -65.60 -18.62
C PRO G 94 -70.88 -64.68 -19.74
N VAL G 95 -70.52 -63.45 -19.38
CA VAL G 95 -69.91 -62.52 -20.31
C VAL G 95 -68.50 -62.11 -19.89
N GLU G 96 -68.25 -61.87 -18.61
CA GLU G 96 -66.91 -61.54 -18.11
C GLU G 96 -66.61 -62.42 -16.90
N LYS G 97 -65.53 -63.20 -16.98
CA LYS G 97 -64.93 -63.82 -15.81
C LYS G 97 -63.83 -62.91 -15.29
N PHE G 98 -63.69 -62.84 -13.97
CA PHE G 98 -62.57 -62.14 -13.33
C PHE G 98 -61.81 -63.15 -12.50
N VAL G 99 -60.62 -63.51 -12.99
CA VAL G 99 -59.83 -64.62 -12.47
C VAL G 99 -58.79 -64.06 -11.50
N PHE G 100 -58.87 -64.57 -10.26
CA PHE G 100 -57.87 -64.49 -9.20
C PHE G 100 -56.96 -65.69 -9.34
N GLU G 101 -55.90 -65.58 -10.14
CA GLU G 101 -54.86 -66.61 -10.12
C GLU G 101 -53.94 -66.25 -8.97
N ILE G 102 -54.08 -67.00 -7.89
CA ILE G 102 -53.51 -66.62 -6.61
C ILE G 102 -52.61 -67.75 -6.12
N THR G 103 -51.36 -67.41 -5.86
CA THR G 103 -50.45 -68.22 -5.04
C THR G 103 -50.28 -67.45 -3.74
N GLN G 104 -51.13 -67.77 -2.77
CA GLN G 104 -51.07 -67.19 -1.43
C GLN G 104 -50.10 -68.00 -0.58
N PRO G 105 -48.97 -67.43 -0.16
CA PRO G 105 -48.02 -68.10 0.73
C PRO G 105 -48.35 -67.89 2.20
N SER G 117 -48.09 -54.06 4.92
CA SER G 117 -47.55 -52.71 4.89
C SER G 117 -47.46 -52.20 3.46
N HIS G 118 -47.23 -53.11 2.52
CA HIS G 118 -47.09 -52.77 1.12
C HIS G 118 -48.22 -53.30 0.25
N VAL G 119 -49.15 -54.07 0.82
CA VAL G 119 -50.09 -54.83 -0.01
C VAL G 119 -51.28 -53.98 -0.44
N GLU G 120 -51.90 -53.26 0.50
CA GLU G 120 -53.13 -52.52 0.24
C GLU G 120 -53.00 -51.50 -0.88
N GLN G 121 -51.82 -50.95 -1.09
CA GLN G 121 -51.64 -49.91 -2.11
C GLN G 121 -51.83 -50.50 -3.50
N LEU G 122 -51.30 -51.71 -3.72
CA LEU G 122 -51.55 -52.37 -4.99
C LEU G 122 -53.01 -52.82 -5.11
N LEU G 123 -53.72 -52.97 -3.99
CA LEU G 123 -55.16 -53.14 -4.15
C LEU G 123 -55.83 -51.83 -4.52
N ARG G 124 -55.24 -50.68 -4.17
CA ARG G 124 -55.73 -49.45 -4.78
C ARG G 124 -55.60 -49.59 -6.28
N ALA G 125 -54.46 -50.13 -6.72
CA ALA G 125 -54.20 -50.29 -8.14
C ALA G 125 -55.24 -51.20 -8.80
N PHE G 126 -55.58 -52.32 -8.18
CA PHE G 126 -56.71 -53.11 -8.71
C PHE G 126 -58.02 -52.33 -8.71
N ILE G 127 -58.25 -51.46 -7.73
CA ILE G 127 -59.49 -50.69 -7.77
C ILE G 127 -59.54 -49.84 -9.04
N LEU G 128 -58.45 -49.13 -9.31
CA LEU G 128 -58.35 -48.41 -10.58
C LEU G 128 -58.56 -49.36 -11.75
N LYS G 129 -57.99 -50.55 -11.68
CA LYS G 129 -58.02 -51.45 -12.82
C LYS G 129 -59.46 -51.86 -13.10
N ILE G 130 -60.21 -52.20 -12.06
CA ILE G 130 -61.64 -52.49 -12.23
C ILE G 130 -62.35 -51.29 -12.82
N SER G 131 -61.89 -50.08 -12.54
CA SER G 131 -62.54 -48.94 -13.14
C SER G 131 -62.19 -48.88 -14.63
N VAL G 132 -61.10 -49.54 -15.03
CA VAL G 132 -60.64 -49.55 -16.41
C VAL G 132 -60.45 -50.96 -16.95
N CYS G 133 -61.07 -51.96 -16.35
CA CYS G 133 -60.88 -53.35 -16.76
C CYS G 133 -61.43 -53.60 -18.16
N THR G 145 -77.26 -61.84 -13.72
CA THR G 145 -76.90 -62.20 -12.36
C THR G 145 -75.38 -62.21 -12.20
N PHE G 146 -74.89 -62.97 -11.22
CA PHE G 146 -73.45 -63.16 -11.06
C PHE G 146 -73.23 -64.46 -10.28
N THR G 147 -71.99 -64.93 -10.32
CA THR G 147 -71.63 -66.12 -9.57
C THR G 147 -70.19 -66.02 -9.09
N VAL G 148 -69.87 -66.81 -8.07
CA VAL G 148 -68.52 -66.92 -7.53
C VAL G 148 -67.98 -68.25 -8.01
N LEU G 149 -67.22 -68.20 -9.12
CA LEU G 149 -66.79 -69.39 -9.84
C LEU G 149 -65.40 -69.76 -9.32
N VAL G 150 -65.33 -70.73 -8.42
CA VAL G 150 -64.08 -71.04 -7.72
C VAL G 150 -63.43 -72.22 -8.42
N HIS G 151 -62.41 -71.94 -9.23
CA HIS G 151 -61.63 -72.98 -9.87
C HIS G 151 -60.70 -73.62 -8.86
N THR G 152 -61.08 -74.83 -8.42
CA THR G 152 -60.34 -75.69 -7.50
C THR G 152 -59.95 -76.97 -8.22
N ARG G 153 -58.83 -77.56 -7.78
CA ARG G 153 -58.40 -78.82 -8.37
C ARG G 153 -59.27 -79.98 -7.93
N GLU G 154 -59.89 -79.86 -6.75
CA GLU G 154 -60.79 -80.88 -6.24
C GLU G 154 -62.21 -80.59 -6.70
N ALA G 155 -63.11 -81.54 -6.41
CA ALA G 155 -64.51 -81.33 -6.72
C ALA G 155 -65.12 -80.28 -5.81
N ALA G 156 -66.16 -79.62 -6.31
CA ALA G 156 -66.86 -78.61 -5.52
C ALA G 156 -67.74 -79.20 -4.45
N THR G 157 -67.72 -80.53 -4.27
CA THR G 157 -68.63 -81.18 -3.33
C THR G 157 -68.40 -80.70 -1.90
N ARG G 158 -67.14 -80.64 -1.46
CA ARG G 158 -66.85 -80.10 -0.13
C ARG G 158 -67.29 -78.64 -0.04
N ASN G 159 -66.92 -77.85 -1.06
CA ASN G 159 -67.38 -76.46 -1.10
C ASN G 159 -68.90 -76.37 -1.19
N MET G 160 -69.54 -77.25 -1.97
CA MET G 160 -70.99 -77.20 -2.08
C MET G 160 -71.66 -77.43 -0.72
N GLU G 161 -71.33 -78.56 -0.08
CA GLU G 161 -71.89 -78.85 1.23
C GLU G 161 -71.59 -77.71 2.20
N LYS G 162 -70.41 -77.11 2.09
CA LYS G 162 -70.06 -75.99 2.95
C LYS G 162 -70.97 -74.79 2.68
N ILE G 163 -71.32 -74.54 1.41
CA ILE G 163 -72.26 -73.46 1.12
C ILE G 163 -73.62 -73.74 1.76
N GLN G 164 -74.11 -74.98 1.66
CA GLN G 164 -75.38 -75.25 2.33
C GLN G 164 -75.22 -75.49 3.83
N VAL G 165 -74.02 -75.29 4.40
CA VAL G 165 -73.98 -75.23 5.85
C VAL G 165 -73.75 -73.79 6.37
N ILE G 166 -73.22 -72.89 5.54
CA ILE G 166 -73.16 -71.48 5.90
C ILE G 166 -74.11 -70.65 5.03
N LYS G 167 -75.13 -71.29 4.44
CA LYS G 167 -76.16 -70.61 3.69
C LYS G 167 -77.26 -71.60 3.36
N ASP G 168 -78.50 -71.13 3.27
CA ASP G 168 -79.58 -71.97 2.79
C ASP G 168 -79.44 -72.26 1.30
N PHE G 169 -78.73 -71.41 0.57
CA PHE G 169 -78.65 -71.48 -0.88
C PHE G 169 -77.76 -72.64 -1.31
N PRO G 170 -78.21 -73.51 -2.21
CA PRO G 170 -77.42 -74.69 -2.61
C PRO G 170 -76.39 -74.34 -3.68
N TRP G 171 -75.19 -74.88 -3.53
CA TRP G 171 -74.15 -74.73 -4.53
C TRP G 171 -74.09 -75.96 -5.43
N ILE G 172 -73.98 -75.75 -6.74
CA ILE G 172 -73.94 -76.85 -7.70
C ILE G 172 -72.67 -76.73 -8.54
N LEU G 173 -72.26 -77.86 -9.10
CA LEU G 173 -71.12 -77.88 -10.01
C LEU G 173 -71.48 -77.16 -11.31
N ALA G 174 -70.59 -76.28 -11.77
CA ALA G 174 -70.89 -75.43 -12.91
C ALA G 174 -71.07 -76.26 -14.18
N ASP G 175 -72.12 -75.95 -14.93
CA ASP G 175 -72.49 -76.72 -16.11
C ASP G 175 -71.61 -76.32 -17.30
N GLU G 176 -71.97 -76.80 -18.49
CA GLU G 176 -71.16 -76.57 -19.67
C GLU G 176 -71.24 -75.12 -20.16
N GLN G 177 -72.42 -74.51 -20.10
CA GLN G 177 -72.64 -73.23 -20.75
C GLN G 177 -72.24 -72.02 -19.91
N ASP G 178 -71.85 -72.23 -18.66
CA ASP G 178 -71.48 -71.11 -17.80
C ASP G 178 -69.97 -70.93 -17.64
N VAL G 179 -69.16 -71.71 -18.36
CA VAL G 179 -67.71 -71.64 -18.26
C VAL G 179 -67.07 -71.21 -19.57
N HIS G 180 -67.64 -71.61 -20.70
CA HIS G 180 -66.99 -71.46 -22.00
C HIS G 180 -66.95 -69.99 -22.40
N MET G 181 -65.80 -69.34 -22.20
CA MET G 181 -65.54 -68.00 -22.75
C MET G 181 -64.81 -68.19 -24.07
N HIS G 182 -65.59 -68.34 -25.15
CA HIS G 182 -65.00 -68.56 -26.47
C HIS G 182 -64.23 -67.32 -26.91
N ASP G 183 -63.09 -67.57 -27.59
CA ASP G 183 -62.14 -66.56 -28.03
C ASP G 183 -61.76 -65.72 -26.81
N PRO G 184 -60.94 -66.26 -25.91
CA PRO G 184 -60.53 -65.47 -24.74
C PRO G 184 -59.40 -64.50 -25.06
N ARG G 185 -59.59 -63.23 -24.71
CA ARG G 185 -58.53 -62.25 -24.86
C ARG G 185 -57.54 -62.37 -23.71
N LEU G 186 -56.46 -63.14 -23.91
CA LEU G 186 -55.50 -63.35 -22.83
C LEU G 186 -54.65 -62.11 -22.59
N ILE G 187 -55.25 -61.07 -22.03
CA ILE G 187 -54.51 -59.89 -21.59
C ILE G 187 -54.43 -59.93 -20.07
N PRO G 188 -53.24 -59.91 -19.48
CA PRO G 188 -53.13 -59.88 -18.01
C PRO G 188 -53.45 -58.51 -17.47
N LEU G 189 -54.59 -58.35 -16.81
CA LEU G 189 -55.00 -57.02 -16.39
C LEU G 189 -54.06 -56.43 -15.35
N LYS G 190 -53.71 -57.18 -14.30
CA LYS G 190 -52.74 -56.63 -13.36
C LYS G 190 -52.25 -57.74 -12.45
N THR G 191 -50.93 -57.85 -12.33
CA THR G 191 -50.27 -58.89 -11.57
C THR G 191 -49.49 -58.28 -10.40
N MET G 192 -49.44 -58.99 -9.28
CA MET G 192 -48.59 -58.52 -8.19
C MET G 192 -47.84 -59.71 -7.62
N THR G 193 -46.51 -59.64 -7.68
CA THR G 193 -45.66 -60.64 -7.03
C THR G 193 -45.17 -60.08 -5.68
N SER G 194 -46.13 -59.89 -4.78
CA SER G 194 -45.83 -59.45 -3.44
C SER G 194 -45.27 -60.60 -2.62
N ASP G 195 -44.27 -60.30 -1.78
CA ASP G 195 -43.70 -61.32 -0.92
C ASP G 195 -44.74 -61.95 0.00
N ILE G 196 -45.79 -61.20 0.34
CA ILE G 196 -46.87 -61.74 1.14
C ILE G 196 -47.93 -62.47 0.31
N LEU G 197 -48.04 -62.16 -0.98
CA LEU G 197 -49.15 -62.64 -1.79
C LEU G 197 -48.75 -62.57 -3.27
N LYS G 198 -48.64 -63.73 -3.92
CA LYS G 198 -48.50 -63.78 -5.39
C LYS G 198 -49.90 -63.72 -6.00
N MET G 199 -50.28 -62.54 -6.46
CA MET G 199 -51.65 -62.27 -6.86
C MET G 199 -51.66 -61.75 -8.29
N GLN G 200 -52.43 -62.39 -9.18
CA GLN G 200 -52.63 -61.81 -10.51
C GLN G 200 -54.10 -61.91 -10.86
N LEU G 201 -54.68 -60.80 -11.29
CA LEU G 201 -56.07 -60.71 -11.68
C LEU G 201 -56.17 -60.37 -13.15
N TYR G 202 -57.13 -61.00 -13.83
CA TYR G 202 -57.49 -60.45 -15.14
C TYR G 202 -58.89 -60.91 -15.53
N VAL G 203 -59.49 -60.18 -16.46
CA VAL G 203 -60.80 -60.55 -16.97
C VAL G 203 -60.64 -61.53 -18.14
N GLU G 204 -61.03 -62.78 -17.92
CA GLU G 204 -61.22 -63.74 -18.99
C GLU G 204 -62.51 -63.36 -19.71
N GLU G 205 -62.36 -62.84 -20.93
CA GLU G 205 -63.47 -62.29 -21.68
C GLU G 205 -63.29 -62.57 -23.16
N ARG G 206 -64.39 -62.49 -23.89
CA ARG G 206 -64.36 -62.65 -25.33
C ARG G 206 -63.68 -61.47 -25.99
N ALA G 207 -63.71 -61.45 -27.33
CA ALA G 207 -63.13 -60.34 -28.08
C ALA G 207 -63.78 -59.01 -27.76
N HIS G 208 -65.09 -58.99 -27.47
CA HIS G 208 -65.82 -57.78 -27.10
C HIS G 208 -65.49 -56.56 -27.96
N ARG H 6 12.46 5.82 8.12
CA ARG H 6 11.34 5.90 7.19
C ARG H 6 11.64 6.91 6.09
N GLN H 7 11.41 6.42 4.90
CA GLN H 7 11.72 7.13 3.75
C GLN H 7 10.66 7.80 2.90
N ASP H 8 10.29 9.04 3.25
CA ASP H 8 9.43 9.80 2.36
C ASP H 8 10.27 10.23 1.16
N LEU H 9 9.61 10.60 0.07
CA LEU H 9 10.29 10.57 -1.22
C LEU H 9 9.57 11.39 -2.28
N ASN H 10 10.32 11.76 -3.32
CA ASN H 10 9.85 12.66 -4.36
C ASN H 10 9.43 11.87 -5.59
N PHE H 11 9.02 12.56 -6.64
CA PHE H 11 8.49 11.87 -7.80
C PHE H 11 9.14 12.41 -9.08
N GLY H 12 8.94 11.69 -10.18
CA GLY H 12 9.77 11.80 -11.37
C GLY H 12 9.03 11.94 -12.68
N GLN H 13 7.96 12.74 -12.69
CA GLN H 13 6.93 12.73 -13.73
C GLN H 13 7.48 12.62 -15.15
N VAL H 14 6.69 11.99 -16.00
CA VAL H 14 7.00 11.84 -17.42
C VAL H 14 5.89 12.62 -18.14
N VAL H 15 5.18 13.44 -17.36
CA VAL H 15 3.80 13.80 -17.67
C VAL H 15 3.65 14.34 -19.09
N ALA H 16 4.32 15.45 -19.40
CA ALA H 16 3.93 16.23 -20.58
C ALA H 16 4.58 15.71 -21.84
N ASP H 17 5.72 15.05 -21.71
CA ASP H 17 6.47 14.64 -22.90
C ASP H 17 5.86 13.42 -23.55
N VAL H 18 5.75 12.32 -22.79
CA VAL H 18 5.29 11.04 -23.32
C VAL H 18 4.10 11.20 -24.24
N LEU H 19 3.23 12.16 -23.93
CA LEU H 19 2.01 12.38 -24.71
C LEU H 19 2.34 12.44 -26.20
N CYS H 20 3.14 13.43 -26.59
CA CYS H 20 3.46 13.59 -28.00
C CYS H 20 4.14 12.34 -28.56
N GLU H 21 5.00 11.71 -27.76
CA GLU H 21 5.67 10.52 -28.28
C GLU H 21 4.71 9.34 -28.27
N PHE H 22 3.78 9.32 -27.31
CA PHE H 22 2.61 8.47 -27.49
C PHE H 22 1.89 8.84 -28.78
N LEU H 23 1.65 10.14 -29.00
CA LEU H 23 1.24 10.60 -30.32
C LEU H 23 2.12 10.01 -31.40
N GLU H 24 3.45 10.00 -31.20
CA GLU H 24 4.33 9.32 -32.15
C GLU H 24 3.77 7.97 -32.52
N VAL H 25 3.66 7.06 -31.54
CA VAL H 25 3.00 5.79 -31.80
C VAL H 25 1.66 6.03 -32.45
N ALA H 26 0.81 6.82 -31.79
CA ALA H 26 -0.47 7.22 -32.37
C ALA H 26 -0.29 7.68 -33.80
N VAL H 27 0.54 8.71 -34.03
CA VAL H 27 0.62 9.23 -35.38
C VAL H 27 1.18 8.16 -36.31
N HIS H 28 2.18 7.41 -35.85
CA HIS H 28 2.69 6.33 -36.68
C HIS H 28 1.58 5.33 -36.96
N LEU H 29 0.73 5.07 -35.98
CA LEU H 29 -0.49 4.34 -36.25
C LEU H 29 -1.42 5.12 -37.18
N ILE H 30 -1.73 6.39 -36.84
CA ILE H 30 -2.79 7.10 -37.56
C ILE H 30 -2.36 7.42 -38.99
N LEU H 31 -1.13 7.92 -39.18
CA LEU H 31 -0.59 8.04 -40.53
C LEU H 31 -0.83 6.77 -41.32
N TYR H 32 -0.75 5.62 -40.64
CA TYR H 32 -1.16 4.37 -41.26
C TYR H 32 -2.68 4.30 -41.42
N VAL H 33 -3.42 4.37 -40.32
CA VAL H 33 -4.85 4.09 -40.36
C VAL H 33 -5.60 5.15 -41.15
N ARG H 34 -5.25 6.41 -40.97
CA ARG H 34 -5.96 7.48 -41.66
C ARG H 34 -5.76 7.37 -43.16
N GLU H 35 -5.02 6.35 -43.59
CA GLU H 35 -4.71 6.04 -44.99
C GLU H 35 -3.89 7.16 -45.61
N VAL H 36 -3.11 7.87 -44.78
CA VAL H 36 -2.28 8.97 -45.26
C VAL H 36 -0.80 8.64 -45.26
N TYR H 37 -0.43 7.36 -45.19
CA TYR H 37 0.97 6.96 -45.31
C TYR H 37 1.19 6.14 -46.56
N GLY H 40 1.16 3.53 -50.29
CA GLY H 40 1.32 2.57 -49.21
C GLY H 40 2.77 2.23 -48.93
N ILE H 41 3.33 2.84 -47.89
CA ILE H 41 4.71 2.63 -47.52
C ILE H 41 4.78 2.21 -46.05
N PHE H 42 3.63 1.87 -45.48
CA PHE H 42 3.54 1.44 -44.09
C PHE H 42 3.56 -0.08 -44.02
N GLN H 43 4.01 -0.58 -42.87
CA GLN H 43 4.13 -2.01 -42.63
C GLN H 43 3.53 -2.37 -41.27
N LYS H 44 2.92 -3.54 -41.21
CA LYS H 44 2.36 -4.02 -39.96
C LYS H 44 3.46 -4.56 -39.05
N ARG H 45 3.47 -4.10 -37.81
CA ARG H 45 4.55 -4.41 -36.88
C ARG H 45 3.94 -4.74 -35.53
N LYS H 46 4.79 -4.80 -34.50
CA LYS H 46 4.37 -5.15 -33.15
C LYS H 46 5.03 -4.22 -32.16
N LYS H 47 4.21 -3.56 -31.33
CA LYS H 47 4.70 -2.63 -30.32
C LYS H 47 3.55 -2.28 -29.39
N TYR H 48 3.86 -2.21 -28.09
CA TYR H 48 2.88 -1.93 -27.04
C TYR H 48 1.77 -2.98 -27.01
N ASN H 49 2.11 -4.22 -27.36
CA ASN H 49 1.21 -5.37 -27.26
C ASN H 49 -0.05 -5.20 -28.10
N VAL H 50 0.06 -4.49 -29.22
CA VAL H 50 -1.07 -4.24 -30.11
C VAL H 50 -0.61 -4.45 -31.55
N PRO H 51 -1.52 -4.59 -32.52
CA PRO H 51 -1.08 -4.70 -33.92
C PRO H 51 -0.80 -3.34 -34.56
N VAL H 52 0.18 -2.65 -34.00
CA VAL H 52 0.54 -1.32 -34.50
C VAL H 52 1.04 -1.43 -35.94
N GLN H 53 0.68 -0.44 -36.75
CA GLN H 53 1.13 -0.35 -38.14
C GLN H 53 2.06 0.86 -38.22
N MET H 54 3.35 0.61 -38.42
CA MET H 54 4.37 1.65 -38.40
C MET H 54 4.93 1.86 -39.80
N SER H 55 5.99 2.65 -39.89
CA SER H 55 6.65 2.95 -41.15
C SER H 55 8.00 2.26 -41.21
N CYS H 56 8.31 1.70 -42.38
CA CYS H 56 9.59 1.03 -42.59
C CYS H 56 10.75 2.00 -42.80
N HIS H 57 10.49 3.19 -43.32
CA HIS H 57 11.52 4.18 -43.59
C HIS H 57 12.16 4.70 -42.31
N PRO H 58 13.43 4.40 -42.04
CA PRO H 58 14.12 5.13 -40.97
C PRO H 58 14.23 6.62 -41.27
N GLU H 59 14.21 7.02 -42.53
CA GLU H 59 14.21 8.43 -42.88
C GLU H 59 12.96 9.12 -42.34
N LEU H 60 11.79 8.50 -42.50
CA LEU H 60 10.58 9.08 -41.92
C LEU H 60 10.59 8.96 -40.40
N ASN H 61 11.27 7.94 -39.86
CA ASN H 61 11.42 7.86 -38.41
C ASN H 61 12.18 9.06 -37.87
N GLN H 62 13.28 9.45 -38.53
CA GLN H 62 13.99 10.66 -38.13
C GLN H 62 13.21 11.93 -38.49
N TYR H 63 12.38 11.90 -39.52
CA TYR H 63 11.51 13.04 -39.78
C TYR H 63 10.56 13.27 -38.60
N ILE H 64 10.02 12.17 -38.06
CA ILE H 64 9.22 12.28 -36.83
C ILE H 64 10.08 12.69 -35.65
N GLN H 65 11.32 12.20 -35.59
CA GLN H 65 12.24 12.64 -34.55
C GLN H 65 12.34 14.16 -34.53
N ASP H 66 12.50 14.75 -35.72
CA ASP H 66 12.50 16.20 -35.83
C ASP H 66 11.14 16.81 -35.47
N THR H 67 10.07 16.30 -36.09
CA THR H 67 8.79 17.00 -36.01
C THR H 67 8.23 16.97 -34.59
N LEU H 68 8.40 15.87 -33.89
CA LEU H 68 7.85 15.68 -32.55
C LEU H 68 8.92 15.50 -31.49
N HIS H 69 9.88 14.61 -31.72
CA HIS H 69 10.83 14.28 -30.67
C HIS H 69 11.85 15.40 -30.46
N CYS H 70 11.85 16.40 -31.34
CA CYS H 70 12.61 17.61 -31.04
C CYS H 70 11.80 18.57 -30.17
N VAL H 71 10.49 18.63 -30.37
CA VAL H 71 9.63 19.50 -29.56
C VAL H 71 9.05 18.76 -28.36
N LYS H 72 9.43 17.50 -28.14
CA LYS H 72 8.87 16.74 -27.03
C LYS H 72 9.11 17.38 -25.65
N PRO H 73 10.26 17.97 -25.33
CA PRO H 73 10.33 18.75 -24.09
C PRO H 73 9.87 20.19 -24.28
N LEU H 74 9.72 20.62 -25.54
CA LEU H 74 9.16 21.93 -25.85
C LEU H 74 7.64 21.91 -25.82
N LEU H 75 7.04 20.82 -26.30
CA LEU H 75 5.63 20.57 -26.07
C LEU H 75 5.30 20.38 -24.61
N GLU H 76 6.32 20.16 -23.77
CA GLU H 76 6.14 19.98 -22.33
C GLU H 76 6.09 21.35 -21.67
N LYS H 77 4.95 22.02 -21.87
CA LYS H 77 4.70 23.31 -21.23
C LYS H 77 3.31 23.38 -20.61
N ASN H 78 2.43 22.42 -20.90
CA ASN H 78 1.08 22.28 -20.37
C ASN H 78 0.16 23.34 -20.95
N ASP H 79 0.70 24.33 -21.65
CA ASP H 79 -0.12 25.30 -22.38
C ASP H 79 -0.80 24.68 -23.58
N VAL H 80 -0.37 23.51 -24.02
CA VAL H 80 -0.93 22.90 -25.21
C VAL H 80 -2.35 22.44 -24.91
N GLU H 81 -3.31 22.97 -25.67
CA GLU H 81 -4.71 22.58 -25.52
C GLU H 81 -5.08 21.44 -26.47
N LYS H 82 -4.99 21.70 -27.77
CA LYS H 82 -5.38 20.75 -28.80
C LYS H 82 -4.11 20.31 -29.53
N VAL H 83 -3.62 19.11 -29.23
CA VAL H 83 -2.65 18.49 -30.12
C VAL H 83 -3.47 17.90 -31.25
N VAL H 84 -3.50 18.57 -32.40
CA VAL H 84 -4.42 18.18 -33.46
C VAL H 84 -3.62 17.61 -34.62
N VAL H 85 -3.94 16.37 -34.99
CA VAL H 85 -3.52 15.81 -36.27
C VAL H 85 -4.60 16.25 -37.26
N VAL H 86 -4.33 17.33 -37.96
CA VAL H 86 -5.21 17.74 -39.05
C VAL H 86 -4.89 16.87 -40.25
N ILE H 87 -5.84 16.00 -40.63
CA ILE H 87 -5.72 15.19 -41.82
C ILE H 87 -6.43 15.95 -42.93
N LEU H 88 -5.66 16.31 -43.96
CA LEU H 88 -5.93 17.46 -44.81
C LEU H 88 -5.40 17.27 -46.22
N ASP H 89 -6.03 17.97 -47.16
CA ASP H 89 -5.66 17.95 -48.57
C ASP H 89 -4.55 18.97 -48.83
N LYS H 90 -4.27 19.24 -50.11
CA LYS H 90 -3.19 20.16 -50.47
C LYS H 90 -3.42 21.57 -49.93
N GLU H 91 -4.67 21.97 -49.72
CA GLU H 91 -4.97 23.30 -49.21
C GLU H 91 -4.60 23.48 -47.74
N HIS H 92 -4.22 22.39 -47.06
CA HIS H 92 -3.84 22.41 -45.64
C HIS H 92 -5.04 22.76 -44.75
N ARG H 93 -6.20 22.19 -45.10
CA ARG H 93 -7.42 22.36 -44.35
C ARG H 93 -8.00 20.98 -44.08
N PRO H 94 -8.53 20.75 -42.88
CA PRO H 94 -8.87 19.38 -42.45
C PRO H 94 -10.00 18.77 -43.26
N VAL H 95 -9.91 17.45 -43.44
CA VAL H 95 -11.12 16.65 -43.60
C VAL H 95 -11.38 15.82 -42.35
N GLU H 96 -10.30 15.36 -41.68
CA GLU H 96 -10.39 14.52 -40.49
C GLU H 96 -9.60 15.22 -39.38
N LYS H 97 -10.30 15.86 -38.46
CA LYS H 97 -9.68 16.57 -37.35
C LYS H 97 -9.48 15.57 -36.22
N PHE H 98 -8.34 14.87 -36.21
CA PHE H 98 -8.02 14.07 -35.04
C PHE H 98 -7.61 15.05 -33.95
N VAL H 99 -8.62 15.59 -33.27
CA VAL H 99 -8.34 16.55 -32.22
C VAL H 99 -8.02 15.78 -30.96
N PHE H 100 -6.74 15.65 -30.64
CA PHE H 100 -6.35 15.20 -29.33
C PHE H 100 -6.53 16.42 -28.41
N GLU H 101 -7.77 16.64 -28.00
CA GLU H 101 -8.02 17.72 -27.06
C GLU H 101 -7.40 17.28 -25.74
N ILE H 102 -6.19 17.77 -25.47
CA ILE H 102 -5.44 17.32 -24.28
C ILE H 102 -5.93 18.20 -23.14
N THR H 103 -7.02 17.78 -22.52
CA THR H 103 -7.44 18.47 -21.30
C THR H 103 -6.68 17.80 -20.17
N GLN H 104 -5.46 18.28 -19.92
CA GLN H 104 -4.58 17.61 -18.97
C GLN H 104 -4.90 18.08 -17.55
N PRO H 105 -5.34 17.20 -16.65
CA PRO H 105 -5.21 17.49 -15.23
C PRO H 105 -3.84 17.03 -14.74
N PRO H 106 -2.94 17.96 -14.40
CA PRO H 106 -1.60 17.56 -13.96
C PRO H 106 -1.55 17.23 -12.48
N SER H 117 1.11 2.29 -15.19
CA SER H 117 1.08 2.29 -16.65
C SER H 117 -0.33 2.46 -17.18
N HIS H 118 -1.16 3.19 -16.43
CA HIS H 118 -2.53 3.43 -16.87
C HIS H 118 -2.57 4.17 -18.20
N VAL H 119 -1.54 4.97 -18.48
CA VAL H 119 -1.52 5.74 -19.73
C VAL H 119 -1.59 4.80 -20.92
N GLU H 120 -0.73 3.79 -20.98
CA GLU H 120 -0.88 2.79 -22.03
C GLU H 120 -1.99 1.80 -21.71
N GLN H 121 -2.42 1.71 -20.45
CA GLN H 121 -3.56 0.84 -20.17
C GLN H 121 -4.80 1.28 -20.94
N LEU H 122 -5.01 2.59 -21.08
CA LEU H 122 -6.16 3.07 -21.83
C LEU H 122 -5.80 3.54 -23.23
N LEU H 123 -4.55 3.94 -23.48
CA LEU H 123 -4.13 4.04 -24.87
C LEU H 123 -4.08 2.68 -25.54
N ARG H 124 -4.17 1.58 -24.78
CA ARG H 124 -4.48 0.31 -25.40
C ARG H 124 -5.78 0.41 -26.16
N ALA H 125 -6.84 0.85 -25.49
CA ALA H 125 -8.09 1.13 -26.17
C ALA H 125 -7.89 2.14 -27.29
N PHE H 126 -7.05 3.15 -27.05
CA PHE H 126 -6.87 4.18 -28.07
C PHE H 126 -6.32 3.58 -29.34
N ILE H 127 -5.05 3.17 -29.31
CA ILE H 127 -4.41 2.49 -30.44
C ILE H 127 -5.33 1.44 -31.04
N LEU H 128 -5.98 0.65 -30.18
CA LEU H 128 -6.75 -0.48 -30.67
C LEU H 128 -7.96 -0.01 -31.47
N LYS H 129 -8.54 1.12 -31.05
CA LYS H 129 -9.79 1.59 -31.63
C LYS H 129 -9.55 2.50 -32.83
N ILE H 130 -8.46 3.29 -32.78
CA ILE H 130 -8.00 3.99 -33.96
C ILE H 130 -7.71 2.95 -35.03
N SER H 131 -7.15 1.80 -34.61
CA SER H 131 -7.04 0.67 -35.51
C SER H 131 -8.40 0.25 -36.03
N VAL H 132 -9.41 0.21 -35.14
CA VAL H 132 -10.77 -0.07 -35.56
C VAL H 132 -11.41 1.12 -36.26
N CYS H 133 -10.85 2.32 -36.12
CA CYS H 133 -11.46 3.49 -36.73
C CYS H 133 -11.62 3.34 -38.23
N ASP H 134 -10.77 2.54 -38.88
CA ASP H 134 -10.97 2.26 -40.29
C ASP H 134 -12.28 1.50 -40.55
N ALA H 135 -12.88 0.92 -39.51
CA ALA H 135 -14.25 0.44 -39.60
C ALA H 135 -15.27 1.51 -39.27
N VAL H 136 -14.82 2.69 -38.82
CA VAL H 136 -15.68 3.84 -38.60
C VAL H 136 -15.35 4.96 -39.57
N LEU H 137 -14.07 5.24 -39.78
CA LEU H 137 -13.64 6.22 -40.76
C LEU H 137 -14.13 5.81 -42.14
N ASP H 138 -14.96 6.64 -42.76
CA ASP H 138 -15.32 6.43 -44.15
C ASP H 138 -14.07 6.50 -45.03
N HIS H 139 -14.24 6.14 -46.30
CA HIS H 139 -13.08 6.01 -47.18
C HIS H 139 -12.53 7.41 -47.48
N ASN H 140 -11.60 7.85 -46.65
CA ASN H 140 -10.92 9.12 -46.89
C ASN H 140 -10.02 8.99 -48.11
N PRO H 141 -10.08 9.95 -49.03
CA PRO H 141 -9.27 9.88 -50.24
C PRO H 141 -7.79 9.80 -49.90
N PRO H 142 -7.04 8.94 -50.58
CA PRO H 142 -5.59 8.90 -50.36
C PRO H 142 -4.89 10.07 -51.04
N GLY H 143 -3.68 10.39 -50.61
CA GLY H 143 -2.98 11.54 -51.15
C GLY H 143 -3.34 12.81 -50.41
N CYS H 144 -3.22 12.76 -49.09
CA CYS H 144 -3.58 13.88 -48.22
C CYS H 144 -2.75 13.75 -46.95
N THR H 145 -2.07 14.83 -46.57
CA THR H 145 -1.08 14.77 -45.51
C THR H 145 -1.64 15.34 -44.22
N PHE H 146 -0.78 15.40 -43.20
CA PHE H 146 -1.18 15.84 -41.87
C PHE H 146 -0.39 17.07 -41.49
N THR H 147 -0.97 17.88 -40.61
CA THR H 147 -0.22 18.88 -39.87
C THR H 147 -0.48 18.78 -38.38
N VAL H 148 0.58 19.00 -37.61
CA VAL H 148 0.53 18.92 -36.14
C VAL H 148 0.26 20.33 -35.65
N LEU H 149 -1.03 20.65 -35.49
CA LEU H 149 -1.42 21.94 -34.93
C LEU H 149 -1.32 21.89 -33.42
N VAL H 150 -0.44 22.72 -32.88
CA VAL H 150 -0.14 22.75 -31.45
C VAL H 150 -0.92 23.92 -30.85
N HIS H 151 -2.14 23.65 -30.40
CA HIS H 151 -2.98 24.67 -29.81
C HIS H 151 -2.53 24.97 -28.39
N THR H 152 -1.97 26.15 -28.19
CA THR H 152 -1.47 26.60 -26.91
C THR H 152 -2.46 27.52 -26.22
N ARG H 153 -2.13 27.91 -25.00
CA ARG H 153 -2.98 28.83 -24.24
C ARG H 153 -2.71 30.26 -24.68
N GLU H 154 -1.63 30.47 -25.43
CA GLU H 154 -1.28 31.80 -25.93
C GLU H 154 -1.52 31.78 -27.43
N ALA H 155 -2.29 32.76 -27.91
CA ALA H 155 -2.69 32.78 -29.31
C ALA H 155 -1.55 33.25 -30.21
N ALA H 156 -1.71 33.01 -31.51
CA ALA H 156 -0.84 33.54 -32.56
C ALA H 156 0.62 33.16 -32.38
N THR H 157 0.89 31.97 -31.85
CA THR H 157 2.26 31.44 -31.68
C THR H 157 3.13 32.40 -30.86
N ARG H 158 2.76 32.57 -29.61
CA ARG H 158 3.61 33.34 -28.72
C ARG H 158 4.87 32.53 -28.39
N ASN H 159 5.97 33.26 -28.15
CA ASN H 159 7.25 32.67 -27.72
C ASN H 159 7.75 31.69 -28.79
N MET H 160 8.27 32.27 -29.88
CA MET H 160 8.84 31.48 -30.96
C MET H 160 9.92 30.51 -30.49
N GLU H 161 10.60 30.83 -29.39
CA GLU H 161 11.71 29.97 -28.95
C GLU H 161 11.22 28.58 -28.55
N LYS H 162 10.13 28.50 -27.78
CA LYS H 162 9.66 27.21 -27.30
C LYS H 162 9.12 26.33 -28.41
N ILE H 163 8.83 26.89 -29.57
CA ILE H 163 8.36 26.07 -30.69
C ILE H 163 9.46 25.81 -31.72
N GLN H 164 10.44 26.70 -31.84
CA GLN H 164 11.61 26.48 -32.66
C GLN H 164 12.84 26.06 -31.85
N VAL H 165 12.61 25.37 -30.73
CA VAL H 165 13.72 24.85 -29.91
C VAL H 165 14.76 24.16 -30.78
N ILE H 166 14.30 23.32 -31.71
CA ILE H 166 15.22 22.56 -32.56
C ILE H 166 15.99 23.51 -33.45
N LYS H 167 17.32 23.32 -33.51
CA LYS H 167 18.16 24.19 -34.33
C LYS H 167 18.00 23.87 -35.81
N ASP H 168 18.28 22.61 -36.20
CA ASP H 168 18.14 22.23 -37.61
C ASP H 168 16.69 22.26 -38.06
N PHE H 169 15.76 21.94 -37.15
CA PHE H 169 14.34 21.94 -37.49
C PHE H 169 13.72 23.25 -37.05
N PRO H 170 13.33 24.12 -37.97
CA PRO H 170 12.77 25.42 -37.58
C PRO H 170 11.25 25.38 -37.45
N TRP H 171 10.72 26.43 -36.84
CA TRP H 171 9.28 26.59 -36.65
C TRP H 171 8.82 27.86 -37.33
N ILE H 172 7.50 28.00 -37.44
CA ILE H 172 6.86 29.15 -38.07
C ILE H 172 5.75 29.65 -37.16
N LEU H 173 5.39 30.92 -37.34
CA LEU H 173 4.32 31.53 -36.57
C LEU H 173 2.97 31.00 -37.05
N ALA H 174 1.90 31.53 -36.45
CA ALA H 174 0.54 31.13 -36.80
C ALA H 174 0.10 31.90 -38.03
N ASP H 175 0.66 31.56 -39.18
CA ASP H 175 0.28 32.18 -40.44
C ASP H 175 -1.15 31.78 -40.77
N GLU H 176 -1.82 32.64 -41.56
CA GLU H 176 -3.27 32.56 -41.69
C GLU H 176 -3.75 31.21 -42.21
N GLN H 177 -2.90 30.47 -42.93
CA GLN H 177 -3.36 29.24 -43.56
C GLN H 177 -3.44 28.09 -42.55
N ASP H 178 -2.34 27.80 -41.85
CA ASP H 178 -2.26 26.65 -40.98
C ASP H 178 -2.63 26.97 -39.53
N VAL H 179 -3.53 27.94 -39.32
CA VAL H 179 -3.92 28.36 -37.99
C VAL H 179 -5.36 28.01 -37.68
N HIS H 180 -6.21 27.91 -38.71
CA HIS H 180 -7.64 27.72 -38.48
C HIS H 180 -8.07 26.32 -38.90
N MET H 181 -9.22 25.90 -38.38
CA MET H 181 -9.90 24.69 -38.87
C MET H 181 -11.41 24.91 -38.77
N HIS H 182 -12.19 23.97 -39.28
CA HIS H 182 -13.65 24.13 -39.26
C HIS H 182 -14.30 22.78 -39.53
N ASP H 183 -15.63 22.80 -39.71
CA ASP H 183 -16.48 21.65 -39.93
C ASP H 183 -16.30 20.65 -38.79
N PRO H 184 -16.70 20.99 -37.57
CA PRO H 184 -16.43 20.14 -36.40
C PRO H 184 -17.54 19.13 -36.09
N ARG H 185 -17.67 18.06 -36.86
CA ARG H 185 -18.65 17.03 -36.53
C ARG H 185 -17.94 15.96 -35.73
N LEU H 186 -18.02 16.04 -34.40
CA LEU H 186 -17.30 15.12 -33.54
C LEU H 186 -18.14 13.88 -33.27
N ILE H 187 -17.64 12.73 -33.70
CA ILE H 187 -18.12 11.44 -33.26
C ILE H 187 -17.05 10.92 -32.33
N PRO H 188 -17.22 11.06 -31.02
CA PRO H 188 -16.09 10.83 -30.12
C PRO H 188 -15.67 9.38 -30.09
N LEU H 189 -14.95 8.92 -31.12
CA LEU H 189 -14.43 7.56 -31.15
C LEU H 189 -13.79 7.18 -29.83
N LYS H 190 -13.25 8.15 -29.10
CA LYS H 190 -12.84 7.90 -27.73
C LYS H 190 -13.24 9.09 -26.86
N THR H 191 -13.30 8.83 -25.56
CA THR H 191 -13.38 9.87 -24.56
C THR H 191 -12.55 9.42 -23.34
N MET H 192 -11.39 8.85 -23.62
CA MET H 192 -10.70 8.07 -22.61
C MET H 192 -10.03 8.95 -21.58
N THR H 193 -10.80 9.46 -20.62
CA THR H 193 -10.22 10.15 -19.48
C THR H 193 -9.29 9.20 -18.73
N SER H 194 -8.32 9.79 -18.04
CA SER H 194 -7.32 9.00 -17.32
C SER H 194 -6.87 9.79 -16.09
N ASP H 195 -5.81 9.30 -15.44
CA ASP H 195 -5.33 9.96 -14.23
C ASP H 195 -4.58 11.25 -14.55
N ILE H 196 -3.48 11.16 -15.29
CA ILE H 196 -2.69 12.32 -15.66
C ILE H 196 -3.36 13.03 -16.83
N LEU H 197 -3.93 12.26 -17.75
CA LEU H 197 -4.44 12.78 -19.01
C LEU H 197 -5.96 12.90 -19.01
N LYS H 198 -6.47 13.99 -19.57
CA LYS H 198 -7.78 13.97 -20.21
C LYS H 198 -7.61 13.94 -21.73
N MET H 199 -7.24 12.76 -22.22
CA MET H 199 -7.10 12.52 -23.66
C MET H 199 -8.46 12.57 -24.32
N GLN H 200 -9.06 13.75 -24.38
CA GLN H 200 -10.28 13.85 -25.15
C GLN H 200 -9.89 13.79 -26.61
N LEU H 201 -9.41 12.64 -27.05
CA LEU H 201 -9.30 12.45 -28.48
C LEU H 201 -10.69 12.36 -29.06
N TYR H 202 -10.90 13.05 -30.16
CA TYR H 202 -12.06 12.69 -30.96
C TYR H 202 -11.81 13.05 -32.41
N VAL H 203 -12.39 12.24 -33.28
CA VAL H 203 -12.23 12.40 -34.72
C VAL H 203 -13.39 13.27 -35.17
N GLU H 204 -13.13 14.57 -35.27
CA GLU H 204 -14.11 15.47 -35.87
C GLU H 204 -14.04 15.30 -37.38
N GLU H 205 -14.99 14.56 -37.93
CA GLU H 205 -15.13 14.59 -39.37
C GLU H 205 -15.51 15.99 -39.81
N ARG H 206 -15.42 16.12 -41.10
CA ARG H 206 -15.93 17.21 -41.84
C ARG H 206 -16.85 16.32 -42.71
N VAL I 15 -33.42 -12.77 -43.36
CA VAL I 15 -32.25 -11.90 -43.33
C VAL I 15 -31.50 -12.16 -42.03
N ALA I 16 -32.20 -12.77 -41.06
CA ALA I 16 -31.60 -13.04 -39.76
C ALA I 16 -30.40 -13.96 -39.85
N ASP I 17 -30.26 -14.72 -40.93
CA ASP I 17 -29.10 -15.56 -41.16
C ASP I 17 -27.83 -14.76 -41.37
N VAL I 18 -27.94 -13.45 -41.58
CA VAL I 18 -26.77 -12.57 -41.63
C VAL I 18 -26.82 -11.50 -40.54
N LEU I 19 -27.98 -11.23 -39.96
CA LEU I 19 -28.02 -10.42 -38.74
C LEU I 19 -27.42 -11.15 -37.56
N CYS I 20 -27.45 -12.48 -37.55
CA CYS I 20 -26.73 -13.23 -36.53
C CYS I 20 -25.22 -12.98 -36.66
N GLU I 21 -24.72 -12.96 -37.89
CA GLU I 21 -23.32 -12.63 -38.10
C GLU I 21 -23.02 -11.16 -37.82
N PHE I 22 -24.01 -10.28 -38.00
CA PHE I 22 -23.86 -8.90 -37.54
C PHE I 22 -23.71 -8.85 -36.02
N LEU I 23 -24.48 -9.68 -35.30
CA LEU I 23 -24.28 -9.80 -33.85
C LEU I 23 -22.93 -10.40 -33.51
N GLU I 24 -22.46 -11.34 -34.33
CA GLU I 24 -21.07 -11.82 -34.26
C GLU I 24 -20.08 -10.65 -34.31
N VAL I 25 -20.20 -9.81 -35.35
CA VAL I 25 -19.43 -8.57 -35.43
C VAL I 25 -19.48 -7.83 -34.10
N ALA I 26 -20.70 -7.62 -33.59
CA ALA I 26 -20.88 -6.82 -32.40
C ALA I 26 -20.14 -7.43 -31.21
N VAL I 27 -20.37 -8.72 -30.95
CA VAL I 27 -19.84 -9.36 -29.75
C VAL I 27 -18.31 -9.34 -29.75
N HIS I 28 -17.70 -9.74 -30.87
CA HIS I 28 -16.24 -9.70 -30.89
C HIS I 28 -15.69 -8.28 -30.88
N LEU I 29 -16.38 -7.30 -31.47
CA LEU I 29 -15.80 -5.96 -31.37
C LEU I 29 -15.88 -5.43 -29.95
N ILE I 30 -16.96 -5.72 -29.22
CA ILE I 30 -17.02 -5.39 -27.80
C ILE I 30 -15.87 -6.05 -27.05
N LEU I 31 -15.73 -7.37 -27.23
CA LEU I 31 -14.62 -8.09 -26.61
C LEU I 31 -13.30 -7.43 -26.95
N TYR I 32 -13.19 -6.91 -28.17
CA TYR I 32 -11.92 -6.42 -28.68
C TYR I 32 -11.58 -5.08 -28.04
N VAL I 33 -12.54 -4.15 -28.01
CA VAL I 33 -12.30 -2.82 -27.50
C VAL I 33 -12.23 -2.82 -25.97
N ARG I 34 -12.85 -3.80 -25.32
CA ARG I 34 -12.80 -3.86 -23.86
C ARG I 34 -11.53 -4.48 -23.32
N GLU I 35 -10.72 -5.10 -24.17
CA GLU I 35 -9.48 -5.76 -23.75
C GLU I 35 -9.75 -6.81 -22.66
N VAL I 36 -10.84 -7.56 -22.86
CA VAL I 36 -11.20 -8.63 -21.93
C VAL I 36 -10.16 -9.72 -21.85
N TYR I 37 -9.21 -9.74 -22.78
CA TYR I 37 -8.08 -10.66 -22.76
C TYR I 37 -6.90 -9.96 -23.41
N PRO I 38 -5.66 -10.30 -23.00
CA PRO I 38 -4.49 -9.66 -23.59
C PRO I 38 -3.99 -10.34 -24.86
N VAL I 39 -4.57 -11.47 -25.24
CA VAL I 39 -4.16 -12.21 -26.43
C VAL I 39 -4.71 -11.46 -27.64
N GLY I 40 -3.83 -10.77 -28.36
CA GLY I 40 -4.24 -9.86 -29.42
C GLY I 40 -4.62 -10.53 -30.72
N ILE I 41 -5.23 -11.71 -30.64
CA ILE I 41 -5.58 -12.53 -31.80
C ILE I 41 -6.29 -11.72 -32.89
N PHE I 42 -7.11 -10.76 -32.48
CA PHE I 42 -7.92 -10.02 -33.43
C PHE I 42 -7.06 -9.24 -34.42
N GLN I 43 -7.41 -9.35 -35.70
CA GLN I 43 -6.89 -8.47 -36.74
C GLN I 43 -7.93 -8.33 -37.83
N LYS I 44 -7.82 -7.24 -38.60
CA LYS I 44 -8.78 -6.90 -39.64
C LYS I 44 -9.10 -8.08 -40.52
N ARG I 45 -10.38 -8.32 -40.77
CA ARG I 45 -10.84 -9.48 -41.52
C ARG I 45 -12.03 -9.09 -42.39
N LYS I 46 -11.76 -8.86 -43.67
CA LYS I 46 -12.81 -8.60 -44.65
C LYS I 46 -13.30 -9.89 -45.31
N LYS I 47 -13.16 -11.03 -44.63
CA LYS I 47 -13.53 -12.32 -45.19
C LYS I 47 -14.92 -12.27 -45.79
N TYR I 48 -15.00 -12.53 -47.10
CA TYR I 48 -16.21 -12.35 -47.88
C TYR I 48 -16.70 -10.89 -47.80
N ASN I 49 -15.76 -9.96 -47.96
CA ASN I 49 -16.04 -8.55 -48.19
C ASN I 49 -16.92 -7.93 -47.10
N VAL I 50 -16.59 -8.23 -45.85
CA VAL I 50 -17.31 -7.61 -44.74
C VAL I 50 -16.32 -6.83 -43.89
N PRO I 51 -16.33 -5.50 -43.96
CA PRO I 51 -15.33 -4.69 -43.27
C PRO I 51 -15.50 -4.68 -41.76
N VAL I 52 -15.40 -5.85 -41.13
CA VAL I 52 -15.63 -6.02 -39.70
C VAL I 52 -14.50 -6.85 -39.13
N GLN I 53 -14.26 -6.67 -37.83
CA GLN I 53 -13.08 -7.22 -37.18
C GLN I 53 -13.46 -8.39 -36.26
N MET I 54 -13.65 -9.56 -36.86
CA MET I 54 -14.04 -10.72 -36.08
C MET I 54 -12.81 -11.35 -35.40
N SER I 55 -13.01 -12.58 -34.93
CA SER I 55 -11.99 -13.38 -34.28
C SER I 55 -11.32 -14.30 -35.29
N CYS I 56 -10.08 -14.69 -35.02
CA CYS I 56 -9.37 -15.66 -35.83
C CYS I 56 -9.39 -17.06 -35.22
N HIS I 57 -10.20 -17.27 -34.19
CA HIS I 57 -10.43 -18.60 -33.63
C HIS I 57 -11.66 -19.20 -34.27
N PRO I 58 -11.51 -20.13 -35.23
CA PRO I 58 -12.69 -20.79 -35.79
C PRO I 58 -13.49 -21.52 -34.74
N GLU I 59 -12.86 -21.97 -33.66
CA GLU I 59 -13.61 -22.47 -32.52
C GLU I 59 -14.62 -21.42 -32.05
N LEU I 60 -14.20 -20.16 -31.99
CA LEU I 60 -15.10 -19.14 -31.46
C LEU I 60 -16.01 -18.56 -32.52
N ASN I 61 -15.58 -18.54 -33.79
CA ASN I 61 -16.52 -18.17 -34.85
C ASN I 61 -17.67 -19.15 -34.91
N GLN I 62 -17.38 -20.45 -34.91
CA GLN I 62 -18.45 -21.44 -34.82
C GLN I 62 -19.13 -21.45 -33.44
N TYR I 63 -18.47 -20.95 -32.40
CA TYR I 63 -19.13 -20.80 -31.11
C TYR I 63 -20.26 -19.78 -31.17
N ILE I 64 -19.97 -18.60 -31.72
CA ILE I 64 -21.03 -17.64 -31.96
C ILE I 64 -22.04 -18.20 -32.96
N GLN I 65 -21.54 -18.93 -33.96
CA GLN I 65 -22.42 -19.51 -34.96
C GLN I 65 -23.46 -20.43 -34.33
N ASP I 66 -23.05 -21.30 -33.40
CA ASP I 66 -24.04 -22.24 -32.90
C ASP I 66 -24.80 -21.70 -31.69
N THR I 67 -24.25 -20.74 -30.96
CA THR I 67 -25.08 -20.01 -29.99
C THR I 67 -26.24 -19.31 -30.71
N LEU I 68 -25.92 -18.62 -31.82
CA LEU I 68 -26.98 -18.03 -32.63
C LEU I 68 -27.82 -19.08 -33.33
N HIS I 69 -27.25 -20.25 -33.63
CA HIS I 69 -28.03 -21.35 -34.20
C HIS I 69 -29.10 -21.82 -33.21
N CYS I 70 -28.73 -21.95 -31.94
CA CYS I 70 -29.65 -22.43 -30.92
C CYS I 70 -30.54 -21.33 -30.36
N VAL I 71 -30.28 -20.07 -30.72
CA VAL I 71 -31.29 -19.04 -30.52
C VAL I 71 -32.08 -18.74 -31.79
N LYS I 72 -31.73 -19.39 -32.92
CA LYS I 72 -32.53 -19.24 -34.12
C LYS I 72 -33.92 -19.88 -34.01
N PRO I 73 -34.12 -20.99 -33.29
CA PRO I 73 -35.51 -21.39 -32.98
C PRO I 73 -36.06 -20.55 -31.84
N LEU I 74 -35.34 -19.50 -31.46
CA LEU I 74 -35.58 -18.80 -30.21
C LEU I 74 -35.65 -17.28 -30.35
N LEU I 75 -34.96 -16.70 -31.34
CA LEU I 75 -35.00 -15.24 -31.51
C LEU I 75 -36.21 -14.81 -32.34
N GLU I 76 -36.28 -15.31 -33.57
CA GLU I 76 -37.34 -14.89 -34.49
C GLU I 76 -38.69 -15.46 -34.09
N LYS I 77 -38.72 -16.32 -33.06
CA LYS I 77 -40.00 -16.61 -32.42
C LYS I 77 -40.58 -15.39 -31.71
N ASN I 78 -39.77 -14.35 -31.49
CA ASN I 78 -40.11 -13.05 -30.94
C ASN I 78 -40.61 -13.09 -29.49
N ASP I 79 -40.21 -14.09 -28.70
CA ASP I 79 -40.26 -13.90 -27.26
C ASP I 79 -39.22 -12.91 -26.78
N VAL I 80 -38.30 -12.53 -27.67
CA VAL I 80 -37.14 -11.71 -27.31
C VAL I 80 -37.62 -10.35 -26.83
N GLU I 81 -37.09 -9.91 -25.68
CA GLU I 81 -37.40 -8.57 -25.22
C GLU I 81 -36.13 -7.72 -25.08
N LYS I 82 -34.96 -8.35 -24.97
CA LYS I 82 -33.69 -7.69 -25.25
C LYS I 82 -32.54 -8.70 -25.34
N VAL I 83 -31.74 -8.62 -26.41
CA VAL I 83 -30.51 -9.40 -26.51
C VAL I 83 -29.49 -8.72 -25.60
N VAL I 84 -29.26 -9.27 -24.42
CA VAL I 84 -28.33 -8.68 -23.47
C VAL I 84 -27.03 -9.45 -23.62
N VAL I 85 -26.11 -8.89 -24.41
CA VAL I 85 -24.77 -9.46 -24.42
C VAL I 85 -24.10 -8.93 -23.16
N VAL I 86 -24.10 -9.72 -22.11
CA VAL I 86 -23.39 -9.34 -20.91
C VAL I 86 -21.92 -9.56 -21.16
N ILE I 87 -21.09 -8.60 -20.77
CA ILE I 87 -19.70 -8.89 -20.48
C ILE I 87 -19.62 -9.31 -19.03
N LEU I 88 -19.14 -10.52 -18.79
CA LEU I 88 -19.25 -11.13 -17.48
C LEU I 88 -18.14 -10.50 -16.61
N ASP I 89 -17.89 -11.04 -15.43
CA ASP I 89 -16.84 -10.49 -14.58
C ASP I 89 -16.03 -11.65 -14.02
N LYS I 90 -15.10 -11.32 -13.10
CA LYS I 90 -14.36 -12.36 -12.40
C LYS I 90 -15.27 -13.21 -11.51
N GLU I 91 -16.32 -12.60 -10.97
CA GLU I 91 -17.38 -13.34 -10.29
C GLU I 91 -18.48 -13.78 -11.26
N HIS I 92 -18.23 -13.63 -12.56
CA HIS I 92 -19.27 -13.81 -13.58
C HIS I 92 -20.47 -12.92 -13.29
N ARG I 93 -20.23 -11.62 -13.28
CA ARG I 93 -21.23 -10.60 -12.98
C ARG I 93 -21.48 -9.72 -14.19
N PRO I 94 -22.74 -9.37 -14.46
CA PRO I 94 -23.02 -8.44 -15.57
C PRO I 94 -22.58 -7.01 -15.28
N VAL I 95 -21.28 -6.75 -15.39
CA VAL I 95 -20.78 -5.39 -15.18
C VAL I 95 -21.21 -4.47 -16.31
N GLU I 96 -21.23 -4.98 -17.53
CA GLU I 96 -21.61 -4.20 -18.72
C GLU I 96 -22.60 -5.03 -19.53
N LYS I 97 -23.89 -4.77 -19.32
CA LYS I 97 -24.90 -5.40 -20.16
C LYS I 97 -25.06 -4.53 -21.39
N PHE I 98 -24.49 -5.01 -22.51
CA PHE I 98 -24.71 -4.34 -23.79
C PHE I 98 -26.06 -4.82 -24.30
N VAL I 99 -27.09 -4.02 -24.09
CA VAL I 99 -28.46 -4.44 -24.36
C VAL I 99 -28.87 -3.96 -25.75
N PHE I 100 -29.43 -4.86 -26.54
CA PHE I 100 -29.85 -4.56 -27.91
C PHE I 100 -31.33 -4.89 -28.00
N GLU I 101 -32.14 -3.93 -28.43
CA GLU I 101 -33.58 -4.17 -28.52
C GLU I 101 -33.90 -4.83 -29.85
N ILE I 102 -34.71 -5.89 -29.83
CA ILE I 102 -35.00 -6.66 -31.03
C ILE I 102 -36.20 -6.00 -31.70
N THR I 103 -35.92 -4.98 -32.51
CA THR I 103 -36.92 -4.38 -33.39
C THR I 103 -36.21 -4.05 -34.71
N GLN I 104 -36.19 -5.01 -35.62
CA GLN I 104 -35.62 -4.77 -36.95
C GLN I 104 -36.71 -4.35 -37.92
N VAL I 119 -27.32 -3.35 -47.25
CA VAL I 119 -27.76 -2.36 -46.27
C VAL I 119 -26.76 -2.24 -45.12
N GLU I 120 -25.55 -1.79 -45.44
CA GLU I 120 -24.50 -1.63 -44.44
C GLU I 120 -24.70 -0.43 -43.53
N GLN I 121 -25.69 0.43 -43.79
CA GLN I 121 -25.74 1.73 -43.09
C GLN I 121 -25.86 1.54 -41.59
N LEU I 122 -26.72 0.62 -41.15
CA LEU I 122 -26.82 0.34 -39.72
C LEU I 122 -25.53 -0.25 -39.20
N LEU I 123 -24.91 -1.15 -39.97
CA LEU I 123 -23.79 -1.95 -39.51
C LEU I 123 -22.67 -1.04 -39.02
N ARG I 124 -22.07 -0.27 -39.93
CA ARG I 124 -21.08 0.72 -39.50
C ARG I 124 -21.64 1.58 -38.39
N ALA I 125 -22.90 2.02 -38.55
CA ALA I 125 -23.53 2.82 -37.50
C ALA I 125 -23.49 2.08 -36.17
N PHE I 126 -23.99 0.84 -36.14
CA PHE I 126 -23.86 0.03 -34.94
C PHE I 126 -22.40 -0.04 -34.52
N ILE I 127 -21.52 -0.33 -35.48
CA ILE I 127 -20.08 -0.28 -35.22
C ILE I 127 -19.72 1.07 -34.62
N LEU I 128 -20.02 2.13 -35.36
CA LEU I 128 -19.91 3.50 -34.85
C LEU I 128 -20.54 3.57 -33.47
N LYS I 129 -21.81 3.18 -33.38
CA LYS I 129 -22.51 3.21 -32.11
C LYS I 129 -21.66 2.57 -31.03
N ILE I 130 -21.25 1.33 -31.25
CA ILE I 130 -20.51 0.61 -30.21
C ILE I 130 -19.33 1.44 -29.79
N SER I 131 -18.55 1.89 -30.77
CA SER I 131 -17.35 2.68 -30.48
C SER I 131 -17.73 3.94 -29.71
N VAL I 132 -18.68 4.73 -30.23
CA VAL I 132 -19.01 5.95 -29.52
C VAL I 132 -19.67 5.59 -28.20
N CYS I 133 -20.33 4.43 -28.15
CA CYS I 133 -20.87 3.98 -26.88
C CYS I 133 -19.76 3.59 -25.92
N ASP I 134 -18.71 2.92 -26.39
CA ASP I 134 -17.56 2.73 -25.50
C ASP I 134 -16.85 4.04 -25.22
N ALA I 135 -17.18 5.10 -25.96
CA ALA I 135 -16.58 6.41 -25.74
C ALA I 135 -16.61 6.79 -24.28
N VAL I 136 -17.80 6.91 -23.72
CA VAL I 136 -17.93 7.25 -22.30
C VAL I 136 -17.34 6.17 -21.42
N LEU I 137 -17.47 4.91 -21.83
CA LEU I 137 -17.13 3.79 -20.99
C LEU I 137 -15.60 3.67 -20.87
N ASP I 138 -15.15 2.65 -20.16
CA ASP I 138 -13.73 2.41 -19.97
C ASP I 138 -13.30 1.12 -20.67
N THR I 145 -14.75 -12.65 -20.98
CA THR I 145 -15.89 -13.24 -20.28
C THR I 145 -17.19 -12.57 -20.68
N PHE I 146 -17.86 -13.13 -21.69
CA PHE I 146 -19.15 -12.63 -22.14
C PHE I 146 -20.17 -13.77 -22.19
N THR I 147 -21.39 -13.49 -21.77
CA THR I 147 -22.52 -14.40 -21.92
C THR I 147 -23.66 -13.75 -22.70
N VAL I 148 -24.14 -14.45 -23.72
CA VAL I 148 -25.18 -13.92 -24.57
C VAL I 148 -26.55 -14.30 -24.00
N LEU I 149 -27.06 -13.52 -23.06
CA LEU I 149 -28.39 -13.76 -22.54
C LEU I 149 -29.41 -13.12 -23.47
N VAL I 150 -30.59 -13.71 -23.57
CA VAL I 150 -31.63 -13.18 -24.45
C VAL I 150 -32.92 -13.08 -23.65
N HIS I 151 -33.18 -11.91 -23.07
CA HIS I 151 -34.45 -11.65 -22.41
C HIS I 151 -35.60 -11.81 -23.39
N LYS I 198 -35.10 0.71 -34.09
CA LYS I 198 -33.76 1.26 -33.98
C LYS I 198 -33.02 0.30 -33.05
N MET I 199 -31.86 -0.19 -33.50
CA MET I 199 -31.07 -1.13 -32.71
C MET I 199 -30.39 -0.33 -31.59
N GLN I 200 -31.21 0.10 -30.63
CA GLN I 200 -30.81 1.09 -29.65
C GLN I 200 -29.93 0.38 -28.61
N LEU I 201 -28.70 0.07 -29.01
CA LEU I 201 -27.71 -0.46 -28.10
C LEU I 201 -27.52 0.47 -26.92
N TYR I 202 -27.79 0.03 -25.69
CA TYR I 202 -27.44 0.85 -24.54
C TYR I 202 -26.69 -0.01 -23.52
N VAL I 203 -25.83 0.63 -22.76
CA VAL I 203 -24.94 -0.08 -21.85
C VAL I 203 -25.42 0.17 -20.43
N GLU I 204 -25.88 -0.88 -19.78
CA GLU I 204 -26.09 -0.83 -18.33
C GLU I 204 -24.77 -1.23 -17.68
N GLU I 205 -24.04 -0.22 -17.22
CA GLU I 205 -22.72 -0.40 -16.63
C GLU I 205 -22.75 -0.04 -15.14
N ARG I 206 -21.89 -0.71 -14.37
CA ARG I 206 -21.71 -0.36 -12.97
C ARG I 206 -21.30 1.11 -12.84
N ALA I 207 -21.86 1.78 -11.84
CA ALA I 207 -21.64 3.21 -11.63
C ALA I 207 -20.16 3.53 -11.42
N VAL J 15 -52.04 -34.51 -35.01
CA VAL J 15 -52.27 -35.50 -33.96
C VAL J 15 -51.34 -35.22 -32.79
N ALA J 16 -50.29 -34.44 -33.04
CA ALA J 16 -49.29 -34.16 -32.01
C ALA J 16 -49.91 -33.54 -30.77
N ASP J 17 -50.93 -32.69 -30.96
CA ASP J 17 -51.61 -32.06 -29.83
C ASP J 17 -52.29 -33.10 -28.95
N VAL J 18 -53.08 -33.99 -29.55
CA VAL J 18 -53.78 -34.99 -28.75
C VAL J 18 -52.78 -36.03 -28.19
N LEU J 19 -51.68 -36.29 -28.91
CA LEU J 19 -50.63 -37.10 -28.31
C LEU J 19 -50.04 -36.43 -27.07
N CYS J 20 -49.88 -35.11 -27.11
CA CYS J 20 -49.41 -34.40 -25.93
C CYS J 20 -50.40 -34.45 -24.77
N GLU J 21 -51.71 -34.39 -25.07
CA GLU J 21 -52.68 -34.59 -24.01
C GLU J 21 -52.65 -36.02 -23.46
N PHE J 22 -52.37 -37.00 -24.30
CA PHE J 22 -52.18 -38.35 -23.78
C PHE J 22 -50.89 -38.47 -22.98
N LEU J 23 -49.86 -37.68 -23.31
CA LEU J 23 -48.69 -37.61 -22.43
C LEU J 23 -49.05 -36.96 -21.09
N GLU J 24 -49.99 -36.01 -21.10
CA GLU J 24 -50.52 -35.50 -19.83
C GLU J 24 -51.13 -36.63 -19.02
N VAL J 25 -52.03 -37.38 -19.65
CA VAL J 25 -52.70 -38.52 -19.02
C VAL J 25 -51.64 -39.42 -18.42
N ALA J 26 -50.63 -39.75 -19.23
CA ALA J 26 -49.56 -40.60 -18.77
C ALA J 26 -48.88 -39.98 -17.55
N VAL J 27 -48.14 -38.89 -17.75
CA VAL J 27 -47.28 -38.37 -16.69
C VAL J 27 -48.02 -38.30 -15.37
N HIS J 28 -49.29 -37.88 -15.40
CA HIS J 28 -49.84 -37.59 -14.09
C HIS J 28 -50.54 -38.82 -13.51
N LEU J 29 -51.24 -39.59 -14.34
CA LEU J 29 -51.82 -40.83 -13.84
C LEU J 29 -50.74 -41.79 -13.37
N ILE J 30 -49.56 -41.73 -13.97
CA ILE J 30 -48.42 -42.52 -13.50
C ILE J 30 -47.81 -41.93 -12.23
N LEU J 31 -47.90 -40.60 -12.04
CA LEU J 31 -47.72 -40.09 -10.69
C LEU J 31 -48.66 -40.78 -9.72
N TYR J 32 -49.86 -41.12 -10.17
CA TYR J 32 -50.70 -41.99 -9.35
C TYR J 32 -50.30 -43.46 -9.45
N VAL J 33 -50.20 -43.99 -10.67
CA VAL J 33 -49.76 -45.37 -10.85
C VAL J 33 -48.24 -45.44 -10.81
N VAL J 39 -52.03 -40.12 -0.97
CA VAL J 39 -52.74 -40.85 -2.00
C VAL J 39 -54.16 -40.30 -2.12
N GLY J 40 -54.74 -39.89 -0.99
CA GLY J 40 -56.08 -39.36 -0.97
C GLY J 40 -56.23 -37.99 -1.60
N ILE J 41 -55.11 -37.35 -1.93
CA ILE J 41 -55.16 -36.05 -2.57
C ILE J 41 -55.43 -36.25 -4.06
N PHE J 42 -55.91 -37.43 -4.41
CA PHE J 42 -56.19 -37.74 -5.81
C PHE J 42 -57.69 -38.08 -5.93
N GLN J 43 -58.28 -37.93 -7.12
CA GLN J 43 -59.73 -37.97 -7.29
C GLN J 43 -60.15 -38.45 -8.68
N LYS J 44 -61.26 -39.19 -8.73
CA LYS J 44 -61.84 -39.67 -9.98
C LYS J 44 -62.44 -38.54 -10.82
N ARG J 45 -62.04 -38.41 -12.07
CA ARG J 45 -62.76 -37.50 -12.96
C ARG J 45 -62.63 -37.96 -14.42
N LYS J 46 -63.55 -37.46 -15.24
CA LYS J 46 -63.69 -37.80 -16.66
C LYS J 46 -62.57 -37.13 -17.45
N LYS J 47 -61.64 -37.93 -17.99
CA LYS J 47 -60.68 -37.45 -18.97
C LYS J 47 -60.79 -38.30 -20.22
N TYR J 48 -60.98 -37.63 -21.35
CA TYR J 48 -61.04 -38.27 -22.66
C TYR J 48 -61.98 -39.47 -22.66
N ASN J 49 -63.10 -39.30 -21.96
CA ASN J 49 -64.17 -40.30 -21.87
C ASN J 49 -63.74 -41.57 -21.17
N VAL J 50 -62.87 -41.47 -20.17
CA VAL J 50 -62.63 -42.54 -19.20
C VAL J 50 -62.48 -41.92 -17.82
N PRO J 51 -62.89 -42.59 -16.75
CA PRO J 51 -62.70 -42.06 -15.41
C PRO J 51 -61.33 -42.47 -14.89
N VAL J 52 -60.50 -41.48 -14.53
CA VAL J 52 -59.19 -41.78 -14.00
C VAL J 52 -59.01 -41.04 -12.68
N GLN J 53 -58.24 -41.65 -11.78
CA GLN J 53 -58.19 -41.24 -10.38
C GLN J 53 -56.92 -40.41 -10.23
N MET J 54 -56.89 -39.16 -10.68
CA MET J 54 -55.64 -38.39 -10.60
C MET J 54 -55.60 -37.44 -9.42
N SER J 55 -55.05 -36.24 -9.65
CA SER J 55 -55.13 -35.17 -8.67
C SER J 55 -56.00 -34.02 -9.16
N CYS J 56 -56.64 -33.34 -8.21
CA CYS J 56 -57.45 -32.17 -8.54
C CYS J 56 -56.63 -30.90 -8.68
N HIS J 57 -55.34 -30.94 -8.30
CA HIS J 57 -54.45 -29.78 -8.28
C HIS J 57 -54.54 -28.96 -9.55
N PRO J 58 -55.03 -27.72 -9.47
CA PRO J 58 -55.02 -26.85 -10.66
C PRO J 58 -53.64 -26.36 -11.01
N GLU J 59 -52.79 -26.11 -10.02
CA GLU J 59 -51.40 -25.74 -10.31
C GLU J 59 -50.71 -26.86 -11.06
N LEU J 60 -50.86 -28.10 -10.59
CA LEU J 60 -50.27 -29.23 -11.31
C LEU J 60 -50.94 -29.45 -12.66
N ASN J 61 -52.25 -29.24 -12.75
CA ASN J 61 -52.94 -29.39 -14.02
C ASN J 61 -52.32 -28.45 -15.06
N GLN J 62 -52.23 -27.16 -14.74
CA GLN J 62 -51.70 -26.21 -15.72
C GLN J 62 -50.19 -26.36 -15.87
N TYR J 63 -49.50 -26.87 -14.86
CA TYR J 63 -48.06 -27.09 -14.96
C TYR J 63 -47.74 -28.24 -15.90
N ILE J 64 -48.52 -29.32 -15.84
CA ILE J 64 -48.33 -30.42 -16.78
C ILE J 64 -48.81 -30.00 -18.17
N GLN J 65 -49.90 -29.23 -18.25
CA GLN J 65 -50.29 -28.63 -19.51
C GLN J 65 -49.15 -27.81 -20.10
N ASP J 66 -48.44 -27.05 -19.26
CA ASP J 66 -47.30 -26.25 -19.73
C ASP J 66 -46.15 -27.13 -20.17
N THR J 67 -45.88 -28.22 -19.45
CA THR J 67 -44.85 -29.14 -19.88
C THR J 67 -45.14 -29.67 -21.28
N LEU J 68 -46.37 -30.13 -21.50
CA LEU J 68 -46.70 -30.69 -22.81
C LEU J 68 -46.79 -29.61 -23.87
N HIS J 69 -47.17 -28.38 -23.51
CA HIS J 69 -47.28 -27.34 -24.54
C HIS J 69 -45.96 -26.63 -24.81
N CYS J 70 -44.93 -26.88 -24.00
CA CYS J 70 -43.57 -26.57 -24.41
C CYS J 70 -42.93 -27.72 -25.16
N VAL J 71 -43.36 -28.95 -24.87
CA VAL J 71 -43.09 -30.10 -25.73
C VAL J 71 -43.77 -29.92 -27.09
N LYS J 72 -44.82 -29.11 -27.14
CA LYS J 72 -45.58 -28.94 -28.38
C LYS J 72 -44.74 -28.39 -29.54
N PRO J 73 -44.08 -27.22 -29.44
CA PRO J 73 -43.25 -26.79 -30.56
C PRO J 73 -42.15 -27.79 -30.88
N LEU J 74 -41.67 -28.48 -29.85
CA LEU J 74 -40.70 -29.55 -30.03
C LEU J 74 -41.18 -30.59 -31.01
N LEU J 75 -42.44 -31.02 -30.89
CA LEU J 75 -43.03 -31.96 -31.84
C LEU J 75 -43.47 -31.29 -33.13
N GLU J 76 -43.69 -29.98 -33.12
CA GLU J 76 -43.82 -29.28 -34.40
C GLU J 76 -42.55 -29.39 -35.22
N LYS J 77 -41.40 -29.50 -34.54
CA LYS J 77 -40.16 -29.83 -35.24
C LYS J 77 -40.22 -31.22 -35.88
N ASN J 78 -40.98 -32.14 -35.30
CA ASN J 78 -41.19 -33.51 -35.80
C ASN J 78 -39.95 -34.38 -35.62
N ASP J 79 -38.84 -33.79 -35.20
CA ASP J 79 -37.62 -34.55 -34.90
C ASP J 79 -37.64 -34.89 -33.41
N VAL J 80 -37.87 -36.16 -33.10
CA VAL J 80 -38.09 -36.59 -31.72
C VAL J 80 -37.87 -38.09 -31.59
N GLU J 81 -37.39 -38.53 -30.42
CA GLU J 81 -37.16 -39.94 -30.18
C GLU J 81 -37.98 -40.49 -29.03
N LYS J 82 -37.93 -39.88 -27.85
CA LYS J 82 -38.59 -40.40 -26.67
C LYS J 82 -39.22 -39.27 -25.88
N VAL J 83 -40.23 -39.60 -25.07
CA VAL J 83 -40.77 -38.69 -24.07
C VAL J 83 -40.55 -39.36 -22.71
N VAL J 84 -39.39 -39.09 -22.12
CA VAL J 84 -38.85 -39.91 -21.04
C VAL J 84 -39.38 -39.32 -19.74
N VAL J 85 -40.45 -39.91 -19.23
CA VAL J 85 -41.16 -39.37 -18.05
C VAL J 85 -40.49 -40.00 -16.83
N VAL J 86 -39.41 -39.37 -16.39
CA VAL J 86 -38.53 -39.97 -15.39
C VAL J 86 -39.23 -39.87 -14.03
N ILE J 87 -39.70 -41.00 -13.54
CA ILE J 87 -40.22 -41.05 -12.17
C ILE J 87 -39.03 -41.10 -11.22
N LEU J 88 -38.68 -39.97 -10.62
CA LEU J 88 -37.50 -39.88 -9.78
C LEU J 88 -37.77 -40.58 -8.47
N ASP J 89 -36.70 -40.88 -7.73
CA ASP J 89 -36.87 -41.09 -6.30
C ASP J 89 -36.88 -39.73 -5.60
N LYS J 90 -36.95 -39.77 -4.27
CA LYS J 90 -36.91 -38.54 -3.51
C LYS J 90 -35.53 -37.90 -3.57
N GLU J 91 -34.53 -38.70 -3.96
CA GLU J 91 -33.15 -38.21 -4.05
C GLU J 91 -32.86 -37.51 -5.36
N HIS J 92 -33.78 -37.54 -6.31
CA HIS J 92 -33.58 -36.98 -7.64
C HIS J 92 -32.41 -37.66 -8.35
N ARG J 93 -31.94 -38.78 -7.78
CA ARG J 93 -30.90 -39.59 -8.38
C ARG J 93 -31.49 -40.95 -8.72
N PRO J 94 -31.90 -41.17 -9.97
CA PRO J 94 -32.84 -42.26 -10.29
C PRO J 94 -32.47 -43.63 -9.73
N VAL J 95 -33.25 -44.09 -8.75
CA VAL J 95 -33.38 -45.51 -8.48
C VAL J 95 -34.45 -46.13 -9.38
N GLU J 96 -35.41 -45.33 -9.85
CA GLU J 96 -36.27 -45.73 -10.94
C GLU J 96 -36.40 -44.58 -11.93
N LYS J 97 -37.24 -44.81 -12.94
CA LYS J 97 -37.24 -44.10 -14.20
C LYS J 97 -38.42 -44.67 -14.98
N PHE J 98 -38.84 -43.95 -16.02
CA PHE J 98 -39.79 -44.54 -16.96
C PHE J 98 -39.52 -43.92 -18.33
N VAL J 99 -38.64 -44.56 -19.10
CA VAL J 99 -38.40 -44.13 -20.46
C VAL J 99 -39.59 -44.53 -21.32
N PHE J 100 -40.06 -43.62 -22.15
CA PHE J 100 -41.23 -43.86 -22.98
C PHE J 100 -40.77 -43.67 -24.43
N GLU J 101 -40.22 -44.73 -25.00
CA GLU J 101 -39.59 -44.67 -26.33
C GLU J 101 -40.67 -44.93 -27.39
N ILE J 102 -41.61 -44.00 -27.48
CA ILE J 102 -42.53 -44.00 -28.62
C ILE J 102 -41.73 -43.55 -29.84
N THR J 103 -41.68 -44.38 -30.87
CA THR J 103 -40.99 -44.01 -32.09
C THR J 103 -41.82 -43.00 -32.87
N GLN J 104 -41.96 -41.80 -32.33
CA GLN J 104 -42.79 -40.80 -32.99
C GLN J 104 -42.18 -40.43 -34.33
N PRO J 105 -42.93 -40.54 -35.44
CA PRO J 105 -42.44 -40.26 -36.80
C PRO J 105 -41.87 -38.85 -36.95
N VAL J 119 -62.21 -45.08 -30.88
CA VAL J 119 -61.95 -46.27 -30.10
C VAL J 119 -61.31 -45.89 -28.77
N GLU J 120 -61.66 -46.62 -27.72
CA GLU J 120 -61.18 -46.32 -26.38
C GLU J 120 -60.26 -47.38 -25.79
N GLN J 121 -60.33 -48.62 -26.27
CA GLN J 121 -59.52 -49.69 -25.69
C GLN J 121 -58.03 -49.44 -25.86
N LEU J 122 -57.60 -48.99 -27.03
CA LEU J 122 -56.19 -48.70 -27.25
C LEU J 122 -55.72 -47.41 -26.60
N LEU J 123 -56.58 -46.38 -26.53
CA LEU J 123 -56.24 -45.24 -25.68
C LEU J 123 -56.22 -45.61 -24.21
N ARG J 124 -56.81 -46.75 -23.85
CA ARG J 124 -56.62 -47.35 -22.54
C ARG J 124 -55.62 -48.49 -22.54
N ALA J 125 -55.25 -49.01 -23.71
CA ALA J 125 -54.27 -50.08 -23.77
C ALA J 125 -52.91 -49.62 -23.28
N PHE J 126 -52.50 -48.41 -23.67
CA PHE J 126 -51.24 -47.84 -23.18
C PHE J 126 -51.22 -47.78 -21.66
N ILE J 127 -52.35 -47.36 -21.08
CA ILE J 127 -52.42 -47.26 -19.64
C ILE J 127 -52.36 -48.66 -19.02
N LEU J 128 -52.89 -49.68 -19.70
CA LEU J 128 -52.79 -51.01 -19.12
C LEU J 128 -51.39 -51.59 -19.26
N LYS J 129 -50.65 -51.26 -20.34
CA LYS J 129 -49.24 -51.62 -20.38
C LYS J 129 -48.47 -51.00 -19.21
N ILE J 130 -48.70 -49.71 -18.94
CA ILE J 130 -47.93 -49.13 -17.84
C ILE J 130 -48.40 -49.70 -16.49
N SER J 131 -49.69 -50.00 -16.34
CA SER J 131 -50.15 -50.59 -15.09
C SER J 131 -49.55 -51.98 -14.88
N VAL J 132 -49.48 -52.79 -15.94
CA VAL J 132 -48.86 -54.11 -15.79
C VAL J 132 -47.36 -53.98 -15.59
N CYS J 133 -46.73 -52.92 -16.12
CA CYS J 133 -45.32 -52.68 -15.84
C CYS J 133 -45.10 -52.39 -14.37
N ASP J 134 -45.82 -51.42 -13.82
CA ASP J 134 -45.75 -51.15 -12.40
C ASP J 134 -46.32 -52.31 -11.59
N ALA J 135 -47.00 -53.24 -12.26
CA ALA J 135 -47.51 -54.43 -11.61
C ALA J 135 -46.40 -55.42 -11.33
N VAL J 136 -45.74 -55.90 -12.39
CA VAL J 136 -44.59 -56.78 -12.19
C VAL J 136 -43.50 -56.04 -11.43
N LEU J 137 -43.38 -54.74 -11.65
CA LEU J 137 -42.38 -53.94 -10.97
C LEU J 137 -43.07 -53.25 -9.79
N ASP J 138 -42.43 -52.23 -9.24
CA ASP J 138 -43.04 -51.51 -8.13
C ASP J 138 -42.79 -50.02 -8.27
N HIS J 139 -43.60 -49.23 -7.55
CA HIS J 139 -43.53 -47.78 -7.61
C HIS J 139 -42.43 -47.25 -6.67
N ASN J 140 -42.49 -45.94 -6.42
CA ASN J 140 -41.55 -45.19 -5.60
C ASN J 140 -42.28 -44.49 -4.45
N PRO J 141 -41.56 -43.81 -3.56
CA PRO J 141 -42.19 -43.09 -2.44
C PRO J 141 -43.32 -42.20 -2.93
N PRO J 142 -44.29 -41.87 -2.03
CA PRO J 142 -45.53 -41.21 -2.46
C PRO J 142 -45.33 -40.03 -3.39
N GLY J 143 -44.58 -39.03 -2.95
CA GLY J 143 -44.22 -37.96 -3.86
C GLY J 143 -43.10 -38.41 -4.76
N CYS J 144 -43.42 -38.74 -6.02
CA CYS J 144 -42.41 -39.26 -6.92
C CYS J 144 -41.50 -38.18 -7.49
N THR J 145 -41.84 -36.90 -7.27
CA THR J 145 -41.07 -35.73 -7.72
C THR J 145 -40.43 -35.92 -9.10
N PHE J 146 -41.26 -36.19 -10.10
CA PHE J 146 -40.76 -36.56 -11.42
C PHE J 146 -40.49 -35.31 -12.26
N THR J 147 -39.49 -35.42 -13.12
CA THR J 147 -39.06 -34.35 -14.03
C THR J 147 -39.11 -34.89 -15.46
N VAL J 148 -40.15 -34.51 -16.21
CA VAL J 148 -40.31 -35.00 -17.58
C VAL J 148 -39.13 -34.55 -18.42
N LEU J 149 -38.59 -35.48 -19.20
CA LEU J 149 -37.56 -35.21 -20.19
C LEU J 149 -38.09 -35.55 -21.58
N VAL J 150 -37.41 -35.06 -22.61
CA VAL J 150 -37.68 -35.48 -23.98
C VAL J 150 -36.35 -35.71 -24.66
N HIS J 151 -36.32 -36.70 -25.56
CA HIS J 151 -35.18 -36.97 -26.43
C HIS J 151 -35.63 -36.69 -27.85
N THR J 152 -35.17 -35.57 -28.39
CA THR J 152 -35.54 -35.15 -29.74
C THR J 152 -34.38 -35.32 -30.71
N MET J 199 -46.40 -46.09 -30.39
CA MET J 199 -46.70 -46.21 -28.96
C MET J 199 -46.12 -47.50 -28.36
N GLN J 200 -45.02 -47.32 -27.64
CA GLN J 200 -44.35 -48.40 -26.93
C GLN J 200 -43.47 -47.75 -25.87
N LEU J 201 -43.04 -48.56 -24.89
CA LEU J 201 -42.32 -48.04 -23.74
C LEU J 201 -41.73 -49.21 -22.96
N TYR J 202 -40.95 -48.88 -21.95
CA TYR J 202 -40.32 -49.82 -21.03
C TYR J 202 -39.85 -49.02 -19.83
N VAL J 203 -39.18 -49.67 -18.89
CA VAL J 203 -38.70 -48.99 -17.69
C VAL J 203 -37.28 -49.44 -17.36
N GLU J 204 -36.38 -48.49 -17.25
CA GLU J 204 -35.07 -48.74 -16.63
C GLU J 204 -35.19 -48.59 -15.11
N GLU J 205 -35.24 -49.73 -14.44
CA GLU J 205 -35.31 -49.73 -12.98
C GLU J 205 -33.90 -49.66 -12.41
N GLN K 3 -39.27 -14.81 -22.02
CA GLN K 3 -38.38 -15.96 -22.02
C GLN K 3 -36.94 -15.46 -22.09
N VAL K 4 -36.04 -16.12 -21.37
CA VAL K 4 -34.69 -15.63 -21.12
C VAL K 4 -33.73 -16.80 -21.28
N HIS K 5 -32.57 -16.54 -21.91
CA HIS K 5 -31.84 -17.58 -22.63
C HIS K 5 -30.37 -17.50 -22.22
N ILE K 6 -30.04 -18.11 -21.09
CA ILE K 6 -28.79 -17.81 -20.38
C ILE K 6 -27.71 -18.83 -20.75
N PHE K 7 -26.97 -18.57 -21.83
CA PHE K 7 -25.87 -19.45 -22.24
C PHE K 7 -24.60 -19.17 -21.45
N TRP K 8 -24.53 -19.73 -20.24
CA TRP K 8 -23.22 -19.85 -19.59
C TRP K 8 -22.27 -20.59 -20.52
N GLY K 9 -21.08 -20.05 -20.70
CA GLY K 9 -20.12 -20.63 -21.62
C GLY K 9 -18.92 -19.76 -21.91
N ALA K 10 -18.49 -19.73 -23.19
CA ALA K 10 -17.33 -18.98 -23.62
C ALA K 10 -16.12 -19.34 -22.77
N PRO K 11 -15.53 -20.51 -22.98
CA PRO K 11 -14.48 -21.00 -22.07
C PRO K 11 -13.29 -20.04 -22.01
N ILE K 12 -12.73 -19.92 -20.82
CA ILE K 12 -11.60 -19.04 -20.55
C ILE K 12 -10.31 -19.63 -21.11
N THR K 33 -46.04 -14.45 -15.50
CA THR K 33 -44.61 -14.40 -15.20
C THR K 33 -43.79 -14.83 -16.40
N THR K 34 -42.46 -14.75 -16.27
CA THR K 34 -41.55 -15.09 -17.35
C THR K 34 -40.73 -16.32 -16.97
N GLU K 35 -40.75 -17.32 -17.85
CA GLU K 35 -40.00 -18.54 -17.63
C GLU K 35 -38.60 -18.42 -18.23
N VAL K 36 -37.72 -19.36 -17.87
CA VAL K 36 -36.32 -19.31 -18.30
C VAL K 36 -36.07 -20.53 -19.18
N ILE K 37 -35.83 -20.31 -20.46
CA ILE K 37 -35.33 -21.35 -21.34
C ILE K 37 -33.80 -21.24 -21.30
N LEU K 38 -33.19 -21.78 -20.28
CA LEU K 38 -31.74 -21.81 -20.21
C LEU K 38 -31.25 -22.92 -21.14
N HIS K 39 -30.01 -22.83 -21.60
CA HIS K 39 -29.42 -23.89 -22.42
C HIS K 39 -28.20 -24.46 -21.71
N TYR K 40 -28.30 -25.75 -21.39
CA TYR K 40 -27.29 -26.47 -20.62
C TYR K 40 -26.11 -26.85 -21.50
N ARG K 41 -26.34 -27.70 -22.51
CA ARG K 41 -25.37 -28.12 -23.51
C ARG K 41 -24.05 -28.55 -22.88
N PRO K 42 -24.04 -29.58 -22.01
CA PRO K 42 -22.81 -29.92 -21.30
C PRO K 42 -21.99 -31.00 -21.96
N CYS K 43 -20.67 -30.96 -21.72
CA CYS K 43 -19.76 -32.08 -21.94
C CYS K 43 -18.73 -32.10 -20.83
N GLU K 44 -18.98 -31.34 -19.76
CA GLU K 44 -18.02 -31.14 -18.69
C GLU K 44 -18.61 -31.52 -17.34
N SER K 45 -19.90 -31.22 -17.14
CA SER K 45 -20.64 -31.61 -15.94
C SER K 45 -20.06 -30.98 -14.67
N ASP K 46 -19.13 -30.04 -14.84
CA ASP K 46 -18.55 -29.39 -13.66
C ASP K 46 -18.70 -27.87 -13.63
N PRO K 47 -19.87 -27.27 -13.95
CA PRO K 47 -20.02 -25.83 -13.64
C PRO K 47 -20.33 -25.59 -12.17
N THR K 48 -21.25 -26.39 -11.65
CA THR K 48 -21.85 -26.40 -10.31
C THR K 48 -22.63 -25.12 -10.05
N GLN K 49 -22.60 -24.18 -10.99
CA GLN K 49 -23.47 -23.00 -10.96
C GLN K 49 -23.73 -22.49 -12.37
N LEU K 50 -24.79 -22.99 -12.99
CA LEU K 50 -25.46 -22.24 -14.04
C LEU K 50 -26.53 -21.31 -13.48
N PRO K 51 -27.47 -21.79 -12.63
CA PRO K 51 -28.73 -21.05 -12.45
C PRO K 51 -28.60 -19.76 -11.64
N LYS K 52 -27.86 -19.77 -10.54
CA LYS K 52 -27.68 -18.54 -9.79
C LYS K 52 -26.96 -17.48 -10.61
N ILE K 53 -25.90 -17.88 -11.32
CA ILE K 53 -25.26 -16.99 -12.28
C ILE K 53 -26.21 -16.67 -13.43
N ALA K 54 -27.03 -17.66 -13.83
CA ALA K 54 -28.10 -17.38 -14.76
C ALA K 54 -29.10 -16.39 -14.18
N GLU K 55 -29.48 -16.57 -12.90
CA GLU K 55 -30.34 -15.59 -12.26
C GLU K 55 -29.57 -14.32 -11.91
N LYS K 56 -28.24 -14.38 -11.94
CA LYS K 56 -27.45 -13.16 -11.83
C LYS K 56 -27.42 -12.41 -13.15
N ALA K 57 -27.10 -13.09 -14.25
CA ALA K 57 -27.12 -12.45 -15.56
C ALA K 57 -28.50 -11.95 -15.94
N ILE K 58 -29.56 -12.53 -15.39
CA ILE K 58 -30.92 -12.10 -15.68
C ILE K 58 -31.30 -10.78 -15.00
N GLN K 59 -30.80 -10.50 -13.79
CA GLN K 59 -31.32 -9.37 -13.04
C GLN K 59 -30.61 -8.08 -13.43
N ASP K 60 -31.39 -7.00 -13.50
CA ASP K 60 -30.85 -5.69 -13.78
C ASP K 60 -30.22 -5.14 -12.49
N PHE K 61 -29.09 -4.46 -12.65
CA PHE K 61 -28.25 -4.07 -11.53
C PHE K 61 -28.12 -2.55 -11.58
N PRO K 62 -27.41 -1.87 -10.64
CA PRO K 62 -27.35 -0.40 -10.72
C PRO K 62 -26.99 0.09 -12.12
N THR K 63 -27.98 0.72 -12.76
CA THR K 63 -27.88 1.12 -14.16
C THR K 63 -27.38 2.56 -14.23
N ARG K 64 -26.13 2.73 -14.68
CA ARG K 64 -25.58 4.07 -14.82
C ARG K 64 -26.27 4.77 -15.97
N PRO K 65 -26.72 6.01 -15.79
CA PRO K 65 -27.37 6.72 -16.89
C PRO K 65 -26.40 6.97 -18.04
N LEU K 66 -26.95 7.02 -19.25
CA LEU K 66 -26.12 7.31 -20.42
C LEU K 66 -25.56 8.72 -20.32
N SER K 67 -24.25 8.80 -20.08
CA SER K 67 -23.60 10.09 -19.95
C SER K 67 -23.42 10.71 -21.32
N ARG K 68 -23.24 12.03 -21.37
CA ARG K 68 -23.26 12.73 -22.64
C ARG K 68 -21.84 13.21 -22.95
N PHE K 69 -21.55 13.41 -24.23
CA PHE K 69 -20.23 13.82 -24.69
C PHE K 69 -20.22 15.32 -24.94
N ILE K 70 -19.07 15.95 -24.70
CA ILE K 70 -18.89 17.37 -24.99
C ILE K 70 -17.40 17.71 -24.96
N PRO K 71 -16.96 18.56 -25.88
CA PRO K 71 -15.61 19.12 -25.77
C PRO K 71 -15.49 19.99 -24.52
N TRP K 72 -14.29 19.97 -23.94
CA TRP K 72 -13.98 20.85 -22.81
C TRP K 72 -13.03 21.97 -23.22
N PHE K 73 -12.23 21.74 -24.25
CA PHE K 73 -11.45 22.79 -24.91
C PHE K 73 -12.00 22.98 -26.31
N PRO K 74 -12.88 23.95 -26.54
CA PRO K 74 -13.36 24.21 -27.90
C PRO K 74 -12.31 24.91 -28.72
N TYR K 75 -12.66 25.18 -29.97
CA TYR K 75 -11.75 25.88 -30.88
C TYR K 75 -11.93 27.38 -30.68
N ASP K 76 -11.03 28.00 -29.92
CA ASP K 76 -11.15 29.41 -29.59
C ASP K 76 -10.60 30.25 -30.74
N GLY K 77 -11.37 31.28 -31.13
CA GLY K 77 -10.87 32.25 -32.08
C GLY K 77 -9.91 33.25 -31.48
N SER K 78 -9.78 33.26 -30.15
CA SER K 78 -8.84 34.17 -29.49
C SER K 78 -7.64 33.42 -28.92
N LYS K 79 -7.62 32.10 -29.05
CA LYS K 79 -6.50 31.26 -28.59
C LYS K 79 -6.10 30.37 -29.75
N LEU K 80 -4.91 30.63 -30.33
CA LEU K 80 -4.62 30.03 -31.63
C LEU K 80 -3.38 29.13 -31.55
N PRO K 81 -3.22 28.19 -32.51
CA PRO K 81 -2.22 27.13 -32.35
C PRO K 81 -0.81 27.49 -32.79
N LEU K 82 0.11 26.56 -32.58
CA LEU K 82 1.47 26.62 -33.09
C LEU K 82 1.60 25.75 -34.34
N ARG K 83 2.73 25.86 -35.03
CA ARG K 83 2.97 25.08 -36.23
C ARG K 83 4.46 25.04 -36.58
N PRO K 84 5.01 23.85 -36.82
CA PRO K 84 6.42 23.75 -37.28
C PRO K 84 6.51 23.92 -38.78
N LYS K 85 7.75 24.03 -39.27
CA LYS K 85 7.96 24.48 -40.65
C LYS K 85 7.90 23.32 -41.62
N ARG K 86 8.82 22.36 -41.50
CA ARG K 86 9.07 21.39 -42.56
C ARG K 86 7.88 20.48 -42.82
N SER K 87 7.89 19.83 -43.99
CA SER K 87 6.94 18.98 -44.69
C SER K 87 7.41 17.52 -44.67
N PRO K 88 6.50 16.56 -44.76
CA PRO K 88 6.90 15.15 -44.67
C PRO K 88 7.42 14.66 -46.01
N PRO K 89 8.22 13.60 -46.01
CA PRO K 89 8.67 13.01 -47.29
C PRO K 89 7.50 12.38 -48.03
N ALA K 90 7.15 12.98 -49.16
CA ALA K 90 6.01 12.57 -49.95
C ALA K 90 6.30 11.25 -50.66
N SER K 91 5.23 10.47 -50.84
CA SER K 91 5.31 9.18 -51.53
C SER K 91 3.94 8.75 -52.03
N SER L 2 -31.05 -36.53 -30.17
CA SER L 2 -29.95 -35.60 -30.36
C SER L 2 -30.00 -34.46 -29.35
N GLN L 3 -31.20 -34.12 -28.90
CA GLN L 3 -31.41 -33.05 -27.93
C GLN L 3 -32.23 -33.59 -26.77
N VAL L 4 -31.86 -33.22 -25.55
CA VAL L 4 -32.60 -33.60 -24.35
C VAL L 4 -32.90 -32.34 -23.55
N HIS L 5 -34.06 -32.33 -22.88
CA HIS L 5 -34.56 -31.17 -22.15
C HIS L 5 -34.89 -31.63 -20.74
N ILE L 6 -34.69 -30.73 -19.78
CA ILE L 6 -34.70 -31.12 -18.37
C ILE L 6 -35.72 -30.24 -17.68
N PHE L 7 -36.97 -30.69 -17.63
CA PHE L 7 -38.10 -29.80 -17.35
C PHE L 7 -38.18 -29.59 -15.85
N TRP L 8 -37.07 -29.17 -15.26
CA TRP L 8 -36.96 -29.22 -13.81
C TRP L 8 -37.35 -27.90 -13.18
N THR L 34 -24.64 -34.22 -27.68
CA THR L 34 -25.99 -33.74 -27.51
C THR L 34 -25.98 -32.29 -27.04
N GLU L 35 -26.64 -31.43 -27.80
CA GLU L 35 -26.80 -30.03 -27.39
C GLU L 35 -28.09 -29.88 -26.59
N VAL L 36 -27.92 -29.63 -25.29
CA VAL L 36 -28.99 -29.82 -24.31
C VAL L 36 -29.70 -28.49 -24.10
N ILE L 37 -31.03 -28.51 -24.20
CA ILE L 37 -31.86 -27.35 -23.90
C ILE L 37 -32.54 -27.64 -22.57
N LEU L 38 -31.93 -27.19 -21.49
CA LEU L 38 -32.50 -27.34 -20.16
C LEU L 38 -33.72 -26.43 -20.03
N HIS L 39 -34.37 -26.47 -18.87
CA HIS L 39 -35.51 -25.60 -18.60
C HIS L 39 -35.49 -25.28 -17.10
N TYR L 40 -35.81 -24.04 -16.75
CA TYR L 40 -35.50 -23.56 -15.41
C TYR L 40 -36.77 -23.22 -14.62
N ARG L 41 -37.68 -22.44 -15.22
CA ARG L 41 -38.89 -22.01 -14.53
C ARG L 41 -38.51 -21.31 -13.23
N PRO L 42 -38.04 -20.07 -13.27
CA PRO L 42 -37.30 -19.49 -12.13
C PRO L 42 -38.05 -19.50 -10.82
N CYS L 43 -39.37 -19.76 -10.87
CA CYS L 43 -40.17 -19.73 -9.65
C CYS L 43 -39.79 -20.87 -8.69
N GLU L 44 -39.30 -21.99 -9.22
CA GLU L 44 -39.13 -23.17 -8.39
C GLU L 44 -37.77 -23.18 -7.70
N SER L 45 -36.96 -22.14 -7.92
CA SER L 45 -35.52 -22.28 -7.71
C SER L 45 -35.16 -22.34 -6.23
N ASP L 46 -35.56 -23.43 -5.57
CA ASP L 46 -34.92 -23.85 -4.33
C ASP L 46 -33.64 -24.67 -4.54
N PRO L 47 -33.51 -25.56 -5.58
CA PRO L 47 -32.36 -26.48 -5.59
C PRO L 47 -31.05 -25.78 -5.92
N THR L 48 -30.39 -25.24 -4.90
CA THR L 48 -29.18 -24.40 -4.98
C THR L 48 -28.28 -24.90 -6.12
N GLN L 49 -27.96 -26.20 -6.19
CA GLN L 49 -27.19 -26.70 -7.33
C GLN L 49 -28.12 -27.42 -8.31
N LEU L 50 -28.53 -26.70 -9.36
CA LEU L 50 -29.40 -27.25 -10.40
C LEU L 50 -28.65 -28.03 -11.47
N PRO L 51 -27.62 -27.45 -12.14
CA PRO L 51 -27.13 -28.06 -13.38
C PRO L 51 -26.63 -29.48 -13.23
N LYS L 52 -26.00 -29.80 -12.10
CA LYS L 52 -25.53 -31.16 -11.88
C LYS L 52 -26.70 -32.12 -11.69
N ILE L 53 -27.78 -31.64 -11.06
CA ILE L 53 -29.02 -32.42 -11.00
C ILE L 53 -29.53 -32.69 -12.40
N ALA L 54 -29.49 -31.67 -13.27
CA ALA L 54 -29.99 -31.80 -14.62
C ALA L 54 -29.24 -32.87 -15.41
N GLU L 55 -27.94 -33.05 -15.16
CA GLU L 55 -27.19 -34.04 -15.92
C GLU L 55 -27.70 -35.45 -15.62
N LYS L 56 -27.97 -35.75 -14.36
CA LYS L 56 -28.36 -37.10 -13.96
C LYS L 56 -29.63 -37.55 -14.67
N ALA L 57 -30.60 -36.66 -14.84
CA ALA L 57 -31.88 -37.05 -15.41
C ALA L 57 -31.74 -37.60 -16.83
N ILE L 58 -30.70 -37.18 -17.57
CA ILE L 58 -30.62 -37.51 -18.98
C ILE L 58 -30.23 -38.96 -19.25
N GLN L 59 -29.29 -39.52 -18.50
CA GLN L 59 -28.56 -40.70 -18.97
C GLN L 59 -29.44 -41.95 -18.97
N ASP L 60 -29.01 -42.92 -19.77
CA ASP L 60 -29.49 -44.29 -19.68
C ASP L 60 -28.77 -45.01 -18.55
N PHE L 61 -29.31 -46.16 -18.17
CA PHE L 61 -28.69 -47.03 -17.17
C PHE L 61 -29.36 -48.40 -17.28
N PRO L 62 -28.72 -49.47 -16.77
CA PRO L 62 -29.14 -50.83 -17.16
C PRO L 62 -30.60 -51.16 -16.87
N THR L 63 -31.35 -51.40 -17.94
CA THR L 63 -32.74 -51.81 -17.85
C THR L 63 -32.83 -53.28 -17.44
N ARG L 64 -33.91 -53.64 -16.78
CA ARG L 64 -34.19 -55.05 -16.52
C ARG L 64 -35.04 -55.60 -17.66
N PRO L 65 -34.94 -56.87 -18.00
CA PRO L 65 -35.69 -57.38 -19.15
C PRO L 65 -37.19 -57.32 -18.92
N LEU L 66 -37.92 -56.95 -19.97
CA LEU L 66 -39.37 -57.02 -19.92
C LEU L 66 -39.80 -58.48 -19.97
N SER L 67 -40.10 -59.03 -18.79
CA SER L 67 -40.35 -60.46 -18.66
C SER L 67 -41.67 -60.84 -19.32
N ARG L 68 -41.61 -61.73 -20.31
CA ARG L 68 -42.82 -62.27 -20.89
C ARG L 68 -43.58 -63.04 -19.83
N PHE L 69 -44.76 -62.55 -19.47
CA PHE L 69 -45.45 -63.00 -18.27
C PHE L 69 -46.31 -64.22 -18.59
N ILE L 70 -46.57 -65.03 -17.56
CA ILE L 70 -47.34 -66.26 -17.70
C ILE L 70 -48.17 -66.45 -16.43
N PRO L 71 -49.48 -66.65 -16.53
CA PRO L 71 -50.25 -67.10 -15.36
C PRO L 71 -49.76 -68.48 -14.92
N TRP L 72 -49.68 -68.66 -13.61
CA TRP L 72 -49.03 -69.86 -13.09
C TRP L 72 -49.97 -71.06 -13.05
N PHE L 73 -51.26 -70.82 -12.84
CA PHE L 73 -52.23 -71.91 -12.69
C PHE L 73 -53.24 -71.84 -13.83
N PRO L 74 -52.98 -72.55 -14.93
CA PRO L 74 -53.81 -72.37 -16.14
C PRO L 74 -55.10 -73.16 -16.07
N TYR L 75 -55.88 -73.05 -17.15
CA TYR L 75 -57.21 -73.67 -17.24
C TYR L 75 -57.09 -75.08 -17.79
N ASP L 76 -57.48 -76.05 -16.97
CA ASP L 76 -57.59 -77.44 -17.40
C ASP L 76 -59.06 -77.73 -17.70
N GLY L 77 -59.33 -78.14 -18.94
CA GLY L 77 -60.71 -78.38 -19.37
C GLY L 77 -61.36 -79.60 -18.78
N SER L 78 -60.58 -80.49 -18.16
CA SER L 78 -61.13 -81.70 -17.57
C SER L 78 -61.77 -81.46 -16.21
N LYS L 79 -61.64 -80.25 -15.66
CA LYS L 79 -62.15 -79.92 -14.33
C LYS L 79 -63.20 -78.83 -14.48
N LEU L 80 -64.28 -78.93 -13.68
CA LEU L 80 -65.39 -78.00 -13.80
C LEU L 80 -65.57 -77.21 -12.49
N PRO L 81 -65.81 -75.91 -12.57
CA PRO L 81 -65.86 -75.07 -11.36
C PRO L 81 -67.20 -75.10 -10.65
N LEU L 82 -67.36 -74.21 -9.67
CA LEU L 82 -68.51 -74.21 -8.76
C LEU L 82 -69.40 -72.99 -8.98
N ARG L 83 -70.70 -73.23 -9.12
CA ARG L 83 -71.69 -72.17 -9.32
C ARG L 83 -72.80 -72.23 -8.29
N PRO L 84 -72.93 -71.23 -7.41
CA PRO L 84 -74.11 -71.16 -6.54
C PRO L 84 -75.35 -70.73 -7.30
N LYS L 85 -76.51 -71.19 -6.84
CA LYS L 85 -77.75 -70.99 -7.58
C LYS L 85 -78.18 -69.53 -7.61
N ARG L 86 -78.18 -68.86 -6.46
CA ARG L 86 -78.92 -67.61 -6.30
C ARG L 86 -78.35 -66.48 -7.14
N SER L 87 -79.26 -65.55 -7.53
CA SER L 87 -79.32 -64.36 -8.35
C SER L 87 -79.62 -63.12 -7.51
N PRO L 88 -79.11 -61.96 -7.91
CA PRO L 88 -79.48 -60.72 -7.24
C PRO L 88 -80.92 -60.35 -7.54
N PRO L 89 -81.58 -59.60 -6.64
CA PRO L 89 -82.93 -59.09 -6.87
C PRO L 89 -82.93 -57.91 -7.83
#